data_2YID
#
_entry.id   2YID
#
_cell.length_a   79.843
_cell.length_b   82.287
_cell.length_c   163.478
_cell.angle_alpha   99.23
_cell.angle_beta   99.03
_cell.angle_gamma   100.63
#
_symmetry.space_group_name_H-M   'P 1'
#
loop_
_entity.id
_entity.type
_entity.pdbx_description
1 polymer '2-OXOGLUTARATE DECARBOXYLASE'
2 non-polymer '(4E)-4-{3-[(4-amino-2-methylpyrimidin-5-yl)methyl]-5-(2-{[(S)-hydroxy(phosphonooxy)phosphoryl]oxy}ethyl)-4-methyl-1,3-thiazol-2(3H)-ylidene}-4-hydroxybutanoic acid'
3 non-polymer 'MAGNESIUM ION'
4 non-polymer 'CALCIUM ION'
5 water water
#
_entity_poly.entity_id   1
_entity_poly.type   'polypeptide(L)'
_entity_poly.pdbx_seq_one_letter_code
;GDSIEDKNARVIELIAAYRNRGHLMADIDPLRLDNTRFRSHPDLDVNSHGLTLWDLDREFKVDGFAGVQRKKLRDILSVL
RDAYCRHVGVEYTHILEPEQQRWIQERVETKHDKPTVAEQKYILSKLNAAEAFETFLQTKYVGQKRFSLEGAETVIPMMD
AVIDQCAEHGLDEVVIAMPHRGRLNVLANIVGKPYSQIFSEFEGNLNPSQAHGSGDVKYHLGATGTYIQMFGDNDIEVSL
TANPSHLEAVDPVLEGLVRAKQDLLDTGEEGSDNRFSVVPLMLHGDAAFAGQGVVAETLNLALLRGYRTGGTIHIVVNNQ
IGFTTAPTDSRSSEYCTDVAKMIGAPIFHVNGDDPEACAWVARLAVDFRQAFKKDVVIDMLCYRRRGHNEGDDPSMTQPY
MYDVIDTKRGSRKAYTEALIGRGDISMKEAEDALRDYQGQLERVFNEVRELEKHEIEPSESVEADQQIPSKLATAVDKAM
LQRIGDAHLALPEGFTVHPRVRPVLEKRREMAYEGRIDWAFAELLALGSLIAEGKLVRLSGQDTQRGTFTQRHAVIVDRK
TGEEFTPLQLLATNPDGTPTGGKFLVYNSALSEFAAVGFEYGYSVGNPDAMVLWEAQFGDFVNGAQSIIDEFISSGEAKW
GQLSDVVLLLPHGHEGQGPDHTSGRIERFLQLWAEGSMTIAMPSTPANYFHLLRRHGKDGIQRPLIVFTPKSMLRNKAAV
SDIRDFTESKFRSVLEEPMYTDGEGDRNKVTRLLLTSGKIYYELAARKAKENREDVAIVRIEQLAPLPRRRLAETLDRYP
NVKEKFWVQEEPANQGAWPSFGLTLPEILPDHFTGLKRISRRAMSAPSSGSSKVHAVEQQEILDTAFG
;
_entity_poly.pdbx_strand_id   A,B,C,D
#
# COMPACT_ATOMS: atom_id res chain seq x y z
N ASP A 2 29.08 2.63 43.70
CA ASP A 2 29.14 2.96 45.12
C ASP A 2 27.76 2.83 45.77
N SER A 3 26.72 3.41 45.12
CA SER A 3 25.34 3.38 45.57
C SER A 3 24.50 2.39 44.72
N ILE A 4 23.16 2.37 44.92
CA ILE A 4 22.21 1.53 44.17
C ILE A 4 22.07 2.08 42.73
N GLU A 5 21.95 3.43 42.58
CA GLU A 5 21.85 4.11 41.29
C GLU A 5 23.19 4.02 40.51
N ASP A 6 24.33 4.00 41.25
CA ASP A 6 25.68 3.89 40.68
C ASP A 6 25.95 2.46 40.13
N LYS A 7 25.63 1.42 40.95
CA LYS A 7 25.81 0.01 40.60
C LYS A 7 24.95 -0.37 39.40
N ASN A 8 23.65 -0.03 39.43
CA ASN A 8 22.70 -0.29 38.35
C ASN A 8 23.18 0.37 37.03
N ALA A 9 23.97 1.47 37.14
CA ALA A 9 24.51 2.17 35.97
C ALA A 9 25.74 1.44 35.42
N ARG A 10 26.61 0.91 36.32
CA ARG A 10 27.82 0.16 35.94
C ARG A 10 27.47 -1.17 35.24
N VAL A 11 26.31 -1.74 35.56
CA VAL A 11 25.78 -2.98 35.00
C VAL A 11 25.34 -2.73 33.54
N ILE A 12 24.62 -1.62 33.30
CA ILE A 12 24.13 -1.22 31.97
C ILE A 12 25.35 -1.01 30.99
N GLU A 13 26.47 -0.44 31.49
CA GLU A 13 27.70 -0.24 30.72
C GLU A 13 28.31 -1.58 30.37
N LEU A 14 28.29 -2.52 31.35
CA LEU A 14 28.80 -3.87 31.23
C LEU A 14 27.99 -4.65 30.15
N ILE A 15 26.64 -4.59 30.22
CA ILE A 15 25.71 -5.18 29.24
C ILE A 15 26.08 -4.70 27.82
N ALA A 16 26.22 -3.37 27.65
CA ALA A 16 26.58 -2.72 26.39
C ALA A 16 27.97 -3.17 25.92
N ALA A 17 28.95 -3.28 26.86
CA ALA A 17 30.33 -3.71 26.56
C ALA A 17 30.35 -5.09 25.92
N TYR A 18 29.53 -6.03 26.44
CA TYR A 18 29.46 -7.40 25.91
C TYR A 18 28.81 -7.41 24.54
N ARG A 19 27.73 -6.66 24.38
CA ARG A 19 26.99 -6.55 23.12
C ARG A 19 27.83 -5.89 22.04
N ASN A 20 28.66 -4.90 22.40
CA ASN A 20 29.52 -4.18 21.46
C ASN A 20 30.86 -4.86 21.20
N ARG A 21 31.55 -5.31 22.25
CA ARG A 21 32.91 -5.84 22.15
C ARG A 21 33.14 -7.28 22.64
N GLY A 22 32.10 -7.98 23.09
CA GLY A 22 32.24 -9.36 23.55
C GLY A 22 32.87 -10.27 22.51
N HIS A 23 32.55 -10.01 21.20
CA HIS A 23 33.07 -10.77 20.05
C HIS A 23 34.61 -10.78 20.02
N LEU A 24 35.27 -9.76 20.60
CA LEU A 24 36.74 -9.69 20.66
C LEU A 24 37.32 -10.67 21.70
N MET A 25 36.47 -11.24 22.58
CA MET A 25 36.90 -12.20 23.60
C MET A 25 36.45 -13.63 23.28
N ALA A 26 35.49 -13.80 22.36
CA ALA A 26 34.89 -15.10 22.02
C ALA A 26 35.95 -16.11 21.51
N ASP A 27 35.80 -17.36 21.92
CA ASP A 27 36.68 -18.47 21.55
C ASP A 27 36.27 -18.99 20.16
N ILE A 28 36.64 -18.23 19.14
CA ILE A 28 36.28 -18.46 17.74
C ILE A 28 37.38 -19.16 16.95
N ASP A 29 38.64 -19.00 17.32
CA ASP A 29 39.78 -19.56 16.59
C ASP A 29 40.08 -21.02 17.07
N PRO A 30 39.84 -22.04 16.21
CA PRO A 30 40.11 -23.43 16.62
C PRO A 30 41.61 -23.73 16.77
N LEU A 31 42.49 -22.80 16.43
CA LEU A 31 43.93 -23.01 16.56
C LEU A 31 44.48 -22.37 17.81
N ARG A 32 43.80 -21.32 18.31
CA ARG A 32 44.19 -20.56 19.52
C ARG A 32 45.60 -19.95 19.34
N LEU A 33 45.89 -19.46 18.13
CA LEU A 33 47.19 -18.91 17.77
C LEU A 33 47.56 -17.68 18.59
N ASP A 34 46.66 -16.70 18.69
CA ASP A 34 46.91 -15.47 19.42
C ASP A 34 46.73 -15.70 20.93
N ASN A 35 47.85 -15.53 21.67
CA ASN A 35 47.96 -15.67 23.12
C ASN A 35 47.34 -14.48 23.87
N THR A 36 47.50 -13.25 23.32
CA THR A 36 47.03 -11.99 23.90
C THR A 36 45.49 -11.78 23.79
N ARG A 37 44.74 -12.75 23.19
CA ARG A 37 43.28 -12.66 23.02
C ARG A 37 42.57 -12.60 24.38
N LEU A 51 32.11 -2.85 40.13
CA LEU A 51 31.24 -3.80 40.83
C LEU A 51 32.06 -4.82 41.62
N THR A 52 31.55 -5.22 42.78
CA THR A 52 32.19 -6.19 43.69
C THR A 52 31.66 -7.61 43.49
N LEU A 53 32.32 -8.62 44.13
CA LEU A 53 31.93 -10.03 44.09
C LEU A 53 30.63 -10.27 44.86
N TRP A 54 30.24 -9.31 45.71
CA TRP A 54 29.01 -9.32 46.49
C TRP A 54 27.83 -8.91 45.63
N ASP A 55 28.10 -8.11 44.57
CA ASP A 55 27.08 -7.59 43.66
C ASP A 55 26.55 -8.63 42.65
N LEU A 56 27.23 -9.78 42.48
CA LEU A 56 26.81 -10.84 41.56
C LEU A 56 25.46 -11.47 41.95
N ASP A 57 25.18 -11.54 43.26
CA ASP A 57 23.93 -12.09 43.79
C ASP A 57 22.81 -11.02 43.92
N ARG A 58 23.16 -9.73 43.74
CA ARG A 58 22.19 -8.63 43.82
C ARG A 58 21.33 -8.58 42.54
N GLU A 59 20.04 -8.21 42.71
CA GLU A 59 19.08 -8.10 41.61
C GLU A 59 19.12 -6.69 41.02
N PHE A 60 19.05 -6.61 39.68
CA PHE A 60 19.10 -5.34 38.95
C PHE A 60 17.98 -5.23 37.91
N LYS A 61 17.67 -3.99 37.50
CA LYS A 61 16.63 -3.69 36.50
C LYS A 61 17.18 -3.91 35.08
N VAL A 62 16.48 -4.78 34.31
CA VAL A 62 16.84 -5.15 32.94
C VAL A 62 15.59 -5.10 32.05
N ASP A 63 15.75 -4.60 30.80
CA ASP A 63 14.68 -4.50 29.81
C ASP A 63 14.76 -5.68 28.83
N VAL A 68 10.14 -5.46 31.12
CA VAL A 68 10.96 -4.92 32.21
C VAL A 68 10.88 -5.85 33.44
N GLN A 69 11.96 -6.63 33.66
CA GLN A 69 12.06 -7.60 34.76
C GLN A 69 13.33 -7.38 35.58
N ARG A 70 13.33 -7.92 36.82
CA ARG A 70 14.47 -7.85 37.74
C ARG A 70 15.25 -9.16 37.70
N LYS A 71 16.55 -9.10 37.34
CA LYS A 71 17.39 -10.29 37.27
C LYS A 71 18.72 -10.10 38.03
N LYS A 72 19.26 -11.20 38.60
CA LYS A 72 20.53 -11.19 39.34
C LYS A 72 21.69 -10.91 38.38
N LEU A 73 22.74 -10.23 38.86
CA LEU A 73 23.90 -9.88 38.03
C LEU A 73 24.59 -11.13 37.48
N ARG A 74 24.74 -12.18 38.30
CA ARG A 74 25.37 -13.43 37.87
C ARG A 74 24.67 -13.99 36.62
N ASP A 75 23.31 -13.93 36.58
CA ASP A 75 22.43 -14.41 35.51
C ASP A 75 22.57 -13.57 34.26
N ILE A 76 22.68 -12.23 34.40
CA ILE A 76 22.89 -11.28 33.32
C ILE A 76 24.25 -11.58 32.66
N LEU A 77 25.29 -11.75 33.49
CA LEU A 77 26.65 -12.07 33.09
C LEU A 77 26.73 -13.43 32.35
N SER A 78 26.06 -14.48 32.89
CA SER A 78 26.10 -15.80 32.28
C SER A 78 25.41 -15.79 30.88
N VAL A 79 24.25 -15.09 30.74
CA VAL A 79 23.52 -14.94 29.47
C VAL A 79 24.40 -14.20 28.43
N LEU A 80 25.11 -13.15 28.87
CA LEU A 80 25.98 -12.37 27.99
C LEU A 80 27.20 -13.20 27.54
N ARG A 81 27.88 -13.90 28.47
CA ARG A 81 29.05 -14.74 28.11
C ARG A 81 28.64 -15.89 27.19
N ASP A 82 27.42 -16.43 27.37
CA ASP A 82 26.94 -17.51 26.52
C ASP A 82 26.67 -17.02 25.12
N ALA A 83 25.96 -15.89 25.00
CA ALA A 83 25.63 -15.32 23.70
C ALA A 83 26.82 -14.73 22.93
N TYR A 84 27.72 -14.05 23.63
CA TYR A 84 28.78 -13.31 22.97
C TYR A 84 30.22 -13.78 23.18
N CYS A 85 30.51 -14.67 24.14
CA CYS A 85 31.92 -15.01 24.36
C CYS A 85 32.23 -16.50 24.29
N ARG A 86 31.42 -17.28 23.61
CA ARG A 86 31.72 -18.71 23.52
C ARG A 86 32.28 -19.00 22.12
N HIS A 87 31.63 -19.83 21.30
CA HIS A 87 32.14 -20.14 19.96
C HIS A 87 31.54 -19.25 18.88
N VAL A 88 30.73 -18.25 19.27
CA VAL A 88 30.11 -17.33 18.31
C VAL A 88 30.37 -15.87 18.72
N GLY A 89 31.04 -15.15 17.82
CA GLY A 89 31.32 -13.72 17.95
C GLY A 89 30.27 -12.98 17.15
N VAL A 90 29.45 -12.18 17.81
CA VAL A 90 28.38 -11.47 17.13
C VAL A 90 28.72 -9.99 17.02
N GLU A 91 28.63 -9.48 15.78
CA GLU A 91 28.81 -8.07 15.48
C GLU A 91 27.49 -7.57 14.89
N TYR A 92 26.81 -6.69 15.64
CA TYR A 92 25.50 -6.19 15.20
C TYR A 92 25.17 -4.77 15.69
N THR A 93 25.94 -4.19 16.62
CA THR A 93 25.57 -2.89 17.18
C THR A 93 25.85 -1.73 16.20
N HIS A 94 26.55 -2.00 15.10
CA HIS A 94 26.81 -1.07 14.01
C HIS A 94 25.53 -0.90 13.17
N ILE A 95 24.59 -1.88 13.23
CA ILE A 95 23.32 -1.81 12.47
C ILE A 95 22.50 -0.58 12.94
N LEU A 96 22.09 0.23 11.98
CA LEU A 96 21.35 1.47 12.26
C LEU A 96 19.89 1.20 12.55
N GLU A 97 19.28 0.17 11.97
CA GLU A 97 17.87 -0.16 12.24
C GLU A 97 17.73 -0.78 13.65
N PRO A 98 17.04 -0.13 14.62
CA PRO A 98 16.95 -0.70 15.98
C PRO A 98 16.22 -2.06 16.05
N GLU A 99 15.18 -2.28 15.20
CA GLU A 99 14.41 -3.53 15.18
C GLU A 99 15.29 -4.74 14.77
N GLN A 100 16.34 -4.51 13.97
CA GLN A 100 17.28 -5.55 13.55
C GLN A 100 18.20 -5.89 14.72
N GLN A 101 18.64 -4.88 15.48
CA GLN A 101 19.44 -5.06 16.69
C GLN A 101 18.64 -5.84 17.75
N ARG A 102 17.32 -5.52 17.90
CA ARG A 102 16.45 -6.23 18.85
C ARG A 102 16.24 -7.68 18.42
N TRP A 103 16.03 -7.91 17.10
CA TRP A 103 15.80 -9.23 16.51
C TRP A 103 16.96 -10.18 16.83
N ILE A 104 18.21 -9.73 16.60
CA ILE A 104 19.43 -10.51 16.85
C ILE A 104 19.56 -10.78 18.35
N GLN A 105 19.51 -9.70 19.15
CA GLN A 105 19.58 -9.71 20.62
C GLN A 105 18.66 -10.76 21.24
N GLU A 106 17.38 -10.78 20.81
CA GLU A 106 16.36 -11.72 21.30
C GLU A 106 16.68 -13.17 20.97
N ARG A 107 17.23 -13.44 19.76
CA ARG A 107 17.53 -14.79 19.32
C ARG A 107 18.89 -15.29 19.82
N VAL A 108 19.80 -14.38 20.15
CA VAL A 108 21.16 -14.69 20.58
C VAL A 108 21.25 -14.75 22.13
N GLU A 109 20.52 -13.88 22.85
CA GLU A 109 20.57 -13.83 24.32
C GLU A 109 19.53 -14.74 25.02
N THR A 110 19.23 -15.89 24.44
CA THR A 110 18.28 -16.84 25.05
C THR A 110 18.86 -18.24 25.04
N LYS A 111 18.28 -19.14 25.85
CA LYS A 111 18.68 -20.55 25.90
C LYS A 111 18.33 -21.20 24.56
N HIS A 112 19.31 -21.85 23.95
CA HIS A 112 19.10 -22.47 22.65
C HIS A 112 18.81 -23.95 22.80
N ASP A 113 17.72 -24.42 22.14
CA ASP A 113 17.30 -25.81 22.15
C ASP A 113 18.36 -26.67 21.46
N LYS A 114 18.86 -27.70 22.18
CA LYS A 114 19.87 -28.64 21.71
C LYS A 114 19.36 -29.40 20.48
N PRO A 115 20.22 -29.74 19.49
CA PRO A 115 19.71 -30.53 18.34
C PRO A 115 19.37 -31.96 18.78
N THR A 116 18.41 -32.62 18.08
CA THR A 116 18.03 -34.00 18.38
C THR A 116 19.18 -34.93 17.99
N VAL A 117 19.22 -36.15 18.57
CA VAL A 117 20.26 -37.15 18.27
C VAL A 117 20.30 -37.40 16.74
N ALA A 118 19.12 -37.49 16.10
CA ALA A 118 18.98 -37.69 14.66
C ALA A 118 19.68 -36.55 13.87
N GLU A 119 19.48 -35.28 14.28
CA GLU A 119 20.08 -34.08 13.68
C GLU A 119 21.60 -34.09 13.89
N GLN A 120 22.06 -34.52 15.08
CA GLN A 120 23.50 -34.62 15.42
C GLN A 120 24.15 -35.67 14.54
N LYS A 121 23.48 -36.84 14.39
CA LYS A 121 23.94 -37.93 13.53
C LYS A 121 24.04 -37.47 12.08
N TYR A 122 23.07 -36.63 11.65
CA TYR A 122 23.01 -36.09 10.30
C TYR A 122 24.21 -35.16 10.06
N ILE A 123 24.55 -34.29 11.06
CA ILE A 123 25.70 -33.40 10.98
C ILE A 123 26.96 -34.27 10.79
N LEU A 124 27.18 -35.26 11.67
CA LEU A 124 28.32 -36.17 11.57
C LEU A 124 28.41 -36.87 10.21
N SER A 125 27.26 -37.26 9.60
CA SER A 125 27.24 -37.86 8.27
C SER A 125 27.82 -36.90 7.23
N LYS A 126 27.50 -35.58 7.34
CA LYS A 126 28.01 -34.52 6.47
C LYS A 126 29.51 -34.36 6.66
N LEU A 127 29.99 -34.34 7.92
CA LEU A 127 31.41 -34.25 8.22
C LEU A 127 32.17 -35.49 7.72
N ASN A 128 31.51 -36.68 7.75
CA ASN A 128 32.08 -37.94 7.28
C ASN A 128 32.32 -37.93 5.81
N ALA A 129 31.29 -37.55 5.01
CA ALA A 129 31.37 -37.49 3.55
C ALA A 129 32.38 -36.42 3.12
N ALA A 130 32.45 -35.28 3.87
CA ALA A 130 33.40 -34.18 3.60
C ALA A 130 34.84 -34.64 3.72
N GLU A 131 35.21 -35.25 4.86
CA GLU A 131 36.57 -35.71 5.09
C GLU A 131 36.89 -36.97 4.29
N ALA A 132 35.92 -37.88 4.14
CA ALA A 132 36.20 -39.13 3.42
C ALA A 132 36.36 -38.89 1.93
N PHE A 133 35.71 -37.83 1.38
CA PHE A 133 35.87 -37.39 -0.01
C PHE A 133 37.34 -36.89 -0.22
N GLU A 134 37.81 -35.97 0.66
CA GLU A 134 39.17 -35.43 0.59
C GLU A 134 40.22 -36.53 0.75
N THR A 135 40.07 -37.41 1.74
CA THR A 135 41.05 -38.48 1.99
C THR A 135 41.09 -39.52 0.87
N PHE A 136 39.97 -39.73 0.15
CA PHE A 136 39.93 -40.67 -0.98
C PHE A 136 40.73 -40.14 -2.16
N LEU A 137 40.66 -38.82 -2.37
CA LEU A 137 41.37 -38.14 -3.43
C LEU A 137 42.85 -38.07 -3.13
N GLN A 138 43.25 -37.83 -1.86
CA GLN A 138 44.67 -37.85 -1.49
C GLN A 138 45.25 -39.24 -1.79
N THR A 139 44.48 -40.32 -1.59
CA THR A 139 44.98 -41.68 -1.81
C THR A 139 45.08 -42.00 -3.30
N LYS A 140 44.00 -41.79 -4.08
CA LYS A 140 43.94 -42.12 -5.51
C LYS A 140 44.79 -41.21 -6.39
N TYR A 141 44.66 -39.88 -6.19
CA TYR A 141 45.38 -38.89 -6.99
C TYR A 141 46.26 -38.01 -6.10
N VAL A 142 47.35 -38.61 -5.56
CA VAL A 142 48.31 -37.95 -4.66
C VAL A 142 48.92 -36.67 -5.28
N GLY A 143 49.22 -36.72 -6.58
CA GLY A 143 49.82 -35.59 -7.30
C GLY A 143 48.88 -34.68 -8.05
N GLN A 144 47.59 -34.68 -7.68
CA GLN A 144 46.67 -33.79 -8.38
C GLN A 144 46.07 -32.75 -7.45
N LYS A 145 46.16 -31.48 -7.87
CA LYS A 145 45.63 -30.28 -7.21
C LYS A 145 44.11 -30.39 -7.07
N ARG A 146 43.57 -30.27 -5.84
CA ARG A 146 42.13 -30.31 -5.59
C ARG A 146 41.66 -29.20 -4.64
N PHE A 147 42.59 -28.36 -4.11
CA PHE A 147 42.32 -27.30 -3.13
C PHE A 147 41.38 -27.82 -2.06
N SER A 148 41.89 -28.80 -1.30
CA SER A 148 41.19 -29.54 -0.25
C SER A 148 40.53 -28.66 0.81
N LEU A 149 39.41 -29.16 1.36
CA LEU A 149 38.63 -28.53 2.44
C LEU A 149 39.08 -29.04 3.84
N GLU A 150 40.16 -29.85 3.93
CA GLU A 150 40.63 -30.37 5.19
C GLU A 150 41.01 -29.21 6.13
N GLY A 151 40.47 -29.27 7.33
CA GLY A 151 40.61 -28.25 8.35
C GLY A 151 39.41 -27.32 8.37
N ALA A 152 38.54 -27.41 7.34
CA ALA A 152 37.33 -26.58 7.18
C ALA A 152 36.10 -27.44 6.85
N GLU A 153 36.09 -28.74 7.20
CA GLU A 153 35.01 -29.66 6.84
C GLU A 153 33.61 -29.20 7.28
N THR A 154 33.51 -28.37 8.35
CA THR A 154 32.26 -27.83 8.89
C THR A 154 31.52 -26.97 7.84
N VAL A 155 32.22 -26.50 6.78
CA VAL A 155 31.63 -25.76 5.66
C VAL A 155 30.45 -26.58 5.04
N ILE A 156 30.64 -27.92 4.91
CA ILE A 156 29.64 -28.81 4.34
C ILE A 156 28.38 -28.83 5.24
N PRO A 157 28.38 -29.26 6.53
CA PRO A 157 27.13 -29.21 7.30
C PRO A 157 26.55 -27.78 7.41
N MET A 158 27.41 -26.75 7.45
CA MET A 158 26.96 -25.35 7.52
C MET A 158 26.14 -24.97 6.27
N MET A 159 26.64 -25.29 5.06
CA MET A 159 25.94 -25.00 3.79
C MET A 159 24.65 -25.81 3.68
N ASP A 160 24.69 -27.05 4.19
CA ASP A 160 23.53 -27.94 4.23
C ASP A 160 22.44 -27.30 5.13
N ALA A 161 22.85 -26.64 6.25
CA ALA A 161 21.90 -26.01 7.16
C ALA A 161 21.30 -24.74 6.49
N VAL A 162 22.12 -23.96 5.73
CA VAL A 162 21.66 -22.77 4.99
C VAL A 162 20.54 -23.19 4.01
N ILE A 163 20.82 -24.20 3.18
CA ILE A 163 19.92 -24.69 2.14
C ILE A 163 18.64 -25.30 2.78
N ASP A 164 18.82 -26.11 3.85
CA ASP A 164 17.72 -26.72 4.57
C ASP A 164 16.82 -25.66 5.18
N GLN A 165 17.42 -24.58 5.72
CA GLN A 165 16.64 -23.49 6.31
C GLN A 165 15.86 -22.74 5.23
N CYS A 166 16.43 -22.61 4.01
CA CYS A 166 15.77 -21.97 2.86
C CYS A 166 14.57 -22.80 2.41
N ALA A 167 14.71 -24.14 2.45
CA ALA A 167 13.64 -25.07 2.10
C ALA A 167 12.52 -24.99 3.14
N GLU A 168 12.90 -24.77 4.43
CA GLU A 168 11.99 -24.63 5.57
C GLU A 168 11.11 -23.40 5.37
N HIS A 169 11.68 -22.29 4.84
CA HIS A 169 10.94 -21.05 4.53
C HIS A 169 10.15 -21.18 3.20
N GLY A 170 10.21 -22.35 2.58
CA GLY A 170 9.50 -22.64 1.33
C GLY A 170 10.01 -21.91 0.12
N LEU A 171 11.31 -21.53 0.12
CA LEU A 171 11.91 -20.79 -1.00
C LEU A 171 12.13 -21.72 -2.21
N ASP A 172 12.36 -21.15 -3.40
CA ASP A 172 12.43 -21.90 -4.65
C ASP A 172 13.81 -22.36 -5.05
N GLU A 173 14.85 -21.55 -4.83
CA GLU A 173 16.19 -21.92 -5.26
C GLU A 173 17.26 -21.26 -4.41
N VAL A 174 18.39 -21.94 -4.28
CA VAL A 174 19.62 -21.41 -3.69
C VAL A 174 20.64 -21.41 -4.85
N VAL A 175 21.23 -20.25 -5.16
CA VAL A 175 22.24 -20.20 -6.23
C VAL A 175 23.59 -19.92 -5.55
N ILE A 176 24.55 -20.83 -5.77
CA ILE A 176 25.85 -20.73 -5.12
C ILE A 176 26.92 -20.23 -6.07
N ALA A 177 27.82 -19.42 -5.51
CA ALA A 177 29.07 -18.98 -6.13
C ALA A 177 30.13 -19.17 -5.08
N MET A 178 31.28 -19.70 -5.50
CA MET A 178 32.36 -19.96 -4.58
C MET A 178 33.69 -20.03 -5.28
N PRO A 179 34.82 -19.90 -4.52
CA PRO A 179 36.14 -20.06 -5.15
C PRO A 179 36.57 -21.54 -5.16
N HIS A 180 37.88 -21.79 -5.11
CA HIS A 180 38.51 -23.11 -5.17
C HIS A 180 38.37 -23.93 -3.89
N ARG A 181 38.45 -23.30 -2.69
CA ARG A 181 38.46 -23.99 -1.40
C ARG A 181 37.26 -24.94 -1.17
N GLY A 182 37.53 -26.25 -1.28
CA GLY A 182 36.55 -27.32 -1.12
C GLY A 182 35.43 -27.36 -2.15
N ARG A 183 35.71 -26.84 -3.37
CA ARG A 183 34.79 -26.72 -4.50
C ARG A 183 34.24 -28.10 -4.92
N LEU A 184 35.15 -29.05 -5.12
CA LEU A 184 34.77 -30.42 -5.52
C LEU A 184 33.93 -31.08 -4.41
N ASN A 185 34.25 -30.82 -3.15
CA ASN A 185 33.52 -31.32 -1.98
C ASN A 185 32.09 -30.79 -2.00
N VAL A 186 31.92 -29.49 -2.23
CA VAL A 186 30.61 -28.84 -2.33
C VAL A 186 29.77 -29.44 -3.50
N LEU A 187 30.38 -29.53 -4.71
CA LEU A 187 29.77 -30.08 -5.91
C LEU A 187 29.25 -31.49 -5.67
N ALA A 188 30.05 -32.37 -5.02
CA ALA A 188 29.65 -33.74 -4.71
C ALA A 188 28.66 -33.89 -3.53
N ASN A 189 28.87 -33.12 -2.44
CA ASN A 189 28.14 -33.34 -1.19
C ASN A 189 27.01 -32.35 -0.88
N ILE A 190 26.90 -31.25 -1.62
CA ILE A 190 25.86 -30.24 -1.43
C ILE A 190 25.01 -30.18 -2.73
N VAL A 191 25.64 -29.95 -3.89
CA VAL A 191 24.89 -29.78 -5.14
C VAL A 191 24.41 -31.13 -5.68
N GLY A 192 25.24 -32.16 -5.64
CA GLY A 192 24.85 -33.49 -6.11
C GLY A 192 25.55 -33.97 -7.37
N LYS A 193 26.60 -33.25 -7.81
CA LYS A 193 27.42 -33.63 -8.97
C LYS A 193 27.97 -35.06 -8.75
N PRO A 194 27.72 -36.00 -9.69
CA PRO A 194 28.19 -37.38 -9.48
C PRO A 194 29.71 -37.47 -9.28
N TYR A 195 30.08 -38.41 -8.41
CA TYR A 195 31.46 -38.72 -8.09
C TYR A 195 32.15 -39.27 -9.31
N SER A 196 31.37 -40.00 -10.16
CA SER A 196 31.86 -40.58 -11.41
C SER A 196 32.34 -39.48 -12.32
N GLN A 197 31.56 -38.38 -12.39
CA GLN A 197 31.92 -37.21 -13.18
C GLN A 197 33.21 -36.58 -12.62
N ILE A 198 33.27 -36.32 -11.29
CA ILE A 198 34.44 -35.77 -10.58
C ILE A 198 35.65 -36.76 -10.71
N PHE A 199 35.41 -38.09 -10.74
CA PHE A 199 36.53 -39.03 -10.88
C PHE A 199 37.03 -39.12 -12.32
N SER A 200 36.11 -38.95 -13.32
CA SER A 200 36.48 -38.96 -14.74
C SER A 200 37.38 -37.75 -15.09
N GLU A 201 37.20 -36.62 -14.36
CA GLU A 201 37.96 -35.39 -14.54
C GLU A 201 39.42 -35.58 -14.04
N PHE A 202 39.59 -36.22 -12.87
CA PHE A 202 40.91 -36.55 -12.33
C PHE A 202 41.60 -37.63 -13.22
N GLU A 203 40.80 -38.52 -13.85
CA GLU A 203 41.30 -39.55 -14.76
C GLU A 203 41.79 -38.91 -16.04
N GLY A 204 41.35 -37.69 -16.30
CA GLY A 204 41.72 -36.89 -17.46
C GLY A 204 41.15 -37.41 -18.76
N ASN A 205 40.11 -38.28 -18.67
CA ASN A 205 39.43 -38.87 -19.81
C ASN A 205 37.97 -38.45 -19.84
N LEU A 206 37.64 -37.57 -20.81
CA LEU A 206 36.31 -36.99 -20.97
C LEU A 206 35.64 -37.41 -22.29
N ASN A 207 34.33 -37.74 -22.22
CA ASN A 207 33.50 -38.10 -23.38
C ASN A 207 33.31 -36.85 -24.31
N PRO A 208 32.88 -36.97 -25.60
CA PRO A 208 32.79 -35.77 -26.48
C PRO A 208 32.01 -34.57 -25.93
N SER A 209 31.01 -34.79 -25.03
CA SER A 209 30.23 -33.70 -24.44
C SER A 209 31.08 -32.93 -23.40
N GLN A 210 31.85 -33.66 -22.57
CA GLN A 210 32.73 -33.08 -21.54
C GLN A 210 33.98 -32.44 -22.16
N ALA A 211 34.40 -32.90 -23.36
CA ALA A 211 35.58 -32.41 -24.07
C ALA A 211 35.33 -31.12 -24.89
N HIS A 212 34.05 -30.87 -25.29
CA HIS A 212 33.61 -29.74 -26.14
C HIS A 212 34.08 -28.36 -25.64
N GLY A 213 34.54 -27.53 -26.59
CA GLY A 213 35.11 -26.21 -26.30
C GLY A 213 36.51 -26.34 -25.73
N SER A 214 37.09 -25.23 -25.28
CA SER A 214 38.45 -25.28 -24.72
C SER A 214 38.43 -25.73 -23.23
N GLY A 215 37.31 -25.49 -22.53
CA GLY A 215 37.15 -25.93 -21.15
C GLY A 215 37.89 -25.17 -20.07
N ASP A 216 37.84 -25.73 -18.86
CA ASP A 216 38.48 -25.14 -17.69
C ASP A 216 38.76 -26.22 -16.65
N VAL A 217 39.59 -25.86 -15.66
CA VAL A 217 39.96 -26.71 -14.52
C VAL A 217 38.70 -27.10 -13.72
N LYS A 218 38.72 -28.28 -13.11
CA LYS A 218 37.64 -28.95 -12.40
C LYS A 218 37.07 -28.13 -11.24
N TYR A 219 37.88 -27.26 -10.63
CA TYR A 219 37.41 -26.48 -9.50
C TYR A 219 36.88 -25.10 -9.97
N HIS A 220 36.41 -25.01 -11.24
CA HIS A 220 35.80 -23.81 -11.84
C HIS A 220 34.43 -24.15 -12.36
N LEU A 221 34.09 -25.44 -12.32
CA LEU A 221 32.86 -26.01 -12.85
C LEU A 221 31.68 -25.86 -11.89
N GLY A 222 30.50 -25.78 -12.50
CA GLY A 222 29.23 -25.68 -11.79
C GLY A 222 28.37 -26.92 -11.95
N ALA A 223 27.22 -26.94 -11.26
CA ALA A 223 26.26 -28.06 -11.30
C ALA A 223 24.88 -27.59 -10.82
N THR A 224 23.85 -28.41 -11.08
CA THR A 224 22.48 -28.13 -10.65
C THR A 224 21.88 -29.39 -10.07
N GLY A 225 20.95 -29.21 -9.13
CA GLY A 225 20.27 -30.32 -8.49
C GLY A 225 19.08 -29.91 -7.65
N THR A 226 18.44 -30.90 -7.01
CA THR A 226 17.30 -30.70 -6.12
C THR A 226 17.67 -31.20 -4.73
N TYR A 227 17.62 -30.31 -3.75
CA TYR A 227 17.87 -30.69 -2.35
C TYR A 227 16.57 -31.15 -1.76
N ILE A 228 16.59 -32.29 -1.09
CA ILE A 228 15.41 -32.83 -0.42
C ILE A 228 15.67 -32.77 1.09
N GLN A 229 14.76 -32.14 1.86
CA GLN A 229 14.94 -32.06 3.31
C GLN A 229 14.98 -33.44 3.93
N MET A 230 15.95 -33.63 4.85
CA MET A 230 16.13 -34.90 5.58
C MET A 230 14.99 -35.08 6.59
N PHE A 231 14.63 -34.03 7.35
CA PHE A 231 13.57 -34.10 8.39
C PHE A 231 12.35 -33.22 8.06
N GLY A 232 12.30 -32.69 6.85
CA GLY A 232 11.20 -31.87 6.40
C GLY A 232 10.55 -32.46 5.17
N ASP A 233 9.48 -31.81 4.70
CA ASP A 233 8.72 -32.26 3.55
C ASP A 233 8.94 -31.37 2.31
N ASN A 234 9.86 -30.40 2.41
CA ASN A 234 10.13 -29.52 1.28
C ASN A 234 11.39 -29.89 0.51
N ASP A 235 11.44 -29.41 -0.72
CA ASP A 235 12.56 -29.56 -1.62
C ASP A 235 12.89 -28.17 -2.17
N ILE A 236 14.12 -27.99 -2.63
CA ILE A 236 14.59 -26.72 -3.16
C ILE A 236 15.63 -26.98 -4.23
N GLU A 237 15.64 -26.12 -5.27
CA GLU A 237 16.64 -26.22 -6.33
C GLU A 237 17.97 -25.68 -5.80
N VAL A 238 19.08 -26.34 -6.14
CA VAL A 238 20.41 -25.90 -5.70
C VAL A 238 21.29 -25.86 -6.94
N SER A 239 21.80 -24.66 -7.26
CA SER A 239 22.67 -24.46 -8.40
C SER A 239 24.01 -23.89 -7.97
N LEU A 240 25.05 -24.24 -8.72
CA LEU A 240 26.37 -23.69 -8.49
C LEU A 240 26.87 -23.09 -9.81
N THR A 241 27.25 -21.81 -9.77
CA THR A 241 27.65 -21.16 -11.01
C THR A 241 29.16 -21.34 -11.32
N ALA A 242 29.49 -21.23 -12.61
CA ALA A 242 30.88 -21.36 -13.07
C ALA A 242 31.65 -20.07 -12.78
N ASN A 243 32.97 -20.13 -12.78
CA ASN A 243 33.75 -18.95 -12.48
C ASN A 243 35.19 -19.11 -12.90
N PRO A 244 35.89 -17.98 -13.14
CA PRO A 244 37.33 -18.05 -13.40
C PRO A 244 38.15 -18.16 -12.09
N SER A 245 39.48 -18.21 -12.24
CA SER A 245 40.45 -18.22 -11.16
C SER A 245 40.39 -16.90 -10.41
N HIS A 246 40.04 -15.81 -11.12
CA HIS A 246 39.94 -14.45 -10.59
C HIS A 246 38.98 -14.44 -9.42
N LEU A 247 39.56 -14.42 -8.24
CA LEU A 247 38.83 -14.48 -6.98
C LEU A 247 37.97 -13.28 -6.80
N GLU A 248 36.71 -13.57 -6.46
CA GLU A 248 35.63 -12.67 -6.15
C GLU A 248 35.01 -12.10 -7.41
N ALA A 249 35.57 -12.36 -8.61
CA ALA A 249 35.03 -11.80 -9.85
C ALA A 249 33.57 -12.22 -10.13
N VAL A 250 33.20 -13.43 -9.68
CA VAL A 250 31.87 -14.03 -9.86
C VAL A 250 30.80 -13.41 -8.92
N ASP A 251 31.19 -12.63 -7.89
CA ASP A 251 30.22 -12.02 -6.94
C ASP A 251 29.06 -11.24 -7.61
N PRO A 252 29.33 -10.28 -8.52
CA PRO A 252 28.20 -9.53 -9.07
C PRO A 252 27.46 -10.34 -10.12
N VAL A 253 28.13 -11.35 -10.67
CA VAL A 253 27.59 -12.27 -11.66
C VAL A 253 26.50 -13.10 -10.99
N LEU A 254 26.78 -13.61 -9.75
CA LEU A 254 25.82 -14.38 -8.96
C LEU A 254 24.58 -13.54 -8.69
N GLU A 255 24.78 -12.31 -8.23
CA GLU A 255 23.71 -11.34 -7.95
C GLU A 255 22.83 -11.14 -9.18
N GLY A 256 23.43 -10.90 -10.34
CA GLY A 256 22.70 -10.71 -11.57
C GLY A 256 21.89 -11.92 -11.96
N LEU A 257 22.53 -13.13 -11.85
CA LEU A 257 21.94 -14.44 -12.11
C LEU A 257 20.69 -14.64 -11.24
N VAL A 258 20.82 -14.42 -9.91
CA VAL A 258 19.74 -14.53 -8.95
C VAL A 258 18.65 -13.49 -9.26
N ARG A 259 19.05 -12.22 -9.55
CA ARG A 259 18.10 -11.14 -9.89
C ARG A 259 17.25 -11.49 -11.14
N ALA A 260 17.86 -12.09 -12.21
CA ALA A 260 17.13 -12.52 -13.41
C ALA A 260 16.13 -13.62 -13.09
N LYS A 261 16.54 -14.61 -12.26
CA LYS A 261 15.68 -15.71 -11.81
C LYS A 261 14.54 -15.17 -10.96
N GLN A 262 14.84 -14.19 -10.06
CA GLN A 262 13.78 -13.61 -9.23
C GLN A 262 12.75 -12.87 -10.08
N ASP A 263 13.21 -12.14 -11.12
CA ASP A 263 12.32 -11.42 -12.03
C ASP A 263 11.41 -12.42 -12.83
N LEU A 264 11.92 -13.62 -13.20
CA LEU A 264 11.16 -14.66 -13.92
C LEU A 264 10.07 -15.27 -13.03
N LEU A 265 10.38 -15.44 -11.73
CA LEU A 265 9.44 -16.01 -10.77
C LEU A 265 8.47 -14.96 -10.22
N ASP A 266 8.54 -13.70 -10.66
CA ASP A 266 7.68 -12.61 -10.17
C ASP A 266 7.85 -12.47 -8.61
N THR A 267 9.07 -12.73 -8.15
CA THR A 267 9.43 -12.58 -6.74
C THR A 267 10.44 -11.45 -6.68
N GLY A 268 10.65 -10.92 -5.49
CA GLY A 268 11.61 -9.84 -5.37
C GLY A 268 11.14 -8.47 -5.79
N GLU A 269 12.11 -7.57 -6.09
CA GLU A 269 11.98 -6.15 -6.40
C GLU A 269 11.01 -5.84 -7.56
N GLU A 270 11.12 -6.55 -8.69
CA GLU A 270 10.24 -6.34 -9.84
C GLU A 270 9.05 -7.32 -9.81
N GLY A 271 8.89 -8.01 -8.68
CA GLY A 271 7.84 -8.99 -8.46
C GLY A 271 6.67 -8.52 -7.63
N SER A 272 5.56 -9.25 -7.77
CA SER A 272 4.30 -9.03 -7.05
C SER A 272 4.48 -9.41 -5.57
N ASP A 273 5.07 -10.59 -5.28
CA ASP A 273 5.34 -11.01 -3.91
C ASP A 273 6.77 -10.57 -3.49
N ASN A 274 6.93 -10.22 -2.20
CA ASN A 274 8.19 -9.74 -1.62
C ASN A 274 8.94 -10.91 -0.95
N ARG A 275 9.04 -12.05 -1.63
CA ARG A 275 9.70 -13.23 -1.08
C ARG A 275 11.19 -13.32 -1.40
N PHE A 276 11.66 -12.79 -2.58
CA PHE A 276 13.06 -12.93 -3.02
C PHE A 276 13.44 -14.43 -2.84
N SER A 277 12.56 -15.31 -3.36
CA SER A 277 12.59 -16.77 -3.24
C SER A 277 13.79 -17.48 -3.94
N VAL A 278 14.77 -16.72 -4.46
CA VAL A 278 16.00 -17.27 -5.03
C VAL A 278 17.10 -16.67 -4.18
N VAL A 279 17.83 -17.53 -3.44
CA VAL A 279 18.80 -17.07 -2.46
C VAL A 279 20.24 -17.18 -2.96
N PRO A 280 20.95 -16.02 -2.96
CA PRO A 280 22.37 -16.07 -3.31
C PRO A 280 23.17 -16.51 -2.07
N LEU A 281 23.91 -17.60 -2.23
CA LEU A 281 24.81 -18.14 -1.22
C LEU A 281 26.20 -17.98 -1.80
N MET A 282 26.96 -17.04 -1.23
CA MET A 282 28.27 -16.64 -1.73
C MET A 282 29.36 -17.05 -0.75
N LEU A 283 30.28 -17.90 -1.20
CA LEU A 283 31.40 -18.35 -0.38
C LEU A 283 32.64 -17.56 -0.77
N HIS A 284 33.54 -17.33 0.18
CA HIS A 284 34.76 -16.54 0.03
C HIS A 284 35.90 -17.08 0.85
N GLY A 285 37.12 -16.79 0.41
CA GLY A 285 38.34 -17.07 1.16
C GLY A 285 38.66 -15.80 1.93
N ASP A 286 39.32 -15.90 3.07
CA ASP A 286 39.63 -14.73 3.92
C ASP A 286 40.54 -13.68 3.26
N ALA A 287 41.56 -14.10 2.51
CA ALA A 287 42.40 -13.05 1.92
C ALA A 287 41.70 -12.37 0.74
N ALA A 288 40.99 -13.17 -0.07
CA ALA A 288 40.28 -12.66 -1.24
C ALA A 288 39.19 -11.71 -0.83
N PHE A 289 38.42 -12.01 0.28
CA PHE A 289 37.33 -11.16 0.77
C PHE A 289 37.78 -9.77 1.23
N ALA A 290 38.95 -9.67 1.83
CA ALA A 290 39.48 -8.40 2.33
C ALA A 290 40.16 -7.57 1.22
N GLY A 291 40.86 -8.22 0.30
CA GLY A 291 41.64 -7.53 -0.73
C GLY A 291 40.99 -7.19 -2.04
N GLN A 292 39.93 -7.86 -2.43
CA GLN A 292 39.37 -7.57 -3.75
C GLN A 292 38.25 -6.48 -3.67
N GLY A 293 38.41 -5.41 -4.47
CA GLY A 293 37.50 -4.27 -4.56
C GLY A 293 36.09 -4.64 -5.02
N VAL A 294 35.96 -5.69 -5.87
CA VAL A 294 34.66 -6.10 -6.41
C VAL A 294 33.72 -6.56 -5.27
N VAL A 295 34.26 -6.99 -4.12
CA VAL A 295 33.46 -7.36 -2.95
C VAL A 295 32.67 -6.13 -2.47
N ALA A 296 33.37 -4.99 -2.20
CA ALA A 296 32.74 -3.72 -1.79
C ALA A 296 31.72 -3.27 -2.84
N GLU A 297 32.11 -3.28 -4.15
CA GLU A 297 31.27 -2.88 -5.28
C GLU A 297 29.94 -3.67 -5.32
N THR A 298 30.01 -4.98 -5.01
CA THR A 298 28.87 -5.90 -5.01
C THR A 298 28.01 -5.71 -3.75
N LEU A 299 28.62 -5.49 -2.56
CA LEU A 299 27.85 -5.20 -1.35
C LEU A 299 27.07 -3.89 -1.52
N ASN A 300 27.69 -2.93 -2.23
CA ASN A 300 27.12 -1.62 -2.51
C ASN A 300 25.80 -1.71 -3.32
N LEU A 301 25.58 -2.84 -4.03
CA LEU A 301 24.36 -3.12 -4.82
C LEU A 301 23.23 -3.74 -4.02
N ALA A 302 23.56 -4.37 -2.87
CA ALA A 302 22.62 -5.16 -2.04
C ALA A 302 21.26 -4.52 -1.74
N LEU A 303 21.14 -3.18 -1.68
CA LEU A 303 19.82 -2.60 -1.42
C LEU A 303 19.37 -1.67 -2.53
N LEU A 304 20.08 -1.63 -3.67
CA LEU A 304 19.66 -0.79 -4.79
C LEU A 304 18.46 -1.37 -5.50
N ARG A 305 17.49 -0.53 -5.85
CA ARG A 305 16.28 -0.94 -6.55
C ARG A 305 16.61 -1.81 -7.81
N GLY A 306 17.57 -1.38 -8.61
CA GLY A 306 17.93 -2.12 -9.82
C GLY A 306 18.80 -3.33 -9.65
N TYR A 307 19.26 -3.63 -8.41
CA TYR A 307 20.23 -4.71 -8.20
C TYR A 307 19.95 -5.65 -7.04
N ARG A 308 19.18 -5.22 -6.04
CA ARG A 308 18.90 -6.03 -4.86
C ARG A 308 18.28 -7.40 -5.21
N THR A 309 18.64 -8.41 -4.41
CA THR A 309 18.21 -9.80 -4.57
C THR A 309 17.63 -10.29 -3.22
N GLY A 310 17.27 -9.34 -2.37
CA GLY A 310 16.70 -9.57 -1.05
C GLY A 310 17.65 -10.09 0.01
N GLY A 311 18.93 -9.83 -0.16
CA GLY A 311 19.93 -10.25 0.82
C GLY A 311 20.68 -11.50 0.42
N THR A 312 22.01 -11.43 0.46
CA THR A 312 22.90 -12.57 0.18
C THR A 312 23.37 -13.23 1.49
N ILE A 313 23.55 -14.57 1.48
CA ILE A 313 24.14 -15.27 2.62
C ILE A 313 25.59 -15.41 2.27
N HIS A 314 26.48 -14.74 3.01
CA HIS A 314 27.92 -14.83 2.78
C HIS A 314 28.56 -15.80 3.75
N ILE A 315 29.43 -16.68 3.24
CA ILE A 315 30.19 -17.59 4.08
C ILE A 315 31.65 -17.37 3.76
N VAL A 316 32.43 -16.90 4.75
CA VAL A 316 33.87 -16.74 4.62
C VAL A 316 34.57 -17.96 5.23
N VAL A 317 35.31 -18.73 4.38
CA VAL A 317 36.12 -19.88 4.79
C VAL A 317 37.43 -19.25 5.24
N ASN A 318 37.48 -18.87 6.51
CA ASN A 318 38.61 -18.16 7.07
C ASN A 318 39.61 -19.15 7.73
N ASN A 319 40.47 -19.69 6.88
CA ASN A 319 41.54 -20.60 7.28
C ASN A 319 42.76 -19.79 7.76
N GLN A 320 42.59 -18.49 8.01
CA GLN A 320 43.60 -17.58 8.58
C GLN A 320 44.90 -17.61 7.78
N ILE A 321 44.78 -17.76 6.45
CA ILE A 321 45.93 -17.86 5.54
C ILE A 321 45.42 -17.61 4.13
N GLY A 322 46.30 -17.07 3.29
CA GLY A 322 46.09 -16.86 1.87
C GLY A 322 47.35 -17.30 1.18
N PHE A 323 47.44 -18.61 0.81
CA PHE A 323 48.63 -19.24 0.20
C PHE A 323 49.82 -19.13 1.22
N THR A 324 50.81 -18.24 1.00
CA THR A 324 51.89 -18.14 2.00
C THR A 324 51.76 -16.87 2.80
N THR A 325 50.69 -16.09 2.53
CA THR A 325 50.53 -14.79 3.13
C THR A 325 49.72 -14.83 4.42
N ALA A 326 50.26 -14.23 5.50
CA ALA A 326 49.59 -14.11 6.78
C ALA A 326 48.51 -13.00 6.74
N PRO A 327 47.41 -13.12 7.54
CA PRO A 327 46.36 -12.07 7.54
C PRO A 327 46.88 -10.65 7.81
N THR A 328 47.96 -10.52 8.61
CA THR A 328 48.62 -9.24 8.92
C THR A 328 49.09 -8.51 7.64
N ASP A 329 49.43 -9.27 6.58
CA ASP A 329 49.84 -8.71 5.32
C ASP A 329 48.69 -8.66 4.33
N SER A 330 47.55 -9.25 4.70
CA SER A 330 46.38 -9.29 3.82
C SER A 330 45.33 -8.20 4.08
N ARG A 331 45.24 -7.69 5.31
CA ARG A 331 44.23 -6.69 5.66
C ARG A 331 44.68 -5.77 6.79
N SER A 332 44.10 -4.56 6.81
CA SER A 332 44.34 -3.50 7.78
C SER A 332 43.21 -3.44 8.84
N SER A 333 42.45 -4.52 8.98
CA SER A 333 41.35 -4.59 9.93
C SER A 333 41.36 -5.90 10.70
N GLU A 334 40.67 -5.89 11.85
CA GLU A 334 40.53 -7.01 12.77
C GLU A 334 40.03 -8.26 12.07
N TYR A 335 38.90 -8.11 11.32
CA TYR A 335 38.27 -9.21 10.62
C TYR A 335 38.26 -9.00 9.16
N CYS A 336 38.47 -10.10 8.43
CA CYS A 336 38.39 -10.20 6.98
C CYS A 336 37.03 -9.82 6.48
N THR A 337 36.01 -9.83 7.38
CA THR A 337 34.59 -9.55 7.07
C THR A 337 34.15 -8.10 7.32
N ASP A 338 35.09 -7.22 7.71
CA ASP A 338 34.78 -5.84 8.12
C ASP A 338 34.23 -4.97 6.99
N VAL A 339 34.56 -5.30 5.73
CA VAL A 339 34.04 -4.60 4.58
C VAL A 339 32.47 -4.68 4.57
N ALA A 340 31.87 -5.78 5.08
CA ALA A 340 30.40 -5.98 5.10
C ALA A 340 29.65 -5.04 6.08
N LYS A 341 30.37 -4.27 6.89
CA LYS A 341 29.75 -3.33 7.82
C LYS A 341 29.25 -2.06 7.07
N MET A 342 29.77 -1.81 5.84
CA MET A 342 29.37 -0.68 4.99
C MET A 342 27.87 -0.74 4.63
N ILE A 343 27.23 -1.94 4.58
CA ILE A 343 25.80 -2.05 4.28
C ILE A 343 25.00 -2.50 5.51
N GLY A 344 25.66 -2.42 6.67
CA GLY A 344 25.04 -2.77 7.95
C GLY A 344 24.64 -4.22 8.07
N ALA A 345 25.44 -5.12 7.51
CA ALA A 345 25.18 -6.54 7.61
C ALA A 345 25.61 -7.05 8.99
N PRO A 346 24.77 -7.87 9.67
CA PRO A 346 25.25 -8.50 10.91
C PRO A 346 26.37 -9.49 10.56
N ILE A 347 27.38 -9.64 11.44
CA ILE A 347 28.48 -10.56 11.21
C ILE A 347 28.58 -11.54 12.36
N PHE A 348 28.65 -12.83 12.00
CA PHE A 348 28.78 -13.91 12.95
C PHE A 348 30.11 -14.60 12.71
N HIS A 349 31.04 -14.46 13.67
CA HIS A 349 32.33 -15.11 13.65
C HIS A 349 32.11 -16.42 14.38
N VAL A 350 32.27 -17.58 13.69
CA VAL A 350 31.97 -18.85 14.35
C VAL A 350 33.15 -19.83 14.28
N ASN A 351 33.37 -20.56 15.39
CA ASN A 351 34.43 -21.56 15.52
C ASN A 351 34.10 -22.76 14.66
N GLY A 352 34.94 -22.97 13.64
CA GLY A 352 34.82 -24.08 12.71
C GLY A 352 34.94 -25.44 13.32
N ASP A 353 35.39 -25.56 14.60
CA ASP A 353 35.49 -26.87 15.29
C ASP A 353 34.19 -27.21 16.01
N ASP A 354 33.22 -26.26 16.03
CA ASP A 354 31.93 -26.49 16.67
C ASP A 354 30.89 -26.59 15.56
N PRO A 355 30.66 -27.79 14.96
CA PRO A 355 29.70 -27.85 13.83
C PRO A 355 28.26 -27.55 14.20
N GLU A 356 27.89 -27.70 15.47
CA GLU A 356 26.52 -27.39 15.94
C GLU A 356 26.30 -25.89 15.97
N ALA A 357 27.34 -25.13 16.40
CA ALA A 357 27.28 -23.68 16.42
C ALA A 357 27.26 -23.15 14.98
N CYS A 358 28.01 -23.82 14.08
CA CYS A 358 28.05 -23.45 12.66
C CYS A 358 26.70 -23.66 11.99
N ALA A 359 26.06 -24.83 12.23
CA ALA A 359 24.73 -25.12 11.68
C ALA A 359 23.69 -24.15 12.22
N TRP A 360 23.76 -23.80 13.52
CA TRP A 360 22.82 -22.89 14.19
C TRP A 360 22.91 -21.47 13.61
N VAL A 361 24.14 -20.95 13.45
CA VAL A 361 24.44 -19.62 12.92
C VAL A 361 23.94 -19.54 11.48
N ALA A 362 24.17 -20.59 10.68
CA ALA A 362 23.70 -20.70 9.30
C ALA A 362 22.16 -20.54 9.23
N ARG A 363 21.44 -21.20 10.17
CA ARG A 363 19.97 -21.14 10.23
C ARG A 363 19.50 -19.75 10.66
N LEU A 364 20.19 -19.12 11.64
CA LEU A 364 19.89 -17.77 12.11
C LEU A 364 20.07 -16.76 10.97
N ALA A 365 21.19 -16.91 10.21
CA ALA A 365 21.54 -16.10 9.05
C ALA A 365 20.42 -16.10 8.02
N VAL A 366 19.86 -17.29 7.70
CA VAL A 366 18.74 -17.44 6.74
C VAL A 366 17.48 -16.76 7.30
N ASP A 367 17.20 -16.92 8.60
CA ASP A 367 16.06 -16.30 9.26
C ASP A 367 16.15 -14.77 9.23
N PHE A 368 17.38 -14.21 9.40
CA PHE A 368 17.62 -12.76 9.35
C PHE A 368 17.40 -12.25 7.95
N ARG A 369 17.93 -13.00 6.94
CA ARG A 369 17.77 -12.66 5.54
C ARG A 369 16.30 -12.58 5.18
N GLN A 370 15.53 -13.57 5.65
CA GLN A 370 14.10 -13.68 5.37
C GLN A 370 13.30 -12.60 6.03
N ALA A 371 13.73 -12.14 7.23
CA ALA A 371 13.00 -11.11 7.98
C ALA A 371 13.33 -9.69 7.51
N PHE A 372 14.55 -9.43 7.05
CA PHE A 372 14.90 -8.05 6.72
C PHE A 372 15.33 -7.80 5.26
N LYS A 373 15.45 -8.86 4.45
CA LYS A 373 15.84 -8.81 3.03
C LYS A 373 17.19 -8.10 2.88
N LYS A 374 18.11 -8.39 3.81
CA LYS A 374 19.45 -7.82 3.88
C LYS A 374 20.50 -8.93 3.97
N ASP A 375 21.75 -8.63 3.53
CA ASP A 375 22.90 -9.54 3.57
C ASP A 375 23.29 -9.89 5.00
N VAL A 376 23.89 -11.08 5.15
CA VAL A 376 24.39 -11.65 6.41
C VAL A 376 25.75 -12.29 6.11
N VAL A 377 26.70 -12.04 7.00
CA VAL A 377 28.03 -12.58 6.84
C VAL A 377 28.33 -13.59 7.97
N ILE A 378 28.74 -14.82 7.57
CA ILE A 378 29.18 -15.87 8.47
C ILE A 378 30.70 -16.01 8.26
N ASP A 379 31.48 -15.72 9.30
CA ASP A 379 32.93 -15.82 9.26
C ASP A 379 33.27 -17.15 9.93
N MET A 380 33.52 -18.20 9.12
CA MET A 380 33.83 -19.48 9.73
C MET A 380 35.33 -19.60 9.99
N LEU A 381 35.70 -19.49 11.25
CA LEU A 381 37.11 -19.58 11.61
C LEU A 381 37.58 -21.05 11.63
N CYS A 382 38.53 -21.37 10.75
CA CYS A 382 39.06 -22.71 10.58
C CYS A 382 40.56 -22.65 10.29
N TYR A 383 41.06 -23.68 9.60
CA TYR A 383 42.46 -23.78 9.23
C TYR A 383 42.58 -24.58 7.95
N ARG A 384 43.75 -24.57 7.34
CA ARG A 384 44.00 -25.29 6.07
C ARG A 384 44.98 -26.39 6.42
N ARG A 385 44.46 -27.61 6.60
CA ARG A 385 45.24 -28.79 7.04
C ARG A 385 46.52 -28.98 6.22
N ARG A 386 46.43 -29.01 4.88
CA ARG A 386 47.60 -29.19 4.02
C ARG A 386 48.08 -27.83 3.51
N GLY A 387 49.00 -27.87 2.54
CA GLY A 387 49.51 -26.66 1.90
C GLY A 387 48.44 -25.99 1.09
N HIS A 388 48.77 -24.82 0.49
CA HIS A 388 47.80 -24.07 -0.30
C HIS A 388 47.10 -24.95 -1.34
N ASN A 389 47.91 -25.68 -2.09
CA ASN A 389 47.55 -26.74 -3.02
C ASN A 389 48.09 -28.02 -2.35
N GLU A 390 47.77 -29.19 -2.89
CA GLU A 390 48.16 -30.42 -2.21
C GLU A 390 49.67 -30.73 -2.31
N GLY A 391 50.38 -30.13 -3.28
CA GLY A 391 51.82 -30.32 -3.48
C GLY A 391 52.73 -29.31 -2.78
N ASP A 392 52.17 -28.27 -2.17
CA ASP A 392 52.90 -27.19 -1.48
C ASP A 392 53.30 -27.56 0.00
N ASP A 393 54.52 -27.14 0.45
CA ASP A 393 55.00 -27.33 1.82
C ASP A 393 54.79 -26.00 2.60
N PRO A 394 53.76 -25.89 3.47
CA PRO A 394 53.47 -24.58 4.11
C PRO A 394 54.39 -24.22 5.29
N SER A 395 55.13 -25.21 5.86
CA SER A 395 56.03 -24.98 7.00
C SER A 395 57.27 -24.12 6.62
N MET A 396 57.48 -23.89 5.31
CA MET A 396 58.59 -23.06 4.86
C MET A 396 58.35 -21.64 5.32
N THR A 397 57.09 -21.19 5.25
CA THR A 397 56.70 -19.83 5.54
C THR A 397 55.87 -19.73 6.81
N GLN A 398 55.09 -20.78 7.16
CA GLN A 398 54.27 -20.77 8.38
C GLN A 398 54.61 -21.95 9.29
N PRO A 399 55.84 -22.01 9.85
CA PRO A 399 56.18 -23.19 10.66
C PRO A 399 55.42 -23.24 11.99
N TYR A 400 55.14 -22.10 12.63
CA TYR A 400 54.41 -22.12 13.91
C TYR A 400 52.96 -22.64 13.68
N MET A 401 52.24 -22.07 12.69
CA MET A 401 50.88 -22.48 12.36
C MET A 401 50.80 -23.99 12.06
N TYR A 402 51.77 -24.54 11.30
CA TYR A 402 51.74 -25.95 10.93
C TYR A 402 52.23 -26.84 12.01
N ASP A 403 52.94 -26.29 12.99
CA ASP A 403 53.32 -27.10 14.15
C ASP A 403 52.07 -27.30 15.04
N VAL A 404 51.17 -26.30 15.10
CA VAL A 404 49.93 -26.33 15.86
C VAL A 404 48.93 -27.24 15.15
N ILE A 405 48.72 -27.08 13.82
CA ILE A 405 47.80 -27.90 13.01
C ILE A 405 48.16 -29.41 13.14
N ASP A 406 49.46 -29.73 13.25
CA ASP A 406 49.90 -31.12 13.35
C ASP A 406 49.54 -31.78 14.70
N THR A 407 49.17 -30.99 15.72
CA THR A 407 48.71 -31.49 17.01
C THR A 407 47.17 -31.63 17.01
N LYS A 408 46.48 -30.92 16.11
CA LYS A 408 45.03 -30.83 16.10
C LYS A 408 44.35 -32.06 15.51
N ARG A 409 43.42 -32.64 16.28
CA ARG A 409 42.56 -33.72 15.82
C ARG A 409 41.53 -33.02 14.94
N GLY A 410 41.17 -33.62 13.79
CA GLY A 410 40.20 -32.99 12.89
C GLY A 410 38.83 -32.78 13.52
N SER A 411 37.97 -31.94 12.91
CA SER A 411 36.62 -31.68 13.40
C SER A 411 35.76 -32.98 13.40
N ARG A 412 35.89 -33.83 12.36
CA ARG A 412 35.17 -35.10 12.25
C ARG A 412 35.45 -36.03 13.42
N LYS A 413 36.74 -36.23 13.78
CA LYS A 413 37.13 -37.09 14.90
C LYS A 413 36.61 -36.50 16.21
N ALA A 414 36.79 -35.18 16.39
CA ALA A 414 36.33 -34.43 17.55
C ALA A 414 34.83 -34.63 17.76
N TYR A 415 34.02 -34.44 16.71
CA TYR A 415 32.57 -34.57 16.82
C TYR A 415 32.17 -36.02 17.04
N THR A 416 32.83 -36.98 16.36
CA THR A 416 32.58 -38.42 16.54
C THR A 416 32.80 -38.82 18.02
N GLU A 417 33.92 -38.37 18.63
CA GLU A 417 34.24 -38.66 20.03
C GLU A 417 33.19 -38.02 20.95
N ALA A 418 32.67 -36.81 20.58
CA ALA A 418 31.61 -36.10 21.32
C ALA A 418 30.31 -36.90 21.31
N LEU A 419 29.87 -37.39 20.12
CA LEU A 419 28.66 -38.19 19.91
C LEU A 419 28.72 -39.58 20.58
N ILE A 420 29.94 -40.14 20.79
CA ILE A 420 30.09 -41.44 21.46
C ILE A 420 29.92 -41.23 22.97
N GLY A 421 30.61 -40.20 23.50
CA GLY A 421 30.56 -39.80 24.91
C GLY A 421 29.16 -39.48 25.38
N ARG A 422 28.37 -38.80 24.52
CA ARG A 422 26.96 -38.46 24.74
C ARG A 422 26.06 -39.72 24.76
N GLY A 423 26.57 -40.83 24.20
CA GLY A 423 25.89 -42.11 24.12
C GLY A 423 25.05 -42.32 22.87
N ASP A 424 25.05 -41.31 21.97
CA ASP A 424 24.28 -41.27 20.72
C ASP A 424 24.58 -42.45 19.74
N ILE A 425 25.88 -42.70 19.43
CA ILE A 425 26.36 -43.75 18.53
C ILE A 425 27.47 -44.55 19.22
N SER A 426 27.75 -45.75 18.68
CA SER A 426 28.81 -46.63 19.19
C SER A 426 30.06 -46.47 18.34
N MET A 427 31.20 -46.99 18.83
CA MET A 427 32.46 -46.95 18.10
C MET A 427 32.33 -47.77 16.81
N LYS A 428 31.63 -48.93 16.91
CA LYS A 428 31.35 -49.84 15.80
C LYS A 428 30.50 -49.15 14.73
N GLU A 429 29.42 -48.44 15.15
CA GLU A 429 28.52 -47.68 14.27
C GLU A 429 29.29 -46.60 13.50
N ALA A 430 30.25 -45.92 14.18
CA ALA A 430 31.08 -44.85 13.59
C ALA A 430 32.04 -45.42 12.56
N GLU A 431 32.73 -46.52 12.91
CA GLU A 431 33.67 -47.22 12.03
C GLU A 431 32.94 -47.73 10.79
N ASP A 432 31.80 -48.44 10.97
CA ASP A 432 30.99 -48.99 9.91
C ASP A 432 30.52 -47.93 8.91
N ALA A 433 30.12 -46.74 9.40
CA ALA A 433 29.67 -45.60 8.60
C ALA A 433 30.77 -45.10 7.69
N LEU A 434 32.04 -45.06 8.17
CA LEU A 434 33.17 -44.63 7.33
C LEU A 434 33.57 -45.77 6.36
N ARG A 435 33.54 -47.03 6.81
CA ARG A 435 33.80 -48.19 5.96
C ARG A 435 32.80 -48.28 4.78
N ASP A 436 31.51 -47.93 5.01
CA ASP A 436 30.46 -47.94 4.00
C ASP A 436 30.72 -46.89 2.94
N TYR A 437 31.06 -45.67 3.38
CA TYR A 437 31.34 -44.55 2.51
C TYR A 437 32.64 -44.79 1.69
N GLN A 438 33.67 -45.40 2.29
CA GLN A 438 34.95 -45.72 1.62
C GLN A 438 34.77 -46.84 0.59
N GLY A 439 33.87 -47.76 0.87
CA GLY A 439 33.54 -48.85 -0.04
C GLY A 439 32.76 -48.31 -1.22
N GLN A 440 31.93 -47.26 -0.98
CA GLN A 440 31.10 -46.66 -2.01
C GLN A 440 31.95 -45.88 -3.02
N LEU A 441 32.90 -45.05 -2.54
CA LEU A 441 33.82 -44.27 -3.38
C LEU A 441 34.68 -45.15 -4.28
N GLU A 442 35.19 -46.28 -3.73
CA GLU A 442 36.05 -47.24 -4.43
C GLU A 442 35.30 -47.96 -5.56
N ARG A 443 34.00 -48.31 -5.36
CA ARG A 443 33.20 -49.00 -6.40
C ARG A 443 32.92 -48.01 -7.56
N VAL A 444 32.70 -46.72 -7.24
CA VAL A 444 32.49 -45.63 -8.22
C VAL A 444 33.80 -45.34 -9.00
N PHE A 445 34.96 -45.26 -8.29
CA PHE A 445 36.30 -45.06 -8.87
C PHE A 445 36.66 -46.21 -9.81
N ASN A 446 36.38 -47.46 -9.41
CA ASN A 446 36.67 -48.67 -10.21
C ASN A 446 35.87 -48.67 -11.52
N GLU A 447 34.57 -48.28 -11.46
CA GLU A 447 33.66 -48.27 -12.61
C GLU A 447 34.13 -47.29 -13.67
N VAL A 448 34.60 -46.10 -13.27
CA VAL A 448 35.11 -45.08 -14.20
C VAL A 448 36.47 -45.52 -14.75
N ARG A 449 37.36 -46.08 -13.90
CA ARG A 449 38.69 -46.56 -14.29
C ARG A 449 38.59 -47.63 -15.37
N GLU A 450 37.54 -48.48 -15.28
CA GLU A 450 37.20 -49.58 -16.18
C GLU A 450 36.82 -49.10 -17.59
N LEU A 451 36.34 -47.83 -17.74
CA LEU A 451 35.92 -47.28 -19.03
C LEU A 451 37.11 -47.05 -19.99
N GLU A 455 41.08 -41.03 -27.33
CA GLU A 455 42.24 -40.28 -27.80
C GLU A 455 42.03 -38.77 -27.59
N ILE A 456 43.01 -38.12 -26.95
CA ILE A 456 42.98 -36.68 -26.66
C ILE A 456 43.33 -35.91 -27.95
N GLU A 457 42.44 -35.01 -28.35
CA GLU A 457 42.58 -34.19 -29.55
C GLU A 457 42.62 -32.70 -29.21
N PRO A 458 43.27 -31.83 -30.03
CA PRO A 458 43.26 -30.38 -29.73
C PRO A 458 41.83 -29.84 -29.63
N SER A 459 41.62 -28.84 -28.75
CA SER A 459 40.30 -28.23 -28.55
C SER A 459 39.80 -27.58 -29.86
N GLU A 460 38.48 -27.63 -30.06
CA GLU A 460 37.87 -27.06 -31.25
C GLU A 460 37.12 -25.78 -30.89
N SER A 461 37.00 -24.88 -31.86
CA SER A 461 36.31 -23.60 -31.77
C SER A 461 34.80 -23.86 -31.58
N VAL A 462 34.15 -23.10 -30.69
CA VAL A 462 32.71 -23.19 -30.39
C VAL A 462 31.85 -22.41 -31.42
N GLU A 463 32.44 -21.83 -32.49
CA GLU A 463 31.75 -21.01 -33.51
C GLU A 463 30.46 -21.64 -34.06
N ALA A 464 30.56 -22.88 -34.57
CA ALA A 464 29.45 -23.62 -35.18
C ALA A 464 28.37 -24.08 -34.16
N ASP A 465 28.65 -24.00 -32.85
CA ASP A 465 27.72 -24.42 -31.79
C ASP A 465 26.39 -23.67 -31.83
N GLN A 466 26.42 -22.40 -32.24
CA GLN A 466 25.22 -21.58 -32.38
C GLN A 466 25.20 -20.92 -33.79
N GLN A 467 24.27 -21.38 -34.65
CA GLN A 467 24.11 -20.86 -36.01
C GLN A 467 22.91 -19.95 -36.04
N ILE A 468 21.69 -20.48 -35.73
CA ILE A 468 20.39 -19.81 -35.63
C ILE A 468 19.39 -20.81 -35.07
N LEU A 472 16.34 -13.62 -41.19
CA LEU A 472 15.58 -13.17 -40.04
C LEU A 472 15.00 -11.76 -40.26
N ALA A 473 13.66 -11.64 -40.12
CA ALA A 473 12.96 -10.38 -40.33
C ALA A 473 12.95 -9.54 -39.06
N THR A 474 13.46 -8.29 -39.16
CA THR A 474 13.57 -7.36 -38.04
C THR A 474 12.75 -6.09 -38.32
N ALA A 475 12.25 -5.95 -39.56
CA ALA A 475 11.41 -4.82 -39.95
C ALA A 475 10.11 -4.83 -39.14
N VAL A 476 9.58 -3.65 -38.83
CA VAL A 476 8.33 -3.52 -38.08
C VAL A 476 7.33 -2.76 -38.93
N ASP A 477 6.06 -2.78 -38.54
CA ASP A 477 5.02 -2.07 -39.26
C ASP A 477 5.08 -0.59 -38.90
N LYS A 478 4.59 0.27 -39.81
CA LYS A 478 4.46 1.72 -39.59
C LYS A 478 3.71 1.99 -38.26
N ALA A 479 2.64 1.20 -38.00
CA ALA A 479 1.77 1.29 -36.82
C ALA A 479 2.55 1.14 -35.52
N MET A 480 3.58 0.26 -35.52
CA MET A 480 4.46 0.04 -34.38
C MET A 480 5.28 1.28 -34.09
N LEU A 481 5.86 1.92 -35.13
CA LEU A 481 6.65 3.15 -34.96
C LEU A 481 5.79 4.25 -34.37
N GLN A 482 4.55 4.37 -34.89
CA GLN A 482 3.57 5.36 -34.49
C GLN A 482 3.13 5.16 -33.04
N ARG A 483 2.96 3.91 -32.62
CA ARG A 483 2.59 3.57 -31.25
C ARG A 483 3.69 4.02 -30.24
N ILE A 484 4.98 3.78 -30.59
CA ILE A 484 6.13 4.13 -29.75
C ILE A 484 6.27 5.68 -29.72
N GLY A 485 5.99 6.33 -30.86
CA GLY A 485 5.96 7.79 -30.96
C GLY A 485 4.86 8.40 -30.10
N ASP A 486 3.63 7.82 -30.19
CA ASP A 486 2.45 8.26 -29.44
C ASP A 486 2.62 8.06 -27.93
N ALA A 487 3.33 6.99 -27.52
CA ALA A 487 3.60 6.65 -26.12
C ALA A 487 4.33 7.79 -25.40
N HIS A 488 5.13 8.57 -26.16
CA HIS A 488 5.92 9.71 -25.66
C HIS A 488 5.05 10.93 -25.30
N LEU A 489 3.78 10.95 -25.78
CA LEU A 489 2.82 12.01 -25.47
C LEU A 489 1.65 11.47 -24.63
N ALA A 490 1.62 10.15 -24.33
CA ALA A 490 0.52 9.57 -23.57
C ALA A 490 0.80 9.72 -22.09
N LEU A 491 0.93 10.98 -21.68
CA LEU A 491 1.30 11.43 -20.34
C LEU A 491 0.19 11.20 -19.31
N PRO A 492 0.51 10.76 -18.07
CA PRO A 492 -0.54 10.67 -17.02
C PRO A 492 -1.23 12.01 -16.80
N GLU A 493 -2.45 12.01 -16.27
CA GLU A 493 -3.23 13.23 -16.02
C GLU A 493 -2.51 14.15 -15.03
N GLY A 494 -2.40 15.43 -15.39
CA GLY A 494 -1.75 16.46 -14.61
C GLY A 494 -0.24 16.56 -14.74
N PHE A 495 0.44 15.52 -15.28
CA PHE A 495 1.90 15.45 -15.44
C PHE A 495 2.50 16.76 -16.04
N THR A 496 3.56 17.32 -15.39
CA THR A 496 4.18 18.54 -15.89
C THR A 496 5.57 18.19 -16.43
N VAL A 497 5.68 18.19 -17.75
CA VAL A 497 6.92 17.93 -18.46
C VAL A 497 7.82 19.13 -18.34
N HIS A 498 9.11 18.88 -18.07
CA HIS A 498 10.14 19.91 -18.08
C HIS A 498 10.09 20.61 -19.46
N PRO A 499 10.10 21.96 -19.54
CA PRO A 499 10.00 22.63 -20.86
C PRO A 499 11.09 22.26 -21.88
N ARG A 500 12.24 21.76 -21.41
CA ARG A 500 13.32 21.37 -22.30
C ARG A 500 13.24 19.86 -22.65
N VAL A 501 12.29 19.12 -22.02
CA VAL A 501 12.09 17.69 -22.28
C VAL A 501 10.90 17.53 -23.23
N ARG A 502 9.89 18.40 -23.08
CA ARG A 502 8.71 18.47 -23.94
C ARG A 502 9.09 18.40 -25.47
N PRO A 503 10.08 19.18 -26.02
CA PRO A 503 10.33 19.08 -27.48
C PRO A 503 10.82 17.72 -27.91
N VAL A 504 11.52 16.97 -27.02
CA VAL A 504 12.00 15.61 -27.32
C VAL A 504 10.77 14.69 -27.54
N LEU A 505 9.78 14.76 -26.64
CA LEU A 505 8.56 13.97 -26.70
C LEU A 505 7.76 14.28 -27.94
N GLU A 506 7.62 15.59 -28.29
CA GLU A 506 6.91 16.03 -29.47
C GLU A 506 7.65 15.71 -30.76
N LYS A 507 8.97 15.90 -30.78
CA LYS A 507 9.81 15.58 -31.95
C LYS A 507 9.80 14.06 -32.24
N ARG A 508 9.66 13.21 -31.19
CA ARG A 508 9.63 11.76 -31.37
C ARG A 508 8.32 11.32 -31.98
N ARG A 509 7.19 11.95 -31.60
CA ARG A 509 5.91 11.62 -32.22
C ARG A 509 5.96 12.00 -33.69
N GLU A 510 6.59 13.16 -33.99
CA GLU A 510 6.73 13.64 -35.36
C GLU A 510 7.62 12.69 -36.16
N MET A 511 8.79 12.30 -35.62
CA MET A 511 9.73 11.36 -36.27
C MET A 511 9.03 10.03 -36.64
N ALA A 512 8.19 9.50 -35.75
CA ALA A 512 7.45 8.23 -35.92
C ALA A 512 6.49 8.26 -37.11
N TYR A 513 5.93 9.43 -37.40
CA TYR A 513 4.97 9.62 -38.48
C TYR A 513 5.58 10.22 -39.73
N GLU A 514 6.70 10.98 -39.59
CA GLU A 514 7.26 11.72 -40.71
C GLU A 514 8.70 11.34 -41.10
N GLY A 515 9.38 10.55 -40.31
CA GLY A 515 10.76 10.19 -40.66
C GLY A 515 11.80 11.08 -40.01
N ARG A 516 13.03 11.07 -40.58
CA ARG A 516 14.24 11.74 -40.09
C ARG A 516 14.48 11.32 -38.61
N ILE A 517 14.38 10.01 -38.36
CA ILE A 517 14.53 9.40 -37.04
C ILE A 517 16.01 9.46 -36.64
N ASP A 518 16.29 10.07 -35.48
CA ASP A 518 17.64 10.21 -34.96
C ASP A 518 18.07 8.91 -34.27
N TRP A 519 19.34 8.82 -33.83
CA TRP A 519 19.90 7.65 -33.19
C TRP A 519 19.17 7.27 -31.89
N ALA A 520 18.94 8.25 -30.98
CA ALA A 520 18.33 7.99 -29.66
C ALA A 520 16.90 7.46 -29.78
N PHE A 521 16.12 7.96 -30.76
CA PHE A 521 14.77 7.47 -30.97
C PHE A 521 14.80 6.05 -31.62
N ALA A 522 15.76 5.77 -32.53
CA ALA A 522 15.91 4.45 -33.15
C ALA A 522 16.15 3.37 -32.09
N GLU A 523 16.97 3.70 -31.08
CA GLU A 523 17.24 2.82 -29.97
C GLU A 523 15.94 2.42 -29.25
N LEU A 524 15.12 3.42 -28.88
CA LEU A 524 13.86 3.24 -28.16
C LEU A 524 12.80 2.55 -29.02
N LEU A 525 12.88 2.72 -30.36
CA LEU A 525 11.97 2.04 -31.31
C LEU A 525 12.28 0.56 -31.30
N ALA A 526 13.58 0.19 -31.19
CA ALA A 526 14.01 -1.21 -31.16
C ALA A 526 13.59 -1.86 -29.82
N LEU A 527 13.87 -1.20 -28.69
CA LEU A 527 13.52 -1.69 -27.36
C LEU A 527 12.01 -1.76 -27.15
N GLY A 528 11.27 -0.74 -27.58
CA GLY A 528 9.81 -0.68 -27.49
C GLY A 528 9.09 -1.72 -28.32
N SER A 529 9.59 -1.99 -29.53
CA SER A 529 9.04 -3.00 -30.43
C SER A 529 9.26 -4.39 -29.83
N LEU A 530 10.42 -4.60 -29.18
CA LEU A 530 10.72 -5.88 -28.53
C LEU A 530 9.79 -6.09 -27.31
N ILE A 531 9.56 -5.02 -26.50
CA ILE A 531 8.65 -5.06 -25.35
C ILE A 531 7.23 -5.43 -25.84
N ALA A 532 6.75 -4.77 -26.92
CA ALA A 532 5.45 -4.96 -27.54
C ALA A 532 5.25 -6.40 -28.00
N GLU A 533 6.36 -7.08 -28.37
CA GLU A 533 6.40 -8.46 -28.84
C GLU A 533 6.55 -9.45 -27.67
N GLY A 534 6.51 -8.93 -26.45
CA GLY A 534 6.56 -9.73 -25.23
C GLY A 534 7.92 -9.91 -24.58
N LYS A 535 8.96 -9.24 -25.08
CA LYS A 535 10.30 -9.40 -24.52
C LYS A 535 10.58 -8.53 -23.31
N LEU A 536 11.27 -9.11 -22.32
CA LEU A 536 11.75 -8.40 -21.14
C LEU A 536 13.01 -7.61 -21.56
N VAL A 537 13.00 -6.26 -21.37
CA VAL A 537 14.15 -5.42 -21.74
C VAL A 537 14.74 -4.82 -20.47
N ARG A 538 16.02 -5.11 -20.19
CA ARG A 538 16.72 -4.56 -19.05
C ARG A 538 17.82 -3.68 -19.58
N LEU A 539 17.76 -2.38 -19.25
CA LEU A 539 18.72 -1.37 -19.70
C LEU A 539 19.20 -0.61 -18.53
N SER A 540 20.52 -0.59 -18.33
CA SER A 540 21.08 0.14 -17.20
C SER A 540 22.45 0.67 -17.52
N GLY A 541 22.97 1.49 -16.64
CA GLY A 541 24.27 2.13 -16.80
C GLY A 541 24.29 3.48 -16.13
N GLN A 542 25.41 4.20 -16.25
CA GLN A 542 25.56 5.48 -15.55
C GLN A 542 24.77 6.59 -16.24
N ASP A 543 23.77 7.13 -15.52
CA ASP A 543 22.84 8.18 -15.95
C ASP A 543 22.06 7.73 -17.21
N THR A 544 21.78 6.42 -17.33
CA THR A 544 21.17 5.78 -18.50
C THR A 544 19.70 6.15 -18.65
N GLN A 545 19.01 6.49 -17.57
CA GLN A 545 17.59 6.86 -17.67
C GLN A 545 17.43 8.10 -18.55
N ARG A 546 18.24 9.15 -18.28
CA ARG A 546 18.17 10.38 -19.09
C ARG A 546 19.04 10.28 -20.32
N GLY A 547 20.21 9.70 -20.13
CA GLY A 547 21.27 9.61 -21.12
C GLY A 547 22.36 10.61 -20.76
N THR A 548 23.63 10.15 -20.77
CA THR A 548 24.79 11.02 -20.52
C THR A 548 24.68 12.30 -21.42
N PHE A 549 24.25 12.13 -22.68
CA PHE A 549 24.19 13.20 -23.67
C PHE A 549 22.79 13.77 -23.77
N THR A 550 21.97 13.66 -22.69
CA THR A 550 20.58 14.18 -22.59
C THR A 550 19.74 13.79 -23.82
N GLN A 551 19.94 12.55 -24.32
CA GLN A 551 19.30 12.14 -25.56
C GLN A 551 18.24 11.09 -25.38
N ARG A 552 18.38 10.25 -24.34
CA ARG A 552 17.50 9.10 -24.20
C ARG A 552 16.11 9.47 -23.63
N HIS A 553 16.05 10.02 -22.40
CA HIS A 553 14.80 10.32 -21.71
C HIS A 553 13.90 9.07 -21.70
N ALA A 554 14.45 7.94 -21.21
CA ALA A 554 13.72 6.67 -21.05
C ALA A 554 12.75 6.85 -19.91
N VAL A 555 13.13 7.69 -18.93
CA VAL A 555 12.33 8.08 -17.77
C VAL A 555 12.28 9.60 -17.84
N ILE A 556 11.09 10.19 -17.62
CA ILE A 556 10.88 11.65 -17.61
C ILE A 556 10.38 12.02 -16.19
N VAL A 557 10.83 13.16 -15.66
CA VAL A 557 10.54 13.54 -14.28
C VAL A 557 9.60 14.74 -14.27
N ASP A 558 8.46 14.57 -13.58
CA ASP A 558 7.46 15.61 -13.44
C ASP A 558 8.15 16.84 -12.79
N ARG A 559 8.10 18.01 -13.46
CA ARG A 559 8.77 19.24 -13.04
C ARG A 559 8.30 19.78 -11.71
N LYS A 560 7.02 19.58 -11.37
CA LYS A 560 6.39 20.11 -10.16
C LYS A 560 6.44 19.17 -8.98
N THR A 561 6.31 17.84 -9.21
CA THR A 561 6.23 16.84 -8.15
C THR A 561 7.41 15.88 -8.09
N GLY A 562 8.05 15.61 -9.21
CA GLY A 562 9.18 14.68 -9.23
C GLY A 562 8.81 13.25 -9.54
N GLU A 563 7.51 13.02 -9.84
CA GLU A 563 6.95 11.71 -10.22
C GLU A 563 7.60 11.24 -11.52
N GLU A 564 7.92 9.96 -11.63
CA GLU A 564 8.54 9.41 -12.85
C GLU A 564 7.50 8.86 -13.84
N PHE A 565 7.84 8.91 -15.14
CA PHE A 565 7.04 8.34 -16.22
C PHE A 565 7.97 7.70 -17.27
N THR A 566 7.72 6.43 -17.57
CA THR A 566 8.50 5.65 -18.52
C THR A 566 7.64 5.38 -19.77
N PRO A 567 7.75 6.19 -20.85
CA PRO A 567 6.88 5.97 -22.02
C PRO A 567 6.91 4.54 -22.58
N LEU A 568 8.09 3.87 -22.68
CA LEU A 568 8.17 2.50 -23.25
C LEU A 568 7.38 1.46 -22.46
N GLN A 569 7.13 1.71 -21.15
CA GLN A 569 6.38 0.76 -20.32
C GLN A 569 4.95 0.59 -20.85
N LEU A 570 4.39 1.61 -21.52
CA LEU A 570 3.05 1.55 -22.09
C LEU A 570 2.97 0.51 -23.21
N LEU A 571 4.12 0.11 -23.77
CA LEU A 571 4.18 -0.86 -24.86
C LEU A 571 4.03 -2.28 -24.32
N ALA A 572 4.14 -2.45 -22.97
CA ALA A 572 4.01 -3.74 -22.31
C ALA A 572 2.53 -4.14 -22.19
N THR A 573 1.60 -3.27 -22.63
CA THR A 573 0.17 -3.54 -22.64
C THR A 573 -0.30 -3.50 -24.09
N ASN A 574 -0.99 -4.56 -24.54
CA ASN A 574 -1.55 -4.60 -25.89
C ASN A 574 -2.68 -3.54 -26.02
N PRO A 575 -3.06 -3.05 -27.23
CA PRO A 575 -4.14 -2.06 -27.31
C PRO A 575 -5.47 -2.52 -26.67
N ASP A 576 -5.72 -3.85 -26.59
CA ASP A 576 -6.94 -4.43 -25.99
C ASP A 576 -6.88 -4.45 -24.44
N GLY A 577 -5.73 -4.06 -23.87
CA GLY A 577 -5.55 -3.99 -22.42
C GLY A 577 -4.84 -5.16 -21.77
N THR A 578 -4.60 -6.25 -22.53
CA THR A 578 -3.93 -7.43 -22.00
C THR A 578 -2.41 -7.22 -21.96
N PRO A 579 -1.66 -7.92 -21.07
CA PRO A 579 -0.19 -7.75 -21.06
C PRO A 579 0.46 -8.43 -22.26
N THR A 580 1.58 -7.87 -22.76
CA THR A 580 2.29 -8.48 -23.90
C THR A 580 3.20 -9.58 -23.36
N GLY A 581 3.56 -9.47 -22.09
CA GLY A 581 4.51 -10.34 -21.41
C GLY A 581 5.82 -9.60 -21.27
N GLY A 582 5.97 -8.54 -22.06
CA GLY A 582 7.14 -7.67 -22.07
C GLY A 582 7.19 -6.72 -20.90
N LYS A 583 8.38 -6.13 -20.67
CA LYS A 583 8.61 -5.20 -19.57
C LYS A 583 9.86 -4.36 -19.85
N PHE A 584 9.85 -3.10 -19.44
CA PHE A 584 10.99 -2.20 -19.60
C PHE A 584 11.57 -1.90 -18.24
N LEU A 585 12.75 -2.44 -17.98
CA LEU A 585 13.46 -2.24 -16.74
C LEU A 585 14.66 -1.40 -17.05
N VAL A 586 14.56 -0.12 -16.70
CA VAL A 586 15.62 0.86 -16.97
C VAL A 586 16.07 1.48 -15.65
N TYR A 587 17.38 1.47 -15.43
CA TYR A 587 17.95 1.98 -14.19
C TYR A 587 19.17 2.78 -14.41
N ASN A 588 19.43 3.66 -13.45
CA ASN A 588 20.68 4.39 -13.30
C ASN A 588 21.54 3.48 -12.43
N SER A 589 22.69 3.05 -12.91
CA SER A 589 23.51 2.16 -12.11
C SER A 589 24.26 2.95 -11.03
N ALA A 590 24.91 2.22 -10.10
CA ALA A 590 25.83 2.85 -9.12
C ALA A 590 27.10 3.24 -9.89
N LEU A 591 28.00 4.00 -9.27
CA LEU A 591 29.18 4.41 -10.00
C LEU A 591 30.21 3.27 -10.01
N SER A 592 29.89 2.20 -10.75
CA SER A 592 30.73 1.01 -10.91
C SER A 592 30.73 0.51 -12.34
N GLU A 593 31.80 -0.17 -12.73
CA GLU A 593 31.88 -0.80 -14.04
C GLU A 593 31.99 -2.30 -13.83
N PHE A 594 32.95 -2.74 -12.97
CA PHE A 594 33.23 -4.13 -12.67
C PHE A 594 31.94 -4.83 -12.17
N ALA A 595 31.35 -4.36 -11.04
CA ALA A 595 30.15 -4.99 -10.51
C ALA A 595 28.94 -4.85 -11.46
N ALA A 596 28.69 -3.65 -12.04
CA ALA A 596 27.58 -3.39 -12.98
C ALA A 596 27.68 -4.25 -14.25
N VAL A 597 28.87 -4.39 -14.86
CA VAL A 597 29.04 -5.24 -16.07
C VAL A 597 28.91 -6.74 -15.68
N GLY A 598 29.44 -7.12 -14.50
CA GLY A 598 29.34 -8.48 -13.96
C GLY A 598 27.90 -8.89 -13.76
N PHE A 599 27.12 -7.99 -13.12
CA PHE A 599 25.72 -8.14 -12.84
C PHE A 599 24.88 -8.35 -14.12
N GLU A 600 25.09 -7.51 -15.15
CA GLU A 600 24.33 -7.61 -16.41
C GLU A 600 24.74 -8.85 -17.17
N TYR A 601 26.05 -9.23 -17.09
CA TYR A 601 26.48 -10.50 -17.68
C TYR A 601 25.67 -11.62 -17.03
N GLY A 602 25.64 -11.65 -15.69
CA GLY A 602 24.92 -12.64 -14.89
C GLY A 602 23.43 -12.67 -15.20
N TYR A 603 22.81 -11.46 -15.33
CA TYR A 603 21.39 -11.30 -15.61
C TYR A 603 21.06 -11.99 -16.93
N SER A 604 21.87 -11.76 -17.98
CA SER A 604 21.63 -12.37 -19.28
C SER A 604 21.75 -13.90 -19.22
N VAL A 605 22.67 -14.43 -18.40
CA VAL A 605 22.85 -15.89 -18.22
C VAL A 605 21.59 -16.44 -17.52
N GLY A 606 21.14 -15.72 -16.48
CA GLY A 606 19.96 -16.09 -15.67
C GLY A 606 18.66 -16.11 -16.44
N ASN A 607 18.50 -15.21 -17.40
CA ASN A 607 17.30 -15.16 -18.25
C ASN A 607 17.73 -15.00 -19.71
N PRO A 608 17.92 -16.15 -20.40
CA PRO A 608 18.33 -16.09 -21.83
C PRO A 608 17.33 -15.39 -22.77
N ASP A 609 16.06 -15.30 -22.34
CA ASP A 609 15.01 -14.68 -23.15
C ASP A 609 14.92 -13.16 -22.92
N ALA A 610 15.73 -12.61 -22.00
CA ALA A 610 15.75 -11.17 -21.75
C ALA A 610 16.71 -10.46 -22.72
N MET A 611 16.39 -9.19 -23.03
CA MET A 611 17.23 -8.26 -23.79
C MET A 611 17.93 -7.46 -22.68
N VAL A 612 19.26 -7.66 -22.53
CA VAL A 612 20.04 -7.05 -21.43
C VAL A 612 21.11 -6.16 -22.01
N LEU A 613 21.01 -4.87 -21.74
CA LEU A 613 21.93 -3.86 -22.23
C LEU A 613 22.54 -3.10 -21.08
N TRP A 614 23.88 -2.96 -21.11
CA TRP A 614 24.62 -2.17 -20.15
C TRP A 614 25.28 -1.07 -20.90
N GLU A 615 25.16 0.16 -20.42
CA GLU A 615 25.73 1.29 -21.11
C GLU A 615 26.81 1.97 -20.29
N ALA A 616 28.03 2.11 -20.90
CA ALA A 616 29.13 2.85 -20.31
C ALA A 616 28.85 4.32 -20.50
N GLN A 617 29.30 5.17 -19.56
CA GLN A 617 29.11 6.62 -19.70
C GLN A 617 29.82 7.06 -20.98
N PHE A 618 31.07 6.59 -21.12
CA PHE A 618 31.97 6.69 -22.27
C PHE A 618 32.63 5.36 -22.32
N GLY A 619 32.93 4.85 -23.51
CA GLY A 619 33.56 3.54 -23.65
C GLY A 619 34.92 3.44 -22.97
N ASP A 620 35.53 4.60 -22.69
CA ASP A 620 36.85 4.69 -22.04
C ASP A 620 36.83 4.08 -20.61
N PHE A 621 35.64 3.94 -20.00
CA PHE A 621 35.55 3.44 -18.61
C PHE A 621 35.30 1.95 -18.53
N VAL A 622 35.12 1.26 -19.67
CA VAL A 622 34.83 -0.19 -19.64
C VAL A 622 36.07 -0.98 -19.21
N ASN A 623 37.28 -0.39 -19.31
CA ASN A 623 38.48 -1.07 -18.85
C ASN A 623 38.43 -1.31 -17.29
N GLY A 624 37.51 -0.65 -16.60
CA GLY A 624 37.27 -0.86 -15.16
C GLY A 624 36.62 -2.22 -14.93
N ALA A 625 36.01 -2.78 -16.00
CA ALA A 625 35.39 -4.09 -15.99
C ALA A 625 36.19 -5.10 -16.86
N GLN A 626 37.53 -4.87 -17.03
CA GLN A 626 38.35 -5.75 -17.89
C GLN A 626 38.28 -7.24 -17.50
N SER A 627 38.29 -7.56 -16.19
CA SER A 627 38.17 -8.95 -15.71
C SER A 627 36.86 -9.58 -16.17
N ILE A 628 35.74 -8.84 -16.17
CA ILE A 628 34.46 -9.38 -16.64
C ILE A 628 34.53 -9.64 -18.13
N ILE A 629 35.00 -8.68 -18.92
CA ILE A 629 35.10 -8.80 -20.37
C ILE A 629 36.00 -10.01 -20.72
N ASP A 630 37.22 -10.07 -20.13
CA ASP A 630 38.16 -11.13 -20.39
C ASP A 630 37.73 -12.49 -19.86
N GLU A 631 37.18 -12.58 -18.63
CA GLU A 631 36.94 -13.88 -17.99
C GLU A 631 35.55 -14.47 -18.19
N PHE A 632 34.56 -13.64 -18.50
CA PHE A 632 33.18 -14.08 -18.61
C PHE A 632 32.60 -13.85 -19.98
N ILE A 633 32.51 -12.57 -20.41
CA ILE A 633 31.85 -12.15 -21.62
C ILE A 633 32.50 -12.73 -22.87
N SER A 634 33.80 -12.55 -23.09
CA SER A 634 34.42 -13.03 -24.32
C SER A 634 34.73 -14.52 -24.35
N SER A 635 34.84 -15.16 -23.19
CA SER A 635 35.35 -16.53 -23.11
C SER A 635 34.46 -17.55 -22.38
N GLY A 636 33.39 -17.10 -21.70
CA GLY A 636 32.50 -17.98 -20.94
C GLY A 636 31.91 -19.18 -21.68
N GLU A 637 31.61 -19.02 -22.98
CA GLU A 637 31.04 -20.09 -23.84
C GLU A 637 32.09 -21.18 -24.11
N ALA A 638 33.30 -20.79 -24.50
CA ALA A 638 34.40 -21.72 -24.79
C ALA A 638 34.84 -22.49 -23.53
N LYS A 639 34.94 -21.77 -22.41
CA LYS A 639 35.42 -22.37 -21.17
C LYS A 639 34.39 -23.25 -20.45
N TRP A 640 33.11 -22.83 -20.36
CA TRP A 640 32.14 -23.56 -19.54
C TRP A 640 30.86 -23.96 -20.25
N GLY A 641 30.70 -23.56 -21.51
CA GLY A 641 29.46 -23.77 -22.24
C GLY A 641 28.38 -22.84 -21.70
N GLN A 642 28.77 -21.79 -20.94
CA GLN A 642 27.86 -20.78 -20.35
C GLN A 642 27.56 -19.72 -21.40
N LEU A 643 26.29 -19.57 -21.77
CA LEU A 643 25.92 -18.60 -22.78
C LEU A 643 25.34 -17.31 -22.15
N SER A 644 25.68 -16.18 -22.77
CA SER A 644 25.23 -14.85 -22.38
C SER A 644 24.96 -14.04 -23.63
N ASP A 645 23.88 -13.27 -23.62
CA ASP A 645 23.47 -12.44 -24.73
C ASP A 645 23.60 -10.96 -24.34
N VAL A 646 24.42 -10.64 -23.32
CA VAL A 646 24.58 -9.28 -22.82
C VAL A 646 25.03 -8.29 -23.93
N VAL A 647 24.45 -7.09 -23.94
CA VAL A 647 24.80 -6.02 -24.88
C VAL A 647 25.61 -4.98 -24.12
N LEU A 648 26.79 -4.64 -24.62
CA LEU A 648 27.60 -3.55 -24.08
C LEU A 648 27.50 -2.37 -25.04
N LEU A 649 26.98 -1.24 -24.55
CA LEU A 649 26.85 0.03 -25.33
C LEU A 649 28.02 0.91 -24.93
N LEU A 650 28.93 1.17 -25.86
CA LEU A 650 30.17 1.91 -25.54
C LEU A 650 30.30 3.21 -26.36
N PRO A 651 29.93 4.38 -25.74
CA PRO A 651 30.03 5.67 -26.47
C PRO A 651 31.48 5.93 -26.87
N HIS A 652 31.69 6.17 -28.16
CA HIS A 652 32.99 6.19 -28.80
C HIS A 652 33.07 7.25 -29.89
N GLY A 653 34.25 7.85 -30.02
CA GLY A 653 34.48 8.82 -31.07
C GLY A 653 35.40 9.97 -30.71
N HIS A 654 36.24 10.39 -31.68
CA HIS A 654 37.20 11.49 -31.56
C HIS A 654 36.49 12.80 -31.76
N GLU A 655 36.32 13.57 -30.68
CA GLU A 655 35.57 14.84 -30.75
C GLU A 655 36.28 15.98 -30.01
N GLY A 656 37.48 15.71 -29.50
CA GLY A 656 38.24 16.71 -28.78
C GLY A 656 37.97 16.81 -27.30
N GLN A 657 37.34 15.79 -26.69
CA GLN A 657 37.04 15.82 -25.23
C GLN A 657 38.17 15.19 -24.36
N GLY A 658 39.28 14.79 -24.98
CA GLY A 658 40.39 14.26 -24.21
C GLY A 658 40.55 12.75 -24.32
N PRO A 659 41.70 12.22 -23.81
CA PRO A 659 41.99 10.77 -23.93
C PRO A 659 41.03 9.83 -23.19
N ASP A 660 40.25 10.31 -22.18
CA ASP A 660 39.29 9.48 -21.45
C ASP A 660 37.84 9.71 -21.89
N HIS A 661 37.63 10.48 -22.98
CA HIS A 661 36.28 10.70 -23.48
C HIS A 661 36.31 10.54 -24.99
N THR A 662 37.10 9.57 -25.46
CA THR A 662 37.27 9.36 -26.88
C THR A 662 37.09 7.90 -27.34
N SER A 663 37.75 6.91 -26.67
CA SER A 663 37.77 5.55 -27.19
C SER A 663 37.18 4.49 -26.30
N GLY A 664 36.45 3.56 -26.92
CA GLY A 664 35.92 2.37 -26.26
C GLY A 664 36.84 1.17 -26.44
N ARG A 665 38.07 1.42 -26.94
CA ARG A 665 39.17 0.47 -27.19
C ARG A 665 38.71 -0.69 -28.12
N ILE A 666 38.25 -0.33 -29.33
CA ILE A 666 37.78 -1.26 -30.38
C ILE A 666 38.83 -2.37 -30.64
N GLU A 667 40.11 -1.97 -30.73
CA GLU A 667 41.27 -2.81 -30.98
C GLU A 667 41.38 -3.94 -29.93
N ARG A 668 41.01 -3.67 -28.64
CA ARG A 668 41.03 -4.67 -27.57
C ARG A 668 39.92 -5.72 -27.75
N PHE A 669 38.68 -5.29 -28.05
CA PHE A 669 37.57 -6.22 -28.29
C PHE A 669 37.80 -7.07 -29.54
N LEU A 670 38.38 -6.47 -30.59
CA LEU A 670 38.72 -7.17 -31.84
C LEU A 670 39.82 -8.21 -31.60
N GLN A 671 40.74 -7.94 -30.67
CA GLN A 671 41.84 -8.84 -30.27
C GLN A 671 41.31 -10.02 -29.50
N LEU A 672 40.35 -9.75 -28.59
CA LEU A 672 39.65 -10.74 -27.77
C LEU A 672 38.79 -11.68 -28.61
N TRP A 673 38.20 -11.17 -29.70
CA TRP A 673 37.33 -11.95 -30.59
C TRP A 673 38.04 -13.16 -31.18
N ALA A 674 37.32 -14.29 -31.18
CA ALA A 674 37.68 -15.59 -31.79
C ALA A 674 36.47 -16.49 -31.70
N GLU A 675 36.39 -17.52 -32.57
CA GLU A 675 35.34 -18.57 -32.56
C GLU A 675 33.89 -17.99 -32.56
N GLY A 676 33.69 -16.83 -33.18
CA GLY A 676 32.40 -16.14 -33.20
C GLY A 676 31.80 -15.96 -31.82
N SER A 677 32.63 -15.71 -30.80
CA SER A 677 32.20 -15.59 -29.39
C SER A 677 31.30 -14.37 -29.15
N MET A 678 31.56 -13.28 -29.90
CA MET A 678 30.81 -12.03 -29.78
C MET A 678 30.56 -11.40 -31.13
N THR A 679 29.57 -10.52 -31.18
CA THR A 679 29.32 -9.67 -32.32
C THR A 679 29.87 -8.31 -31.92
N ILE A 680 30.62 -7.69 -32.82
CA ILE A 680 31.18 -6.36 -32.57
C ILE A 680 30.75 -5.46 -33.72
N ALA A 681 30.05 -4.37 -33.41
CA ALA A 681 29.57 -3.45 -34.42
C ALA A 681 29.82 -2.00 -34.06
N MET A 682 29.88 -1.16 -35.11
CA MET A 682 29.98 0.29 -35.00
C MET A 682 29.00 0.86 -36.05
N PRO A 683 27.70 0.87 -35.76
CA PRO A 683 26.72 1.32 -36.79
C PRO A 683 26.82 2.82 -37.05
N SER A 684 26.52 3.23 -38.31
CA SER A 684 26.59 4.63 -38.73
C SER A 684 25.24 5.30 -38.92
N THR A 685 24.15 4.51 -39.01
CA THR A 685 22.82 5.09 -39.17
C THR A 685 21.86 4.61 -38.05
N PRO A 686 20.89 5.46 -37.61
CA PRO A 686 19.92 5.03 -36.59
C PRO A 686 19.21 3.70 -36.96
N ALA A 687 18.73 3.54 -38.21
CA ALA A 687 18.04 2.34 -38.69
C ALA A 687 18.91 1.09 -38.59
N ASN A 688 20.21 1.20 -38.92
CA ASN A 688 21.11 0.04 -38.84
C ASN A 688 21.30 -0.36 -37.38
N TYR A 689 21.34 0.63 -36.47
CA TYR A 689 21.41 0.37 -35.03
C TYR A 689 20.15 -0.35 -34.56
N PHE A 690 18.96 0.14 -35.00
CA PHE A 690 17.64 -0.45 -34.71
C PHE A 690 17.59 -1.95 -35.11
N HIS A 691 18.01 -2.27 -36.35
CA HIS A 691 18.00 -3.63 -36.89
C HIS A 691 19.01 -4.51 -36.19
N LEU A 692 20.17 -3.94 -35.79
CA LEU A 692 21.22 -4.66 -35.05
C LEU A 692 20.68 -5.13 -33.70
N LEU A 693 19.98 -4.23 -32.97
CA LEU A 693 19.41 -4.57 -31.66
C LEU A 693 18.27 -5.57 -31.79
N ARG A 694 17.41 -5.42 -32.82
CA ARG A 694 16.31 -6.37 -33.03
C ARG A 694 16.84 -7.74 -33.44
N ARG A 695 17.87 -7.79 -34.33
CA ARG A 695 18.49 -9.06 -34.75
C ARG A 695 19.07 -9.74 -33.53
N HIS A 696 19.71 -8.98 -32.63
CA HIS A 696 20.30 -9.50 -31.41
C HIS A 696 19.25 -10.12 -30.48
N GLY A 697 18.12 -9.45 -30.29
CA GLY A 697 17.07 -9.96 -29.41
C GLY A 697 16.19 -11.06 -30.00
N LYS A 698 16.16 -11.20 -31.33
CA LYS A 698 15.27 -12.16 -32.00
C LYS A 698 15.97 -13.36 -32.66
N ASP A 699 17.31 -13.37 -32.76
CA ASP A 699 18.05 -14.43 -33.48
C ASP A 699 18.07 -15.79 -32.77
N GLY A 700 17.76 -15.82 -31.47
CA GLY A 700 17.80 -17.04 -30.66
C GLY A 700 19.19 -17.54 -30.31
N ILE A 701 20.23 -16.74 -30.61
CA ILE A 701 21.65 -17.03 -30.31
C ILE A 701 21.96 -16.32 -29.03
N GLN A 702 22.68 -16.98 -28.11
CA GLN A 702 23.04 -16.36 -26.85
C GLN A 702 24.51 -16.02 -26.91
N ARG A 703 24.82 -14.87 -27.52
CA ARG A 703 26.20 -14.40 -27.67
C ARG A 703 26.25 -12.90 -27.47
N PRO A 704 27.27 -12.43 -26.69
CA PRO A 704 27.34 -11.01 -26.38
C PRO A 704 27.49 -10.14 -27.62
N LEU A 705 26.96 -8.92 -27.53
CA LEU A 705 27.04 -7.94 -28.59
C LEU A 705 27.75 -6.70 -28.05
N ILE A 706 28.82 -6.29 -28.71
CA ILE A 706 29.58 -5.08 -28.34
C ILE A 706 29.24 -4.02 -29.37
N VAL A 707 28.67 -2.88 -28.92
CA VAL A 707 28.30 -1.80 -29.85
C VAL A 707 29.04 -0.50 -29.52
N PHE A 708 29.75 0.05 -30.51
CA PHE A 708 30.43 1.33 -30.40
C PHE A 708 29.42 2.38 -30.87
N THR A 709 28.91 3.16 -29.91
CA THR A 709 27.80 4.10 -30.11
C THR A 709 28.27 5.58 -30.23
N PRO A 710 27.48 6.46 -30.86
CA PRO A 710 27.90 7.85 -31.05
C PRO A 710 27.69 8.75 -29.85
N LYS A 711 28.21 9.99 -29.95
CA LYS A 711 28.12 11.06 -28.97
C LYS A 711 27.62 12.31 -29.72
N SER A 712 28.46 12.99 -30.52
CA SER A 712 28.06 14.17 -31.32
C SER A 712 27.14 13.75 -32.47
N MET A 713 27.42 12.57 -33.10
CA MET A 713 26.66 11.97 -34.19
C MET A 713 25.18 11.73 -33.78
N LEU A 714 24.90 11.74 -32.44
CA LEU A 714 23.51 11.66 -31.93
C LEU A 714 22.70 12.85 -32.47
N ARG A 715 23.36 14.01 -32.66
CA ARG A 715 22.72 15.24 -33.10
C ARG A 715 23.17 15.68 -34.50
N ASN A 716 23.81 14.78 -35.25
CA ASN A 716 24.21 15.03 -36.64
C ASN A 716 22.95 14.91 -37.52
N LYS A 717 22.55 16.00 -38.20
CA LYS A 717 21.34 16.05 -39.03
C LYS A 717 21.46 15.16 -40.27
N ALA A 718 22.69 14.78 -40.64
CA ALA A 718 22.93 13.86 -41.75
C ALA A 718 22.73 12.41 -41.29
N ALA A 719 22.94 12.14 -39.98
CA ALA A 719 22.83 10.81 -39.39
C ALA A 719 21.40 10.54 -38.93
N VAL A 720 20.45 10.53 -39.86
CA VAL A 720 19.04 10.29 -39.56
C VAL A 720 18.53 9.23 -40.55
N SER A 721 17.43 8.58 -40.19
CA SER A 721 16.88 7.53 -41.06
C SER A 721 15.44 7.77 -41.46
N ASP A 722 15.07 7.21 -42.62
CA ASP A 722 13.72 7.26 -43.16
C ASP A 722 12.89 6.14 -42.54
N ILE A 723 11.57 6.32 -42.46
CA ILE A 723 10.66 5.29 -41.91
C ILE A 723 10.80 3.95 -42.69
N ARG A 724 10.97 4.02 -44.03
CA ARG A 724 11.12 2.82 -44.86
C ARG A 724 12.36 1.97 -44.46
N ASP A 725 13.41 2.59 -43.86
CA ASP A 725 14.58 1.85 -43.38
C ASP A 725 14.23 0.96 -42.16
N PHE A 726 13.16 1.31 -41.41
CA PHE A 726 12.69 0.53 -40.26
C PHE A 726 11.62 -0.49 -40.65
N THR A 727 10.78 -0.14 -41.63
CA THR A 727 9.64 -0.95 -42.04
C THR A 727 9.90 -1.88 -43.25
N GLU A 728 10.88 -1.55 -44.11
CA GLU A 728 11.13 -2.33 -45.33
C GLU A 728 12.60 -2.72 -45.50
N SER A 729 13.42 -2.60 -44.47
CA SER A 729 14.82 -2.98 -44.60
C SER A 729 15.23 -4.00 -43.52
N LYS A 730 16.53 -4.27 -43.41
CA LYS A 730 17.14 -5.21 -42.47
C LYS A 730 18.54 -4.71 -42.11
N PHE A 731 19.25 -5.41 -41.23
CA PHE A 731 20.61 -5.06 -40.84
C PHE A 731 21.56 -5.21 -42.01
N ARG A 732 22.40 -4.19 -42.21
CA ARG A 732 23.38 -4.20 -43.29
C ARG A 732 24.75 -4.16 -42.66
N SER A 733 25.51 -5.25 -42.83
CA SER A 733 26.87 -5.40 -42.29
C SER A 733 27.87 -4.47 -43.02
N VAL A 734 27.61 -4.22 -44.30
CA VAL A 734 28.40 -3.34 -45.15
C VAL A 734 27.44 -2.32 -45.77
N LEU A 735 27.80 -1.03 -45.75
CA LEU A 735 26.96 0.02 -46.33
C LEU A 735 27.71 0.81 -47.38
N GLU A 736 27.04 1.02 -48.51
CA GLU A 736 27.52 1.83 -49.62
C GLU A 736 26.97 3.23 -49.46
N GLU A 737 27.47 4.20 -50.23
CA GLU A 737 26.91 5.55 -50.21
C GLU A 737 25.54 5.54 -50.87
N PRO A 738 24.54 6.24 -50.28
CA PRO A 738 23.18 6.29 -50.88
C PRO A 738 23.13 6.68 -52.36
N MET A 739 24.11 7.47 -52.83
CA MET A 739 24.19 7.92 -54.23
C MET A 739 24.37 6.73 -55.23
N TYR A 740 24.89 5.55 -54.79
CA TYR A 740 25.09 4.41 -55.70
C TYR A 740 23.97 3.37 -55.59
N THR A 741 23.29 3.31 -54.42
CA THR A 741 22.20 2.37 -54.19
C THR A 741 20.82 2.99 -54.46
N ASP A 742 20.64 4.27 -54.08
CA ASP A 742 19.36 4.96 -54.17
C ASP A 742 19.42 6.28 -54.96
N GLY A 743 20.56 6.53 -55.62
CA GLY A 743 20.79 7.76 -56.38
C GLY A 743 21.30 7.59 -57.80
N GLU A 744 21.82 8.71 -58.36
CA GLU A 744 22.32 8.76 -59.74
C GLU A 744 23.85 8.59 -59.85
N GLY A 745 24.49 8.18 -58.75
CA GLY A 745 25.94 7.96 -58.70
C GLY A 745 26.43 6.82 -59.57
N ASP A 746 27.61 7.02 -60.17
CA ASP A 746 28.26 6.03 -61.04
C ASP A 746 29.47 5.41 -60.34
N ARG A 747 29.39 4.09 -60.10
CA ARG A 747 30.41 3.25 -59.48
C ARG A 747 31.62 2.98 -60.41
N ASN A 748 31.46 3.20 -61.74
CA ASN A 748 32.56 2.95 -62.68
C ASN A 748 33.57 4.09 -62.71
N LYS A 749 33.17 5.29 -62.23
CA LYS A 749 34.07 6.45 -62.16
C LYS A 749 35.07 6.34 -60.98
N VAL A 750 34.77 5.46 -60.00
CA VAL A 750 35.57 5.31 -58.79
C VAL A 750 36.93 4.65 -59.06
N THR A 751 38.01 5.41 -58.74
CA THR A 751 39.41 4.98 -58.83
C THR A 751 40.00 4.71 -57.44
N ARG A 752 39.48 5.41 -56.39
CA ARG A 752 39.96 5.27 -55.01
C ARG A 752 38.86 4.81 -54.07
N LEU A 753 39.15 3.74 -53.31
CA LEU A 753 38.18 3.24 -52.35
C LEU A 753 38.57 3.56 -50.93
N LEU A 754 37.68 4.25 -50.21
CA LEU A 754 37.87 4.55 -48.79
C LEU A 754 36.97 3.64 -47.94
N LEU A 755 37.58 2.65 -47.26
CA LEU A 755 36.92 1.68 -46.38
C LEU A 755 36.93 2.23 -44.96
N THR A 756 35.76 2.32 -44.34
CA THR A 756 35.69 2.99 -43.04
C THR A 756 34.62 2.39 -42.13
N SER A 757 34.54 2.92 -40.90
CA SER A 757 33.54 2.53 -39.92
C SER A 757 33.24 3.72 -39.02
N GLY A 758 31.97 3.92 -38.73
CA GLY A 758 31.59 4.97 -37.78
C GLY A 758 31.34 6.36 -38.32
N LYS A 759 31.42 7.36 -37.43
CA LYS A 759 31.09 8.76 -37.70
C LYS A 759 32.00 9.45 -38.71
N ILE A 760 33.24 8.97 -38.93
CA ILE A 760 34.20 9.56 -39.88
C ILE A 760 33.59 9.54 -41.29
N TYR A 761 32.64 8.60 -41.56
CA TYR A 761 31.95 8.49 -42.84
C TYR A 761 31.32 9.82 -43.26
N TYR A 762 30.59 10.49 -42.35
CA TYR A 762 29.89 11.75 -42.65
C TYR A 762 30.86 12.87 -43.03
N GLU A 763 32.00 12.96 -42.35
CA GLU A 763 33.04 13.94 -42.60
C GLU A 763 33.68 13.69 -43.96
N LEU A 764 33.93 12.39 -44.30
CA LEU A 764 34.47 12.02 -45.61
C LEU A 764 33.45 12.28 -46.71
N ALA A 765 32.17 11.93 -46.47
CA ALA A 765 31.08 12.15 -47.45
C ALA A 765 30.89 13.64 -47.71
N ALA A 766 30.96 14.48 -46.65
CA ALA A 766 30.80 15.94 -46.77
C ALA A 766 31.92 16.53 -47.62
N ARG A 767 33.15 16.00 -47.47
CA ARG A 767 34.31 16.43 -48.24
C ARG A 767 34.17 16.02 -49.71
N LYS A 768 33.70 14.80 -49.96
CA LYS A 768 33.49 14.28 -51.31
C LYS A 768 32.48 15.17 -52.07
N ALA A 769 31.37 15.55 -51.40
CA ALA A 769 30.29 16.37 -51.96
C ALA A 769 30.78 17.79 -52.25
N LYS A 770 31.56 18.37 -51.31
CA LYS A 770 32.15 19.70 -51.39
C LYS A 770 33.08 19.80 -52.59
N GLU A 771 33.87 18.75 -52.87
CA GLU A 771 34.83 18.74 -53.96
C GLU A 771 34.33 18.00 -55.21
N ASN A 772 33.07 17.48 -55.18
CA ASN A 772 32.45 16.71 -56.28
C ASN A 772 33.40 15.57 -56.79
N ARG A 773 33.99 14.82 -55.84
CA ARG A 773 34.94 13.74 -56.15
C ARG A 773 34.21 12.45 -56.51
N GLU A 774 33.90 12.28 -57.80
CA GLU A 774 33.22 11.08 -58.31
C GLU A 774 34.20 9.90 -58.43
N ASP A 775 35.52 10.18 -58.31
CA ASP A 775 36.62 9.22 -58.39
C ASP A 775 36.83 8.48 -57.06
N VAL A 776 36.17 8.95 -55.99
CA VAL A 776 36.29 8.39 -54.65
C VAL A 776 34.94 7.82 -54.16
N ALA A 777 34.97 6.61 -53.57
CA ALA A 777 33.81 5.97 -52.93
C ALA A 777 34.14 5.61 -51.48
N ILE A 778 33.13 5.71 -50.61
CA ILE A 778 33.30 5.42 -49.18
C ILE A 778 32.41 4.24 -48.83
N VAL A 779 33.03 3.13 -48.42
CA VAL A 779 32.30 1.92 -48.02
C VAL A 779 32.39 1.77 -46.50
N ARG A 780 31.26 1.56 -45.84
CA ARG A 780 31.26 1.41 -44.37
C ARG A 780 31.16 -0.03 -43.95
N ILE A 781 32.00 -0.42 -42.98
CA ILE A 781 31.96 -1.74 -42.34
C ILE A 781 31.24 -1.52 -41.01
N GLU A 782 29.95 -1.92 -40.96
CA GLU A 782 29.07 -1.73 -39.80
C GLU A 782 29.31 -2.81 -38.76
N GLN A 783 29.54 -4.05 -39.22
CA GLN A 783 29.83 -5.19 -38.37
C GLN A 783 31.31 -5.46 -38.45
N LEU A 784 32.03 -5.19 -37.37
CA LEU A 784 33.48 -5.35 -37.33
C LEU A 784 33.88 -6.79 -37.09
N ALA A 785 33.08 -7.53 -36.30
CA ALA A 785 33.31 -8.95 -36.01
C ALA A 785 31.99 -9.69 -35.81
N PRO A 786 31.75 -10.85 -36.46
CA PRO A 786 32.63 -11.51 -37.47
C PRO A 786 32.70 -10.66 -38.73
N LEU A 787 33.86 -10.65 -39.42
CA LEU A 787 34.03 -9.86 -40.63
C LEU A 787 33.03 -10.32 -41.70
N PRO A 788 32.27 -9.38 -42.30
CA PRO A 788 31.30 -9.78 -43.34
C PRO A 788 32.03 -10.02 -44.66
N ARG A 789 32.82 -11.11 -44.71
CA ARG A 789 33.68 -11.47 -45.83
C ARG A 789 32.93 -11.47 -47.17
N ARG A 790 31.81 -12.24 -47.29
CA ARG A 790 31.03 -12.37 -48.53
C ARG A 790 30.45 -11.03 -48.95
N ARG A 791 29.87 -10.30 -47.99
CA ARG A 791 29.25 -9.00 -48.22
C ARG A 791 30.28 -7.96 -48.68
N LEU A 792 31.48 -7.97 -48.05
CA LEU A 792 32.58 -7.06 -48.41
C LEU A 792 33.06 -7.35 -49.83
N ALA A 793 33.26 -8.65 -50.17
CA ALA A 793 33.71 -9.06 -51.50
C ALA A 793 32.68 -8.69 -52.56
N GLU A 794 31.38 -8.94 -52.29
CA GLU A 794 30.30 -8.61 -53.22
C GLU A 794 30.22 -7.09 -53.46
N THR A 795 30.35 -6.27 -52.38
CA THR A 795 30.32 -4.81 -52.47
C THR A 795 31.49 -4.27 -53.30
N LEU A 796 32.73 -4.68 -52.99
CA LEU A 796 33.92 -4.20 -53.71
C LEU A 796 33.90 -4.54 -55.20
N ASP A 797 33.31 -5.69 -55.58
CA ASP A 797 33.20 -6.15 -56.97
C ASP A 797 32.37 -5.21 -57.83
N ARG A 798 31.55 -4.34 -57.19
CA ARG A 798 30.69 -3.35 -57.86
C ARG A 798 31.49 -2.11 -58.32
N TYR A 799 32.78 -2.01 -57.91
CA TYR A 799 33.69 -0.91 -58.26
C TYR A 799 34.86 -1.48 -59.10
N PRO A 800 34.66 -1.81 -60.39
CA PRO A 800 35.74 -2.46 -61.15
C PRO A 800 36.97 -1.61 -61.48
N ASN A 801 36.89 -0.27 -61.40
CA ASN A 801 38.00 0.59 -61.79
C ASN A 801 38.86 1.09 -60.62
N VAL A 802 38.73 0.45 -59.43
CA VAL A 802 39.49 0.83 -58.23
C VAL A 802 40.97 0.43 -58.43
N LYS A 803 41.85 1.44 -58.24
CA LYS A 803 43.29 1.32 -58.39
C LYS A 803 43.98 1.36 -57.03
N GLU A 804 43.29 1.86 -55.99
CA GLU A 804 43.83 1.93 -54.63
C GLU A 804 42.72 1.90 -53.58
N LYS A 805 42.95 1.14 -52.49
CA LYS A 805 42.03 0.98 -51.37
C LYS A 805 42.69 1.45 -50.09
N PHE A 806 41.97 2.25 -49.30
CA PHE A 806 42.49 2.73 -48.02
C PHE A 806 41.54 2.45 -46.88
N TRP A 807 42.10 1.97 -45.76
CA TRP A 807 41.36 1.85 -44.52
C TRP A 807 41.50 3.21 -43.85
N VAL A 808 40.39 3.90 -43.65
CA VAL A 808 40.45 5.24 -43.07
C VAL A 808 39.83 5.21 -41.67
N GLN A 809 40.55 5.73 -40.67
CA GLN A 809 40.04 5.77 -39.31
C GLN A 809 40.53 7.01 -38.54
N GLU A 810 39.75 7.41 -37.56
CA GLU A 810 40.01 8.50 -36.63
C GLU A 810 41.08 8.11 -35.61
N GLU A 811 41.06 6.85 -35.21
CA GLU A 811 41.85 6.32 -34.13
C GLU A 811 43.32 6.26 -34.47
N PRO A 812 44.20 6.43 -33.46
CA PRO A 812 45.65 6.23 -33.68
C PRO A 812 45.94 4.89 -34.38
N ALA A 813 47.05 4.80 -35.13
CA ALA A 813 47.46 3.64 -35.95
C ALA A 813 47.50 2.32 -35.16
N ASN A 814 47.88 2.36 -33.88
CA ASN A 814 47.97 1.16 -33.02
C ASN A 814 46.60 0.85 -32.35
N GLN A 815 45.56 1.64 -32.67
CA GLN A 815 44.22 1.49 -32.08
C GLN A 815 43.18 1.37 -33.19
N GLY A 816 41.90 1.31 -32.83
CA GLY A 816 40.83 1.18 -33.82
C GLY A 816 40.83 -0.16 -34.53
N ALA A 817 40.23 -0.22 -35.70
CA ALA A 817 40.13 -1.48 -36.41
C ALA A 817 41.40 -1.85 -37.19
N TRP A 818 42.29 -0.88 -37.50
CA TRP A 818 43.48 -1.18 -38.32
C TRP A 818 44.35 -2.34 -37.77
N PRO A 819 44.74 -2.40 -36.48
CA PRO A 819 45.61 -3.52 -36.02
C PRO A 819 45.08 -4.92 -36.39
N SER A 820 43.74 -5.12 -36.44
CA SER A 820 43.25 -6.42 -36.82
C SER A 820 42.96 -6.47 -38.33
N PHE A 821 42.28 -5.45 -38.90
CA PHE A 821 41.91 -5.36 -40.31
C PHE A 821 43.13 -5.30 -41.23
N GLY A 822 44.18 -4.57 -40.83
CA GLY A 822 45.40 -4.45 -41.63
C GLY A 822 46.09 -5.79 -41.83
N LEU A 823 45.84 -6.71 -40.91
CA LEU A 823 46.41 -8.04 -40.95
C LEU A 823 45.42 -9.06 -41.54
N THR A 824 44.15 -9.09 -41.09
CA THR A 824 43.16 -10.07 -41.52
C THR A 824 42.61 -9.82 -42.95
N LEU A 825 42.25 -8.55 -43.32
CA LEU A 825 41.68 -8.23 -44.64
C LEU A 825 42.55 -8.72 -45.81
N PRO A 826 43.89 -8.50 -45.87
CA PRO A 826 44.66 -9.05 -47.00
C PRO A 826 44.78 -10.59 -46.96
N GLU A 827 44.51 -11.23 -45.81
CA GLU A 827 44.59 -12.68 -45.64
C GLU A 827 43.30 -13.39 -46.07
N ILE A 828 42.13 -12.94 -45.56
CA ILE A 828 40.83 -13.54 -45.88
C ILE A 828 40.39 -13.18 -47.32
N LEU A 829 40.77 -11.98 -47.82
CA LEU A 829 40.42 -11.52 -49.17
C LEU A 829 41.67 -11.00 -49.90
N PRO A 830 42.60 -11.90 -50.30
CA PRO A 830 43.83 -11.45 -50.96
C PRO A 830 43.61 -10.75 -52.30
N ASP A 831 42.61 -11.18 -53.10
CA ASP A 831 42.37 -10.58 -54.42
C ASP A 831 41.76 -9.17 -54.31
N HIS A 832 41.15 -8.86 -53.17
CA HIS A 832 40.56 -7.56 -52.94
C HIS A 832 41.45 -6.65 -52.10
N PHE A 833 42.16 -7.18 -51.08
CA PHE A 833 42.88 -6.30 -50.16
C PHE A 833 44.42 -6.37 -50.16
N THR A 834 45.07 -7.02 -51.14
CA THR A 834 46.53 -6.96 -51.21
C THR A 834 46.88 -5.51 -51.60
N GLY A 835 47.70 -4.86 -50.78
CA GLY A 835 48.08 -3.48 -51.03
C GLY A 835 47.23 -2.47 -50.30
N LEU A 836 46.34 -2.93 -49.40
CA LEU A 836 45.49 -2.06 -48.58
C LEU A 836 46.37 -1.19 -47.69
N LYS A 837 46.16 0.13 -47.76
CA LYS A 837 46.93 1.07 -46.97
C LYS A 837 46.06 1.75 -45.90
N ARG A 838 46.70 2.33 -44.89
CA ARG A 838 46.04 2.93 -43.74
C ARG A 838 46.07 4.45 -43.75
N ILE A 839 44.95 5.07 -43.40
CA ILE A 839 44.84 6.52 -43.18
C ILE A 839 44.27 6.68 -41.77
N SER A 840 45.10 7.19 -40.87
CA SER A 840 44.76 7.34 -39.47
C SER A 840 45.63 8.33 -38.79
N ARG A 841 45.31 8.56 -37.49
CA ARG A 841 46.18 9.34 -36.61
C ARG A 841 47.45 8.51 -36.41
N ARG A 842 48.55 9.14 -36.03
CA ARG A 842 49.78 8.41 -35.69
C ARG A 842 49.53 7.45 -34.51
N ALA A 843 50.42 6.46 -34.30
CA ALA A 843 50.32 5.58 -33.14
C ALA A 843 50.54 6.43 -31.88
N MET A 844 49.71 6.23 -30.89
CA MET A 844 49.72 7.05 -29.68
C MET A 844 49.59 6.20 -28.47
N SER A 845 50.28 6.59 -27.39
CA SER A 845 50.24 5.95 -26.07
C SER A 845 48.87 6.16 -25.44
N ALA A 846 48.26 7.33 -25.61
CA ALA A 846 46.93 7.67 -25.08
C ALA A 846 45.91 7.56 -26.23
N PRO A 847 44.59 7.40 -26.00
CA PRO A 847 43.69 7.22 -27.14
C PRO A 847 43.52 8.47 -28.05
N SER A 848 43.87 9.69 -27.57
CA SER A 848 43.77 10.98 -28.29
C SER A 848 44.51 12.09 -27.54
N SER A 849 44.57 13.30 -28.13
CA SER A 849 45.23 14.43 -27.49
C SER A 849 44.27 15.10 -26.47
N GLY A 850 44.82 15.87 -25.53
CA GLY A 850 44.01 16.53 -24.50
C GLY A 850 43.34 17.83 -24.96
N SER A 851 43.85 18.43 -26.05
CA SER A 851 43.34 19.70 -26.58
C SER A 851 42.38 19.48 -27.75
N SER A 852 41.17 20.12 -27.70
CA SER A 852 40.20 20.02 -28.79
C SER A 852 40.72 20.70 -30.08
N LYS A 853 41.59 21.71 -29.95
CA LYS A 853 42.18 22.44 -31.07
C LYS A 853 43.17 21.51 -31.82
N VAL A 854 43.95 20.72 -31.06
CA VAL A 854 44.93 19.77 -31.59
C VAL A 854 44.16 18.61 -32.25
N HIS A 855 43.05 18.18 -31.63
CA HIS A 855 42.18 17.15 -32.21
C HIS A 855 41.72 17.61 -33.61
N ALA A 856 41.23 18.88 -33.69
CA ALA A 856 40.71 19.48 -34.91
C ALA A 856 41.74 19.49 -36.06
N VAL A 857 43.01 19.83 -35.75
CA VAL A 857 44.09 19.87 -36.75
C VAL A 857 44.39 18.44 -37.25
N GLU A 858 44.45 17.44 -36.34
CA GLU A 858 44.67 16.03 -36.68
C GLU A 858 43.52 15.49 -37.52
N GLN A 859 42.26 15.77 -37.13
CA GLN A 859 41.09 15.33 -37.88
C GLN A 859 41.10 15.84 -39.32
N GLN A 860 41.50 17.12 -39.55
CA GLN A 860 41.55 17.70 -40.90
C GLN A 860 42.66 17.06 -41.75
N GLU A 861 43.80 16.69 -41.13
CA GLU A 861 44.89 15.99 -41.80
C GLU A 861 44.45 14.63 -42.35
N ILE A 862 43.58 13.89 -41.60
CA ILE A 862 43.04 12.60 -42.06
C ILE A 862 42.21 12.85 -43.34
N LEU A 863 41.22 13.78 -43.29
CA LEU A 863 40.36 14.14 -44.43
C LEU A 863 41.19 14.61 -45.65
N ASP A 864 42.21 15.45 -45.42
CA ASP A 864 43.10 15.93 -46.50
C ASP A 864 43.91 14.79 -47.11
N THR A 865 44.34 13.80 -46.30
CA THR A 865 45.13 12.67 -46.80
C THR A 865 44.26 11.76 -47.67
N ALA A 866 43.03 11.46 -47.19
CA ALA A 866 42.06 10.61 -47.88
C ALA A 866 41.68 11.15 -49.26
N PHE A 867 41.67 12.48 -49.41
CA PHE A 867 41.29 13.12 -50.66
C PHE A 867 42.49 13.77 -51.39
N GLY A 868 43.71 13.49 -50.93
CA GLY A 868 44.95 13.96 -51.52
C GLY A 868 45.27 13.25 -52.82
N ASP B 6 18.26 4.16 39.63
CA ASP B 6 17.55 3.94 38.37
C ASP B 6 17.79 5.09 37.37
N LYS B 7 17.68 6.36 37.83
CA LYS B 7 17.87 7.58 37.04
C LYS B 7 19.30 7.64 36.48
N ASN B 8 20.33 7.37 37.31
CA ASN B 8 21.73 7.38 36.88
C ASN B 8 22.00 6.38 35.73
N ALA B 9 21.29 5.23 35.75
CA ALA B 9 21.41 4.21 34.72
C ALA B 9 20.78 4.67 33.41
N ARG B 10 19.66 5.42 33.49
CA ARG B 10 18.97 5.96 32.32
C ARG B 10 19.84 7.04 31.66
N VAL B 11 20.57 7.85 32.49
CA VAL B 11 21.50 8.90 32.07
C VAL B 11 22.69 8.30 31.28
N ILE B 12 23.30 7.19 31.75
CA ILE B 12 24.42 6.49 31.08
C ILE B 12 23.96 5.95 29.69
N GLU B 13 22.71 5.45 29.59
CA GLU B 13 22.12 4.96 28.33
C GLU B 13 21.97 6.12 27.35
N LEU B 14 21.55 7.32 27.86
CA LEU B 14 21.39 8.53 27.06
C LEU B 14 22.75 9.00 26.53
N ILE B 15 23.79 9.04 27.40
CA ILE B 15 25.16 9.41 27.03
C ILE B 15 25.64 8.50 25.87
N ALA B 16 25.43 7.18 25.98
CA ALA B 16 25.79 6.19 24.97
C ALA B 16 24.98 6.39 23.68
N ALA B 17 23.66 6.66 23.81
CA ALA B 17 22.76 6.89 22.66
C ALA B 17 23.24 8.07 21.79
N TYR B 18 23.71 9.16 22.41
CA TYR B 18 24.19 10.35 21.71
C TYR B 18 25.50 10.04 21.02
N ARG B 19 26.43 9.40 21.75
CA ARG B 19 27.73 8.99 21.21
C ARG B 19 27.60 8.02 20.05
N ASN B 20 26.63 7.07 20.13
CA ASN B 20 26.40 6.04 19.09
C ASN B 20 25.54 6.51 17.94
N ARG B 21 24.41 7.18 18.22
CA ARG B 21 23.42 7.53 17.20
C ARG B 21 23.08 9.01 17.04
N GLY B 22 23.72 9.90 17.79
CA GLY B 22 23.48 11.34 17.70
C GLY B 22 23.69 11.89 16.30
N HIS B 23 24.66 11.30 15.56
CA HIS B 23 24.99 11.68 14.18
C HIS B 23 23.79 11.53 13.23
N LEU B 24 22.83 10.64 13.53
CA LEU B 24 21.61 10.45 12.72
C LEU B 24 20.59 11.61 12.94
N MET B 25 20.80 12.47 13.95
CA MET B 25 19.92 13.61 14.23
C MET B 25 20.60 14.95 13.92
N ALA B 26 21.92 14.96 13.74
CA ALA B 26 22.71 16.18 13.53
C ALA B 26 22.27 16.93 12.26
N ASP B 27 22.23 18.26 12.34
CA ASP B 27 21.86 19.17 11.26
C ASP B 27 23.07 19.35 10.33
N ILE B 28 23.35 18.30 9.52
CA ILE B 28 24.50 18.22 8.63
C ILE B 28 24.16 18.61 7.18
N ASP B 29 22.91 18.45 6.73
CA ASP B 29 22.51 18.72 5.36
C ASP B 29 22.11 20.21 5.19
N PRO B 30 22.93 21.02 4.46
CA PRO B 30 22.57 22.44 4.25
C PRO B 30 21.32 22.66 3.40
N LEU B 31 20.77 21.60 2.79
CA LEU B 31 19.58 21.72 1.96
C LEU B 31 18.31 21.37 2.75
N ARG B 32 18.45 20.54 3.80
CA ARG B 32 17.34 20.07 4.65
C ARG B 32 16.29 19.32 3.80
N LEU B 33 16.80 18.47 2.89
CA LEU B 33 16.03 17.67 1.95
C LEU B 33 15.10 16.70 2.65
N ASP B 34 15.60 15.94 3.65
CA ASP B 34 14.79 14.97 4.38
C ASP B 34 14.03 15.66 5.52
N TRP B 54 12.73 18.28 34.58
CA TRP B 54 12.55 17.81 35.96
C TRP B 54 13.88 17.37 36.60
N ASP B 55 14.57 16.42 35.96
CA ASP B 55 15.84 15.84 36.38
C ASP B 55 17.04 16.56 35.79
N LEU B 56 16.80 17.60 34.93
CA LEU B 56 17.87 18.35 34.26
C LEU B 56 18.75 19.17 35.24
N ASP B 57 18.19 19.59 36.39
CA ASP B 57 18.96 20.33 37.40
C ASP B 57 19.64 19.36 38.41
N ARG B 58 19.29 18.06 38.38
CA ARG B 58 19.87 17.06 39.27
C ARG B 58 21.28 16.69 38.82
N GLU B 59 22.17 16.42 39.80
CA GLU B 59 23.56 16.03 39.56
C GLU B 59 23.68 14.52 39.40
N PHE B 60 24.50 14.07 38.44
CA PHE B 60 24.70 12.66 38.14
C PHE B 60 26.19 12.30 38.04
N LYS B 61 26.49 11.01 38.26
CA LYS B 61 27.84 10.46 38.21
C LYS B 61 28.27 10.23 36.76
N VAL B 62 29.39 10.84 36.36
CA VAL B 62 29.96 10.72 35.01
C VAL B 62 31.47 10.43 35.12
N GLY B 67 38.62 12.81 35.41
CA GLY B 67 38.27 11.69 36.26
C GLY B 67 36.78 11.59 36.57
N VAL B 68 36.44 10.78 37.60
CA VAL B 68 35.06 10.57 38.05
C VAL B 68 34.54 11.84 38.74
N GLN B 69 33.68 12.60 38.02
CA GLN B 69 33.11 13.86 38.51
C GLN B 69 31.58 13.85 38.45
N ARG B 70 30.95 14.71 39.27
CA ARG B 70 29.49 14.86 39.34
C ARG B 70 29.07 16.08 38.52
N LYS B 71 28.21 15.87 37.49
CA LYS B 71 27.73 16.96 36.63
C LYS B 71 26.20 16.97 36.50
N LYS B 72 25.61 18.17 36.36
CA LYS B 72 24.16 18.33 36.20
C LYS B 72 23.72 17.75 34.84
N LEU B 73 22.48 17.22 34.77
CA LEU B 73 21.94 16.60 33.56
C LEU B 73 21.84 17.60 32.40
N ARG B 74 21.47 18.87 32.71
CA ARG B 74 21.36 19.92 31.72
C ARG B 74 22.69 20.12 30.98
N ASP B 75 23.82 20.12 31.72
CA ASP B 75 25.17 20.32 31.21
C ASP B 75 25.65 19.09 30.44
N ILE B 76 25.29 17.87 30.90
CA ILE B 76 25.62 16.61 30.22
C ILE B 76 24.98 16.65 28.81
N LEU B 77 23.67 16.94 28.75
CA LEU B 77 22.87 17.02 27.55
C LEU B 77 23.33 18.13 26.59
N SER B 78 23.71 19.30 27.15
CA SER B 78 24.21 20.44 26.37
C SER B 78 25.48 20.06 25.63
N VAL B 79 26.40 19.37 26.34
CA VAL B 79 27.68 18.89 25.81
C VAL B 79 27.42 17.82 24.74
N LEU B 80 26.42 16.94 24.98
CA LEU B 80 26.09 15.88 24.04
C LEU B 80 25.47 16.47 22.75
N ARG B 81 24.54 17.44 22.88
CA ARG B 81 23.90 18.10 21.74
C ARG B 81 24.92 18.91 20.93
N ASP B 82 25.77 19.72 21.59
CA ASP B 82 26.81 20.49 20.90
C ASP B 82 27.81 19.60 20.14
N ALA B 83 28.23 18.48 20.77
CA ALA B 83 29.22 17.59 20.20
C ALA B 83 28.68 16.75 19.07
N TYR B 84 27.45 16.19 19.20
CA TYR B 84 26.94 15.19 18.27
C TYR B 84 25.68 15.51 17.48
N CYS B 85 24.94 16.58 17.83
CA CYS B 85 23.66 16.86 17.14
C CYS B 85 23.54 18.28 16.55
N ARG B 86 24.65 18.99 16.30
CA ARG B 86 24.57 20.32 15.70
C ARG B 86 25.01 20.19 14.24
N HIS B 87 26.11 20.84 13.82
CA HIS B 87 26.54 20.78 12.41
C HIS B 87 27.60 19.69 12.17
N VAL B 88 27.95 18.91 13.21
CA VAL B 88 28.93 17.84 13.07
C VAL B 88 28.34 16.52 13.58
N GLY B 89 28.31 15.53 12.69
CA GLY B 89 27.90 14.18 12.99
C GLY B 89 29.15 13.36 13.19
N VAL B 90 29.36 12.81 14.40
CA VAL B 90 30.59 12.07 14.69
C VAL B 90 30.32 10.56 14.77
N GLU B 91 31.01 9.78 13.93
CA GLU B 91 30.92 8.32 13.95
C GLU B 91 32.24 7.78 14.41
N TYR B 92 32.30 7.17 15.62
CA TYR B 92 33.56 6.69 16.15
C TYR B 92 33.42 5.47 17.10
N THR B 93 32.20 5.11 17.54
CA THR B 93 32.04 4.02 18.50
C THR B 93 32.29 2.64 17.86
N HIS B 94 32.49 2.57 16.53
CA HIS B 94 32.88 1.35 15.80
C HIS B 94 34.38 1.11 15.97
N ILE B 95 35.15 2.15 16.35
CA ILE B 95 36.60 2.02 16.54
C ILE B 95 36.88 1.07 17.71
N LEU B 96 37.60 -0.01 17.39
CA LEU B 96 37.92 -1.06 18.35
C LEU B 96 38.96 -0.63 19.37
N GLU B 97 39.86 0.29 19.05
CA GLU B 97 40.85 0.76 20.04
C GLU B 97 40.16 1.70 21.05
N PRO B 98 40.07 1.34 22.36
CA PRO B 98 39.36 2.22 23.33
C PRO B 98 40.00 3.59 23.50
N GLU B 99 41.34 3.65 23.43
CA GLU B 99 42.12 4.89 23.61
C GLU B 99 41.75 5.94 22.55
N GLN B 100 41.44 5.49 21.30
CA GLN B 100 41.05 6.35 20.17
C GLN B 100 39.65 6.89 20.42
N GLN B 101 38.74 6.06 20.98
CA GLN B 101 37.40 6.50 21.35
C GLN B 101 37.48 7.57 22.47
N ARG B 102 38.39 7.38 23.44
CA ARG B 102 38.57 8.34 24.53
C ARG B 102 39.14 9.67 23.99
N TRP B 103 40.12 9.58 23.07
CA TRP B 103 40.77 10.75 22.46
C TRP B 103 39.72 11.66 21.77
N ILE B 104 38.84 11.06 20.93
CA ILE B 104 37.81 11.79 20.19
C ILE B 104 36.82 12.41 21.18
N GLN B 105 36.28 11.57 22.08
CA GLN B 105 35.33 11.91 23.15
C GLN B 105 35.79 13.15 23.93
N GLU B 106 37.06 13.17 24.37
CA GLU B 106 37.65 14.28 25.14
C GLU B 106 37.73 15.58 24.35
N ARG B 107 38.04 15.51 23.04
CA ARG B 107 38.18 16.70 22.19
C ARG B 107 36.85 17.20 21.62
N VAL B 108 35.86 16.32 21.54
CA VAL B 108 34.55 16.61 20.96
C VAL B 108 33.53 17.02 22.06
N GLU B 109 33.60 16.42 23.25
CA GLU B 109 32.67 16.69 24.35
C GLU B 109 33.15 17.80 25.30
N THR B 110 33.82 18.83 24.78
CA THR B 110 34.27 19.97 25.59
C THR B 110 33.89 21.27 24.91
N LYS B 111 33.91 22.37 25.67
CA LYS B 111 33.61 23.71 25.14
C LYS B 111 34.72 24.10 24.15
N HIS B 112 34.33 24.48 22.95
CA HIS B 112 35.31 24.88 21.92
C HIS B 112 35.40 26.40 21.88
N ASP B 113 36.64 26.91 21.95
CA ASP B 113 36.92 28.35 21.91
C ASP B 113 36.57 28.88 20.51
N LYS B 114 35.74 29.95 20.48
CA LYS B 114 35.29 30.61 19.24
C LYS B 114 36.50 31.16 18.46
N PRO B 115 36.48 31.13 17.10
CA PRO B 115 37.66 31.65 16.37
C PRO B 115 37.76 33.17 16.51
N THR B 116 38.98 33.71 16.42
CA THR B 116 39.20 35.16 16.51
C THR B 116 38.63 35.80 15.24
N VAL B 117 38.32 37.11 15.31
CA VAL B 117 37.78 37.88 14.18
C VAL B 117 38.75 37.71 12.97
N ALA B 118 40.10 37.77 13.23
CA ALA B 118 41.15 37.60 12.23
C ALA B 118 41.03 36.25 11.52
N GLU B 119 40.81 35.17 12.28
CA GLU B 119 40.64 33.80 11.77
C GLU B 119 39.37 33.69 10.94
N GLN B 120 38.27 34.33 11.39
CA GLN B 120 36.99 34.37 10.69
C GLN B 120 37.15 35.10 9.36
N LYS B 121 37.85 36.26 9.39
CA LYS B 121 38.13 37.08 8.21
C LYS B 121 38.96 36.27 7.21
N TYR B 122 39.91 35.47 7.72
CA TYR B 122 40.78 34.62 6.91
C TYR B 122 39.92 33.56 6.19
N ILE B 123 38.95 32.96 6.89
CA ILE B 123 38.05 31.98 6.33
C ILE B 123 37.21 32.65 5.20
N LEU B 124 36.67 33.87 5.47
CA LEU B 124 35.92 34.61 4.47
C LEU B 124 36.77 34.89 3.22
N SER B 125 38.06 35.29 3.39
CA SER B 125 38.98 35.52 2.28
C SER B 125 39.08 34.25 1.39
N LYS B 126 39.12 33.05 2.02
CA LYS B 126 39.17 31.77 1.31
C LYS B 126 37.85 31.52 0.54
N LEU B 127 36.68 31.81 1.19
CA LEU B 127 35.36 31.69 0.57
C LEU B 127 35.20 32.70 -0.56
N ASN B 128 35.81 33.89 -0.41
CA ASN B 128 35.78 34.96 -1.40
C ASN B 128 36.51 34.52 -2.67
N ALA B 129 37.78 34.09 -2.52
CA ALA B 129 38.62 33.59 -3.61
C ALA B 129 37.93 32.43 -4.36
N ALA B 130 37.30 31.49 -3.60
CA ALA B 130 36.63 30.29 -4.12
C ALA B 130 35.45 30.62 -5.00
N GLU B 131 34.53 31.45 -4.52
CA GLU B 131 33.33 31.80 -5.28
C GLU B 131 33.65 32.78 -6.38
N ALA B 132 34.60 33.72 -6.17
CA ALA B 132 34.89 34.72 -7.21
C ALA B 132 35.63 34.13 -8.38
N PHE B 133 36.49 33.10 -8.15
CA PHE B 133 37.19 32.39 -9.21
C PHE B 133 36.14 31.70 -10.12
N GLU B 134 35.14 31.03 -9.50
CA GLU B 134 34.10 30.30 -10.23
C GLU B 134 33.21 31.25 -11.01
N THR B 135 32.80 32.39 -10.40
CA THR B 135 31.93 33.39 -11.03
C THR B 135 32.66 34.12 -12.12
N PHE B 136 34.01 34.27 -12.01
CA PHE B 136 34.80 34.95 -13.04
C PHE B 136 34.85 34.11 -14.32
N LEU B 137 35.05 32.79 -14.17
CA LEU B 137 35.11 31.87 -15.32
C LEU B 137 33.73 31.69 -15.94
N GLN B 138 32.65 31.78 -15.16
CA GLN B 138 31.30 31.70 -15.71
C GLN B 138 31.10 32.89 -16.66
N THR B 139 31.52 34.09 -16.24
CA THR B 139 31.40 35.36 -16.98
C THR B 139 32.30 35.36 -18.24
N LYS B 140 33.56 34.89 -18.13
CA LYS B 140 34.51 34.89 -19.24
C LYS B 140 34.38 33.67 -20.17
N TYR B 141 34.34 32.47 -19.60
CA TYR B 141 34.30 31.27 -20.41
C TYR B 141 33.00 30.54 -20.22
N VAL B 142 31.89 31.22 -20.56
CA VAL B 142 30.51 30.71 -20.43
C VAL B 142 30.35 29.29 -21.05
N GLY B 143 31.02 29.04 -22.19
CA GLY B 143 30.95 27.76 -22.90
C GLY B 143 32.02 26.72 -22.60
N GLN B 144 32.80 26.89 -21.50
CA GLN B 144 33.83 25.87 -21.23
C GLN B 144 33.54 25.18 -19.91
N LYS B 145 33.65 23.85 -19.95
CA LYS B 145 33.47 22.92 -18.84
C LYS B 145 34.57 23.18 -17.80
N ARG B 146 34.20 23.39 -16.53
CA ARG B 146 35.19 23.63 -15.47
C ARG B 146 34.87 22.87 -14.16
N PHE B 147 33.73 22.13 -14.08
CA PHE B 147 33.30 21.35 -12.91
C PHE B 147 33.40 22.18 -11.63
N SER B 148 32.59 23.26 -11.62
CA SER B 148 32.53 24.27 -10.57
C SER B 148 32.26 23.70 -9.20
N LEU B 149 32.84 24.36 -8.20
CA LEU B 149 32.76 24.04 -6.79
C LEU B 149 31.63 24.85 -6.12
N GLU B 150 30.81 25.57 -6.89
CA GLU B 150 29.72 26.36 -6.36
C GLU B 150 28.78 25.47 -5.60
N GLY B 151 28.47 25.88 -4.35
CA GLY B 151 27.67 25.12 -3.42
C GLY B 151 28.50 24.31 -2.45
N ALA B 152 29.83 24.19 -2.73
CA ALA B 152 30.82 23.43 -1.94
C ALA B 152 32.06 24.28 -1.63
N GLU B 153 31.92 25.64 -1.60
CA GLU B 153 33.05 26.53 -1.43
C GLU B 153 33.86 26.28 -0.19
N THR B 154 33.21 25.77 0.87
CA THR B 154 33.83 25.47 2.16
C THR B 154 34.98 24.46 2.02
N VAL B 155 35.06 23.72 0.89
CA VAL B 155 36.15 22.79 0.60
C VAL B 155 37.52 23.53 0.67
N ILE B 156 37.57 24.77 0.14
CA ILE B 156 38.77 25.60 0.09
C ILE B 156 39.21 25.95 1.52
N PRO B 157 38.43 26.68 2.39
CA PRO B 157 38.95 26.92 3.76
C PRO B 157 39.21 25.61 4.54
N MET B 158 38.43 24.54 4.29
CA MET B 158 38.64 23.24 4.96
C MET B 158 40.02 22.66 4.61
N MET B 159 40.39 22.62 3.31
CA MET B 159 41.70 22.09 2.84
C MET B 159 42.82 22.96 3.38
N ASP B 160 42.60 24.28 3.42
CA ASP B 160 43.55 25.24 3.96
C ASP B 160 43.82 24.92 5.44
N ALA B 161 42.76 24.53 6.20
CA ALA B 161 42.92 24.20 7.62
C ALA B 161 43.70 22.87 7.78
N VAL B 162 43.44 21.87 6.90
CA VAL B 162 44.17 20.57 6.90
C VAL B 162 45.69 20.84 6.73
N ILE B 163 46.05 21.61 5.70
CA ILE B 163 47.44 21.94 5.35
C ILE B 163 48.09 22.80 6.47
N ASP B 164 47.34 23.79 6.97
CA ASP B 164 47.83 24.65 8.05
C ASP B 164 48.08 23.84 9.32
N GLN B 165 47.21 22.87 9.61
CA GLN B 165 47.37 22.02 10.78
C GLN B 165 48.59 21.10 10.61
N CYS B 166 48.89 20.66 9.37
CA CYS B 166 50.07 19.82 9.05
C CYS B 166 51.36 20.62 9.26
N ALA B 167 51.32 21.92 8.89
CA ALA B 167 52.44 22.85 9.07
C ALA B 167 52.67 23.11 10.56
N GLU B 168 51.56 23.15 11.36
CA GLU B 168 51.59 23.34 12.79
C GLU B 168 52.31 22.15 13.46
N HIS B 169 52.10 20.92 12.96
CA HIS B 169 52.77 19.70 13.45
C HIS B 169 54.22 19.60 12.90
N GLY B 170 54.65 20.60 12.14
CA GLY B 170 55.99 20.67 11.56
C GLY B 170 56.28 19.62 10.51
N LEU B 171 55.23 19.15 9.80
CA LEU B 171 55.37 18.12 8.77
C LEU B 171 56.03 18.71 7.51
N ASP B 172 56.52 17.83 6.61
CA ASP B 172 57.29 18.24 5.43
C ASP B 172 56.46 18.51 4.17
N GLU B 173 55.46 17.69 3.90
CA GLU B 173 54.69 17.86 2.68
C GLU B 173 53.29 17.32 2.82
N VAL B 174 52.36 17.93 2.07
CA VAL B 174 51.00 17.44 1.90
C VAL B 174 50.90 17.08 0.42
N VAL B 175 50.55 15.82 0.11
CA VAL B 175 50.41 15.41 -1.30
C VAL B 175 48.89 15.20 -1.54
N ILE B 176 48.34 15.92 -2.51
CA ILE B 176 46.91 15.87 -2.81
C ILE B 176 46.62 15.06 -4.05
N ALA B 177 45.49 14.34 -3.99
CA ALA B 177 44.87 13.67 -5.11
C ALA B 177 43.40 14.00 -5.02
N MET B 178 42.80 14.34 -6.14
CA MET B 178 41.40 14.71 -6.17
C MET B 178 40.79 14.47 -7.53
N PRO B 179 39.43 14.41 -7.63
CA PRO B 179 38.79 14.31 -8.95
C PRO B 179 38.58 15.71 -9.56
N HIS B 180 37.53 15.85 -10.40
CA HIS B 180 37.19 17.07 -11.16
C HIS B 180 36.59 18.17 -10.29
N ARG B 181 35.76 17.84 -9.28
CA ARG B 181 35.00 18.82 -8.49
C ARG B 181 35.87 19.89 -7.81
N GLY B 182 35.83 21.11 -8.37
CA GLY B 182 36.59 22.26 -7.89
C GLY B 182 38.09 22.14 -8.00
N ARG B 183 38.57 21.32 -8.98
CA ARG B 183 39.99 21.02 -9.25
C ARG B 183 40.77 22.33 -9.58
N LEU B 184 40.25 23.11 -10.52
CA LEU B 184 40.87 24.37 -10.92
C LEU B 184 40.92 25.35 -9.73
N ASN B 185 39.86 25.35 -8.91
CA ASN B 185 39.76 26.19 -7.71
C ASN B 185 40.85 25.81 -6.71
N VAL B 186 41.05 24.50 -6.50
CA VAL B 186 42.08 23.96 -5.60
C VAL B 186 43.49 24.36 -6.10
N LEU B 187 43.77 24.11 -7.40
CA LEU B 187 45.04 24.44 -8.05
C LEU B 187 45.40 25.90 -7.88
N ALA B 188 44.41 26.81 -8.08
CA ALA B 188 44.63 28.23 -7.96
C ALA B 188 44.67 28.74 -6.51
N ASN B 189 43.80 28.24 -5.62
CA ASN B 189 43.62 28.80 -4.27
C ASN B 189 44.25 28.03 -3.11
N ILE B 190 44.71 26.81 -3.35
CA ILE B 190 45.35 25.96 -2.31
C ILE B 190 46.81 25.68 -2.76
N VAL B 191 47.01 25.11 -3.96
CA VAL B 191 48.34 24.71 -4.40
C VAL B 191 49.17 25.92 -4.84
N GLY B 192 48.58 26.85 -5.58
CA GLY B 192 49.28 28.06 -6.01
C GLY B 192 49.60 28.15 -7.49
N LYS B 193 48.99 27.26 -8.29
CA LYS B 193 49.11 27.27 -9.76
C LYS B 193 48.69 28.66 -10.27
N PRO B 194 49.56 29.35 -11.06
CA PRO B 194 49.21 30.71 -11.50
C PRO B 194 47.90 30.76 -12.27
N TYR B 195 47.14 31.82 -11.98
CA TYR B 195 45.88 32.13 -12.62
C TYR B 195 46.09 32.27 -14.11
N SER B 196 47.27 32.83 -14.47
CA SER B 196 47.66 33.10 -15.85
C SER B 196 47.75 31.81 -16.61
N GLN B 197 48.31 30.75 -15.95
CA GLN B 197 48.40 29.42 -16.52
C GLN B 197 46.98 28.82 -16.70
N ILE B 198 46.11 28.94 -15.67
CA ILE B 198 44.73 28.43 -15.75
C ILE B 198 43.96 29.19 -16.88
N PHE B 199 44.06 30.54 -16.97
CA PHE B 199 43.37 31.31 -18.03
C PHE B 199 43.86 30.96 -19.44
N SER B 200 45.20 30.83 -19.60
CA SER B 200 45.85 30.49 -20.87
C SER B 200 45.35 29.14 -21.41
N GLU B 201 44.91 28.24 -20.51
CA GLU B 201 44.36 26.93 -20.84
C GLU B 201 42.92 27.07 -21.40
N PHE B 202 42.13 27.94 -20.78
CA PHE B 202 40.78 28.24 -21.21
C PHE B 202 40.81 29.00 -22.54
N GLU B 203 41.91 29.75 -22.81
CA GLU B 203 42.10 30.51 -24.04
C GLU B 203 42.50 29.59 -25.19
N GLY B 204 42.88 28.36 -24.87
CA GLY B 204 43.28 27.35 -25.85
C GLY B 204 44.59 27.66 -26.54
N ASN B 205 45.41 28.51 -25.88
CA ASN B 205 46.72 28.94 -26.35
C ASN B 205 47.80 28.52 -25.35
N LEU B 206 48.60 27.51 -25.74
CA LEU B 206 49.66 26.96 -24.90
C LEU B 206 51.04 27.14 -25.51
N ASN B 207 52.02 27.61 -24.69
CA ASN B 207 53.42 27.80 -25.09
C ASN B 207 54.09 26.46 -25.37
N ALA B 211 50.89 22.16 -26.55
CA ALA B 211 52.03 21.94 -25.67
C ALA B 211 52.55 20.48 -25.79
N HIS B 212 53.77 20.21 -25.26
CA HIS B 212 54.53 18.95 -25.30
C HIS B 212 53.70 17.69 -24.96
N GLY B 213 53.90 16.64 -25.76
CA GLY B 213 53.17 15.37 -25.64
C GLY B 213 51.73 15.53 -26.11
N SER B 214 50.89 14.52 -25.89
CA SER B 214 49.50 14.59 -26.31
C SER B 214 48.63 15.35 -25.30
N GLY B 215 49.12 15.52 -24.06
CA GLY B 215 48.43 16.27 -23.01
C GLY B 215 47.11 15.70 -22.51
N ASP B 216 46.41 16.45 -21.66
CA ASP B 216 45.13 16.09 -21.05
C ASP B 216 44.38 17.33 -20.69
N VAL B 217 43.10 17.17 -20.36
CA VAL B 217 42.19 18.24 -19.96
C VAL B 217 42.71 18.91 -18.66
N LYS B 218 42.40 20.20 -18.52
CA LYS B 218 42.84 21.11 -17.46
C LYS B 218 42.47 20.64 -16.04
N TYR B 219 41.40 19.86 -15.90
CA TYR B 219 41.00 19.41 -14.57
C TYR B 219 41.59 18.00 -14.26
N HIS B 220 42.73 17.64 -14.89
CA HIS B 220 43.48 16.42 -14.68
C HIS B 220 44.89 16.74 -14.29
N LEU B 221 45.23 18.03 -14.35
CA LEU B 221 46.55 18.56 -14.12
C LEU B 221 46.89 18.73 -12.67
N GLY B 222 48.18 18.62 -12.39
CA GLY B 222 48.74 18.81 -11.06
C GLY B 222 49.59 20.06 -10.96
N ALA B 223 50.04 20.34 -9.74
CA ALA B 223 50.92 21.49 -9.46
C ALA B 223 51.67 21.27 -8.14
N THR B 224 52.69 22.08 -7.89
CA THR B 224 53.50 22.04 -6.66
C THR B 224 53.71 23.45 -6.14
N GLY B 225 53.88 23.59 -4.84
CA GLY B 225 54.10 24.89 -4.21
C GLY B 225 54.48 24.81 -2.75
N THR B 226 54.63 25.97 -2.11
CA THR B 226 54.98 26.09 -0.69
C THR B 226 53.89 26.87 0.01
N TYR B 227 53.26 26.24 1.01
CA TYR B 227 52.24 26.89 1.82
C TYR B 227 52.93 27.59 2.96
N ILE B 228 52.58 28.85 3.19
CA ILE B 228 53.13 29.62 4.30
C ILE B 228 52.00 29.89 5.31
N GLN B 229 52.20 29.54 6.58
CA GLN B 229 51.15 29.78 7.60
C GLN B 229 50.82 31.25 7.74
N MET B 230 49.52 31.57 7.81
CA MET B 230 48.99 32.91 7.98
C MET B 230 49.26 33.40 9.42
N PHE B 231 48.97 32.58 10.45
CA PHE B 231 49.16 32.97 11.86
C PHE B 231 50.27 32.17 12.56
N GLY B 232 51.03 31.40 11.80
CA GLY B 232 52.13 30.60 12.32
C GLY B 232 53.44 30.97 11.66
N ASP B 233 54.52 30.30 12.08
CA ASP B 233 55.86 30.55 11.58
C ASP B 233 56.38 29.44 10.67
N ASN B 234 55.55 28.43 10.39
CA ASN B 234 55.98 27.29 9.58
C ASN B 234 55.49 27.34 8.16
N ASP B 235 56.19 26.60 7.30
CA ASP B 235 55.88 26.42 5.90
C ASP B 235 55.84 24.92 5.60
N ILE B 236 55.16 24.53 4.52
CA ILE B 236 55.05 23.14 4.15
C ILE B 236 54.90 23.06 2.62
N GLU B 237 55.46 21.99 2.03
CA GLU B 237 55.33 21.74 0.59
C GLU B 237 53.91 21.23 0.31
N VAL B 238 53.29 21.69 -0.77
CA VAL B 238 51.95 21.26 -1.15
C VAL B 238 52.01 20.83 -2.60
N SER B 239 51.70 19.56 -2.85
CA SER B 239 51.76 18.98 -4.18
C SER B 239 50.38 18.40 -4.58
N LEU B 240 50.04 18.47 -5.85
CA LEU B 240 48.81 17.88 -6.35
C LEU B 240 49.16 16.95 -7.50
N THR B 241 48.75 15.68 -7.42
CA THR B 241 49.13 14.72 -8.43
C THR B 241 48.15 14.70 -9.63
N ALA B 242 48.67 14.28 -10.79
CA ALA B 242 47.87 14.19 -12.01
C ALA B 242 46.97 12.94 -11.94
N ASN B 243 45.93 12.87 -12.77
CA ASN B 243 45.03 11.72 -12.76
C ASN B 243 44.18 11.67 -14.00
N PRO B 244 43.62 10.48 -14.36
CA PRO B 244 42.71 10.43 -15.51
C PRO B 244 41.26 10.70 -15.08
N SER B 245 40.31 10.52 -16.03
CA SER B 245 38.89 10.71 -15.73
C SER B 245 38.40 9.65 -14.78
N HIS B 246 39.01 8.44 -14.87
CA HIS B 246 38.70 7.27 -14.07
C HIS B 246 38.79 7.63 -12.62
N LEU B 247 37.61 7.81 -12.05
CA LEU B 247 37.38 8.21 -10.69
C LEU B 247 37.89 7.19 -9.71
N GLU B 248 38.68 7.74 -8.75
CA GLU B 248 39.26 7.04 -7.62
C GLU B 248 40.46 6.18 -8.03
N ALA B 249 40.80 6.02 -9.35
CA ALA B 249 41.95 5.21 -9.77
C ALA B 249 43.29 5.75 -9.18
N VAL B 250 43.37 7.07 -8.95
CA VAL B 250 44.57 7.74 -8.42
C VAL B 250 44.78 7.46 -6.92
N ASP B 251 43.77 6.97 -6.18
CA ASP B 251 43.87 6.70 -4.72
C ASP B 251 45.13 5.82 -4.30
N PRO B 252 45.40 4.64 -4.92
CA PRO B 252 46.58 3.87 -4.54
C PRO B 252 47.87 4.50 -5.02
N VAL B 253 47.78 5.28 -6.13
CA VAL B 253 48.88 6.01 -6.77
C VAL B 253 49.39 7.08 -5.81
N LEU B 254 48.45 7.82 -5.16
CA LEU B 254 48.78 8.83 -4.15
C LEU B 254 49.52 8.19 -2.97
N GLU B 255 48.98 7.08 -2.46
CA GLU B 255 49.57 6.28 -1.36
C GLU B 255 50.99 5.85 -1.73
N GLY B 256 51.17 5.35 -2.96
CA GLY B 256 52.48 4.92 -3.43
C GLY B 256 53.49 6.04 -3.44
N LEU B 257 53.04 7.20 -3.99
CA LEU B 257 53.76 8.46 -4.12
C LEU B 257 54.23 8.95 -2.74
N VAL B 258 53.28 9.07 -1.80
CA VAL B 258 53.53 9.47 -0.43
C VAL B 258 54.53 8.48 0.20
N ARG B 259 54.30 7.14 0.06
CA ARG B 259 55.19 6.11 0.66
C ARG B 259 56.65 6.25 0.17
N ALA B 260 56.83 6.51 -1.13
CA ALA B 260 58.17 6.70 -1.68
C ALA B 260 58.87 7.92 -1.08
N LYS B 261 58.13 9.06 -0.96
CA LYS B 261 58.61 10.30 -0.35
C LYS B 261 58.94 10.08 1.11
N GLN B 262 58.09 9.33 1.85
CA GLN B 262 58.31 9.03 3.27
C GLN B 262 59.56 8.16 3.47
N ASP B 263 59.80 7.20 2.56
CA ASP B 263 60.98 6.34 2.61
C ASP B 263 62.28 7.18 2.34
N LEU B 264 62.22 8.18 1.43
CA LEU B 264 63.35 9.07 1.12
C LEU B 264 63.74 9.95 2.31
N LEU B 265 62.73 10.42 3.05
CA LEU B 265 62.91 11.30 4.21
C LEU B 265 63.23 10.52 5.47
N ASP B 266 63.33 9.19 5.40
CA ASP B 266 63.63 8.34 6.57
C ASP B 266 62.54 8.57 7.65
N THR B 267 61.29 8.78 7.20
CA THR B 267 60.13 8.97 8.07
C THR B 267 59.16 7.81 7.82
N GLY B 268 58.33 7.50 8.80
CA GLY B 268 57.38 6.42 8.65
C GLY B 268 57.88 5.01 8.86
N GLU B 269 57.21 4.04 8.19
CA GLU B 269 57.40 2.59 8.29
C GLU B 269 58.85 2.13 8.07
N GLU B 270 59.49 2.55 6.97
CA GLU B 270 60.87 2.18 6.70
C GLU B 270 61.86 3.26 7.20
N GLY B 271 61.35 4.22 7.97
CA GLY B 271 62.14 5.33 8.51
C GLY B 271 62.40 5.25 10.00
N SER B 272 63.55 5.84 10.44
CA SER B 272 64.02 5.90 11.82
C SER B 272 62.99 6.59 12.73
N ASP B 273 62.46 7.76 12.30
CA ASP B 273 61.44 8.48 13.05
C ASP B 273 60.04 8.04 12.59
N ASN B 274 59.09 8.03 13.53
CA ASN B 274 57.71 7.61 13.32
C ASN B 274 56.82 8.83 13.03
N ARG B 275 57.28 9.77 12.17
CA ARG B 275 56.52 10.99 11.89
C ARG B 275 55.54 10.86 10.73
N PHE B 276 55.83 10.00 9.69
CA PHE B 276 55.00 9.90 8.46
C PHE B 276 54.69 11.34 8.00
N SER B 277 55.76 12.15 7.97
CA SER B 277 55.84 13.58 7.73
C SER B 277 55.38 14.02 6.34
N VAL B 278 54.94 13.10 5.48
CA VAL B 278 54.37 13.39 4.16
C VAL B 278 52.91 12.92 4.27
N VAL B 279 51.94 13.84 4.09
CA VAL B 279 50.51 13.59 4.31
C VAL B 279 49.67 13.41 3.03
N PRO B 280 49.06 12.23 2.87
CA PRO B 280 48.14 12.07 1.75
C PRO B 280 46.82 12.76 2.10
N LEU B 281 46.42 13.71 1.26
CA LEU B 281 45.15 14.40 1.37
C LEU B 281 44.35 13.98 0.13
N MET B 282 43.35 13.13 0.34
CA MET B 282 42.59 12.53 -0.75
C MET B 282 41.18 13.06 -0.77
N LEU B 283 40.79 13.69 -1.89
CA LEU B 283 39.44 14.22 -2.06
C LEU B 283 38.64 13.27 -2.93
N HIS B 284 37.32 13.19 -2.71
CA HIS B 284 36.41 12.28 -3.38
C HIS B 284 35.04 12.90 -3.61
N GLY B 285 34.32 12.40 -4.62
CA GLY B 285 32.92 12.73 -4.85
C GLY B 285 32.10 11.66 -4.16
N ASP B 286 30.87 11.99 -3.74
CA ASP B 286 30.01 11.04 -2.99
C ASP B 286 29.61 9.78 -3.80
N ALA B 287 29.32 9.91 -5.08
CA ALA B 287 28.91 8.71 -5.80
C ALA B 287 30.12 7.81 -6.10
N ALA B 288 31.26 8.43 -6.47
CA ALA B 288 32.48 7.71 -6.78
C ALA B 288 33.00 7.00 -5.55
N PHE B 289 32.96 7.64 -4.34
CA PHE B 289 33.46 7.03 -3.10
C PHE B 289 32.72 5.75 -2.68
N ALA B 290 31.40 5.70 -2.91
CA ALA B 290 30.58 4.56 -2.57
C ALA B 290 30.65 3.42 -3.61
N GLY B 291 30.70 3.76 -4.90
CA GLY B 291 30.66 2.79 -5.99
C GLY B 291 31.95 2.18 -6.46
N GLN B 292 33.08 2.84 -6.28
CA GLN B 292 34.31 2.27 -6.84
C GLN B 292 35.07 1.35 -5.83
N GLY B 293 35.34 0.11 -6.28
CA GLY B 293 36.04 -0.92 -5.52
C GLY B 293 37.45 -0.57 -5.08
N VAL B 294 38.17 0.22 -5.90
CA VAL B 294 39.55 0.61 -5.61
C VAL B 294 39.63 1.42 -4.26
N VAL B 295 38.52 2.06 -3.82
CA VAL B 295 38.46 2.77 -2.56
C VAL B 295 38.68 1.77 -1.40
N ALA B 296 37.89 0.67 -1.36
CA ALA B 296 38.04 -0.40 -0.36
C ALA B 296 39.42 -1.00 -0.42
N GLU B 297 39.94 -1.32 -1.66
CA GLU B 297 41.26 -1.91 -1.88
C GLU B 297 42.38 -1.04 -1.29
N THR B 298 42.25 0.31 -1.42
CA THR B 298 43.21 1.29 -0.95
C THR B 298 43.10 1.48 0.55
N LEU B 299 41.87 1.51 1.14
CA LEU B 299 41.73 1.58 2.60
C LEU B 299 42.36 0.35 3.27
N ASN B 300 42.20 -0.80 2.61
CA ASN B 300 42.72 -2.08 3.06
C ASN B 300 44.27 -2.08 3.20
N LEU B 301 44.97 -1.16 2.51
CA LEU B 301 46.43 -0.97 2.58
C LEU B 301 46.89 -0.08 3.75
N ALA B 302 45.99 0.80 4.25
CA ALA B 302 46.27 1.84 5.24
C ALA B 302 47.14 1.40 6.45
N LEU B 303 47.08 0.15 6.92
CA LEU B 303 47.91 -0.24 8.06
C LEU B 303 48.86 -1.39 7.71
N LEU B 304 48.92 -1.80 6.44
CA LEU B 304 49.85 -2.87 6.05
C LEU B 304 51.32 -2.36 6.14
N ARG B 305 52.25 -3.20 6.60
CA ARG B 305 53.67 -2.84 6.72
C ARG B 305 54.23 -2.31 5.36
N GLY B 306 53.92 -3.00 4.28
CA GLY B 306 54.42 -2.64 2.95
C GLY B 306 53.73 -1.49 2.25
N TYR B 307 52.68 -0.91 2.85
CA TYR B 307 51.87 0.10 2.15
C TYR B 307 51.48 1.31 2.98
N ARG B 308 51.45 1.18 4.30
CA ARG B 308 51.00 2.29 5.15
C ARG B 308 51.80 3.59 4.92
N THR B 309 51.13 4.72 5.12
CA THR B 309 51.69 6.06 4.96
C THR B 309 51.38 6.91 6.23
N GLY B 310 51.03 6.23 7.30
CA GLY B 310 50.71 6.88 8.58
C GLY B 310 49.38 7.60 8.63
N GLY B 311 48.45 7.19 7.80
CA GLY B 311 47.10 7.75 7.79
C GLY B 311 46.80 8.80 6.76
N THR B 312 45.74 8.59 6.00
CA THR B 312 45.30 9.52 4.98
C THR B 312 44.19 10.43 5.50
N ILE B 313 44.18 11.71 5.09
CA ILE B 313 43.07 12.60 5.42
C ILE B 313 42.16 12.53 4.21
N HIS B 314 40.95 11.99 4.39
CA HIS B 314 39.96 11.90 3.31
C HIS B 314 38.94 12.98 3.42
N ILE B 315 38.65 13.65 2.29
CA ILE B 315 37.61 14.65 2.24
C ILE B 315 36.62 14.23 1.15
N VAL B 316 35.37 13.96 1.52
CA VAL B 316 34.31 13.64 0.56
C VAL B 316 33.49 14.90 0.31
N VAL B 317 33.49 15.37 -0.96
CA VAL B 317 32.69 16.52 -1.41
C VAL B 317 31.32 15.91 -1.72
N ASN B 318 30.48 15.85 -0.71
CA ASN B 318 29.19 15.21 -0.79
C ASN B 318 28.08 16.23 -1.12
N ASN B 319 27.96 16.48 -2.43
CA ASN B 319 26.96 17.37 -3.01
C ASN B 319 25.64 16.60 -3.21
N GLN B 320 25.51 15.41 -2.59
CA GLN B 320 24.30 14.59 -2.56
C GLN B 320 23.76 14.32 -3.97
N ILE B 321 24.67 14.17 -4.94
CA ILE B 321 24.35 13.94 -6.34
C ILE B 321 25.58 13.39 -7.04
N GLY B 322 25.36 12.63 -8.10
CA GLY B 322 26.39 12.09 -8.97
C GLY B 322 25.85 12.25 -10.38
N PHE B 323 26.12 13.42 -11.01
CA PHE B 323 25.61 13.78 -12.35
C PHE B 323 24.06 13.81 -12.30
N THR B 324 23.33 12.80 -12.84
CA THR B 324 21.86 12.86 -12.73
C THR B 324 21.37 11.84 -11.74
N THR B 325 22.30 11.09 -11.12
CA THR B 325 21.96 9.98 -10.25
C THR B 325 21.82 10.41 -8.81
N ALA B 326 20.66 10.03 -8.19
CA ALA B 326 20.38 10.29 -6.76
C ALA B 326 21.17 9.32 -5.86
N PRO B 327 21.56 9.72 -4.62
CA PRO B 327 22.28 8.81 -3.71
C PRO B 327 21.57 7.46 -3.48
N THR B 328 20.22 7.43 -3.52
CA THR B 328 19.40 6.23 -3.37
C THR B 328 19.77 5.16 -4.43
N ASP B 329 20.22 5.59 -5.61
CA ASP B 329 20.65 4.69 -6.68
C ASP B 329 22.14 4.52 -6.69
N SER B 330 22.86 5.28 -5.87
CA SER B 330 24.33 5.23 -5.82
C SER B 330 24.89 4.34 -4.73
N ARG B 331 24.17 4.17 -3.61
CA ARG B 331 24.68 3.38 -2.49
C ARG B 331 23.55 2.70 -1.71
N SER B 332 23.90 1.59 -1.05
CA SER B 332 23.03 0.77 -0.23
C SER B 332 23.26 1.06 1.27
N SER B 333 23.87 2.20 1.59
CA SER B 333 24.17 2.58 2.97
C SER B 333 23.78 4.03 3.26
N GLU B 334 23.62 4.35 4.55
CA GLU B 334 23.25 5.66 5.08
C GLU B 334 24.16 6.75 4.53
N TYR B 335 25.48 6.53 4.66
CA TYR B 335 26.51 7.48 4.26
C TYR B 335 27.38 6.93 3.18
N CYS B 336 27.82 7.84 2.29
CA CYS B 336 28.74 7.58 1.19
C CYS B 336 30.11 7.14 1.71
N THR B 337 30.41 7.44 2.99
CA THR B 337 31.67 7.18 3.68
C THR B 337 31.73 5.84 4.44
N ASP B 338 30.64 5.04 4.48
CA ASP B 338 30.51 3.85 5.31
C ASP B 338 31.55 2.79 5.00
N VAL B 339 32.09 2.79 3.78
CA VAL B 339 33.15 1.89 3.39
C VAL B 339 34.42 2.10 4.31
N ALA B 340 34.67 3.34 4.79
CA ALA B 340 35.82 3.65 5.65
C ALA B 340 35.73 3.05 7.08
N LYS B 341 34.59 2.47 7.45
CA LYS B 341 34.44 1.84 8.76
C LYS B 341 35.17 0.47 8.82
N MET B 342 35.51 -0.13 7.63
CA MET B 342 36.24 -1.38 7.52
C MET B 342 37.63 -1.29 8.17
N ILE B 343 38.25 -0.10 8.24
CA ILE B 343 39.58 0.06 8.84
C ILE B 343 39.49 0.84 10.16
N GLY B 344 38.27 1.01 10.64
CA GLY B 344 38.01 1.72 11.89
C GLY B 344 38.39 3.17 11.86
N ALA B 345 38.16 3.83 10.73
CA ALA B 345 38.43 5.25 10.61
C ALA B 345 37.31 6.04 11.26
N PRO B 346 37.63 7.05 12.09
CA PRO B 346 36.56 7.92 12.60
C PRO B 346 35.96 8.69 11.42
N ILE B 347 34.64 8.94 11.42
CA ILE B 347 34.00 9.68 10.34
C ILE B 347 33.27 10.90 10.90
N PHE B 348 33.55 12.08 10.32
CA PHE B 348 32.95 13.34 10.70
C PHE B 348 32.09 13.83 9.53
N HIS B 349 30.77 13.83 9.72
CA HIS B 349 29.82 14.35 8.75
C HIS B 349 29.64 15.81 9.11
N VAL B 350 30.07 16.74 8.22
CA VAL B 350 30.01 18.16 8.60
C VAL B 350 29.19 18.98 7.58
N ASN B 351 28.40 19.93 8.11
CA ASN B 351 27.57 20.84 7.34
C ASN B 351 28.45 21.82 6.57
N GLY B 352 28.40 21.73 5.25
CA GLY B 352 29.17 22.57 4.36
C GLY B 352 28.81 24.05 4.44
N ASP B 353 27.68 24.41 5.10
CA ASP B 353 27.28 25.83 5.26
C ASP B 353 27.87 26.45 6.52
N ASP B 354 28.55 25.63 7.34
CA ASP B 354 29.21 26.11 8.54
C ASP B 354 30.73 26.00 8.29
N PRO B 355 31.37 27.04 7.69
CA PRO B 355 32.82 26.93 7.39
C PRO B 355 33.71 26.85 8.64
N GLU B 356 33.25 27.36 9.78
CA GLU B 356 33.99 27.30 11.05
C GLU B 356 34.06 25.87 11.56
N ALA B 357 32.91 25.14 11.45
CA ALA B 357 32.85 23.75 11.89
C ALA B 357 33.70 22.89 10.95
N CYS B 358 33.71 23.23 9.64
CA CYS B 358 34.50 22.54 8.63
C CYS B 358 35.98 22.70 8.90
N ALA B 359 36.44 23.95 9.18
CA ALA B 359 37.84 24.21 9.49
C ALA B 359 38.27 23.48 10.77
N TRP B 360 37.40 23.46 11.81
CA TRP B 360 37.67 22.81 13.09
C TRP B 360 37.83 21.29 12.96
N VAL B 361 36.89 20.65 12.23
CA VAL B 361 36.88 19.22 11.97
C VAL B 361 38.16 18.81 11.20
N ALA B 362 38.58 19.63 10.23
CA ALA B 362 39.79 19.40 9.43
C ALA B 362 41.03 19.39 10.32
N ARG B 363 41.06 20.30 11.32
CA ARG B 363 42.17 20.39 12.25
C ARG B 363 42.18 19.19 13.19
N LEU B 364 40.99 18.76 13.64
CA LEU B 364 40.84 17.59 14.52
C LEU B 364 41.32 16.32 13.78
N ALA B 365 40.94 16.21 12.48
CA ALA B 365 41.33 15.11 11.58
C ALA B 365 42.83 14.96 11.54
N VAL B 366 43.56 16.08 11.36
CA VAL B 366 45.03 16.09 11.28
C VAL B 366 45.60 15.67 12.62
N ASP B 367 45.04 16.17 13.74
CA ASP B 367 45.49 15.83 15.08
C ASP B 367 45.31 14.34 15.36
N PHE B 368 44.20 13.73 14.87
CA PHE B 368 43.91 12.30 15.05
C PHE B 368 44.91 11.46 14.24
N ARG B 369 45.16 11.85 12.99
CA ARG B 369 46.08 11.17 12.10
C ARG B 369 47.47 11.18 12.71
N GLN B 370 47.89 12.35 13.26
CA GLN B 370 49.19 12.46 13.91
C GLN B 370 49.30 11.62 15.18
N ALA B 371 48.22 11.51 15.96
CA ALA B 371 48.25 10.74 17.21
C ALA B 371 48.17 9.25 16.99
N PHE B 372 47.44 8.77 15.97
CA PHE B 372 47.25 7.32 15.84
C PHE B 372 47.75 6.70 14.53
N LYS B 373 48.27 7.51 13.61
CA LYS B 373 48.80 7.08 12.31
C LYS B 373 47.76 6.25 11.55
N LYS B 374 46.50 6.71 11.64
CA LYS B 374 45.37 6.07 11.00
C LYS B 374 44.56 7.09 10.14
N ASP B 375 43.82 6.58 9.13
CA ASP B 375 42.98 7.37 8.25
C ASP B 375 41.81 8.03 8.99
N VAL B 376 41.37 9.18 8.46
CA VAL B 376 40.25 9.98 8.97
C VAL B 376 39.42 10.40 7.77
N VAL B 377 38.11 10.32 7.91
CA VAL B 377 37.21 10.67 6.83
C VAL B 377 36.35 11.84 7.23
N ILE B 378 36.37 12.90 6.40
CA ILE B 378 35.53 14.09 6.58
C ILE B 378 34.49 14.03 5.46
N ASP B 379 33.22 13.90 5.82
CA ASP B 379 32.15 13.88 4.84
C ASP B 379 31.58 15.29 4.80
N MET B 380 31.90 16.12 3.76
CA MET B 380 31.35 17.48 3.73
C MET B 380 30.02 17.52 2.97
N LEU B 381 28.95 17.68 3.72
CA LEU B 381 27.61 17.78 3.14
C LEU B 381 27.40 19.16 2.56
N CYS B 382 27.21 19.19 1.26
CA CYS B 382 27.04 20.41 0.48
C CYS B 382 26.04 20.15 -0.64
N TYR B 383 26.15 20.94 -1.70
CA TYR B 383 25.30 20.83 -2.88
C TYR B 383 26.08 21.30 -4.11
N ARG B 384 25.54 21.04 -5.28
CA ARG B 384 26.16 21.42 -6.55
C ARG B 384 25.26 22.47 -7.14
N ARG B 385 25.67 23.75 -7.00
CA ARG B 385 24.86 24.91 -7.42
C ARG B 385 24.37 24.80 -8.86
N ARG B 386 25.26 24.50 -9.82
CA ARG B 386 24.88 24.36 -11.25
C ARG B 386 24.72 22.89 -11.59
N GLY B 387 24.60 22.62 -12.87
CA GLY B 387 24.49 21.26 -13.38
C GLY B 387 25.78 20.50 -13.17
N HIS B 388 25.81 19.23 -13.55
CA HIS B 388 26.99 18.40 -13.38
C HIS B 388 28.24 19.07 -13.95
N ASN B 389 28.12 19.53 -15.19
CA ASN B 389 29.05 20.36 -15.93
C ASN B 389 28.32 21.71 -16.07
N GLU B 390 28.97 22.74 -16.62
CA GLU B 390 28.32 24.08 -16.66
C GLU B 390 27.30 24.22 -17.80
N GLY B 391 27.26 23.26 -18.71
CA GLY B 391 26.27 23.28 -19.79
C GLY B 391 25.03 22.42 -19.55
N ASP B 392 25.03 21.61 -18.47
CA ASP B 392 23.95 20.68 -18.12
C ASP B 392 22.78 21.33 -17.35
N ASP B 393 21.51 20.93 -17.65
CA ASP B 393 20.29 21.40 -16.97
C ASP B 393 19.87 20.32 -15.94
N PRO B 394 20.15 20.50 -14.62
CA PRO B 394 19.87 19.43 -13.65
C PRO B 394 18.38 19.28 -13.24
N SER B 395 17.53 20.33 -13.49
CA SER B 395 16.11 20.29 -13.13
C SER B 395 15.31 19.26 -13.98
N MET B 396 15.93 18.71 -15.03
CA MET B 396 15.25 17.73 -15.86
C MET B 396 15.03 16.49 -15.04
N THR B 397 16.03 16.14 -14.22
CA THR B 397 16.05 14.92 -13.43
C THR B 397 15.90 15.19 -11.93
N GLN B 398 16.38 16.35 -11.44
CA GLN B 398 16.28 16.69 -10.01
C GLN B 398 15.56 18.03 -9.82
N PRO B 399 14.25 18.14 -10.16
CA PRO B 399 13.57 19.43 -10.04
C PRO B 399 13.37 19.85 -8.58
N TYR B 400 13.11 18.90 -7.66
CA TYR B 400 12.90 19.25 -6.25
C TYR B 400 14.21 19.87 -5.65
N MET B 401 15.33 19.16 -5.81
CA MET B 401 16.65 19.60 -5.33
C MET B 401 17.02 20.99 -5.89
N TYR B 402 16.76 21.26 -7.18
CA TYR B 402 17.14 22.54 -7.76
C TYR B 402 16.15 23.61 -7.46
N ASP B 403 14.94 23.25 -7.01
CA ASP B 403 13.99 24.26 -6.57
C ASP B 403 14.46 24.79 -5.18
N VAL B 404 15.06 23.89 -4.36
CA VAL B 404 15.57 24.23 -3.03
C VAL B 404 16.85 25.03 -3.17
N ILE B 405 17.82 24.57 -4.00
CA ILE B 405 19.10 25.26 -4.24
C ILE B 405 18.87 26.73 -4.72
N ASP B 406 17.82 27.00 -5.52
CA ASP B 406 17.57 28.35 -6.04
C ASP B 406 17.01 29.32 -4.95
N THR B 407 16.60 28.78 -3.78
CA THR B 407 16.18 29.60 -2.64
C THR B 407 17.37 29.85 -1.72
N LYS B 408 18.42 29.03 -1.86
CA LYS B 408 19.56 29.06 -0.98
C LYS B 408 20.54 30.19 -1.28
N ARG B 409 20.86 30.96 -0.24
CA ARG B 409 21.92 31.97 -0.27
C ARG B 409 23.22 31.16 -0.16
N GLY B 410 24.24 31.48 -0.94
CA GLY B 410 25.49 30.73 -0.88
C GLY B 410 26.17 30.81 0.48
N SER B 411 27.17 29.95 0.74
CA SER B 411 27.93 29.95 1.99
C SER B 411 28.69 31.28 2.18
N ARG B 412 29.29 31.83 1.10
CA ARG B 412 30.04 33.08 1.14
C ARG B 412 29.17 34.26 1.60
N LYS B 413 27.97 34.42 1.00
CA LYS B 413 27.05 35.51 1.35
C LYS B 413 26.58 35.35 2.80
N ALA B 414 26.23 34.11 3.20
CA ALA B 414 25.78 33.76 4.54
C ALA B 414 26.83 34.11 5.57
N TYR B 415 28.06 33.66 5.35
CA TYR B 415 29.13 33.92 6.26
C TYR B 415 29.41 35.41 6.35
N THR B 416 29.46 36.12 5.20
CA THR B 416 29.66 37.56 5.13
C THR B 416 28.59 38.30 5.95
N GLU B 417 27.31 37.91 5.81
CA GLU B 417 26.18 38.55 6.51
C GLU B 417 26.28 38.31 8.01
N ALA B 418 26.71 37.10 8.44
CA ALA B 418 26.89 36.74 9.85
C ALA B 418 27.98 37.63 10.48
N LEU B 419 29.05 37.92 9.70
CA LEU B 419 30.17 38.79 10.08
C LEU B 419 29.73 40.26 10.20
N ILE B 420 28.91 40.77 9.24
CA ILE B 420 28.39 42.14 9.26
C ILE B 420 27.41 42.29 10.46
N GLY B 421 26.74 41.19 10.83
CA GLY B 421 25.84 41.09 11.99
C GLY B 421 26.57 41.03 13.32
N ARG B 422 27.68 40.25 13.41
CA ARG B 422 28.53 40.13 14.62
C ARG B 422 29.30 41.47 14.88
N GLY B 423 29.34 42.34 13.87
CA GLY B 423 30.02 43.64 13.90
C GLY B 423 31.48 43.60 13.47
N ASP B 424 32.01 42.40 13.12
CA ASP B 424 33.38 42.12 12.68
C ASP B 424 33.87 43.00 11.52
N ILE B 425 33.02 43.16 10.49
CA ILE B 425 33.33 43.92 9.27
C ILE B 425 32.13 44.76 8.86
N SER B 426 32.40 45.83 8.10
CA SER B 426 31.37 46.70 7.53
C SER B 426 31.00 46.14 6.16
N MET B 427 29.87 46.59 5.61
CA MET B 427 29.37 46.19 4.28
C MET B 427 30.38 46.65 3.22
N LYS B 428 30.96 47.86 3.43
CA LYS B 428 31.95 48.49 2.58
C LYS B 428 33.24 47.65 2.52
N GLU B 429 33.74 47.18 3.70
CA GLU B 429 34.92 46.33 3.81
C GLU B 429 34.73 45.02 3.03
N ALA B 430 33.52 44.43 3.09
CA ALA B 430 33.15 43.18 2.42
C ALA B 430 33.12 43.36 0.90
N GLU B 431 32.48 44.44 0.43
CA GLU B 431 32.37 44.80 -0.98
C GLU B 431 33.75 45.07 -1.56
N ASP B 432 34.55 45.91 -0.88
CA ASP B 432 35.91 46.28 -1.29
C ASP B 432 36.82 45.06 -1.46
N ALA B 433 36.69 44.05 -0.58
CA ALA B 433 37.47 42.81 -0.63
C ALA B 433 37.12 42.03 -1.88
N LEU B 434 35.83 41.98 -2.24
CA LEU B 434 35.35 41.31 -3.45
C LEU B 434 35.79 42.08 -4.71
N ARG B 435 35.77 43.42 -4.65
CA ARG B 435 36.18 44.29 -5.76
C ARG B 435 37.68 44.16 -6.03
N ASP B 436 38.51 44.04 -4.96
CA ASP B 436 39.96 43.90 -5.08
C ASP B 436 40.31 42.58 -5.75
N TYR B 437 39.66 41.50 -5.30
CA TYR B 437 39.90 40.17 -5.85
C TYR B 437 39.43 40.07 -7.32
N GLN B 438 38.27 40.67 -7.65
CA GLN B 438 37.69 40.66 -9.00
C GLN B 438 38.54 41.51 -9.99
N GLY B 439 39.11 42.61 -9.49
CA GLY B 439 39.99 43.46 -10.30
C GLY B 439 41.30 42.75 -10.64
N GLN B 440 41.83 41.96 -9.69
CA GLN B 440 43.10 41.22 -9.85
C GLN B 440 42.95 40.15 -10.93
N LEU B 441 41.77 39.49 -10.95
CA LEU B 441 41.42 38.44 -11.92
C LEU B 441 41.36 39.01 -13.32
N GLU B 442 40.64 40.16 -13.48
CA GLU B 442 40.51 40.89 -14.75
C GLU B 442 41.88 41.34 -15.34
N ARG B 443 42.82 41.81 -14.48
CA ARG B 443 44.17 42.25 -14.89
C ARG B 443 45.02 41.07 -15.44
N VAL B 444 45.02 39.91 -14.75
CA VAL B 444 45.76 38.71 -15.18
C VAL B 444 45.14 38.17 -16.51
N PHE B 445 43.78 38.11 -16.60
CA PHE B 445 43.01 37.64 -17.76
C PHE B 445 43.33 38.48 -18.99
N ASN B 446 43.41 39.83 -18.83
CA ASN B 446 43.73 40.74 -19.94
C ASN B 446 45.18 40.58 -20.39
N GLU B 447 46.15 40.53 -19.43
CA GLU B 447 47.58 40.27 -19.72
C GLU B 447 47.75 39.01 -20.55
N VAL B 448 46.98 37.96 -20.22
CA VAL B 448 47.00 36.65 -20.89
C VAL B 448 46.41 36.79 -22.30
N ARG B 449 45.24 37.43 -22.42
CA ARG B 449 44.54 37.69 -23.68
C ARG B 449 45.42 38.46 -24.68
N GLU B 450 46.28 39.36 -24.15
CA GLU B 450 47.22 40.19 -24.89
C GLU B 450 48.36 39.40 -25.55
N LEU B 451 48.65 38.17 -25.06
CA LEU B 451 49.72 37.31 -25.60
C LEU B 451 49.41 36.80 -27.02
N GLU B 452 50.46 36.77 -27.87
CA GLU B 452 50.38 36.36 -29.27
C GLU B 452 50.12 34.87 -29.37
N LYS B 453 49.05 34.52 -30.08
CA LYS B 453 48.61 33.16 -30.29
C LYS B 453 49.59 32.35 -31.15
N HIS B 454 49.69 31.06 -30.85
CA HIS B 454 50.56 30.12 -31.55
C HIS B 454 49.73 29.27 -32.50
N GLU B 455 50.32 28.86 -33.64
CA GLU B 455 49.66 27.99 -34.61
C GLU B 455 49.44 26.61 -33.98
N ILE B 456 48.20 26.08 -34.07
CA ILE B 456 47.89 24.77 -33.50
C ILE B 456 48.41 23.68 -34.44
N GLU B 457 49.26 22.79 -33.89
CA GLU B 457 49.88 21.70 -34.64
C GLU B 457 49.49 20.34 -34.04
N PRO B 458 49.45 19.24 -34.83
CA PRO B 458 49.16 17.92 -34.23
C PRO B 458 50.19 17.56 -33.16
N SER B 459 49.77 16.80 -32.14
CA SER B 459 50.65 16.41 -31.01
C SER B 459 51.80 15.54 -31.52
N GLU B 460 52.97 15.65 -30.88
CA GLU B 460 54.14 14.88 -31.26
C GLU B 460 54.41 13.76 -30.25
N SER B 461 55.02 12.65 -30.72
CA SER B 461 55.41 11.49 -29.93
C SER B 461 56.50 11.90 -28.91
N VAL B 462 56.37 11.40 -27.67
CA VAL B 462 57.32 11.68 -26.55
C VAL B 462 58.57 10.76 -26.61
N GLU B 463 58.72 9.89 -27.65
CA GLU B 463 59.79 8.90 -27.77
C GLU B 463 61.20 9.49 -27.56
N ALA B 464 61.54 10.57 -28.30
CA ALA B 464 62.85 11.21 -28.28
C ALA B 464 63.10 12.02 -26.99
N ASP B 465 62.07 12.22 -26.13
CA ASP B 465 62.20 12.98 -24.87
C ASP B 465 63.18 12.34 -23.90
N GLN B 466 63.29 11.01 -23.94
CA GLN B 466 64.21 10.25 -23.09
C GLN B 466 65.05 9.33 -23.97
N GLN B 467 66.36 9.66 -24.11
CA GLN B 467 67.29 8.92 -24.95
C GLN B 467 68.16 8.01 -24.13
N ILE B 468 68.20 6.73 -24.56
CA ILE B 468 68.96 5.64 -23.93
C ILE B 468 70.46 5.84 -24.17
N PRO B 469 71.34 5.70 -23.15
CA PRO B 469 72.79 5.81 -23.43
C PRO B 469 73.15 4.63 -24.36
N SER B 470 73.59 4.94 -25.61
CA SER B 470 73.91 3.94 -26.66
C SER B 470 74.51 2.66 -26.06
N LYS B 471 75.67 2.81 -25.38
CA LYS B 471 76.35 1.72 -24.69
C LYS B 471 76.29 1.98 -23.19
N LEU B 472 75.81 0.98 -22.43
CA LEU B 472 75.72 1.03 -20.97
C LEU B 472 76.22 -0.29 -20.38
N ALA B 473 77.19 -0.22 -19.44
CA ALA B 473 77.78 -1.40 -18.81
C ALA B 473 76.92 -1.88 -17.64
N THR B 474 76.48 -3.15 -17.70
CA THR B 474 75.65 -3.79 -16.69
C THR B 474 76.37 -5.00 -16.08
N ALA B 475 77.51 -5.38 -16.69
CA ALA B 475 78.33 -6.48 -16.19
C ALA B 475 78.86 -6.17 -14.78
N VAL B 476 79.03 -7.19 -13.96
CA VAL B 476 79.55 -7.02 -12.59
C VAL B 476 80.80 -7.86 -12.45
N ASP B 477 81.57 -7.70 -11.36
CA ASP B 477 82.73 -8.56 -11.14
C ASP B 477 82.26 -9.88 -10.55
N LYS B 478 83.05 -10.95 -10.75
CA LYS B 478 82.81 -12.28 -10.16
C LYS B 478 82.66 -12.16 -8.64
N ALA B 479 83.46 -11.27 -7.99
CA ALA B 479 83.44 -11.04 -6.54
C ALA B 479 82.05 -10.60 -6.06
N MET B 480 81.33 -9.82 -6.89
CA MET B 480 79.97 -9.38 -6.60
C MET B 480 79.01 -10.59 -6.59
N LEU B 481 79.13 -11.49 -7.59
CA LEU B 481 78.30 -12.70 -7.66
C LEU B 481 78.55 -13.57 -6.42
N GLN B 482 79.83 -13.74 -6.04
CA GLN B 482 80.26 -14.54 -4.90
C GLN B 482 79.74 -13.95 -3.59
N ARG B 483 79.74 -12.62 -3.45
CA ARG B 483 79.23 -11.95 -2.26
C ARG B 483 77.72 -12.23 -2.07
N ILE B 484 76.92 -12.20 -3.17
CA ILE B 484 75.47 -12.41 -3.15
C ILE B 484 75.22 -13.90 -2.85
N GLY B 485 76.06 -14.79 -3.40
CA GLY B 485 76.02 -16.22 -3.11
C GLY B 485 76.31 -16.51 -1.65
N ASP B 486 77.37 -15.91 -1.09
CA ASP B 486 77.79 -16.04 0.31
C ASP B 486 76.75 -15.49 1.28
N ALA B 487 76.03 -14.41 0.89
CA ALA B 487 74.99 -13.78 1.71
C ALA B 487 73.86 -14.76 2.05
N HIS B 488 73.60 -15.75 1.17
CA HIS B 488 72.59 -16.80 1.36
C HIS B 488 72.98 -17.81 2.46
N LEU B 489 74.26 -17.89 2.81
CA LEU B 489 74.74 -18.78 3.88
C LEU B 489 75.22 -17.99 5.09
N ALA B 490 75.16 -16.63 5.06
CA ALA B 490 75.60 -15.80 6.20
C ALA B 490 74.44 -15.62 7.17
N LEU B 491 73.94 -16.74 7.69
CA LEU B 491 72.77 -16.82 8.56
C LEU B 491 73.06 -16.32 9.97
N PRO B 492 72.05 -15.73 10.64
CA PRO B 492 72.22 -15.33 12.04
C PRO B 492 72.57 -16.50 12.97
N GLU B 493 73.21 -16.23 14.10
CA GLU B 493 73.61 -17.31 15.02
C GLU B 493 72.39 -18.05 15.57
N GLY B 494 72.39 -19.37 15.43
CA GLY B 494 71.33 -20.26 15.89
C GLY B 494 70.14 -20.40 14.95
N PHE B 495 70.14 -19.65 13.81
CA PHE B 495 69.06 -19.69 12.82
C PHE B 495 68.85 -21.12 12.32
N THR B 496 67.59 -21.54 12.20
CA THR B 496 67.28 -22.90 11.74
C THR B 496 66.56 -22.80 10.40
N VAL B 497 67.26 -23.23 9.35
CA VAL B 497 66.72 -23.21 8.01
C VAL B 497 65.85 -24.41 7.80
N HIS B 498 64.68 -24.23 7.19
CA HIS B 498 63.79 -25.30 6.78
C HIS B 498 64.61 -26.29 5.93
N PRO B 499 64.54 -27.61 6.18
CA PRO B 499 65.38 -28.55 5.41
C PRO B 499 65.18 -28.53 3.90
N ARG B 500 64.03 -28.04 3.42
CA ARG B 500 63.75 -27.95 1.99
C ARG B 500 64.16 -26.57 1.43
N VAL B 501 64.57 -25.62 2.30
CA VAL B 501 65.01 -24.27 1.90
C VAL B 501 66.54 -24.25 1.88
N ARG B 502 67.19 -24.97 2.82
CA ARG B 502 68.63 -25.15 2.92
C ARG B 502 69.28 -25.49 1.53
N PRO B 503 68.77 -26.44 0.68
CA PRO B 503 69.48 -26.71 -0.60
C PRO B 503 69.49 -25.53 -1.56
N VAL B 504 68.45 -24.67 -1.49
CA VAL B 504 68.37 -23.45 -2.32
C VAL B 504 69.54 -22.51 -1.95
N LEU B 505 69.76 -22.29 -0.64
CA LEU B 505 70.80 -21.43 -0.11
C LEU B 505 72.17 -21.97 -0.47
N GLU B 506 72.37 -23.27 -0.35
CA GLU B 506 73.65 -23.93 -0.68
C GLU B 506 73.88 -23.98 -2.18
N LYS B 507 72.83 -24.27 -2.99
CA LYS B 507 72.95 -24.32 -4.44
C LYS B 507 73.24 -22.91 -5.02
N ARG B 508 72.76 -21.83 -4.35
CA ARG B 508 73.04 -20.46 -4.77
C ARG B 508 74.50 -20.08 -4.52
N ARG B 509 75.08 -20.50 -3.39
CA ARG B 509 76.49 -20.21 -3.14
C ARG B 509 77.33 -20.95 -4.18
N GLU B 510 76.94 -22.19 -4.53
CA GLU B 510 77.63 -22.99 -5.52
C GLU B 510 77.52 -22.33 -6.90
N MET B 511 76.29 -21.91 -7.31
CA MET B 511 76.05 -21.24 -8.59
C MET B 511 76.93 -19.98 -8.76
N ALA B 512 77.09 -19.19 -7.68
CA ALA B 512 77.87 -17.94 -7.66
C ALA B 512 79.34 -18.17 -7.96
N TYR B 513 79.88 -19.33 -7.56
CA TYR B 513 81.28 -19.69 -7.73
C TYR B 513 81.52 -20.61 -8.92
N GLU B 514 80.50 -21.39 -9.32
CA GLU B 514 80.67 -22.43 -10.33
C GLU B 514 79.82 -22.28 -11.59
N GLY B 515 78.88 -21.36 -11.61
CA GLY B 515 78.06 -21.18 -12.80
C GLY B 515 76.78 -21.97 -12.77
N ARG B 516 76.17 -22.19 -13.96
CA ARG B 516 74.86 -22.84 -14.17
C ARG B 516 73.81 -22.11 -13.30
N ILE B 517 73.84 -20.77 -13.35
CA ILE B 517 72.95 -19.88 -12.61
C ILE B 517 71.54 -19.97 -13.20
N ASP B 518 70.56 -20.31 -12.34
CA ASP B 518 69.17 -20.45 -12.76
C ASP B 518 68.51 -19.06 -12.78
N TRP B 519 67.26 -18.99 -13.28
CA TRP B 519 66.50 -17.74 -13.40
C TRP B 519 66.30 -17.02 -12.05
N ALA B 520 65.84 -17.74 -11.00
CA ALA B 520 65.52 -17.12 -9.70
C ALA B 520 66.74 -16.52 -9.04
N PHE B 521 67.92 -17.18 -9.17
CA PHE B 521 69.16 -16.63 -8.61
C PHE B 521 69.64 -15.40 -9.43
N ALA B 522 69.51 -15.38 -10.76
CA ALA B 522 69.91 -14.24 -11.58
C ALA B 522 69.09 -12.98 -11.22
N GLU B 523 67.81 -13.17 -10.88
CA GLU B 523 66.97 -12.10 -10.45
C GLU B 523 67.59 -11.43 -9.21
N LEU B 524 67.94 -12.25 -8.20
CA LEU B 524 68.49 -11.80 -6.92
C LEU B 524 69.92 -11.26 -7.06
N LEU B 525 70.67 -11.75 -8.08
CA LEU B 525 72.01 -11.25 -8.39
C LEU B 525 71.89 -9.83 -8.92
N ALA B 526 70.83 -9.56 -9.75
CA ALA B 526 70.60 -8.23 -10.31
C ALA B 526 70.18 -7.26 -9.20
N LEU B 527 69.20 -7.66 -8.37
CA LEU B 527 68.70 -6.81 -7.28
C LEU B 527 69.77 -6.56 -6.21
N GLY B 528 70.52 -7.60 -5.84
CA GLY B 528 71.60 -7.50 -4.85
C GLY B 528 72.78 -6.64 -5.27
N SER B 529 73.14 -6.70 -6.59
CA SER B 529 74.22 -5.89 -7.16
C SER B 529 73.78 -4.42 -7.18
N LEU B 530 72.49 -4.17 -7.44
CA LEU B 530 71.96 -2.80 -7.43
C LEU B 530 71.96 -2.24 -6.01
N ILE B 531 71.57 -3.05 -4.99
CA ILE B 531 71.58 -2.67 -3.57
C ILE B 531 73.02 -2.31 -3.16
N ALA B 532 74.00 -3.17 -3.54
CA ALA B 532 75.42 -3.01 -3.25
C ALA B 532 75.98 -1.71 -3.83
N GLU B 533 75.38 -1.23 -4.94
CA GLU B 533 75.75 0.00 -5.64
C GLU B 533 74.99 1.21 -5.09
N GLY B 534 74.26 1.01 -3.99
CA GLY B 534 73.53 2.06 -3.30
C GLY B 534 72.09 2.27 -3.68
N LYS B 535 71.51 1.42 -4.55
CA LYS B 535 70.12 1.59 -5.00
C LYS B 535 69.09 1.01 -4.05
N LEU B 536 67.99 1.75 -3.88
CA LEU B 536 66.82 1.31 -3.12
C LEU B 536 66.02 0.34 -4.02
N VAL B 537 65.79 -0.92 -3.57
CA VAL B 537 65.04 -1.91 -4.35
C VAL B 537 63.74 -2.25 -3.62
N ARG B 538 62.60 -2.03 -4.28
CA ARG B 538 61.30 -2.34 -3.73
C ARG B 538 60.69 -3.40 -4.59
N LEU B 539 60.46 -4.60 -3.99
CA LEU B 539 59.88 -5.74 -4.67
C LEU B 539 58.70 -6.22 -3.91
N SER B 540 57.54 -6.31 -4.56
CA SER B 540 56.35 -6.78 -3.88
C SER B 540 55.42 -7.49 -4.84
N GLY B 541 54.42 -8.13 -4.30
CA GLY B 541 53.44 -8.89 -5.06
C GLY B 541 52.89 -10.03 -4.25
N GLN B 542 51.99 -10.82 -4.85
CA GLN B 542 51.31 -11.91 -4.15
CA GLN B 542 51.33 -11.94 -4.18
C GLN B 542 52.29 -13.10 -3.93
N ASP B 543 52.59 -13.36 -2.64
CA ASP B 543 53.50 -14.40 -2.14
C ASP B 543 54.94 -14.22 -2.70
N THR B 544 55.34 -12.96 -2.91
CA THR B 544 56.59 -12.57 -3.56
C THR B 544 57.79 -12.83 -2.69
N GLN B 545 57.66 -12.84 -1.38
CA GLN B 545 58.79 -13.11 -0.50
C GLN B 545 59.34 -14.51 -0.76
N ARG B 546 58.47 -15.53 -0.81
CA ARG B 546 58.91 -16.90 -1.06
C ARG B 546 59.00 -17.17 -2.56
N GLY B 547 58.00 -16.67 -3.26
CA GLY B 547 57.79 -16.92 -4.68
C GLY B 547 56.64 -17.89 -4.85
N THR B 548 55.69 -17.56 -5.74
CA THR B 548 54.56 -18.43 -6.07
C THR B 548 55.08 -19.88 -6.38
N PHE B 549 56.21 -19.98 -7.10
CA PHE B 549 56.76 -21.25 -7.55
C PHE B 549 57.90 -21.72 -6.64
N THR B 550 57.90 -21.27 -5.34
CA THR B 550 58.88 -21.65 -4.30
C THR B 550 60.32 -21.47 -4.80
N GLN B 551 60.56 -20.42 -5.60
CA GLN B 551 61.86 -20.23 -6.24
C GLN B 551 62.67 -19.10 -5.69
N ARG B 552 61.98 -18.04 -5.19
CA ARG B 552 62.68 -16.82 -4.82
C ARG B 552 63.38 -16.91 -3.45
N HIS B 553 62.63 -17.16 -2.36
CA HIS B 553 63.16 -17.19 -1.00
C HIS B 553 63.97 -15.90 -0.74
N ALA B 554 63.32 -14.74 -0.99
CA ALA B 554 63.91 -13.42 -0.72
C ALA B 554 63.98 -13.24 0.79
N VAL B 555 63.01 -13.86 1.49
CA VAL B 555 62.89 -13.91 2.95
C VAL B 555 62.84 -15.38 3.30
N ILE B 556 63.60 -15.80 4.32
CA ILE B 556 63.63 -17.21 4.78
C ILE B 556 63.12 -17.20 6.25
N VAL B 557 62.35 -18.22 6.63
CA VAL B 557 61.70 -18.25 7.94
C VAL B 557 62.35 -19.33 8.82
N ASP B 558 62.83 -18.92 10.01
CA ASP B 558 63.42 -19.82 10.99
C ASP B 558 62.37 -20.90 11.30
N ARG B 559 62.75 -22.18 11.08
CA ARG B 559 61.88 -23.31 11.24
C ARG B 559 61.37 -23.46 12.67
N LYS B 560 62.19 -23.09 13.69
CA LYS B 560 61.87 -23.29 15.11
C LYS B 560 61.19 -22.11 15.76
N THR B 561 61.56 -20.87 15.38
CA THR B 561 61.05 -19.65 16.02
C THR B 561 60.16 -18.79 15.11
N GLY B 562 60.38 -18.85 13.80
CA GLY B 562 59.58 -18.05 12.88
C GLY B 562 60.18 -16.70 12.53
N GLU B 563 61.40 -16.43 13.05
CA GLU B 563 62.18 -15.22 12.80
C GLU B 563 62.51 -15.13 11.31
N GLU B 564 62.45 -13.92 10.73
CA GLU B 564 62.74 -13.74 9.31
C GLU B 564 64.21 -13.36 9.07
N PHE B 565 64.73 -13.72 7.89
CA PHE B 565 66.07 -13.38 7.43
C PHE B 565 66.03 -13.07 5.92
N THR B 566 66.53 -11.90 5.55
CA THR B 566 66.58 -11.41 4.17
C THR B 566 68.04 -11.38 3.71
N PRO B 567 68.54 -12.41 3.01
CA PRO B 567 69.95 -12.41 2.60
C PRO B 567 70.41 -11.16 1.83
N LEU B 568 69.60 -10.61 0.88
CA LEU B 568 70.01 -9.44 0.09
C LEU B 568 70.21 -8.16 0.92
N GLN B 569 69.57 -8.07 2.10
CA GLN B 569 69.75 -6.90 2.97
C GLN B 569 71.22 -6.75 3.41
N LEU B 570 72.01 -7.83 3.40
CA LEU B 570 73.43 -7.80 3.77
C LEU B 570 74.28 -7.05 2.74
N LEU B 571 73.76 -6.91 1.52
CA LEU B 571 74.44 -6.15 0.47
C LEU B 571 74.31 -4.63 0.67
N ALA B 572 73.48 -4.19 1.64
CA ALA B 572 73.30 -2.78 1.94
C ALA B 572 74.46 -2.27 2.80
N THR B 573 75.34 -3.18 3.26
CA THR B 573 76.52 -2.87 4.07
C THR B 573 77.75 -3.31 3.29
N ASN B 574 78.72 -2.39 3.11
CA ASN B 574 80.00 -2.67 2.42
C ASN B 574 80.86 -3.62 3.27
N PRO B 575 81.86 -4.34 2.71
CA PRO B 575 82.71 -5.21 3.56
C PRO B 575 83.39 -4.48 4.73
N ASP B 576 83.70 -3.16 4.58
CA ASP B 576 84.33 -2.34 5.62
C ASP B 576 83.35 -1.91 6.74
N GLY B 577 82.06 -2.21 6.56
CA GLY B 577 81.03 -1.94 7.55
C GLY B 577 80.17 -0.72 7.31
N THR B 578 80.57 0.14 6.35
CA THR B 578 79.83 1.36 6.03
C THR B 578 78.58 1.05 5.16
N PRO B 579 77.51 1.89 5.24
CA PRO B 579 76.32 1.63 4.41
C PRO B 579 76.57 1.94 2.94
N THR B 580 75.88 1.23 2.04
CA THR B 580 76.01 1.49 0.60
C THR B 580 75.03 2.59 0.21
N GLY B 581 73.97 2.73 0.99
CA GLY B 581 72.89 3.66 0.75
C GLY B 581 71.70 2.90 0.18
N GLY B 582 71.97 1.67 -0.26
CA GLY B 582 70.97 0.76 -0.81
C GLY B 582 70.13 0.10 0.27
N LYS B 583 69.00 -0.49 -0.14
CA LYS B 583 68.05 -1.15 0.75
C LYS B 583 67.18 -2.12 -0.03
N PHE B 584 66.82 -3.25 0.59
CA PHE B 584 65.95 -4.24 -0.03
C PHE B 584 64.63 -4.25 0.68
N LEU B 585 63.63 -3.72 0.01
CA LEU B 585 62.29 -3.71 0.55
C LEU B 585 61.50 -4.75 -0.23
N VAL B 586 61.17 -5.88 0.42
CA VAL B 586 60.43 -6.97 -0.20
C VAL B 586 59.21 -7.29 0.67
N TYR B 587 58.04 -7.35 0.03
CA TYR B 587 56.80 -7.60 0.74
C TYR B 587 55.91 -8.53 0.02
N ASN B 588 55.06 -9.18 0.80
CA ASN B 588 53.92 -9.95 0.32
C ASN B 588 52.78 -8.91 0.24
N SER B 589 52.22 -8.70 -0.93
CA SER B 589 51.14 -7.74 -1.06
C SER B 589 49.82 -8.30 -0.51
N ALA B 590 48.79 -7.46 -0.39
CA ALA B 590 47.41 -7.89 -0.09
C ALA B 590 46.87 -8.54 -1.35
N LEU B 591 45.73 -9.21 -1.27
CA LEU B 591 45.21 -9.87 -2.45
C LEU B 591 44.47 -8.85 -3.34
N SER B 592 45.26 -7.97 -3.96
CA SER B 592 44.79 -6.93 -4.88
C SER B 592 45.72 -6.80 -6.07
N GLU B 593 45.18 -6.33 -7.20
CA GLU B 593 45.97 -6.03 -8.38
C GLU B 593 45.88 -4.54 -8.64
N PHE B 594 44.64 -4.00 -8.70
CA PHE B 594 44.36 -2.59 -8.98
C PHE B 594 45.11 -1.68 -7.99
N ALA B 595 44.86 -1.83 -6.66
CA ALA B 595 45.53 -0.99 -5.68
C ALA B 595 47.06 -1.24 -5.64
N ALA B 596 47.51 -2.52 -5.65
CA ALA B 596 48.93 -2.92 -5.60
C ALA B 596 49.71 -2.40 -6.83
N VAL B 597 49.16 -2.52 -8.04
CA VAL B 597 49.83 -1.99 -9.26
C VAL B 597 49.82 -0.45 -9.22
N GLY B 598 48.70 0.13 -8.78
CA GLY B 598 48.55 1.59 -8.64
C GLY B 598 49.57 2.16 -7.68
N PHE B 599 49.75 1.50 -6.52
CA PHE B 599 50.71 1.86 -5.48
C PHE B 599 52.18 1.83 -6.00
N GLU B 600 52.57 0.76 -6.72
CA GLU B 600 53.95 0.62 -7.21
C GLU B 600 54.21 1.61 -8.32
N TYR B 601 53.18 1.88 -9.16
CA TYR B 601 53.30 2.92 -10.15
C TYR B 601 53.62 4.23 -9.43
N GLY B 602 52.82 4.57 -8.40
CA GLY B 602 52.99 5.79 -7.60
C GLY B 602 54.34 5.87 -6.92
N TYR B 603 54.80 4.74 -6.36
CA TYR B 603 56.08 4.62 -5.66
C TYR B 603 57.21 5.02 -6.61
N SER B 604 57.17 4.48 -7.84
CA SER B 604 58.22 4.78 -8.81
C SER B 604 58.23 6.27 -9.20
N VAL B 605 57.04 6.88 -9.28
CA VAL B 605 56.92 8.33 -9.60
C VAL B 605 57.52 9.12 -8.44
N GLY B 606 57.18 8.73 -7.20
CA GLY B 606 57.65 9.37 -5.98
C GLY B 606 59.15 9.31 -5.75
N ASN B 607 59.80 8.22 -6.17
CA ASN B 607 61.25 8.07 -6.07
C ASN B 607 61.80 7.53 -7.39
N PRO B 608 62.17 8.43 -8.31
CA PRO B 608 62.72 8.01 -9.62
C PRO B 608 64.04 7.20 -9.53
N ASP B 609 64.76 7.31 -8.40
CA ASP B 609 66.03 6.63 -8.19
C ASP B 609 65.84 5.22 -7.58
N ALA B 610 64.59 4.84 -7.26
CA ALA B 610 64.30 3.52 -6.74
C ALA B 610 64.09 2.51 -7.86
N MET B 611 64.41 1.23 -7.59
CA MET B 611 64.14 0.09 -8.44
C MET B 611 62.83 -0.48 -7.88
N VAL B 612 61.72 -0.36 -8.63
CA VAL B 612 60.38 -0.75 -8.15
C VAL B 612 59.81 -1.85 -9.03
N LEU B 613 59.64 -3.04 -8.43
CA LEU B 613 59.12 -4.20 -9.15
C LEU B 613 57.86 -4.72 -8.48
N TRP B 614 56.82 -4.97 -9.30
CA TRP B 614 55.57 -5.56 -8.82
C TRP B 614 55.42 -6.85 -9.53
N GLU B 615 55.13 -7.92 -8.78
CA GLU B 615 55.00 -9.23 -9.40
C GLU B 615 53.55 -9.77 -9.29
N ALA B 616 52.98 -10.16 -10.45
CA ALA B 616 51.68 -10.82 -10.51
C ALA B 616 51.89 -12.26 -10.13
N GLN B 617 50.91 -12.92 -9.52
CA GLN B 617 51.03 -14.34 -9.17
C GLN B 617 51.22 -15.13 -10.48
N PHE B 618 50.39 -14.81 -11.44
CA PHE B 618 50.35 -15.26 -12.84
C PHE B 618 49.97 -14.03 -13.59
N GLY B 619 50.51 -13.82 -14.78
CA GLY B 619 50.19 -12.63 -15.57
C GLY B 619 48.72 -12.50 -15.94
N ASP B 620 47.96 -13.61 -15.82
CA ASP B 620 46.53 -13.63 -16.13
C ASP B 620 45.72 -12.72 -15.15
N PHE B 621 46.29 -12.35 -14.00
CA PHE B 621 45.55 -11.54 -13.03
C PHE B 621 45.82 -10.04 -13.16
N VAL B 622 46.70 -9.62 -14.08
CA VAL B 622 47.04 -8.20 -14.21
C VAL B 622 45.87 -7.44 -14.85
N ASN B 623 44.95 -8.13 -15.53
CA ASN B 623 43.77 -7.46 -16.10
C ASN B 623 42.87 -6.85 -14.97
N GLY B 624 43.10 -7.23 -13.70
CA GLY B 624 42.41 -6.66 -12.55
C GLY B 624 42.92 -5.25 -12.30
N ALA B 625 44.09 -4.92 -12.86
CA ALA B 625 44.67 -3.59 -12.74
C ALA B 625 44.65 -2.84 -14.12
N GLN B 626 43.80 -3.28 -15.08
CA GLN B 626 43.75 -2.71 -16.43
C GLN B 626 43.68 -1.17 -16.47
N SER B 627 42.91 -0.54 -15.55
CA SER B 627 42.82 0.91 -15.47
C SER B 627 44.19 1.52 -15.18
N ILE B 628 45.00 0.91 -14.32
CA ILE B 628 46.33 1.46 -14.02
C ILE B 628 47.21 1.33 -15.26
N ILE B 629 47.15 0.21 -15.95
CA ILE B 629 47.98 -0.04 -17.14
C ILE B 629 47.60 0.95 -18.24
N ASP B 630 46.31 1.04 -18.55
CA ASP B 630 45.80 1.92 -19.56
C ASP B 630 45.94 3.39 -19.19
N GLU B 631 45.65 3.79 -17.94
CA GLU B 631 45.56 5.25 -17.62
C GLU B 631 46.80 5.89 -17.04
N PHE B 632 47.71 5.10 -16.48
CA PHE B 632 48.90 5.64 -15.83
C PHE B 632 50.18 5.13 -16.46
N ILE B 633 50.41 3.79 -16.42
CA ILE B 633 51.65 3.17 -16.84
C ILE B 633 51.97 3.40 -18.30
N SER B 634 51.05 3.05 -19.21
CA SER B 634 51.36 3.14 -20.66
C SER B 634 51.23 4.55 -21.24
N SER B 635 50.48 5.44 -20.58
CA SER B 635 50.14 6.73 -21.17
C SER B 635 50.47 7.96 -20.31
N GLY B 636 50.85 7.77 -19.04
CA GLY B 636 51.17 8.87 -18.12
C GLY B 636 52.19 9.90 -18.58
N GLU B 637 53.23 9.45 -19.32
CA GLU B 637 54.28 10.32 -19.86
C GLU B 637 53.73 11.28 -20.97
N ALA B 638 53.02 10.73 -21.95
CA ALA B 638 52.43 11.48 -23.05
C ALA B 638 51.31 12.43 -22.58
N LYS B 639 50.52 12.00 -21.60
CA LYS B 639 49.42 12.83 -21.11
C LYS B 639 49.86 13.92 -20.14
N TRP B 640 50.77 13.64 -19.20
CA TRP B 640 51.07 14.63 -18.14
C TRP B 640 52.54 14.97 -17.97
N GLY B 641 53.41 14.29 -18.72
CA GLY B 641 54.85 14.41 -18.52
C GLY B 641 55.28 13.72 -17.24
N GLN B 642 54.42 12.82 -16.72
CA GLN B 642 54.68 12.07 -15.48
C GLN B 642 55.48 10.83 -15.80
N LEU B 643 56.69 10.73 -15.25
CA LEU B 643 57.53 9.59 -15.56
C LEU B 643 57.50 8.56 -14.42
N SER B 644 57.54 7.28 -14.81
CA SER B 644 57.54 6.12 -13.92
C SER B 644 58.45 5.08 -14.51
N ASP B 645 59.22 4.44 -13.66
CA ASP B 645 60.16 3.39 -14.04
C ASP B 645 59.69 2.03 -13.47
N VAL B 646 58.39 1.90 -13.15
CA VAL B 646 57.83 0.68 -12.54
C VAL B 646 58.09 -0.56 -13.41
N VAL B 647 58.44 -1.69 -12.76
CA VAL B 647 58.66 -2.98 -13.41
C VAL B 647 57.48 -3.88 -13.10
N LEU B 648 56.84 -4.42 -14.14
CA LEU B 648 55.77 -5.40 -13.95
C LEU B 648 56.34 -6.77 -14.32
N LEU B 649 56.35 -7.71 -13.36
CA LEU B 649 56.81 -9.09 -13.57
C LEU B 649 55.57 -9.95 -13.77
N LEU B 650 55.40 -10.49 -14.97
CA LEU B 650 54.18 -11.23 -15.30
C LEU B 650 54.47 -12.70 -15.68
N PRO B 651 54.29 -13.65 -14.73
CA PRO B 651 54.55 -15.08 -15.03
C PRO B 651 53.63 -15.54 -16.17
N HIS B 652 54.26 -16.08 -17.19
CA HIS B 652 53.62 -16.37 -18.48
C HIS B 652 54.13 -17.67 -19.09
N GLY B 653 53.24 -18.38 -19.77
CA GLY B 653 53.62 -19.59 -20.47
C GLY B 653 52.57 -20.67 -20.49
N HIS B 654 52.46 -21.38 -21.64
CA HIS B 654 51.53 -22.50 -21.85
C HIS B 654 52.11 -23.73 -21.25
N GLU B 655 51.52 -24.21 -20.14
CA GLU B 655 52.03 -25.40 -19.44
C GLU B 655 50.92 -26.39 -19.08
N GLY B 656 49.70 -26.13 -19.52
CA GLY B 656 48.58 -27.01 -19.25
C GLY B 656 47.86 -26.74 -17.94
N GLN B 657 48.05 -25.55 -17.32
CA GLN B 657 47.37 -25.22 -16.04
C GLN B 657 46.01 -24.50 -16.25
N GLY B 658 45.55 -24.34 -17.49
CA GLY B 658 44.25 -23.72 -17.72
C GLY B 658 44.29 -22.29 -18.22
N PRO B 659 43.13 -21.74 -18.64
CA PRO B 659 43.10 -20.39 -19.25
C PRO B 659 43.49 -19.22 -18.32
N ASP B 660 43.46 -19.38 -17.00
CA ASP B 660 43.84 -18.33 -16.06
C ASP B 660 45.22 -18.53 -15.46
N HIS B 661 45.95 -19.55 -15.95
CA HIS B 661 47.26 -19.80 -15.41
C HIS B 661 48.22 -20.02 -16.55
N THR B 662 48.04 -19.24 -17.63
CA THR B 662 48.79 -19.41 -18.88
C THR B 662 49.34 -18.10 -19.49
N SER B 663 48.53 -17.01 -19.59
CA SER B 663 48.99 -15.85 -20.32
C SER B 663 48.94 -14.52 -19.57
N GLY B 664 49.97 -13.70 -19.78
CA GLY B 664 50.07 -12.34 -19.26
C GLY B 664 49.57 -11.30 -20.26
N ARG B 665 48.88 -11.77 -21.33
CA ARG B 665 48.24 -11.02 -22.41
C ARG B 665 49.24 -10.05 -23.08
N ILE B 666 50.33 -10.64 -23.61
CA ILE B 666 51.40 -10.01 -24.36
C ILE B 666 50.84 -9.09 -25.45
N GLU B 667 49.85 -9.58 -26.22
CA GLU B 667 49.18 -8.88 -27.31
C GLU B 667 48.55 -7.57 -26.84
N ARG B 668 48.07 -7.52 -25.59
CA ARG B 668 47.45 -6.29 -25.06
C ARG B 668 48.54 -5.23 -24.77
N PHE B 669 49.66 -5.62 -24.14
CA PHE B 669 50.76 -4.68 -23.86
C PHE B 669 51.42 -4.15 -25.14
N LEU B 670 51.58 -5.05 -26.15
CA LEU B 670 52.14 -4.70 -27.45
C LEU B 670 51.23 -3.71 -28.17
N GLN B 671 49.91 -3.87 -28.04
CA GLN B 671 48.88 -3.00 -28.61
C GLN B 671 48.91 -1.63 -27.97
N LEU B 672 49.09 -1.58 -26.66
CA LEU B 672 49.18 -0.36 -25.86
C LEU B 672 50.47 0.44 -26.16
N TRP B 673 51.57 -0.28 -26.50
CA TRP B 673 52.86 0.35 -26.79
C TRP B 673 52.76 1.33 -27.99
N ALA B 674 53.42 2.48 -27.83
CA ALA B 674 53.62 3.56 -28.79
C ALA B 674 54.59 4.56 -28.20
N GLU B 675 55.29 5.36 -29.04
CA GLU B 675 56.18 6.45 -28.65
C GLU B 675 57.25 6.03 -27.63
N GLY B 676 57.68 4.76 -27.70
CA GLY B 676 58.66 4.18 -26.77
C GLY B 676 58.30 4.38 -25.32
N SER B 677 56.99 4.32 -24.99
CA SER B 677 56.45 4.58 -23.63
C SER B 677 56.89 3.52 -22.62
N MET B 678 57.05 2.28 -23.06
CA MET B 678 57.47 1.16 -22.22
C MET B 678 58.45 0.25 -22.93
N THR B 679 59.16 -0.53 -22.14
CA THR B 679 60.00 -1.61 -22.63
C THR B 679 59.22 -2.87 -22.36
N ILE B 680 59.13 -3.75 -23.34
CA ILE B 680 58.44 -5.02 -23.20
C ILE B 680 59.41 -6.14 -23.56
N ALA B 681 59.68 -7.04 -22.62
CA ALA B 681 60.60 -8.15 -22.86
C ALA B 681 60.04 -9.48 -22.40
N MET B 682 60.56 -10.56 -23.01
CA MET B 682 60.29 -11.94 -22.65
C MET B 682 61.66 -12.67 -22.71
N PRO B 683 62.51 -12.49 -21.68
CA PRO B 683 63.86 -13.09 -21.75
C PRO B 683 63.83 -14.60 -21.65
N SER B 684 64.81 -15.28 -22.31
CA SER B 684 64.87 -16.76 -22.34
C SER B 684 66.00 -17.32 -21.49
N THR B 685 66.98 -16.49 -21.08
CA THR B 685 68.09 -16.95 -20.25
C THR B 685 68.20 -16.12 -18.95
N PRO B 686 68.64 -16.76 -17.84
CA PRO B 686 68.82 -16.02 -16.57
C PRO B 686 69.71 -14.76 -16.71
N ALA B 687 70.87 -14.87 -17.43
CA ALA B 687 71.79 -13.74 -17.65
C ALA B 687 71.14 -12.60 -18.38
N ASN B 688 70.32 -12.89 -19.40
CA ASN B 688 69.65 -11.84 -20.15
C ASN B 688 68.62 -11.13 -19.27
N TYR B 689 67.97 -11.88 -18.36
CA TYR B 689 67.04 -11.29 -17.40
C TYR B 689 67.81 -10.37 -16.43
N PHE B 690 68.98 -10.84 -15.92
CA PHE B 690 69.87 -10.10 -15.03
C PHE B 690 70.25 -8.74 -15.65
N HIS B 691 70.72 -8.75 -16.92
CA HIS B 691 71.17 -7.56 -17.64
C HIS B 691 70.01 -6.63 -17.95
N LEU B 692 68.81 -7.18 -18.22
CA LEU B 692 67.59 -6.43 -18.49
C LEU B 692 67.23 -5.60 -17.25
N LEU B 693 67.27 -6.21 -16.06
CA LEU B 693 66.93 -5.54 -14.81
C LEU B 693 67.99 -4.50 -14.46
N ARG B 694 69.28 -4.82 -14.67
CA ARG B 694 70.34 -3.85 -14.37
C ARG B 694 70.29 -2.66 -15.34
N ARG B 695 70.04 -2.93 -16.65
CA ARG B 695 69.92 -1.86 -17.66
C ARG B 695 68.77 -0.95 -17.28
N HIS B 696 67.65 -1.54 -16.81
CA HIS B 696 66.48 -0.79 -16.39
C HIS B 696 66.78 0.14 -15.20
N GLY B 697 67.49 -0.36 -14.21
CA GLY B 697 67.80 0.43 -13.02
C GLY B 697 68.94 1.41 -13.20
N LYS B 698 69.80 1.24 -14.22
CA LYS B 698 70.99 2.10 -14.40
C LYS B 698 70.96 3.02 -15.63
N ASP B 699 69.98 2.90 -16.54
CA ASP B 699 69.92 3.67 -17.78
C ASP B 699 69.60 5.15 -17.63
N GLY B 700 69.07 5.56 -16.47
CA GLY B 700 68.67 6.94 -16.20
C GLY B 700 67.39 7.39 -16.89
N ILE B 701 66.68 6.47 -17.56
CA ILE B 701 65.39 6.71 -18.25
C ILE B 701 64.31 6.28 -17.29
N GLN B 702 63.23 7.06 -17.20
CA GLN B 702 62.12 6.73 -16.31
C GLN B 702 60.97 6.26 -17.18
N ARG B 703 61.02 4.97 -17.58
CA ARG B 703 59.99 4.35 -18.42
C ARG B 703 59.69 2.96 -17.92
N PRO B 704 58.38 2.60 -17.86
CA PRO B 704 58.02 1.29 -17.31
C PRO B 704 58.58 0.14 -18.12
N LEU B 705 58.83 -0.96 -17.42
CA LEU B 705 59.33 -2.19 -18.04
C LEU B 705 58.35 -3.33 -17.76
N ILE B 706 57.87 -3.96 -18.82
CA ILE B 706 56.96 -5.10 -18.72
C ILE B 706 57.77 -6.35 -19.04
N VAL B 707 57.84 -7.30 -18.08
CA VAL B 707 58.61 -8.53 -18.27
C VAL B 707 57.70 -9.76 -18.17
N PHE B 708 57.70 -10.60 -19.22
CA PHE B 708 57.01 -11.86 -19.25
C PHE B 708 57.99 -12.91 -18.75
N THR B 709 57.75 -13.41 -17.53
CA THR B 709 58.67 -14.26 -16.78
C THR B 709 58.24 -15.75 -16.78
N PRO B 710 59.18 -16.68 -16.53
CA PRO B 710 58.84 -18.11 -16.61
C PRO B 710 58.19 -18.68 -15.37
N LYS B 711 57.74 -19.94 -15.49
CA LYS B 711 57.12 -20.75 -14.45
C LYS B 711 57.88 -22.10 -14.39
N SER B 712 57.67 -23.00 -15.36
CA SER B 712 58.37 -24.30 -15.42
C SER B 712 59.84 -24.10 -15.82
N MET B 713 60.09 -23.12 -16.75
CA MET B 713 61.42 -22.74 -17.24
C MET B 713 62.34 -22.28 -16.09
N LEU B 714 61.75 -21.95 -14.90
CA LEU B 714 62.53 -21.62 -13.70
C LEU B 714 63.40 -22.84 -13.30
N ARG B 715 62.91 -24.05 -13.59
CA ARG B 715 63.59 -25.30 -13.22
C ARG B 715 64.05 -26.08 -14.44
N ASN B 716 64.11 -25.43 -15.59
CA ASN B 716 64.62 -26.06 -16.82
C ASN B 716 66.16 -26.02 -16.74
N LYS B 717 66.80 -27.18 -16.75
CA LYS B 717 68.25 -27.30 -16.62
C LYS B 717 68.96 -26.78 -17.86
N ALA B 718 68.25 -26.65 -18.99
CA ALA B 718 68.80 -26.05 -20.20
C ALA B 718 68.80 -24.51 -20.09
N ALA B 719 67.88 -23.95 -19.29
CA ALA B 719 67.73 -22.52 -19.10
C ALA B 719 68.62 -22.00 -17.97
N VAL B 720 69.94 -22.14 -18.11
CA VAL B 720 70.90 -21.72 -17.09
C VAL B 720 72.02 -20.90 -17.76
N SER B 721 72.72 -20.08 -16.98
CA SER B 721 73.76 -19.21 -17.51
C SER B 721 75.12 -19.39 -16.85
N ASP B 722 76.18 -19.10 -17.62
CA ASP B 722 77.57 -19.15 -17.17
C ASP B 722 77.90 -17.84 -16.47
N ILE B 723 78.87 -17.86 -15.55
CA ILE B 723 79.34 -16.67 -14.81
C ILE B 723 79.81 -15.58 -15.78
N ARG B 724 80.52 -15.98 -16.87
CA ARG B 724 81.00 -15.08 -17.92
C ARG B 724 79.84 -14.21 -18.49
N ASP B 725 78.62 -14.75 -18.63
CA ASP B 725 77.46 -14.01 -19.15
C ASP B 725 77.05 -12.85 -18.23
N PHE B 726 77.39 -12.92 -16.93
CA PHE B 726 77.08 -11.86 -15.95
C PHE B 726 78.26 -10.87 -15.83
N THR B 727 79.49 -11.36 -16.00
CA THR B 727 80.70 -10.58 -15.80
C THR B 727 81.30 -9.94 -17.05
N GLU B 728 81.05 -10.52 -18.24
CA GLU B 728 81.66 -10.00 -19.45
C GLU B 728 80.65 -9.82 -20.60
N SER B 729 79.35 -9.83 -20.30
CA SER B 729 78.37 -9.63 -21.35
C SER B 729 77.44 -8.43 -21.01
N LYS B 730 76.38 -8.26 -21.80
CA LYS B 730 75.38 -7.19 -21.68
C LYS B 730 74.04 -7.74 -22.17
N PHE B 731 72.96 -6.94 -22.07
CA PHE B 731 71.63 -7.38 -22.51
C PHE B 731 71.63 -7.60 -24.03
N ARG B 732 71.10 -8.74 -24.46
CA ARG B 732 71.01 -9.10 -25.88
C ARG B 732 69.54 -9.11 -26.25
N SER B 733 69.14 -8.18 -27.10
CA SER B 733 67.75 -8.03 -27.55
C SER B 733 67.33 -9.18 -28.48
N VAL B 734 68.31 -9.71 -29.23
CA VAL B 734 68.13 -10.84 -30.15
C VAL B 734 69.16 -11.91 -29.76
N LEU B 735 68.75 -13.19 -29.67
CA LEU B 735 69.66 -14.28 -29.34
C LEU B 735 69.65 -15.37 -30.39
N GLU B 736 70.85 -15.81 -30.75
CA GLU B 736 71.09 -16.91 -31.68
C GLU B 736 71.26 -18.18 -30.87
N GLU B 737 71.20 -19.34 -31.53
CA GLU B 737 71.48 -20.61 -30.88
C GLU B 737 72.95 -20.70 -30.50
N PRO B 738 73.29 -21.21 -29.28
CA PRO B 738 74.70 -21.36 -28.88
C PRO B 738 75.57 -22.14 -29.86
N MET B 739 74.99 -23.08 -30.65
CA MET B 739 75.77 -23.88 -31.62
C MET B 739 76.43 -23.02 -32.73
N TYR B 740 75.91 -21.83 -32.99
CA TYR B 740 76.42 -20.95 -34.02
C TYR B 740 77.41 -19.96 -33.44
N THR B 741 77.10 -19.40 -32.27
CA THR B 741 77.96 -18.41 -31.64
C THR B 741 79.12 -19.06 -30.86
N ASP B 742 78.88 -20.23 -30.25
CA ASP B 742 79.85 -20.88 -29.38
C ASP B 742 80.11 -22.36 -29.73
N GLY B 743 79.61 -22.85 -30.87
CA GLY B 743 79.79 -24.25 -31.24
C GLY B 743 80.15 -24.56 -32.68
N GLU B 744 79.98 -25.84 -33.05
CA GLU B 744 80.31 -26.37 -34.38
C GLU B 744 79.15 -26.24 -35.40
N GLY B 745 78.19 -25.37 -35.13
CA GLY B 745 77.07 -25.14 -36.02
C GLY B 745 77.42 -24.38 -37.28
N ASP B 746 76.79 -24.78 -38.41
CA ASP B 746 77.02 -24.15 -39.71
C ASP B 746 75.75 -23.40 -40.15
N ARG B 747 75.83 -22.05 -40.11
CA ARG B 747 74.74 -21.16 -40.47
C ARG B 747 74.31 -21.26 -41.92
N ASN B 748 75.25 -21.57 -42.81
CA ASN B 748 75.02 -21.63 -44.25
C ASN B 748 74.13 -22.82 -44.65
N LYS B 749 74.02 -23.84 -43.78
CA LYS B 749 73.15 -25.00 -44.02
C LYS B 749 71.65 -24.67 -43.79
N VAL B 750 71.37 -23.56 -43.08
CA VAL B 750 70.02 -23.14 -42.70
C VAL B 750 69.18 -22.65 -43.92
N THR B 751 68.03 -23.29 -44.14
CA THR B 751 67.08 -22.97 -45.19
C THR B 751 65.78 -22.48 -44.57
N ARG B 752 65.50 -22.90 -43.33
CA ARG B 752 64.28 -22.50 -42.59
C ARG B 752 64.64 -21.79 -41.29
N LEU B 753 64.12 -20.58 -41.12
CA LEU B 753 64.38 -19.83 -39.90
C LEU B 753 63.12 -19.70 -39.11
N LEU B 754 63.19 -20.06 -37.83
CA LEU B 754 62.09 -19.96 -36.89
C LEU B 754 62.40 -18.83 -35.96
N LEU B 755 61.53 -17.84 -35.98
CA LEU B 755 61.61 -16.66 -35.13
C LEU B 755 60.69 -16.86 -33.97
N THR B 756 61.21 -16.69 -32.75
CA THR B 756 60.43 -16.98 -31.57
C THR B 756 60.82 -16.08 -30.41
N SER B 757 60.12 -16.27 -29.28
CA SER B 757 60.36 -15.59 -28.03
C SER B 757 59.94 -16.48 -26.90
N GLY B 758 60.70 -16.49 -25.83
CA GLY B 758 60.33 -17.25 -24.63
C GLY B 758 60.70 -18.73 -24.57
N LYS B 759 60.01 -19.47 -23.71
CA LYS B 759 60.31 -20.85 -23.37
C LYS B 759 60.13 -21.86 -24.53
N ILE B 760 59.33 -21.55 -25.56
CA ILE B 760 59.11 -22.48 -26.66
C ILE B 760 60.44 -22.75 -27.38
N TYR B 761 61.43 -21.81 -27.25
CA TYR B 761 62.77 -21.97 -27.81
C TYR B 761 63.39 -23.31 -27.40
N TYR B 762 63.33 -23.67 -26.10
CA TYR B 762 63.96 -24.90 -25.61
C TYR B 762 63.33 -26.16 -26.20
N GLU B 763 61.99 -26.16 -26.38
CA GLU B 763 61.24 -27.26 -26.98
C GLU B 763 61.59 -27.37 -28.44
N LEU B 764 61.72 -26.23 -29.16
CA LEU B 764 62.13 -26.25 -30.57
C LEU B 764 63.57 -26.71 -30.71
N ALA B 765 64.47 -26.22 -29.81
CA ALA B 765 65.90 -26.60 -29.83
C ALA B 765 66.07 -28.10 -29.54
N ALA B 766 65.27 -28.64 -28.59
CA ALA B 766 65.30 -30.07 -28.23
C ALA B 766 64.86 -30.93 -29.41
N ARG B 767 63.88 -30.47 -30.18
CA ARG B 767 63.38 -31.17 -31.37
C ARG B 767 64.44 -31.13 -32.51
N LYS B 768 65.10 -29.98 -32.69
CA LYS B 768 66.13 -29.81 -33.70
C LYS B 768 67.29 -30.79 -33.42
N ALA B 769 67.71 -30.90 -32.14
CA ALA B 769 68.81 -31.77 -31.71
C ALA B 769 68.46 -33.25 -31.88
N LYS B 770 67.21 -33.60 -31.52
CA LYS B 770 66.67 -34.95 -31.62
C LYS B 770 66.67 -35.42 -33.08
N GLU B 771 66.32 -34.53 -34.03
CA GLU B 771 66.26 -34.88 -35.45
C GLU B 771 67.49 -34.43 -36.25
N ASN B 772 68.51 -33.84 -35.58
CA ASN B 772 69.75 -33.31 -36.20
C ASN B 772 69.42 -32.41 -37.43
N ARG B 773 68.46 -31.48 -37.26
CA ARG B 773 68.02 -30.60 -38.33
C ARG B 773 68.95 -29.38 -38.47
N GLU B 774 70.00 -29.51 -39.28
CA GLU B 774 70.96 -28.44 -39.53
C GLU B 774 70.39 -27.39 -40.51
N ASP B 775 69.25 -27.71 -41.16
CA ASP B 775 68.54 -26.88 -42.14
C ASP B 775 67.65 -25.85 -41.45
N VAL B 776 67.45 -26.00 -40.13
CA VAL B 776 66.59 -25.12 -39.33
C VAL B 776 67.40 -24.36 -38.26
N ALA B 777 67.14 -23.04 -38.13
CA ALA B 777 67.73 -22.21 -37.09
C ALA B 777 66.63 -21.51 -36.29
N ILE B 778 66.87 -21.29 -34.99
CA ILE B 778 65.90 -20.66 -34.12
C ILE B 778 66.50 -19.37 -33.56
N VAL B 779 65.89 -18.24 -33.91
CA VAL B 779 66.32 -16.92 -33.46
C VAL B 779 65.32 -16.40 -32.41
N ARG B 780 65.84 -15.95 -31.27
CA ARG B 780 64.96 -15.44 -30.21
C ARG B 780 64.91 -13.94 -30.17
N ILE B 781 63.70 -13.39 -30.06
CA ILE B 781 63.47 -11.95 -29.88
C ILE B 781 63.20 -11.78 -28.38
N GLU B 782 64.20 -11.29 -27.64
CA GLU B 782 64.15 -11.11 -26.18
C GLU B 782 63.41 -9.83 -25.80
N GLN B 783 63.64 -8.76 -26.57
CA GLN B 783 62.99 -7.46 -26.38
C GLN B 783 61.91 -7.34 -27.44
N LEU B 784 60.64 -7.40 -27.02
CA LEU B 784 59.50 -7.36 -27.92
C LEU B 784 59.17 -5.93 -28.34
N ALA B 785 59.37 -4.95 -27.43
CA ALA B 785 59.13 -3.52 -27.70
C ALA B 785 60.10 -2.65 -26.91
N PRO B 786 60.79 -1.65 -27.53
CA PRO B 786 60.80 -1.34 -28.98
C PRO B 786 61.48 -2.47 -29.75
N LEU B 787 61.04 -2.75 -31.00
CA LEU B 787 61.60 -3.83 -31.80
C LEU B 787 63.09 -3.59 -32.08
N PRO B 788 63.95 -4.58 -31.82
CA PRO B 788 65.39 -4.38 -32.08
C PRO B 788 65.68 -4.55 -33.57
N ARG B 789 65.26 -3.57 -34.35
CA ARG B 789 65.33 -3.55 -35.81
C ARG B 789 66.75 -3.85 -36.33
N ARG B 790 67.76 -3.08 -35.87
CA ARG B 790 69.15 -3.23 -36.33
C ARG B 790 69.73 -4.61 -35.95
N ARG B 791 69.61 -5.03 -34.66
CA ARG B 791 70.18 -6.32 -34.22
C ARG B 791 69.49 -7.49 -34.94
N LEU B 792 68.16 -7.41 -35.17
CA LEU B 792 67.41 -8.44 -35.87
C LEU B 792 67.89 -8.55 -37.34
N ALA B 793 68.06 -7.41 -38.03
CA ALA B 793 68.54 -7.37 -39.41
C ALA B 793 69.97 -7.91 -39.49
N GLU B 794 70.86 -7.49 -38.56
CA GLU B 794 72.25 -7.96 -38.52
C GLU B 794 72.33 -9.49 -38.30
N THR B 795 71.50 -10.03 -37.38
CA THR B 795 71.39 -11.46 -37.08
C THR B 795 70.92 -12.27 -38.28
N LEU B 796 69.78 -11.89 -38.92
CA LEU B 796 69.23 -12.60 -40.06
C LEU B 796 70.20 -12.65 -41.25
N ASP B 797 71.01 -11.58 -41.44
CA ASP B 797 71.99 -11.49 -42.53
C ASP B 797 73.07 -12.57 -42.43
N ARG B 798 73.21 -13.20 -41.24
CA ARG B 798 74.19 -14.27 -41.00
C ARG B 798 73.69 -15.63 -41.54
N TYR B 799 72.42 -15.71 -41.99
CA TYR B 799 71.79 -16.91 -42.56
C TYR B 799 71.46 -16.66 -44.05
N PRO B 800 72.45 -16.66 -44.97
CA PRO B 800 72.16 -16.28 -46.36
C PRO B 800 71.31 -17.26 -47.19
N ASN B 801 71.21 -18.53 -46.78
CA ASN B 801 70.48 -19.52 -47.57
C ASN B 801 69.02 -19.77 -47.10
N VAL B 802 68.49 -18.89 -46.25
CA VAL B 802 67.12 -18.95 -45.76
C VAL B 802 66.12 -18.70 -46.92
N LYS B 803 65.20 -19.64 -47.12
CA LYS B 803 64.17 -19.62 -48.16
C LYS B 803 62.78 -19.37 -47.55
N GLU B 804 62.64 -19.57 -46.22
CA GLU B 804 61.37 -19.36 -45.51
C GLU B 804 61.61 -19.01 -44.05
N LYS B 805 60.83 -18.05 -43.56
CA LYS B 805 60.87 -17.56 -42.18
C LYS B 805 59.51 -17.73 -41.54
N PHE B 806 59.50 -18.25 -40.30
CA PHE B 806 58.26 -18.44 -39.56
C PHE B 806 58.33 -17.82 -38.20
N TRP B 807 57.25 -17.13 -37.81
CA TRP B 807 57.10 -16.65 -36.45
C TRP B 807 56.44 -17.81 -35.72
N VAL B 808 57.12 -18.34 -34.72
CA VAL B 808 56.57 -19.51 -34.00
C VAL B 808 56.21 -19.08 -32.59
N GLN B 809 54.98 -19.40 -32.16
CA GLN B 809 54.53 -19.06 -30.82
C GLN B 809 53.56 -20.10 -30.24
N GLU B 810 53.56 -20.19 -28.93
CA GLU B 810 52.68 -21.04 -28.12
C GLU B 810 51.27 -20.52 -28.10
N GLU B 811 51.15 -19.19 -28.08
CA GLU B 811 49.91 -18.48 -27.89
C GLU B 811 48.97 -18.60 -29.07
N PRO B 812 47.63 -18.59 -28.82
CA PRO B 812 46.67 -18.64 -29.93
C PRO B 812 46.97 -17.53 -30.95
N ALA B 813 46.59 -17.69 -32.25
CA ALA B 813 46.86 -16.79 -33.37
C ALA B 813 46.48 -15.32 -33.12
N ASN B 814 45.39 -15.08 -32.40
CA ASN B 814 44.91 -13.72 -32.08
C ASN B 814 45.60 -13.18 -30.81
N GLN B 815 46.60 -13.91 -30.29
CA GLN B 815 47.29 -13.56 -29.05
C GLN B 815 48.80 -13.63 -29.19
N GLY B 816 49.53 -13.37 -28.12
CA GLY B 816 50.99 -13.31 -28.15
C GLY B 816 51.53 -12.19 -29.03
N ALA B 817 52.73 -12.38 -29.59
CA ALA B 817 53.37 -11.35 -30.39
C ALA B 817 52.90 -11.29 -31.83
N TRP B 818 52.29 -12.37 -32.40
CA TRP B 818 51.89 -12.37 -33.83
C TRP B 818 50.99 -11.17 -34.22
N PRO B 819 49.91 -10.81 -33.50
CA PRO B 819 49.05 -9.69 -33.97
C PRO B 819 49.82 -8.39 -34.24
N SER B 820 50.90 -8.12 -33.51
CA SER B 820 51.66 -6.91 -33.79
C SER B 820 52.82 -7.19 -34.75
N PHE B 821 53.60 -8.29 -34.50
CA PHE B 821 54.75 -8.69 -35.31
C PHE B 821 54.37 -9.05 -36.75
N GLY B 822 53.23 -9.72 -36.92
CA GLY B 822 52.74 -10.12 -38.25
C GLY B 822 52.51 -8.92 -39.14
N LEU B 823 52.24 -7.78 -38.51
CA LEU B 823 51.98 -6.53 -39.21
C LEU B 823 53.24 -5.65 -39.27
N THR B 824 53.95 -5.44 -38.14
CA THR B 824 55.11 -4.54 -38.07
C THR B 824 56.40 -5.10 -38.72
N LEU B 825 56.75 -6.40 -38.49
CA LEU B 825 57.98 -7.00 -39.04
C LEU B 825 58.08 -6.87 -40.57
N PRO B 826 57.04 -7.19 -41.39
CA PRO B 826 57.20 -6.98 -42.86
C PRO B 826 57.26 -5.50 -43.26
N GLU B 827 56.82 -4.57 -42.37
CA GLU B 827 56.81 -3.14 -42.65
C GLU B 827 58.16 -2.48 -42.33
N ILE B 828 58.72 -2.70 -41.13
CA ILE B 828 60.00 -2.12 -40.72
C ILE B 828 61.18 -2.80 -41.45
N LEU B 829 61.07 -4.11 -41.76
CA LEU B 829 62.13 -4.87 -42.43
C LEU B 829 61.53 -5.63 -43.64
N PRO B 830 61.14 -4.92 -44.73
CA PRO B 830 60.54 -5.60 -45.88
C PRO B 830 61.47 -6.58 -46.58
N ASP B 831 62.80 -6.29 -46.66
CA ASP B 831 63.74 -7.18 -47.35
C ASP B 831 63.99 -8.48 -46.59
N HIS B 832 63.72 -8.48 -45.26
CA HIS B 832 63.91 -9.64 -44.42
C HIS B 832 62.61 -10.37 -44.13
N PHE B 833 61.48 -9.65 -43.94
CA PHE B 833 60.26 -10.31 -43.50
C PHE B 833 59.06 -10.34 -44.47
N THR B 834 59.23 -9.99 -45.76
CA THR B 834 58.11 -10.14 -46.68
C THR B 834 57.92 -11.66 -46.87
N GLY B 835 56.70 -12.14 -46.64
CA GLY B 835 56.39 -13.56 -46.73
C GLY B 835 56.49 -14.30 -45.42
N LEU B 836 56.70 -13.58 -44.30
CA LEU B 836 56.77 -14.17 -42.96
C LEU B 836 55.42 -14.84 -42.64
N LYS B 837 55.49 -16.10 -42.24
CA LYS B 837 54.30 -16.87 -41.90
C LYS B 837 54.27 -17.20 -40.41
N ARG B 838 53.09 -17.58 -39.92
CA ARG B 838 52.85 -17.83 -38.51
C ARG B 838 52.67 -19.31 -38.19
N ILE B 839 53.28 -19.76 -37.09
CA ILE B 839 53.09 -21.08 -36.51
C ILE B 839 52.65 -20.85 -35.06
N SER B 840 51.39 -21.19 -34.77
CA SER B 840 50.81 -20.99 -33.47
C SER B 840 49.61 -21.87 -33.24
N ARG B 841 49.06 -21.76 -32.02
CA ARG B 841 47.76 -22.35 -31.70
C ARG B 841 46.74 -21.60 -32.51
N ARG B 842 45.59 -22.22 -32.77
CA ARG B 842 44.49 -21.55 -33.48
C ARG B 842 44.03 -20.31 -32.67
N ALA B 843 43.31 -19.37 -33.31
CA ALA B 843 42.74 -18.23 -32.58
C ALA B 843 41.71 -18.78 -31.57
N MET B 844 41.78 -18.29 -30.35
CA MET B 844 40.96 -18.81 -29.26
C MET B 844 40.40 -17.70 -28.47
N SER B 845 39.18 -17.88 -27.98
CA SER B 845 38.46 -16.95 -27.12
C SER B 845 39.14 -16.88 -25.77
N ALA B 846 39.60 -18.02 -25.23
CA ALA B 846 40.28 -18.14 -23.94
C ALA B 846 41.78 -18.24 -24.20
N PRO B 847 42.68 -17.92 -23.25
CA PRO B 847 44.10 -17.94 -23.59
C PRO B 847 44.68 -19.34 -23.83
N SER B 848 43.97 -20.39 -23.38
CA SER B 848 44.38 -21.79 -23.54
C SER B 848 43.22 -22.73 -23.25
N SER B 849 43.43 -24.05 -23.45
CA SER B 849 42.40 -25.04 -23.12
C SER B 849 42.46 -25.34 -21.59
N GLY B 850 41.41 -25.91 -21.03
CA GLY B 850 41.35 -26.25 -19.62
C GLY B 850 42.03 -27.55 -19.24
N SER B 851 42.23 -28.43 -20.20
CA SER B 851 42.86 -29.75 -20.01
C SER B 851 44.37 -29.74 -20.34
N SER B 852 45.21 -30.24 -19.42
CA SER B 852 46.66 -30.36 -19.63
C SER B 852 46.99 -31.41 -20.73
N LYS B 853 46.09 -32.37 -20.94
CA LYS B 853 46.30 -33.41 -21.95
C LYS B 853 46.09 -32.80 -23.33
N VAL B 854 45.08 -31.91 -23.40
CA VAL B 854 44.72 -31.17 -24.62
C VAL B 854 45.80 -30.15 -24.91
N HIS B 855 46.37 -29.50 -23.85
CA HIS B 855 47.49 -28.56 -24.02
C HIS B 855 48.68 -29.31 -24.68
N ALA B 856 48.98 -30.51 -24.16
CA ALA B 856 50.10 -31.35 -24.63
C ALA B 856 49.98 -31.71 -26.11
N VAL B 857 48.76 -32.04 -26.58
CA VAL B 857 48.52 -32.41 -27.97
C VAL B 857 48.70 -31.18 -28.89
N GLU B 858 48.18 -30.00 -28.47
CA GLU B 858 48.33 -28.75 -29.21
C GLU B 858 49.80 -28.33 -29.27
N GLN B 859 50.54 -28.42 -28.14
CA GLN B 859 51.95 -28.07 -28.10
C GLN B 859 52.78 -28.92 -29.08
N GLN B 860 52.46 -30.23 -29.20
CA GLN B 860 53.20 -31.13 -30.09
C GLN B 860 52.91 -30.80 -31.56
N GLU B 861 51.67 -30.36 -31.87
CA GLU B 861 51.27 -29.94 -33.22
C GLU B 861 52.07 -28.71 -33.68
N ILE B 862 52.38 -27.76 -32.77
CA ILE B 862 53.21 -26.59 -33.08
C ILE B 862 54.61 -27.07 -33.48
N LEU B 863 55.26 -27.87 -32.62
CA LEU B 863 56.60 -28.44 -32.86
C LEU B 863 56.65 -29.25 -34.17
N ASP B 864 55.62 -30.09 -34.44
CA ASP B 864 55.53 -30.88 -35.67
C ASP B 864 55.39 -29.98 -36.90
N THR B 865 54.66 -28.85 -36.81
CA THR B 865 54.46 -27.95 -37.94
C THR B 865 55.77 -27.22 -38.26
N ALA B 866 56.47 -26.73 -37.20
CA ALA B 866 57.73 -25.99 -37.33
C ALA B 866 58.82 -26.83 -37.99
N PHE B 867 58.79 -28.15 -37.80
CA PHE B 867 59.79 -29.05 -38.34
C PHE B 867 59.24 -29.94 -39.48
N GLY B 868 58.02 -29.65 -39.93
CA GLY B 868 57.36 -30.38 -41.02
C GLY B 868 57.93 -30.03 -42.37
N GLU C 5 -18.31 0.02 -42.96
CA GLU C 5 -18.24 -1.30 -42.34
C GLU C 5 -18.34 -1.22 -40.80
N ASP C 6 -17.93 -0.07 -40.22
CA ASP C 6 -17.92 0.26 -38.80
C ASP C 6 -19.07 1.18 -38.41
N LYS C 7 -19.59 1.97 -39.38
CA LYS C 7 -20.65 2.95 -39.22
C LYS C 7 -21.92 2.35 -38.62
N ASN C 8 -22.41 1.20 -39.16
CA ASN C 8 -23.61 0.53 -38.65
C ASN C 8 -23.46 0.12 -37.17
N ALA C 9 -22.22 -0.19 -36.73
CA ALA C 9 -21.93 -0.56 -35.34
C ALA C 9 -21.97 0.67 -34.43
N ARG C 10 -21.61 1.85 -34.99
CA ARG C 10 -21.61 3.10 -34.23
C ARG C 10 -23.05 3.59 -34.02
N VAL C 11 -23.94 3.28 -34.99
CA VAL C 11 -25.37 3.57 -34.97
C VAL C 11 -26.05 2.74 -33.83
N ILE C 12 -25.73 1.44 -33.70
CA ILE C 12 -26.28 0.58 -32.65
C ILE C 12 -25.85 1.11 -31.25
N GLU C 13 -24.59 1.59 -31.11
CA GLU C 13 -24.09 2.15 -29.86
C GLU C 13 -24.81 3.47 -29.55
N LEU C 14 -25.12 4.28 -30.58
CA LEU C 14 -25.83 5.55 -30.46
C LEU C 14 -27.26 5.30 -30.02
N ILE C 15 -27.97 4.35 -30.67
CA ILE C 15 -29.33 3.96 -30.27
C ILE C 15 -29.35 3.59 -28.77
N ALA C 16 -28.41 2.71 -28.35
CA ALA C 16 -28.28 2.26 -26.98
C ALA C 16 -27.99 3.43 -26.04
N ALA C 17 -27.09 4.36 -26.44
CA ALA C 17 -26.74 5.56 -25.66
C ALA C 17 -27.98 6.43 -25.36
N TYR C 18 -28.89 6.57 -26.35
CA TYR C 18 -30.11 7.36 -26.20
C TYR C 18 -31.09 6.64 -25.29
N ARG C 19 -31.22 5.31 -25.47
CA ARG C 19 -32.10 4.49 -24.65
C ARG C 19 -31.64 4.41 -23.19
N ASN C 20 -30.31 4.40 -22.96
CA ASN C 20 -29.71 4.31 -21.63
C ASN C 20 -29.51 5.65 -20.94
N ARG C 21 -28.98 6.66 -21.66
CA ARG C 21 -28.60 7.95 -21.06
C ARG C 21 -29.25 9.21 -21.63
N GLY C 22 -30.16 9.06 -22.59
CA GLY C 22 -30.87 10.20 -23.18
C GLY C 22 -31.59 11.06 -22.15
N HIS C 23 -32.11 10.42 -21.07
CA HIS C 23 -32.81 11.07 -19.97
C HIS C 23 -31.94 12.11 -19.26
N LEU C 24 -30.59 11.97 -19.30
CA LEU C 24 -29.66 12.94 -18.70
C LEU C 24 -29.56 14.24 -19.52
N MET C 25 -30.05 14.23 -20.77
CA MET C 25 -30.04 15.40 -21.66
C MET C 25 -31.42 16.01 -21.86
N ALA C 26 -32.49 15.29 -21.49
CA ALA C 26 -33.88 15.71 -21.72
C ALA C 26 -34.22 17.02 -21.00
N ASP C 27 -34.98 17.90 -21.66
CA ASP C 27 -35.41 19.18 -21.14
C ASP C 27 -36.62 18.96 -20.21
N ILE C 28 -36.33 18.46 -18.99
CA ILE C 28 -37.32 18.08 -18.00
C ILE C 28 -37.55 19.18 -16.95
N ASP C 29 -36.54 20.01 -16.66
CA ASP C 29 -36.63 21.04 -15.61
C ASP C 29 -37.25 22.35 -16.17
N PRO C 30 -38.49 22.71 -15.76
CA PRO C 30 -39.09 23.97 -16.26
C PRO C 30 -38.40 25.24 -15.77
N LEU C 31 -37.42 25.12 -14.86
CA LEU C 31 -36.70 26.29 -14.37
C LEU C 31 -35.38 26.48 -15.08
N ARG C 32 -34.81 25.40 -15.62
CA ARG C 32 -33.53 25.39 -16.34
C ARG C 32 -32.40 25.92 -15.41
N LEU C 33 -32.43 25.49 -14.14
CA LEU C 33 -31.47 25.90 -13.12
C LEU C 33 -30.05 25.49 -13.44
N ASP C 34 -29.84 24.21 -13.81
CA ASP C 34 -28.49 23.74 -14.17
C ASP C 34 -28.17 24.10 -15.62
N ASN C 35 -27.14 24.96 -15.80
CA ASN C 35 -26.67 25.45 -17.11
C ASN C 35 -25.85 24.37 -17.86
N THR C 36 -25.05 23.58 -17.12
CA THR C 36 -24.15 22.55 -17.64
C THR C 36 -24.89 21.25 -18.11
N ARG C 37 -26.24 21.24 -18.04
CA ARG C 37 -27.05 20.08 -18.45
C ARG C 37 -26.82 19.72 -19.92
N PHE C 38 -26.87 20.72 -20.82
CA PHE C 38 -26.66 20.50 -22.24
C PHE C 38 -25.19 20.79 -22.61
N ARG C 39 -24.27 19.99 -22.02
CA ARG C 39 -22.79 20.02 -22.18
C ARG C 39 -22.22 21.41 -21.93
N GLY C 50 -19.02 9.62 -33.78
CA GLY C 50 -18.07 9.11 -34.75
C GLY C 50 -18.62 8.93 -36.16
N LEU C 51 -19.70 9.67 -36.49
CA LEU C 51 -20.40 9.66 -37.78
C LEU C 51 -20.43 11.06 -38.38
N THR C 52 -20.56 11.17 -39.72
CA THR C 52 -20.58 12.44 -40.44
C THR C 52 -22.01 12.92 -40.76
N LEU C 53 -22.12 14.17 -41.27
CA LEU C 53 -23.37 14.82 -41.69
C LEU C 53 -23.91 14.18 -42.98
N TRP C 54 -23.04 13.42 -43.68
CA TRP C 54 -23.37 12.70 -44.90
C TRP C 54 -24.14 11.41 -44.58
N ASP C 55 -23.85 10.83 -43.40
CA ASP C 55 -24.44 9.59 -42.94
C ASP C 55 -25.93 9.72 -42.60
N LEU C 56 -26.42 10.93 -42.23
CA LEU C 56 -27.83 11.18 -41.84
C LEU C 56 -28.85 10.67 -42.87
N ASP C 57 -28.50 10.76 -44.17
CA ASP C 57 -29.38 10.32 -45.26
C ASP C 57 -29.17 8.83 -45.62
N ARG C 58 -28.10 8.20 -45.08
CA ARG C 58 -27.82 6.79 -45.33
C ARG C 58 -28.75 5.87 -44.53
N GLU C 59 -28.95 4.64 -45.04
CA GLU C 59 -29.77 3.61 -44.43
C GLU C 59 -28.91 2.67 -43.55
N PHE C 60 -29.39 2.33 -42.34
CA PHE C 60 -28.71 1.46 -41.38
C PHE C 60 -29.69 0.45 -40.78
N LYS C 61 -29.24 -0.82 -40.67
CA LYS C 61 -29.98 -1.97 -40.14
C LYS C 61 -30.37 -1.73 -38.69
N VAL C 62 -31.67 -1.88 -38.37
CA VAL C 62 -32.24 -1.71 -37.03
C VAL C 62 -33.18 -2.88 -36.74
N ARG C 70 -33.77 -1.57 -41.03
CA ARG C 70 -33.19 -0.75 -42.09
C ARG C 70 -34.01 0.54 -42.27
N LYS C 71 -33.52 1.62 -41.66
CA LYS C 71 -34.12 2.95 -41.58
C LYS C 71 -33.02 4.01 -41.72
N LYS C 72 -33.39 5.22 -42.25
CA LYS C 72 -32.48 6.36 -42.44
C LYS C 72 -32.02 6.90 -41.07
N LEU C 73 -30.74 7.29 -40.96
CA LEU C 73 -30.12 7.77 -39.72
C LEU C 73 -30.83 9.03 -39.17
N ARG C 74 -31.27 9.93 -40.07
CA ARG C 74 -32.00 11.14 -39.69
C ARG C 74 -33.30 10.76 -38.92
N ASP C 75 -34.04 9.71 -39.39
CA ASP C 75 -35.28 9.21 -38.79
C ASP C 75 -34.98 8.50 -37.50
N ILE C 76 -33.87 7.70 -37.50
CA ILE C 76 -33.39 7.03 -36.30
C ILE C 76 -33.23 8.10 -35.21
N LEU C 77 -32.42 9.14 -35.50
CA LEU C 77 -32.14 10.22 -34.56
C LEU C 77 -33.37 11.02 -34.16
N SER C 78 -34.28 11.34 -35.11
CA SER C 78 -35.48 12.12 -34.81
C SER C 78 -36.35 11.39 -33.72
N VAL C 79 -36.63 10.09 -33.93
CA VAL C 79 -37.36 9.18 -33.02
C VAL C 79 -36.68 9.15 -31.63
N LEU C 80 -35.34 8.96 -31.60
CA LEU C 80 -34.58 8.92 -30.36
C LEU C 80 -34.61 10.28 -29.65
N ARG C 81 -34.51 11.42 -30.38
CA ARG C 81 -34.59 12.75 -29.77
C ARG C 81 -36.00 13.00 -29.19
N ASP C 82 -37.05 12.62 -29.94
CA ASP C 82 -38.45 12.77 -29.50
C ASP C 82 -38.78 11.92 -28.27
N ALA C 83 -38.36 10.64 -28.30
CA ALA C 83 -38.67 9.71 -27.23
C ALA C 83 -37.91 9.99 -25.93
N TYR C 84 -36.64 10.40 -26.02
CA TYR C 84 -35.77 10.44 -24.86
C TYR C 84 -35.14 11.75 -24.48
N CYS C 85 -35.14 12.77 -25.38
CA CYS C 85 -34.44 14.02 -25.08
C CYS C 85 -35.30 15.29 -25.20
N ARG C 86 -36.64 15.18 -25.12
CA ARG C 86 -37.51 16.35 -25.17
C ARG C 86 -38.00 16.63 -23.75
N HIS C 87 -39.32 16.59 -23.48
CA HIS C 87 -39.84 16.90 -22.13
C HIS C 87 -40.05 15.63 -21.29
N VAL C 88 -39.66 14.45 -21.81
CA VAL C 88 -39.80 13.19 -21.08
C VAL C 88 -38.44 12.46 -21.03
N GLY C 89 -37.98 12.21 -19.80
CA GLY C 89 -36.79 11.44 -19.52
C GLY C 89 -37.22 10.02 -19.15
N VAL C 90 -36.83 9.04 -19.96
CA VAL C 90 -37.25 7.67 -19.71
C VAL C 90 -36.10 6.82 -19.14
N GLU C 91 -36.32 6.22 -17.98
CA GLU C 91 -35.36 5.27 -17.39
C GLU C 91 -36.06 3.93 -17.38
N TYR C 92 -35.53 2.96 -18.13
CA TYR C 92 -36.18 1.66 -18.22
C TYR C 92 -35.20 0.51 -18.54
N THR C 93 -33.95 0.81 -18.95
CA THR C 93 -32.97 -0.20 -19.36
C THR C 93 -32.39 -0.97 -18.15
N HIS C 94 -32.76 -0.57 -16.93
CA HIS C 94 -32.41 -1.28 -15.69
C HIS C 94 -33.36 -2.45 -15.48
N ILE C 95 -34.61 -2.39 -16.05
CA ILE C 95 -35.61 -3.46 -15.94
C ILE C 95 -34.99 -4.78 -16.45
N LEU C 96 -35.06 -5.83 -15.62
CA LEU C 96 -34.48 -7.13 -15.96
C LEU C 96 -35.34 -7.93 -16.91
N GLU C 97 -36.68 -7.76 -16.90
CA GLU C 97 -37.55 -8.49 -17.85
C GLU C 97 -37.40 -7.85 -19.26
N PRO C 98 -36.88 -8.59 -20.28
CA PRO C 98 -36.72 -7.98 -21.62
C PRO C 98 -38.03 -7.54 -22.29
N GLU C 99 -39.15 -8.26 -22.06
CA GLU C 99 -40.44 -7.95 -22.66
C GLU C 99 -41.00 -6.59 -22.17
N GLN C 100 -40.63 -6.19 -20.93
CA GLN C 100 -41.02 -4.90 -20.37
C GLN C 100 -40.21 -3.79 -21.04
N GLN C 101 -38.91 -4.02 -21.27
CA GLN C 101 -38.08 -3.07 -22.02
C GLN C 101 -38.61 -2.92 -23.45
N ARG C 102 -39.00 -4.03 -24.12
CA ARG C 102 -39.54 -3.97 -25.49
C ARG C 102 -40.86 -3.22 -25.52
N TRP C 103 -41.74 -3.46 -24.53
CA TRP C 103 -43.06 -2.84 -24.41
C TRP C 103 -42.93 -1.30 -24.36
N ILE C 104 -42.05 -0.78 -23.48
CA ILE C 104 -41.81 0.66 -23.31
C ILE C 104 -41.23 1.22 -24.60
N GLN C 105 -40.14 0.61 -25.10
CA GLN C 105 -39.44 0.95 -26.34
C GLN C 105 -40.41 1.14 -27.51
N GLU C 106 -41.33 0.20 -27.72
CA GLU C 106 -42.32 0.23 -28.80
C GLU C 106 -43.32 1.36 -28.66
N ARG C 107 -43.74 1.70 -27.43
CA ARG C 107 -44.72 2.77 -27.19
C ARG C 107 -44.12 4.16 -27.12
N VAL C 108 -42.83 4.24 -26.77
CA VAL C 108 -42.13 5.51 -26.61
C VAL C 108 -41.39 5.90 -27.95
N GLU C 109 -40.85 4.92 -28.72
CA GLU C 109 -40.12 5.19 -29.96
C GLU C 109 -41.02 5.19 -31.21
N THR C 110 -42.28 5.64 -31.07
CA THR C 110 -43.22 5.73 -32.20
C THR C 110 -43.82 7.12 -32.27
N LYS C 111 -44.46 7.45 -33.41
CA LYS C 111 -45.13 8.73 -33.59
C LYS C 111 -46.38 8.78 -32.71
N HIS C 112 -46.51 9.80 -31.89
CA HIS C 112 -47.67 9.93 -31.00
C HIS C 112 -48.67 10.91 -31.62
N ASP C 113 -49.93 10.45 -31.76
CA ASP C 113 -50.98 11.31 -32.34
C ASP C 113 -51.35 12.41 -31.34
N LYS C 114 -51.32 13.66 -31.84
CA LYS C 114 -51.60 14.88 -31.08
C LYS C 114 -53.02 14.83 -30.47
N PRO C 115 -53.24 15.39 -29.25
CA PRO C 115 -54.59 15.35 -28.67
C PRO C 115 -55.56 16.22 -29.47
N THR C 116 -56.87 15.88 -29.44
CA THR C 116 -57.90 16.66 -30.13
C THR C 116 -58.06 18.00 -29.42
N VAL C 117 -58.60 19.02 -30.12
CA VAL C 117 -58.84 20.36 -29.56
C VAL C 117 -59.69 20.22 -28.28
N ALA C 118 -60.71 19.34 -28.29
CA ALA C 118 -61.59 19.06 -27.16
C ALA C 118 -60.79 18.57 -25.93
N GLU C 119 -59.84 17.62 -26.15
CA GLU C 119 -58.96 17.06 -25.12
C GLU C 119 -58.02 18.13 -24.57
N GLN C 120 -57.50 19.03 -25.46
CA GLN C 120 -56.61 20.14 -25.10
C GLN C 120 -57.37 21.14 -24.23
N LYS C 121 -58.61 21.47 -24.64
CA LYS C 121 -59.50 22.36 -23.90
C LYS C 121 -59.80 21.78 -22.51
N TYR C 122 -59.96 20.45 -22.45
CA TYR C 122 -60.24 19.74 -21.20
C TYR C 122 -59.04 19.87 -20.25
N ILE C 123 -57.80 19.69 -20.78
CA ILE C 123 -56.58 19.84 -20.00
C ILE C 123 -56.54 21.27 -19.44
N LEU C 124 -56.70 22.29 -20.31
CA LEU C 124 -56.73 23.69 -19.92
C LEU C 124 -57.76 23.93 -18.78
N SER C 125 -58.98 23.34 -18.86
CA SER C 125 -60.00 23.46 -17.81
C SER C 125 -59.48 22.95 -16.46
N LYS C 126 -58.70 21.85 -16.47
CA LYS C 126 -58.09 21.29 -15.25
C LYS C 126 -57.04 22.23 -14.67
N LEU C 127 -56.21 22.86 -15.52
CA LEU C 127 -55.24 23.87 -15.07
C LEU C 127 -55.94 25.14 -14.54
N ASN C 128 -57.10 25.50 -15.14
CA ASN C 128 -57.88 26.68 -14.73
C ASN C 128 -58.38 26.50 -13.33
N ALA C 129 -59.07 25.35 -13.07
CA ALA C 129 -59.61 24.95 -11.79
C ALA C 129 -58.49 24.91 -10.75
N ALA C 130 -57.34 24.27 -11.09
CA ALA C 130 -56.16 24.14 -10.21
C ALA C 130 -55.58 25.51 -9.80
N GLU C 131 -55.25 26.37 -10.77
CA GLU C 131 -54.63 27.65 -10.46
C GLU C 131 -55.62 28.66 -9.86
N ALA C 132 -56.88 28.66 -10.31
CA ALA C 132 -57.87 29.61 -9.79
C ALA C 132 -58.30 29.26 -8.35
N PHE C 133 -58.37 27.96 -8.01
CA PHE C 133 -58.66 27.51 -6.66
C PHE C 133 -57.56 28.04 -5.70
N GLU C 134 -56.27 27.89 -6.09
CA GLU C 134 -55.17 28.36 -5.26
C GLU C 134 -55.21 29.89 -5.10
N THR C 135 -55.50 30.64 -6.18
CA THR C 135 -55.53 32.12 -6.15
C THR C 135 -56.76 32.61 -5.39
N PHE C 136 -57.83 31.85 -5.33
CA PHE C 136 -59.02 32.31 -4.59
C PHE C 136 -58.77 32.28 -3.09
N LEU C 137 -58.05 31.25 -2.64
CA LEU C 137 -57.70 31.05 -1.23
C LEU C 137 -56.63 32.03 -0.81
N GLN C 138 -55.75 32.42 -1.74
CA GLN C 138 -54.73 33.43 -1.46
C GLN C 138 -55.40 34.77 -1.17
N THR C 139 -56.50 35.06 -1.89
CA THR C 139 -57.22 36.32 -1.74
C THR C 139 -58.05 36.32 -0.47
N LYS C 140 -58.87 35.28 -0.26
CA LYS C 140 -59.80 35.17 0.86
C LYS C 140 -59.15 34.90 2.23
N TYR C 141 -58.20 33.95 2.28
CA TYR C 141 -57.52 33.55 3.52
C TYR C 141 -56.03 33.75 3.41
N VAL C 142 -55.61 35.03 3.27
CA VAL C 142 -54.20 35.44 3.12
C VAL C 142 -53.28 34.82 4.21
N GLY C 143 -53.77 34.73 5.45
CA GLY C 143 -52.99 34.21 6.57
C GLY C 143 -53.22 32.76 6.92
N GLN C 144 -53.74 31.95 5.98
CA GLN C 144 -53.96 30.55 6.34
C GLN C 144 -53.10 29.61 5.46
N LYS C 145 -52.44 28.66 6.14
CA LYS C 145 -51.61 27.60 5.58
C LYS C 145 -52.49 26.67 4.72
N ARG C 146 -52.12 26.45 3.45
CA ARG C 146 -52.88 25.57 2.57
C ARG C 146 -51.96 24.69 1.72
N PHE C 147 -50.62 24.87 1.80
CA PHE C 147 -49.62 24.12 1.04
C PHE C 147 -50.00 24.08 -0.44
N SER C 148 -50.01 25.27 -1.02
CA SER C 148 -50.39 25.52 -2.41
C SER C 148 -49.61 24.68 -3.44
N LEU C 149 -50.33 24.27 -4.50
CA LEU C 149 -49.89 23.52 -5.67
C LEU C 149 -49.32 24.45 -6.77
N GLU C 150 -49.19 25.77 -6.50
CA GLU C 150 -48.69 26.76 -7.46
C GLU C 150 -47.28 26.41 -7.89
N GLY C 151 -47.13 26.35 -9.20
CA GLY C 151 -45.90 25.95 -9.84
C GLY C 151 -45.93 24.49 -10.25
N ALA C 152 -46.96 23.73 -9.80
CA ALA C 152 -47.14 22.29 -10.04
C ALA C 152 -48.58 21.98 -10.47
N GLU C 153 -49.29 22.95 -11.08
CA GLU C 153 -50.70 22.74 -11.42
C GLU C 153 -50.94 21.54 -12.34
N THR C 154 -49.94 21.16 -13.16
CA THR C 154 -50.03 20.01 -14.07
C THR C 154 -50.35 18.70 -13.29
N VAL C 155 -50.11 18.67 -11.95
CA VAL C 155 -50.47 17.52 -11.11
C VAL C 155 -51.98 17.18 -11.32
N ILE C 156 -52.86 18.19 -11.37
CA ILE C 156 -54.31 17.98 -11.55
C ILE C 156 -54.63 17.31 -12.89
N PRO C 157 -54.29 17.86 -14.09
CA PRO C 157 -54.63 17.11 -15.34
C PRO C 157 -53.94 15.74 -15.43
N MET C 158 -52.74 15.59 -14.86
CA MET C 158 -52.00 14.33 -14.84
C MET C 158 -52.78 13.24 -14.05
N MET C 159 -53.26 13.57 -12.83
CA MET C 159 -54.05 12.66 -11.99
C MET C 159 -55.39 12.32 -12.67
N ASP C 160 -55.98 13.30 -13.35
CA ASP C 160 -57.23 13.13 -14.07
C ASP C 160 -57.00 12.12 -15.23
N ALA C 161 -55.81 12.15 -15.87
CA ALA C 161 -55.49 11.22 -16.95
C ALA C 161 -55.26 9.81 -16.39
N VAL C 162 -54.61 9.68 -15.19
CA VAL C 162 -54.40 8.39 -14.51
C VAL C 162 -55.78 7.71 -14.26
N ILE C 163 -56.70 8.46 -13.63
CA ILE C 163 -58.02 7.98 -13.26
C ILE C 163 -58.86 7.65 -14.52
N ASP C 164 -58.81 8.54 -15.52
CA ASP C 164 -59.52 8.35 -16.77
C ASP C 164 -59.01 7.12 -17.50
N GLN C 165 -57.70 6.88 -17.47
CA GLN C 165 -57.11 5.70 -18.10
C GLN C 165 -57.53 4.42 -17.37
N CYS C 166 -57.68 4.49 -16.02
CA CYS C 166 -58.15 3.36 -15.21
C CYS C 166 -59.63 3.02 -15.54
N ALA C 167 -60.44 4.06 -15.79
CA ALA C 167 -61.85 3.92 -16.19
C ALA C 167 -61.93 3.31 -17.58
N GLU C 168 -60.99 3.65 -18.47
CA GLU C 168 -60.92 3.11 -19.84
C GLU C 168 -60.60 1.59 -19.81
N HIS C 169 -59.78 1.16 -18.85
CA HIS C 169 -59.48 -0.27 -18.64
C HIS C 169 -60.64 -0.99 -17.89
N GLY C 170 -61.71 -0.25 -17.58
CA GLY C 170 -62.89 -0.78 -16.89
C GLY C 170 -62.64 -1.18 -15.46
N LEU C 171 -61.65 -0.57 -14.79
CA LEU C 171 -61.32 -0.89 -13.40
C LEU C 171 -62.38 -0.35 -12.43
N ASP C 172 -62.38 -0.84 -11.18
CA ASP C 172 -63.40 -0.52 -10.19
C ASP C 172 -63.13 0.70 -9.33
N GLU C 173 -61.89 0.89 -8.89
CA GLU C 173 -61.58 2.00 -8.00
C GLU C 173 -60.14 2.43 -8.09
N VAL C 174 -59.92 3.72 -7.84
CA VAL C 174 -58.60 4.33 -7.69
C VAL C 174 -58.56 4.81 -6.23
N VAL C 175 -57.58 4.32 -5.44
CA VAL C 175 -57.47 4.75 -4.04
C VAL C 175 -56.20 5.61 -3.95
N ILE C 176 -56.37 6.87 -3.51
CA ILE C 176 -55.26 7.82 -3.42
C ILE C 176 -54.75 7.99 -2.01
N ALA C 177 -53.42 8.16 -1.92
CA ALA C 177 -52.72 8.59 -0.71
C ALA C 177 -51.75 9.65 -1.14
N MET C 178 -51.68 10.74 -0.38
CA MET C 178 -50.80 11.84 -0.74
C MET C 178 -50.41 12.66 0.47
N PRO C 179 -49.34 13.50 0.35
CA PRO C 179 -49.00 14.40 1.46
C PRO C 179 -49.78 15.73 1.37
N HIS C 180 -49.19 16.82 1.87
CA HIS C 180 -49.77 18.17 1.96
C HIS C 180 -49.83 18.90 0.62
N ARG C 181 -48.80 18.75 -0.24
CA ARG C 181 -48.67 19.49 -1.50
C ARG C 181 -49.90 19.35 -2.44
N GLY C 182 -50.69 20.44 -2.49
CA GLY C 182 -51.91 20.54 -3.30
C GLY C 182 -53.03 19.61 -2.91
N ARG C 183 -53.05 19.18 -1.62
CA ARG C 183 -54.01 18.24 -1.04
C ARG C 183 -55.47 18.75 -1.19
N LEU C 184 -55.70 20.00 -0.81
CA LEU C 184 -57.04 20.62 -0.89
C LEU C 184 -57.46 20.73 -2.35
N ASN C 185 -56.50 21.02 -3.23
CA ASN C 185 -56.72 21.15 -4.66
C ASN C 185 -57.18 19.82 -5.22
N VAL C 186 -56.49 18.71 -4.87
CA VAL C 186 -56.83 17.34 -5.27
C VAL C 186 -58.24 16.95 -4.77
N LEU C 187 -58.52 17.19 -3.48
CA LEU C 187 -59.81 16.89 -2.84
C LEU C 187 -60.94 17.55 -3.57
N ALA C 188 -60.73 18.81 -3.99
CA ALA C 188 -61.72 19.63 -4.67
C ALA C 188 -61.88 19.34 -6.18
N ASN C 189 -60.76 19.08 -6.87
CA ASN C 189 -60.75 19.01 -8.33
C ASN C 189 -60.59 17.60 -8.92
N ILE C 190 -60.22 16.61 -8.11
CA ILE C 190 -60.04 15.22 -8.54
C ILE C 190 -61.08 14.34 -7.79
N VAL C 191 -61.09 14.36 -6.44
CA VAL C 191 -61.97 13.48 -5.66
C VAL C 191 -63.42 13.98 -5.69
N GLY C 192 -63.65 15.29 -5.56
CA GLY C 192 -65.00 15.84 -5.62
C GLY C 192 -65.52 16.39 -4.32
N LYS C 193 -64.65 16.49 -3.30
CA LYS C 193 -64.98 17.07 -2.00
C LYS C 193 -65.59 18.48 -2.22
N PRO C 194 -66.81 18.76 -1.70
CA PRO C 194 -67.42 20.09 -1.95
C PRO C 194 -66.53 21.24 -1.47
N TYR C 195 -66.52 22.29 -2.29
CA TYR C 195 -65.82 23.53 -2.02
C TYR C 195 -66.35 24.13 -0.78
N SER C 196 -67.69 23.97 -0.57
CA SER C 196 -68.36 24.48 0.63
C SER C 196 -67.73 23.89 1.86
N GLN C 197 -67.47 22.58 1.85
CA GLN C 197 -66.82 21.86 2.95
C GLN C 197 -65.38 22.39 3.15
N ILE C 198 -64.57 22.48 2.07
CA ILE C 198 -63.21 23.04 2.14
C ILE C 198 -63.26 24.51 2.68
N PHE C 199 -64.16 25.40 2.16
CA PHE C 199 -64.20 26.77 2.68
C PHE C 199 -64.71 26.83 4.16
N SER C 200 -65.58 25.89 4.57
CA SER C 200 -66.07 25.81 5.96
C SER C 200 -64.90 25.57 6.95
N GLU C 201 -63.88 24.80 6.52
CA GLU C 201 -62.69 24.51 7.30
C GLU C 201 -61.81 25.77 7.46
N PHE C 202 -61.78 26.62 6.44
CA PHE C 202 -60.99 27.82 6.50
C PHE C 202 -61.65 28.86 7.39
N GLU C 203 -62.98 28.88 7.43
CA GLU C 203 -63.78 29.78 8.26
C GLU C 203 -63.64 29.40 9.72
N GLY C 204 -63.30 28.13 9.96
CA GLY C 204 -63.10 27.57 11.29
C GLY C 204 -64.42 27.31 11.99
N ASN C 205 -65.48 27.09 11.18
CA ASN C 205 -66.84 26.81 11.62
C ASN C 205 -67.28 25.43 11.09
N LEU C 206 -67.36 24.45 12.00
CA LEU C 206 -67.72 23.07 11.66
C LEU C 206 -69.03 22.63 12.34
N ASN C 207 -69.93 21.97 11.56
CA ASN C 207 -71.20 21.42 12.06
C ASN C 207 -70.90 20.23 13.04
N PRO C 208 -71.87 19.71 13.87
CA PRO C 208 -71.55 18.61 14.81
C PRO C 208 -70.85 17.37 14.21
N SER C 209 -71.10 17.05 12.92
CA SER C 209 -70.47 15.89 12.27
C SER C 209 -68.98 16.17 11.99
N GLN C 210 -68.65 17.39 11.52
CA GLN C 210 -67.27 17.80 11.23
C GLN C 210 -66.47 18.06 12.52
N ALA C 211 -67.16 18.40 13.62
CA ALA C 211 -66.56 18.70 14.92
C ALA C 211 -66.22 17.45 15.76
N HIS C 212 -66.91 16.30 15.50
CA HIS C 212 -66.79 15.02 16.22
C HIS C 212 -65.35 14.51 16.38
N GLY C 213 -65.01 14.06 17.60
CA GLY C 213 -63.66 13.59 17.94
C GLY C 213 -62.69 14.75 18.07
N SER C 214 -61.39 14.47 18.21
CA SER C 214 -60.40 15.55 18.35
C SER C 214 -60.00 16.14 16.98
N GLY C 215 -60.16 15.38 15.89
CA GLY C 215 -59.89 15.86 14.54
C GLY C 215 -58.43 16.05 14.13
N ASP C 216 -58.27 16.64 12.94
CA ASP C 216 -56.98 16.89 12.32
C ASP C 216 -57.10 18.01 11.32
N VAL C 217 -55.95 18.61 10.97
CA VAL C 217 -55.81 19.70 10.00
C VAL C 217 -56.40 19.26 8.65
N LYS C 218 -56.93 20.23 7.92
CA LYS C 218 -57.65 20.10 6.66
C LYS C 218 -56.85 19.39 5.54
N TYR C 219 -55.53 19.47 5.57
CA TYR C 219 -54.73 18.85 4.54
C TYR C 219 -54.28 17.41 4.98
N HIS C 220 -55.07 16.76 5.87
CA HIS C 220 -54.86 15.39 6.34
C HIS C 220 -56.10 14.58 6.09
N LEU C 221 -57.15 15.26 5.63
CA LEU C 221 -58.46 14.69 5.42
C LEU C 221 -58.60 13.97 4.09
N GLY C 222 -59.49 13.01 4.08
CA GLY C 222 -59.81 12.23 2.89
C GLY C 222 -61.22 12.50 2.37
N ALA C 223 -61.56 11.85 1.24
CA ALA C 223 -62.88 11.98 0.61
C ALA C 223 -63.13 10.81 -0.33
N THR C 224 -64.39 10.64 -0.76
CA THR C 224 -64.77 9.59 -1.70
C THR C 224 -65.69 10.16 -2.74
N GLY C 225 -65.69 9.57 -3.93
CA GLY C 225 -66.55 10.02 -5.03
C GLY C 225 -66.55 9.09 -6.23
N THR C 226 -67.30 9.47 -7.27
CA THR C 226 -67.40 8.72 -8.53
C THR C 226 -66.91 9.60 -9.67
N TYR C 227 -65.87 9.15 -10.37
CA TYR C 227 -65.35 9.86 -11.54
C TYR C 227 -66.13 9.42 -12.74
N ILE C 228 -66.57 10.36 -13.55
CA ILE C 228 -67.30 10.06 -14.78
C ILE C 228 -66.41 10.50 -15.96
N GLN C 229 -66.16 9.60 -16.92
CA GLN C 229 -65.33 9.97 -18.08
C GLN C 229 -65.95 11.08 -18.88
N MET C 230 -65.12 12.06 -19.26
CA MET C 230 -65.50 13.21 -20.07
C MET C 230 -65.79 12.77 -21.51
N PHE C 231 -64.90 11.95 -22.12
CA PHE C 231 -65.06 11.48 -23.51
C PHE C 231 -65.35 9.97 -23.64
N GLY C 232 -65.55 9.31 -22.51
CA GLY C 232 -65.87 7.89 -22.47
C GLY C 232 -67.20 7.62 -21.83
N ASP C 233 -67.58 6.34 -21.76
CA ASP C 233 -68.85 5.92 -21.19
C ASP C 233 -68.69 5.23 -19.83
N ASN C 234 -67.45 5.17 -19.31
CA ASN C 234 -67.22 4.49 -18.03
C ASN C 234 -67.10 5.44 -16.86
N ASP C 235 -67.32 4.90 -15.67
CA ASP C 235 -67.21 5.57 -14.38
C ASP C 235 -66.33 4.71 -13.48
N ILE C 236 -65.73 5.34 -12.47
CA ILE C 236 -64.85 4.66 -11.53
C ILE C 236 -64.92 5.35 -10.18
N GLU C 237 -64.79 4.57 -9.09
CA GLU C 237 -64.78 5.11 -7.75
C GLU C 237 -63.41 5.75 -7.50
N VAL C 238 -63.40 6.91 -6.84
CA VAL C 238 -62.16 7.60 -6.50
C VAL C 238 -62.19 7.91 -5.00
N SER C 239 -61.22 7.37 -4.26
CA SER C 239 -61.12 7.59 -2.83
C SER C 239 -59.78 8.19 -2.46
N LEU C 240 -59.77 8.98 -1.40
CA LEU C 240 -58.53 9.55 -0.88
C LEU C 240 -58.44 9.22 0.60
N THR C 241 -57.36 8.58 1.02
CA THR C 241 -57.25 8.13 2.40
C THR C 241 -56.66 9.23 3.33
N ALA C 242 -57.00 9.12 4.61
CA ALA C 242 -56.51 10.05 5.62
C ALA C 242 -55.06 9.72 5.98
N ASN C 243 -54.34 10.67 6.59
CA ASN C 243 -52.95 10.44 6.95
C ASN C 243 -52.48 11.45 7.95
N PRO C 244 -51.37 11.15 8.66
CA PRO C 244 -50.82 12.15 9.58
C PRO C 244 -49.80 13.04 8.85
N SER C 245 -49.12 13.94 9.59
CA SER C 245 -48.08 14.82 9.05
C SER C 245 -46.89 14.00 8.55
N HIS C 246 -46.57 12.89 9.29
CA HIS C 246 -45.49 11.94 9.04
C HIS C 246 -45.57 11.49 7.61
N LEU C 247 -44.71 12.07 6.79
CA LEU C 247 -44.64 11.87 5.35
C LEU C 247 -44.27 10.44 5.01
N GLU C 248 -45.00 9.88 4.01
CA GLU C 248 -44.84 8.54 3.46
C GLU C 248 -45.34 7.44 4.40
N ALA C 249 -45.71 7.75 5.67
CA ALA C 249 -46.18 6.73 6.63
C ALA C 249 -47.45 6.04 6.14
N VAL C 250 -48.29 6.78 5.38
CA VAL C 250 -49.53 6.26 4.79
C VAL C 250 -49.25 5.30 3.58
N ASP C 251 -48.01 5.24 3.05
CA ASP C 251 -47.71 4.39 1.88
C ASP C 251 -48.09 2.88 2.07
N PRO C 252 -47.67 2.17 3.14
CA PRO C 252 -48.08 0.77 3.28
C PRO C 252 -49.55 0.61 3.66
N VAL C 253 -50.13 1.64 4.30
CA VAL C 253 -51.54 1.72 4.71
C VAL C 253 -52.42 1.70 3.44
N LEU C 254 -52.03 2.48 2.42
CA LEU C 254 -52.74 2.56 1.14
C LEU C 254 -52.74 1.16 0.49
N GLU C 255 -51.56 0.54 0.41
CA GLU C 255 -51.36 -0.81 -0.11
C GLU C 255 -52.28 -1.83 0.58
N GLY C 256 -52.29 -1.82 1.92
CA GLY C 256 -53.17 -2.69 2.70
C GLY C 256 -54.63 -2.48 2.38
N LEU C 257 -55.05 -1.20 2.36
CA LEU C 257 -56.40 -0.75 2.03
C LEU C 257 -56.83 -1.29 0.65
N VAL C 258 -55.97 -1.12 -0.34
CA VAL C 258 -56.24 -1.58 -1.70
C VAL C 258 -56.26 -3.11 -1.73
N ARG C 259 -55.30 -3.78 -1.06
CA ARG C 259 -55.27 -5.27 -1.01
C ARG C 259 -56.58 -5.84 -0.41
N ALA C 260 -57.12 -5.22 0.67
CA ALA C 260 -58.36 -5.66 1.28
C ALA C 260 -59.53 -5.52 0.32
N LYS C 261 -59.61 -4.39 -0.40
CA LYS C 261 -60.65 -4.12 -1.41
C LYS C 261 -60.52 -5.10 -2.57
N GLN C 262 -59.26 -5.40 -3.01
CA GLN C 262 -59.03 -6.37 -4.10
C GLN C 262 -59.50 -7.77 -3.69
N ASP C 263 -59.19 -8.17 -2.44
CA ASP C 263 -59.60 -9.47 -1.92
C ASP C 263 -61.16 -9.58 -1.84
N LEU C 264 -61.88 -8.49 -1.48
CA LEU C 264 -63.34 -8.47 -1.45
C LEU C 264 -63.96 -8.63 -2.86
N LEU C 265 -63.34 -8.03 -3.86
CA LEU C 265 -63.79 -8.09 -5.25
C LEU C 265 -63.37 -9.38 -5.96
N ASP C 266 -62.51 -10.20 -5.32
CA ASP C 266 -61.99 -11.46 -5.88
C ASP C 266 -61.28 -11.11 -7.22
N THR C 267 -60.29 -10.17 -7.15
CA THR C 267 -59.59 -9.69 -8.35
C THR C 267 -58.04 -9.66 -8.23
N GLY C 268 -57.50 -9.70 -7.02
CA GLY C 268 -56.05 -9.67 -6.86
C GLY C 268 -55.34 -11.01 -6.85
N GLU C 269 -54.34 -11.15 -5.94
CA GLU C 269 -53.54 -12.36 -5.74
C GLU C 269 -54.41 -13.49 -5.14
N GLU C 270 -55.36 -13.11 -4.26
CA GLU C 270 -56.29 -14.08 -3.67
C GLU C 270 -57.68 -13.88 -4.31
N GLY C 271 -57.69 -13.77 -5.64
CA GLY C 271 -58.87 -13.57 -6.46
C GLY C 271 -58.86 -14.35 -7.77
N SER C 272 -60.05 -14.75 -8.24
CA SER C 272 -60.22 -15.48 -9.50
C SER C 272 -60.09 -14.53 -10.69
N ARG C 275 -57.51 -9.41 -11.76
CA ARG C 275 -57.19 -8.22 -12.58
C ARG C 275 -56.79 -6.99 -11.72
N PHE C 276 -56.60 -7.15 -10.38
CA PHE C 276 -56.16 -6.08 -9.47
C PHE C 276 -56.90 -4.76 -9.82
N SER C 277 -58.24 -4.83 -9.95
CA SER C 277 -59.11 -3.75 -10.41
C SER C 277 -59.29 -2.58 -9.39
N VAL C 278 -58.49 -2.58 -8.32
CA VAL C 278 -58.42 -1.46 -7.37
C VAL C 278 -56.99 -0.95 -7.49
N VAL C 279 -56.84 0.33 -7.90
CA VAL C 279 -55.54 0.92 -8.18
C VAL C 279 -55.02 1.88 -7.09
N PRO C 280 -53.83 1.57 -6.54
CA PRO C 280 -53.20 2.53 -5.62
C PRO C 280 -52.52 3.64 -6.43
N LEU C 281 -52.91 4.90 -6.15
CA LEU C 281 -52.31 6.08 -6.74
C LEU C 281 -51.64 6.82 -5.57
N MET C 282 -50.33 6.77 -5.53
CA MET C 282 -49.56 7.31 -4.43
C MET C 282 -48.76 8.52 -4.85
N LEU C 283 -49.02 9.66 -4.20
CA LEU C 283 -48.32 10.91 -4.47
C LEU C 283 -47.26 11.12 -3.42
N HIS C 284 -46.14 11.77 -3.80
CA HIS C 284 -44.99 12.03 -2.94
C HIS C 284 -44.36 13.37 -3.23
N GLY C 285 -43.67 13.93 -2.23
CA GLY C 285 -42.84 15.10 -2.38
C GLY C 285 -41.43 14.60 -2.63
N ASP C 286 -40.60 15.38 -3.35
CA ASP C 286 -39.23 14.95 -3.70
C ASP C 286 -38.31 14.71 -2.51
N ALA C 287 -38.38 15.54 -1.47
CA ALA C 287 -37.45 15.29 -0.37
C ALA C 287 -37.87 14.08 0.46
N ALA C 288 -39.21 13.96 0.70
CA ALA C 288 -39.77 12.88 1.48
C ALA C 288 -39.54 11.57 0.79
N PHE C 289 -39.70 11.48 -0.58
CA PHE C 289 -39.50 10.22 -1.34
C PHE C 289 -38.09 9.67 -1.26
N ALA C 290 -37.08 10.52 -1.23
CA ALA C 290 -35.67 10.10 -1.15
C ALA C 290 -35.22 9.77 0.27
N GLY C 291 -35.69 10.52 1.27
CA GLY C 291 -35.25 10.33 2.65
C GLY C 291 -35.97 9.33 3.52
N GLN C 292 -37.22 9.01 3.25
CA GLN C 292 -37.92 8.13 4.19
C GLN C 292 -37.79 6.63 3.80
N GLY C 293 -37.32 5.82 4.78
CA GLY C 293 -37.14 4.38 4.66
C GLY C 293 -38.39 3.58 4.35
N VAL C 294 -39.57 4.06 4.83
CA VAL C 294 -40.83 3.35 4.61
C VAL C 294 -41.16 3.25 3.09
N VAL C 295 -40.61 4.15 2.26
CA VAL C 295 -40.79 4.11 0.80
C VAL C 295 -40.18 2.81 0.28
N ALA C 296 -38.89 2.54 0.59
CA ALA C 296 -38.19 1.30 0.19
C ALA C 296 -38.94 0.08 0.72
N GLU C 297 -39.35 0.10 2.01
CA GLU C 297 -40.06 -1.00 2.67
C GLU C 297 -41.36 -1.36 1.94
N THR C 298 -42.10 -0.34 1.45
CA THR C 298 -43.36 -0.46 0.75
C THR C 298 -43.13 -0.91 -0.70
N LEU C 299 -42.10 -0.40 -1.40
CA LEU C 299 -41.77 -0.89 -2.75
C LEU C 299 -41.40 -2.38 -2.71
N ASN C 300 -40.73 -2.78 -1.61
CA ASN C 300 -40.28 -4.15 -1.41
C ASN C 300 -41.47 -5.16 -1.32
N LEU C 301 -42.69 -4.66 -0.99
CA LEU C 301 -43.93 -5.44 -0.93
C LEU C 301 -44.61 -5.63 -2.29
N ALA C 302 -44.31 -4.73 -3.26
CA ALA C 302 -45.04 -4.65 -4.54
C ALA C 302 -45.27 -5.99 -5.27
N LEU C 303 -44.35 -6.98 -5.21
CA LEU C 303 -44.60 -8.23 -5.94
C LEU C 303 -44.80 -9.43 -5.00
N LEU C 304 -44.78 -9.23 -3.70
CA LEU C 304 -44.98 -10.31 -2.73
C LEU C 304 -46.43 -10.87 -2.78
N ARG C 305 -46.56 -12.18 -2.79
CA ARG C 305 -47.86 -12.89 -2.78
C ARG C 305 -48.81 -12.31 -1.68
N GLY C 306 -48.32 -12.13 -0.47
CA GLY C 306 -49.15 -11.60 0.61
C GLY C 306 -49.44 -10.13 0.63
N TYR C 307 -48.81 -9.33 -0.27
CA TYR C 307 -48.90 -7.87 -0.22
C TYR C 307 -49.18 -7.18 -1.53
N ARG C 308 -48.90 -7.84 -2.64
CA ARG C 308 -49.08 -7.25 -3.96
C ARG C 308 -50.47 -6.70 -4.21
N THR C 309 -50.54 -5.58 -4.96
CA THR C 309 -51.79 -4.90 -5.32
C THR C 309 -51.85 -4.72 -6.85
N GLY C 310 -50.94 -5.41 -7.53
CA GLY C 310 -50.84 -5.45 -9.00
C GLY C 310 -50.26 -4.19 -9.56
N GLY C 311 -49.34 -3.59 -8.83
CA GLY C 311 -48.65 -2.35 -9.20
C GLY C 311 -49.31 -1.08 -8.73
N THR C 312 -48.48 -0.16 -8.20
CA THR C 312 -48.90 1.16 -7.77
C THR C 312 -48.48 2.22 -8.81
N ILE C 313 -49.32 3.26 -9.00
CA ILE C 313 -48.94 4.39 -9.85
C ILE C 313 -48.38 5.41 -8.87
N HIS C 314 -47.08 5.71 -8.97
CA HIS C 314 -46.45 6.72 -8.13
C HIS C 314 -46.29 8.03 -8.88
N ILE C 315 -46.63 9.13 -8.20
CA ILE C 315 -46.44 10.46 -8.75
C ILE C 315 -45.62 11.26 -7.75
N VAL C 316 -44.41 11.68 -8.15
CA VAL C 316 -43.55 12.54 -7.33
C VAL C 316 -43.72 13.98 -7.81
N VAL C 317 -44.22 14.86 -6.89
CA VAL C 317 -44.36 16.30 -7.12
C VAL C 317 -42.97 16.87 -6.77
N ASN C 318 -42.11 16.88 -7.79
CA ASN C 318 -40.71 17.28 -7.62
C ASN C 318 -40.52 18.79 -7.95
N ASN C 319 -40.79 19.60 -6.91
CA ASN C 319 -40.64 21.03 -6.95
C ASN C 319 -39.17 21.42 -6.63
N GLN C 320 -38.27 20.43 -6.65
CA GLN C 320 -36.81 20.60 -6.50
C GLN C 320 -36.46 21.35 -5.21
N ILE C 321 -37.26 21.13 -4.16
CA ILE C 321 -37.08 21.78 -2.88
C ILE C 321 -37.84 20.96 -1.82
N GLY C 322 -37.36 21.03 -0.60
CA GLY C 322 -38.01 20.46 0.57
C GLY C 322 -37.92 21.49 1.67
N PHE C 323 -38.92 22.37 1.76
CA PHE C 323 -38.97 23.51 2.71
C PHE C 323 -37.77 24.45 2.40
N THR C 324 -36.68 24.45 3.20
CA THR C 324 -35.54 25.33 2.87
C THR C 324 -34.39 24.50 2.39
N THR C 325 -34.57 23.18 2.32
CA THR C 325 -33.49 22.27 1.98
C THR C 325 -33.39 22.01 0.48
N ALA C 326 -32.17 22.18 -0.07
CA ALA C 326 -31.89 21.92 -1.48
C ALA C 326 -31.76 20.40 -1.74
N PRO C 327 -32.08 19.90 -2.95
CA PRO C 327 -31.95 18.46 -3.24
C PRO C 327 -30.55 17.89 -2.97
N THR C 328 -29.49 18.71 -3.13
CA THR C 328 -28.09 18.33 -2.85
C THR C 328 -27.91 17.88 -1.39
N ASP C 329 -28.73 18.43 -0.46
CA ASP C 329 -28.68 18.04 0.94
C ASP C 329 -29.75 17.01 1.28
N SER C 330 -30.65 16.72 0.33
CA SER C 330 -31.74 15.77 0.53
C SER C 330 -31.45 14.35 0.05
N ARG C 331 -30.59 14.20 -0.99
CA ARG C 331 -30.32 12.88 -1.55
C ARG C 331 -28.92 12.78 -2.15
N SER C 332 -28.41 11.54 -2.17
CA SER C 332 -27.11 11.14 -2.67
C SER C 332 -27.23 10.53 -4.09
N SER C 333 -28.32 10.84 -4.82
CA SER C 333 -28.55 10.33 -6.15
C SER C 333 -29.08 11.40 -7.08
N GLU C 334 -28.94 11.17 -8.41
CA GLU C 334 -29.37 12.05 -9.49
C GLU C 334 -30.82 12.42 -9.36
N TYR C 335 -31.67 11.40 -9.18
CA TYR C 335 -33.11 11.57 -9.09
C TYR C 335 -33.64 11.16 -7.75
N CYS C 336 -34.68 11.91 -7.30
CA CYS C 336 -35.47 11.68 -6.10
C CYS C 336 -36.21 10.33 -6.19
N THR C 337 -36.34 9.77 -7.42
CA THR C 337 -37.04 8.52 -7.70
C THR C 337 -36.16 7.25 -7.80
N ASP C 338 -34.84 7.36 -7.58
CA ASP C 338 -33.88 6.27 -7.81
C ASP C 338 -34.08 5.06 -6.91
N VAL C 339 -34.70 5.25 -5.74
CA VAL C 339 -35.05 4.16 -4.84
C VAL C 339 -35.99 3.15 -5.56
N ALA C 340 -36.87 3.60 -6.48
CA ALA C 340 -37.80 2.74 -7.21
C ALA C 340 -37.13 1.75 -8.20
N LYS C 341 -35.82 1.91 -8.44
CA LYS C 341 -35.10 1.00 -9.34
C LYS C 341 -34.83 -0.37 -8.68
N MET C 342 -34.95 -0.46 -7.33
CA MET C 342 -34.78 -1.69 -6.56
C MET C 342 -35.80 -2.76 -6.96
N ILE C 343 -37.01 -2.37 -7.44
CA ILE C 343 -38.04 -3.34 -7.86
C ILE C 343 -38.22 -3.32 -9.38
N GLY C 344 -37.29 -2.66 -10.07
CA GLY C 344 -37.28 -2.57 -11.52
C GLY C 344 -38.47 -1.83 -12.08
N ALA C 345 -38.85 -0.73 -11.41
CA ALA C 345 -39.96 0.09 -11.88
C ALA C 345 -39.48 1.02 -12.97
N PRO C 346 -40.21 1.13 -14.11
CA PRO C 346 -39.81 2.14 -15.10
C PRO C 346 -40.04 3.53 -14.50
N ILE C 347 -39.17 4.48 -14.80
CA ILE C 347 -39.28 5.84 -14.30
C ILE C 347 -39.37 6.84 -15.47
N PHE C 348 -40.38 7.72 -15.40
CA PHE C 348 -40.60 8.77 -16.37
C PHE C 348 -40.44 10.13 -15.69
N HIS C 349 -39.38 10.86 -16.05
CA HIS C 349 -39.11 12.21 -15.57
C HIS C 349 -39.79 13.12 -16.57
N VAL C 350 -40.82 13.88 -16.12
CA VAL C 350 -41.57 14.70 -17.08
C VAL C 350 -41.60 16.19 -16.67
N ASN C 351 -41.50 17.06 -17.70
CA ASN C 351 -41.53 18.52 -17.52
C ASN C 351 -42.94 18.95 -17.14
N GLY C 352 -43.06 19.48 -15.94
CA GLY C 352 -44.33 19.97 -15.40
C GLY C 352 -44.92 21.14 -16.16
N ASP C 353 -44.16 21.78 -17.09
CA ASP C 353 -44.68 22.89 -17.91
C ASP C 353 -45.33 22.39 -19.19
N ASP C 354 -45.22 21.08 -19.46
CA ASP C 354 -45.82 20.48 -20.65
C ASP C 354 -46.96 19.57 -20.16
N PRO C 355 -48.19 20.12 -19.97
CA PRO C 355 -49.29 19.28 -19.45
C PRO C 355 -49.73 18.15 -20.39
N GLU C 356 -49.46 18.27 -21.70
CA GLU C 356 -49.80 17.21 -22.67
C GLU C 356 -48.89 16.02 -22.49
N ALA C 357 -47.58 16.28 -22.24
CA ALA C 357 -46.61 15.23 -22.02
C ALA C 357 -46.92 14.54 -20.69
N CYS C 358 -47.35 15.32 -19.68
CA CYS C 358 -47.72 14.81 -18.36
C CYS C 358 -48.93 13.90 -18.46
N ALA C 359 -49.99 14.32 -19.17
CA ALA C 359 -51.20 13.50 -19.37
C ALA C 359 -50.88 12.20 -20.12
N TRP C 360 -50.00 12.27 -21.15
CA TRP C 360 -49.61 11.14 -21.97
C TRP C 360 -48.83 10.07 -21.15
N VAL C 361 -47.84 10.54 -20.35
CA VAL C 361 -47.01 9.70 -19.49
C VAL C 361 -47.89 9.00 -18.45
N ALA C 362 -48.86 9.74 -17.87
CA ALA C 362 -49.85 9.24 -16.92
C ALA C 362 -50.61 8.05 -17.51
N ARG C 363 -51.05 8.18 -18.78
CA ARG C 363 -51.80 7.14 -19.48
C ARG C 363 -50.93 5.93 -19.78
N LEU C 364 -49.66 6.16 -20.19
CA LEU C 364 -48.69 5.10 -20.47
C LEU C 364 -48.42 4.29 -19.17
N ALA C 365 -48.26 5.02 -18.03
CA ALA C 365 -48.04 4.44 -16.70
C ALA C 365 -49.12 3.44 -16.37
N VAL C 366 -50.40 3.84 -16.56
CA VAL C 366 -51.57 2.99 -16.27
C VAL C 366 -51.54 1.76 -17.19
N ASP C 367 -51.21 1.95 -18.48
CA ASP C 367 -51.12 0.84 -19.44
C ASP C 367 -50.04 -0.17 -19.05
N PHE C 368 -48.89 0.30 -18.52
CA PHE C 368 -47.77 -0.53 -18.08
C PHE C 368 -48.17 -1.32 -16.86
N ARG C 369 -48.80 -0.64 -15.88
CA ARG C 369 -49.26 -1.29 -14.65
C ARG C 369 -50.23 -2.41 -15.01
N GLN C 370 -51.16 -2.15 -15.94
CA GLN C 370 -52.12 -3.18 -16.36
C GLN C 370 -51.46 -4.33 -17.09
N ALA C 371 -50.45 -4.07 -17.90
CA ALA C 371 -49.80 -5.15 -18.65
C ALA C 371 -48.87 -5.99 -17.80
N PHE C 372 -48.20 -5.40 -16.80
CA PHE C 372 -47.21 -6.19 -16.06
C PHE C 372 -47.47 -6.31 -14.55
N LYS C 373 -48.52 -5.64 -14.01
CA LYS C 373 -48.89 -5.69 -12.57
C LYS C 373 -47.69 -5.25 -11.71
N LYS C 374 -46.97 -4.25 -12.21
CA LYS C 374 -45.80 -3.71 -11.54
C LYS C 374 -45.94 -2.19 -11.36
N ASP C 375 -45.23 -1.63 -10.36
CA ASP C 375 -45.19 -0.21 -10.04
C ASP C 375 -44.55 0.61 -11.15
N VAL C 376 -45.02 1.85 -11.30
CA VAL C 376 -44.56 2.85 -12.27
C VAL C 376 -44.37 4.15 -11.54
N VAL C 377 -43.25 4.84 -11.80
CA VAL C 377 -42.97 6.08 -11.13
C VAL C 377 -42.94 7.24 -12.14
N ILE C 378 -43.73 8.25 -11.88
CA ILE C 378 -43.77 9.49 -12.68
C ILE C 378 -43.11 10.55 -11.80
N ASP C 379 -41.99 11.10 -12.28
CA ASP C 379 -41.28 12.16 -11.56
C ASP C 379 -41.66 13.48 -12.24
N MET C 380 -42.62 14.23 -11.66
CA MET C 380 -43.03 15.47 -12.29
C MET C 380 -42.14 16.63 -11.87
N LEU C 381 -41.32 17.10 -12.80
CA LEU C 381 -40.49 18.25 -12.49
C LEU C 381 -41.26 19.56 -12.60
N CYS C 382 -41.22 20.28 -11.51
CA CYS C 382 -41.94 21.53 -11.36
C CYS C 382 -41.20 22.44 -10.39
N TYR C 383 -41.94 23.37 -9.78
CA TYR C 383 -41.40 24.31 -8.81
C TYR C 383 -42.48 24.68 -7.82
N ARG C 384 -42.10 25.34 -6.74
CA ARG C 384 -43.02 25.76 -5.70
C ARG C 384 -43.04 27.28 -5.77
N ARG C 385 -44.09 27.83 -6.42
CA ARG C 385 -44.24 29.26 -6.67
C ARG C 385 -44.03 30.10 -5.41
N ARG C 386 -44.71 29.79 -4.30
CA ARG C 386 -44.57 30.56 -3.04
C ARG C 386 -43.62 29.83 -2.11
N GLY C 387 -43.60 30.27 -0.87
CA GLY C 387 -42.78 29.65 0.17
C GLY C 387 -43.29 28.27 0.52
N HIS C 388 -42.58 27.56 1.42
CA HIS C 388 -42.98 26.20 1.81
C HIS C 388 -44.45 26.13 2.21
N ASN C 389 -44.85 27.04 3.09
CA ASN C 389 -46.19 27.33 3.52
C ASN C 389 -46.48 28.74 2.94
N GLU C 390 -47.70 29.24 3.08
CA GLU C 390 -48.06 30.54 2.48
C GLU C 390 -47.45 31.74 3.21
N GLY C 391 -47.04 31.57 4.46
CA GLY C 391 -46.43 32.65 5.25
C GLY C 391 -44.91 32.73 5.19
N ASP C 392 -44.24 31.72 4.61
CA ASP C 392 -42.78 31.62 4.55
C ASP C 392 -42.12 32.46 3.41
N ASP C 393 -40.94 33.10 3.66
CA ASP C 393 -40.16 33.85 2.66
C ASP C 393 -39.00 32.94 2.16
N PRO C 394 -39.11 32.33 0.94
CA PRO C 394 -38.09 31.35 0.51
C PRO C 394 -36.77 31.95 0.00
N SER C 395 -36.76 33.26 -0.37
CA SER C 395 -35.57 33.96 -0.88
C SER C 395 -34.48 34.13 0.20
N MET C 396 -34.80 33.83 1.47
CA MET C 396 -33.80 33.92 2.54
C MET C 396 -32.76 32.84 2.32
N THR C 397 -33.21 31.68 1.85
CA THR C 397 -32.33 30.52 1.70
C THR C 397 -32.15 30.15 0.24
N GLN C 398 -33.13 30.45 -0.62
CA GLN C 398 -33.04 30.11 -2.07
C GLN C 398 -33.24 31.37 -2.92
N PRO C 399 -32.35 32.39 -2.84
CA PRO C 399 -32.59 33.61 -3.61
C PRO C 399 -32.43 33.39 -5.13
N TYR C 400 -31.49 32.51 -5.57
CA TYR C 400 -31.33 32.27 -7.01
C TYR C 400 -32.60 31.62 -7.61
N MET C 401 -33.08 30.53 -6.98
CA MET C 401 -34.29 29.82 -7.40
C MET C 401 -35.51 30.76 -7.48
N TYR C 402 -35.69 31.65 -6.48
CA TYR C 402 -36.84 32.53 -6.47
C TYR C 402 -36.67 33.72 -7.36
N ASP C 403 -35.43 34.03 -7.76
CA ASP C 403 -35.23 35.08 -8.76
C ASP C 403 -35.67 34.55 -10.15
N VAL C 404 -35.47 33.25 -10.40
CA VAL C 404 -35.84 32.56 -11.65
C VAL C 404 -37.36 32.38 -11.68
N ILE C 405 -37.97 31.86 -10.59
CA ILE C 405 -39.42 31.63 -10.48
C ILE C 405 -40.20 32.97 -10.73
N ASP C 406 -39.64 34.10 -10.31
CA ASP C 406 -40.30 35.40 -10.45
C ASP C 406 -40.33 35.89 -11.94
N THR C 407 -39.51 35.30 -12.82
CA THR C 407 -39.51 35.61 -14.25
C THR C 407 -40.45 34.66 -14.99
N LYS C 408 -40.79 33.55 -14.34
CA LYS C 408 -41.57 32.48 -14.96
C LYS C 408 -43.05 32.77 -15.02
N ARG C 409 -43.61 32.65 -16.23
CA ARG C 409 -45.05 32.68 -16.46
C ARG C 409 -45.55 31.30 -16.03
N GLY C 410 -46.67 31.20 -15.34
CA GLY C 410 -47.18 29.90 -14.90
C GLY C 410 -47.51 28.95 -16.05
N SER C 411 -47.73 27.64 -15.74
CA SER C 411 -48.11 26.65 -16.78
C SER C 411 -49.51 26.96 -17.40
N ARG C 412 -50.46 27.48 -16.58
CA ARG C 412 -51.80 27.84 -17.05
C ARG C 412 -51.73 28.91 -18.13
N LYS C 413 -50.96 30.00 -17.88
CA LYS C 413 -50.81 31.10 -18.86
C LYS C 413 -50.09 30.60 -20.13
N ALA C 414 -48.97 29.88 -19.99
CA ALA C 414 -48.23 29.33 -21.12
C ALA C 414 -49.12 28.40 -21.97
N TYR C 415 -49.88 27.48 -21.33
CA TYR C 415 -50.74 26.59 -22.09
C TYR C 415 -51.86 27.38 -22.77
N THR C 416 -52.46 28.37 -22.07
CA THR C 416 -53.54 29.20 -22.63
C THR C 416 -53.05 29.89 -23.90
N GLU C 417 -51.86 30.49 -23.84
CA GLU C 417 -51.26 31.21 -24.95
C GLU C 417 -50.97 30.28 -26.12
N ALA C 418 -50.50 29.04 -25.83
CA ALA C 418 -50.25 28.02 -26.84
C ALA C 418 -51.55 27.69 -27.59
N LEU C 419 -52.66 27.58 -26.84
CA LEU C 419 -53.99 27.27 -27.36
C LEU C 419 -54.62 28.47 -28.13
N ILE C 420 -54.24 29.73 -27.77
CA ILE C 420 -54.71 30.91 -28.52
C ILE C 420 -53.94 30.96 -29.87
N GLY C 421 -52.64 30.63 -29.80
CA GLY C 421 -51.74 30.57 -30.95
C GLY C 421 -52.11 29.52 -31.97
N ARG C 422 -52.48 28.30 -31.49
CA ARG C 422 -52.91 27.17 -32.33
C ARG C 422 -54.27 27.42 -33.03
N GLY C 423 -55.00 28.45 -32.57
CA GLY C 423 -56.32 28.83 -33.07
C GLY C 423 -57.47 28.02 -32.47
N ASP C 424 -57.20 27.33 -31.35
CA ASP C 424 -58.19 26.50 -30.63
C ASP C 424 -59.25 27.35 -29.90
N ILE C 425 -58.81 28.41 -29.20
CA ILE C 425 -59.67 29.30 -28.43
C ILE C 425 -59.27 30.75 -28.64
N SER C 426 -60.22 31.68 -28.41
CA SER C 426 -59.98 33.11 -28.47
C SER C 426 -59.54 33.59 -27.09
N MET C 427 -59.00 34.82 -26.99
CA MET C 427 -58.59 35.45 -25.72
C MET C 427 -59.83 35.65 -24.83
N LYS C 428 -60.96 36.02 -25.48
CA LYS C 428 -62.26 36.26 -24.84
C LYS C 428 -62.78 34.96 -24.20
N GLU C 429 -62.71 33.82 -24.93
CA GLU C 429 -63.12 32.50 -24.44
C GLU C 429 -62.32 32.08 -23.21
N ALA C 430 -61.00 32.39 -23.20
CA ALA C 430 -60.08 32.08 -22.09
C ALA C 430 -60.41 32.92 -20.85
N GLU C 431 -60.61 34.24 -21.05
CA GLU C 431 -60.97 35.17 -19.99
C GLU C 431 -62.31 34.78 -19.37
N ASP C 432 -63.34 34.54 -20.21
CA ASP C 432 -64.69 34.16 -19.81
C ASP C 432 -64.72 32.91 -18.95
N ALA C 433 -63.96 31.86 -19.31
CA ALA C 433 -63.92 30.61 -18.54
C ALA C 433 -63.32 30.84 -17.14
N LEU C 434 -62.33 31.74 -17.04
CA LEU C 434 -61.72 32.05 -15.75
C LEU C 434 -62.67 32.92 -14.92
N ARG C 435 -63.39 33.86 -15.56
CA ARG C 435 -64.42 34.67 -14.91
C ARG C 435 -65.56 33.79 -14.37
N ASP C 436 -65.95 32.71 -15.09
CA ASP C 436 -67.01 31.78 -14.63
C ASP C 436 -66.54 30.97 -13.45
N TYR C 437 -65.30 30.49 -13.53
CA TYR C 437 -64.78 29.69 -12.44
C TYR C 437 -64.64 30.55 -11.16
N GLN C 438 -64.16 31.80 -11.30
CA GLN C 438 -63.97 32.75 -10.19
C GLN C 438 -65.31 33.20 -9.59
N GLY C 439 -66.31 33.37 -10.46
CA GLY C 439 -67.67 33.74 -10.08
C GLY C 439 -68.37 32.63 -9.31
N GLN C 440 -68.02 31.35 -9.63
CA GLN C 440 -68.59 30.16 -9.02
C GLN C 440 -68.04 29.98 -7.59
N LEU C 441 -66.73 30.20 -7.38
CA LEU C 441 -66.07 30.06 -6.07
C LEU C 441 -66.58 31.11 -5.09
N GLU C 442 -66.72 32.36 -5.56
CA GLU C 442 -67.24 33.48 -4.80
C GLU C 442 -68.67 33.20 -4.26
N ARG C 443 -69.57 32.58 -5.09
CA ARG C 443 -70.96 32.27 -4.69
C ARG C 443 -70.97 31.22 -3.58
N VAL C 444 -70.11 30.20 -3.68
CA VAL C 444 -69.99 29.14 -2.68
C VAL C 444 -69.41 29.76 -1.37
N PHE C 445 -68.35 30.61 -1.49
CA PHE C 445 -67.69 31.29 -0.38
C PHE C 445 -68.69 32.14 0.40
N ASN C 446 -69.51 32.92 -0.32
CA ASN C 446 -70.53 33.77 0.29
C ASN C 446 -71.62 32.96 1.00
N GLU C 447 -72.09 31.84 0.38
CA GLU C 447 -73.11 30.96 0.97
C GLU C 447 -72.62 30.34 2.28
N VAL C 448 -71.33 29.99 2.37
CA VAL C 448 -70.71 29.42 3.57
C VAL C 448 -70.57 30.50 4.64
N ARG C 449 -70.08 31.67 4.27
CA ARG C 449 -69.90 32.83 5.13
C ARG C 449 -71.25 33.25 5.80
N GLU C 450 -72.36 33.09 5.05
CA GLU C 450 -73.73 33.39 5.46
C GLU C 450 -74.26 32.45 6.56
N LEU C 451 -73.66 31.25 6.72
CA LEU C 451 -74.09 30.27 7.73
C LEU C 451 -73.77 30.74 9.16
N GLU C 452 -74.75 30.55 10.08
CA GLU C 452 -74.67 30.94 11.48
C GLU C 452 -73.61 30.10 12.20
N LYS C 453 -72.63 30.78 12.81
CA LYS C 453 -71.51 30.20 13.54
C LYS C 453 -71.97 29.43 14.78
N HIS C 454 -71.23 28.36 15.10
CA HIS C 454 -71.49 27.50 16.25
C HIS C 454 -70.49 27.81 17.36
N GLU C 455 -70.92 27.67 18.63
CA GLU C 455 -70.06 27.90 19.79
C GLU C 455 -68.99 26.81 19.84
N ILE C 456 -67.72 27.22 19.97
CA ILE C 456 -66.59 26.29 20.04
C ILE C 456 -66.52 25.69 21.45
N GLU C 457 -66.55 24.35 21.50
CA GLU C 457 -66.48 23.58 22.74
C GLU C 457 -65.27 22.65 22.73
N PRO C 458 -64.66 22.30 23.90
CA PRO C 458 -63.54 21.35 23.88
C PRO C 458 -63.92 20.02 23.22
N SER C 459 -62.96 19.36 22.57
CA SER C 459 -63.19 18.09 21.89
C SER C 459 -63.62 17.00 22.89
N GLU C 460 -64.50 16.11 22.45
CA GLU C 460 -65.02 15.03 23.26
C GLU C 460 -64.36 13.71 22.88
N SER C 461 -64.29 12.80 23.88
CA SER C 461 -63.73 11.45 23.75
C SER C 461 -64.65 10.62 22.84
N VAL C 462 -64.06 9.82 21.93
CA VAL C 462 -64.80 8.96 20.98
C VAL C 462 -65.22 7.61 21.62
N GLU C 463 -64.98 7.39 22.94
CA GLU C 463 -65.27 6.13 23.64
C GLU C 463 -66.69 5.57 23.39
N ALA C 464 -67.72 6.39 23.61
CA ALA C 464 -69.13 6.03 23.47
C ALA C 464 -69.57 5.88 21.98
N ASP C 465 -68.74 6.30 20.99
CA ASP C 465 -69.08 6.15 19.57
C ASP C 465 -69.28 4.69 19.17
N GLN C 466 -68.52 3.75 19.78
CA GLN C 466 -68.65 2.32 19.49
C GLN C 466 -68.95 1.55 20.81
N GLN C 467 -70.21 1.04 20.96
CA GLN C 467 -70.66 0.34 22.17
C GLN C 467 -70.78 -1.16 21.97
N ILE C 468 -70.24 -1.93 22.95
CA ILE C 468 -70.20 -3.39 22.98
C ILE C 468 -71.59 -3.99 23.13
N LYS C 471 -73.24 -8.40 26.68
CA LYS C 471 -73.29 -9.86 26.57
C LYS C 471 -73.16 -10.31 25.11
N LEU C 472 -72.16 -11.16 24.82
CA LEU C 472 -71.87 -11.72 23.49
C LEU C 472 -71.36 -13.15 23.63
N ALA C 473 -72.00 -14.10 22.92
CA ALA C 473 -71.66 -15.52 22.96
C ALA C 473 -70.51 -15.84 22.02
N THR C 474 -69.42 -16.42 22.56
CA THR C 474 -68.21 -16.78 21.80
C THR C 474 -67.96 -18.29 21.91
N ALA C 475 -68.72 -18.97 22.78
CA ALA C 475 -68.61 -20.42 22.95
C ALA C 475 -68.98 -21.14 21.65
N VAL C 476 -68.36 -22.28 21.40
CA VAL C 476 -68.63 -23.08 20.19
C VAL C 476 -69.08 -24.47 20.62
N ASP C 477 -69.59 -25.28 19.69
CA ASP C 477 -69.98 -26.66 20.04
C ASP C 477 -68.74 -27.54 20.05
N LYS C 478 -68.80 -28.66 20.79
CA LYS C 478 -67.79 -29.71 20.84
C LYS C 478 -67.41 -30.14 19.41
N ALA C 479 -68.42 -30.28 18.52
CA ALA C 479 -68.30 -30.72 17.13
C ALA C 479 -67.38 -29.81 16.34
N MET C 480 -67.42 -28.49 16.62
CA MET C 480 -66.56 -27.50 15.99
C MET C 480 -65.10 -27.74 16.37
N LEU C 481 -64.82 -27.98 17.67
CA LEU C 481 -63.44 -28.25 18.12
C LEU C 481 -62.90 -29.52 17.44
N GLN C 482 -63.74 -30.56 17.37
CA GLN C 482 -63.42 -31.85 16.77
C GLN C 482 -63.16 -31.73 15.28
N ARG C 483 -63.94 -30.89 14.59
CA ARG C 483 -63.76 -30.63 13.15
C ARG C 483 -62.38 -29.99 12.86
N ILE C 484 -61.96 -28.99 13.70
CA ILE C 484 -60.68 -28.28 13.56
C ILE C 484 -59.55 -29.25 13.90
N GLY C 485 -59.75 -30.12 14.89
CA GLY C 485 -58.81 -31.19 15.26
C GLY C 485 -58.63 -32.19 14.13
N ASP C 486 -59.74 -32.64 13.53
CA ASP C 486 -59.77 -33.60 12.42
C ASP C 486 -59.13 -33.05 11.16
N ALA C 487 -59.28 -31.73 10.90
CA ALA C 487 -58.71 -31.03 9.75
C ALA C 487 -57.17 -31.16 9.71
N HIS C 488 -56.52 -31.26 10.88
CA HIS C 488 -55.06 -31.43 11.00
C HIS C 488 -54.57 -32.81 10.53
N LEU C 489 -55.48 -33.79 10.46
CA LEU C 489 -55.13 -35.13 9.97
C LEU C 489 -55.77 -35.43 8.61
N ALA C 490 -56.56 -34.49 8.05
CA ALA C 490 -57.21 -34.69 6.74
C ALA C 490 -56.25 -34.27 5.63
N LEU C 491 -55.10 -34.94 5.60
CA LEU C 491 -54.01 -34.63 4.67
C LEU C 491 -54.31 -35.08 3.25
N PRO C 492 -53.83 -34.35 2.22
CA PRO C 492 -53.98 -34.82 0.82
C PRO C 492 -53.35 -36.18 0.61
N GLU C 493 -53.80 -36.93 -0.41
CA GLU C 493 -53.29 -38.29 -0.69
C GLU C 493 -51.80 -38.26 -1.03
N GLY C 494 -51.04 -39.12 -0.36
CA GLY C 494 -49.59 -39.26 -0.52
C GLY C 494 -48.72 -38.23 0.18
N PHE C 495 -49.35 -37.30 0.94
CA PHE C 495 -48.66 -36.22 1.66
C PHE C 495 -47.67 -36.77 2.71
N THR C 496 -46.44 -36.27 2.69
CA THR C 496 -45.44 -36.73 3.66
C THR C 496 -45.21 -35.65 4.71
N VAL C 497 -45.70 -35.89 5.91
CA VAL C 497 -45.51 -34.96 7.01
C VAL C 497 -44.13 -35.14 7.59
N HIS C 498 -43.44 -34.04 7.88
CA HIS C 498 -42.16 -34.04 8.59
C HIS C 498 -42.36 -34.84 9.89
N PRO C 499 -41.46 -35.80 10.24
CA PRO C 499 -41.69 -36.61 11.44
C PRO C 499 -41.80 -35.83 12.76
N ARG C 500 -41.28 -34.61 12.81
CA ARG C 500 -41.35 -33.76 13.99
C ARG C 500 -42.58 -32.84 13.96
N VAL C 501 -43.33 -32.83 12.83
CA VAL C 501 -44.56 -32.03 12.66
C VAL C 501 -45.77 -32.93 12.89
N ARG C 502 -45.68 -34.20 12.45
CA ARG C 502 -46.69 -35.24 12.66
C ARG C 502 -47.23 -35.28 14.12
N PRO C 503 -46.40 -35.27 15.22
CA PRO C 503 -47.00 -35.32 16.58
C PRO C 503 -47.86 -34.12 16.91
N VAL C 504 -47.58 -32.94 16.32
CA VAL C 504 -48.37 -31.72 16.54
C VAL C 504 -49.79 -31.96 15.97
N LEU C 505 -49.88 -32.52 14.74
CA LEU C 505 -51.12 -32.80 14.05
C LEU C 505 -51.94 -33.82 14.80
N GLU C 506 -51.28 -34.89 15.30
CA GLU C 506 -51.94 -35.94 16.08
C GLU C 506 -52.33 -35.47 17.47
N LYS C 507 -51.47 -34.68 18.14
CA LYS C 507 -51.76 -34.17 19.49
C LYS C 507 -52.93 -33.16 19.43
N ARG C 508 -53.11 -32.45 18.29
CA ARG C 508 -54.23 -31.51 18.12
C ARG C 508 -55.54 -32.23 17.96
N ARG C 509 -55.55 -33.36 17.23
CA ARG C 509 -56.78 -34.13 17.10
C ARG C 509 -57.17 -34.68 18.48
N GLU C 510 -56.16 -35.13 19.26
CA GLU C 510 -56.38 -35.64 20.61
C GLU C 510 -56.90 -34.54 21.53
N MET C 511 -56.27 -33.34 21.52
CA MET C 511 -56.70 -32.18 22.31
C MET C 511 -58.19 -31.80 22.04
N ALA C 512 -58.60 -31.84 20.78
CA ALA C 512 -59.95 -31.50 20.33
C ALA C 512 -61.02 -32.43 20.93
N TYR C 513 -60.66 -33.70 21.16
CA TYR C 513 -61.56 -34.72 21.68
C TYR C 513 -61.38 -34.97 23.17
N GLU C 514 -60.19 -34.68 23.72
CA GLU C 514 -59.87 -35.03 25.09
C GLU C 514 -59.51 -33.88 26.01
N GLY C 515 -59.34 -32.67 25.48
CA GLY C 515 -59.01 -31.53 26.32
C GLY C 515 -57.52 -31.30 26.45
N ARG C 516 -57.11 -30.55 27.50
CA ARG C 516 -55.74 -30.10 27.78
C ARG C 516 -55.20 -29.36 26.52
N ILE C 517 -56.04 -28.47 25.99
CA ILE C 517 -55.76 -27.65 24.81
C ILE C 517 -54.70 -26.60 25.15
N ASP C 518 -53.59 -26.59 24.40
CA ASP C 518 -52.49 -25.66 24.61
C ASP C 518 -52.82 -24.32 23.92
N TRP C 519 -51.96 -23.30 24.15
CA TRP C 519 -52.15 -21.96 23.60
C TRP C 519 -52.20 -21.93 22.07
N ALA C 520 -51.23 -22.59 21.38
CA ALA C 520 -51.14 -22.54 19.91
C ALA C 520 -52.36 -23.17 19.25
N PHE C 521 -52.91 -24.26 19.82
CA PHE C 521 -54.10 -24.90 19.28
C PHE C 521 -55.36 -24.03 19.53
N ALA C 522 -55.46 -23.32 20.66
CA ALA C 522 -56.60 -22.48 20.96
C ALA C 522 -56.69 -21.29 19.97
N GLU C 523 -55.52 -20.79 19.58
CA GLU C 523 -55.43 -19.75 18.59
C GLU C 523 -56.11 -20.23 17.27
N LEU C 524 -55.70 -21.41 16.77
CA LEU C 524 -56.21 -22.01 15.54
C LEU C 524 -57.69 -22.45 15.67
N LEU C 525 -58.14 -22.79 16.89
CA LEU C 525 -59.55 -23.13 17.16
C LEU C 525 -60.39 -21.88 17.00
N ALA C 526 -59.86 -20.70 17.45
CA ALA C 526 -60.56 -19.43 17.34
C ALA C 526 -60.64 -18.99 15.88
N LEU C 527 -59.50 -19.02 15.15
CA LEU C 527 -59.44 -18.62 13.74
C LEU C 527 -60.26 -19.59 12.85
N GLY C 528 -60.15 -20.91 13.08
CA GLY C 528 -60.89 -21.92 12.34
C GLY C 528 -62.39 -21.87 12.52
N SER C 529 -62.86 -21.56 13.77
CA SER C 529 -64.27 -21.43 14.08
C SER C 529 -64.83 -20.18 13.41
N LEU C 530 -64.03 -19.11 13.33
CA LEU C 530 -64.42 -17.87 12.64
C LEU C 530 -64.53 -18.12 11.11
N ILE C 531 -63.56 -18.87 10.52
CA ILE C 531 -63.57 -19.23 9.11
C ILE C 531 -64.84 -20.06 8.79
N ALA C 532 -65.15 -21.05 9.65
CA ALA C 532 -66.31 -21.95 9.55
C ALA C 532 -67.62 -21.17 9.59
N GLU C 533 -67.62 -20.00 10.27
CA GLU C 533 -68.77 -19.11 10.40
C GLU C 533 -68.82 -18.09 9.27
N GLY C 534 -67.94 -18.24 8.28
CA GLY C 534 -67.89 -17.39 7.09
C GLY C 534 -66.97 -16.20 7.11
N LYS C 535 -66.15 -16.04 8.16
CA LYS C 535 -65.25 -14.88 8.28
C LYS C 535 -63.93 -15.04 7.54
N LEU C 536 -63.49 -13.96 6.87
CA LEU C 536 -62.18 -13.88 6.22
C LEU C 536 -61.12 -13.65 7.33
N VAL C 537 -60.11 -14.54 7.43
CA VAL C 537 -59.05 -14.41 8.43
C VAL C 537 -57.72 -14.16 7.72
N ARG C 538 -57.06 -13.05 8.04
CA ARG C 538 -55.76 -12.71 7.49
C ARG C 538 -54.78 -12.67 8.62
N LEU C 539 -53.78 -13.56 8.57
CA LEU C 539 -52.76 -13.70 9.60
C LEU C 539 -51.40 -13.64 8.96
N SER C 540 -50.54 -12.75 9.42
CA SER C 540 -49.21 -12.61 8.83
C SER C 540 -48.24 -12.11 9.85
N GLY C 541 -46.97 -12.14 9.50
CA GLY C 541 -45.88 -11.73 10.36
C GLY C 541 -44.63 -12.52 10.04
N GLN C 542 -43.54 -12.24 10.75
N GLN C 542 -43.55 -12.25 10.78
CA GLN C 542 -42.24 -12.88 10.51
CA GLN C 542 -42.26 -12.90 10.58
C GLN C 542 -42.25 -14.33 10.99
C GLN C 542 -42.29 -14.36 11.00
N ASP C 543 -42.13 -15.27 10.01
CA ASP C 543 -42.13 -16.75 10.17
C ASP C 543 -43.47 -17.24 10.80
N THR C 544 -44.58 -16.54 10.51
CA THR C 544 -45.90 -16.76 11.10
C THR C 544 -46.56 -18.04 10.63
N GLN C 545 -46.21 -18.53 9.46
CA GLN C 545 -46.80 -19.78 8.97
C GLN C 545 -46.44 -20.95 9.91
N ARG C 546 -45.17 -21.05 10.29
CA ARG C 546 -44.72 -22.13 11.17
C ARG C 546 -44.85 -21.71 12.62
N GLY C 547 -44.51 -20.45 12.88
CA GLY C 547 -44.42 -19.87 14.20
C GLY C 547 -42.96 -19.75 14.60
N THR C 548 -42.56 -18.58 15.11
CA THR C 548 -41.22 -18.34 15.60
C THR C 548 -40.79 -19.48 16.58
N PHE C 549 -41.73 -19.91 17.44
CA PHE C 549 -41.48 -20.91 18.47
C PHE C 549 -41.93 -22.30 18.02
N THR C 550 -41.99 -22.55 16.69
CA THR C 550 -42.35 -23.85 16.07
C THR C 550 -43.66 -24.39 16.66
N GLN C 551 -44.62 -23.50 16.92
CA GLN C 551 -45.83 -23.92 17.63
C GLN C 551 -47.06 -23.88 16.78
N ARG C 552 -47.11 -22.95 15.78
CA ARG C 552 -48.32 -22.73 15.03
C ARG C 552 -48.59 -23.82 13.96
N HIS C 553 -47.67 -24.00 13.00
CA HIS C 553 -47.86 -24.94 11.88
C HIS C 553 -49.21 -24.67 11.21
N ALA C 554 -49.44 -23.41 10.81
CA ALA C 554 -50.66 -23.00 10.07
C ALA C 554 -50.57 -23.57 8.66
N VAL C 555 -49.32 -23.69 8.17
CA VAL C 555 -48.98 -24.28 6.88
C VAL C 555 -47.98 -25.38 7.21
N ILE C 556 -48.13 -26.56 6.61
CA ILE C 556 -47.23 -27.71 6.81
C ILE C 556 -46.60 -28.03 5.43
N VAL C 557 -45.33 -28.40 5.41
CA VAL C 557 -44.59 -28.57 4.16
C VAL C 557 -44.29 -30.07 3.93
N ASP C 558 -44.75 -30.60 2.76
CA ASP C 558 -44.50 -32.01 2.42
C ASP C 558 -42.97 -32.23 2.44
N ARG C 559 -42.49 -33.20 3.26
CA ARG C 559 -41.08 -33.51 3.46
C ARG C 559 -40.36 -33.96 2.21
N LYS C 560 -41.10 -34.60 1.27
CA LYS C 560 -40.52 -35.17 0.05
C LYS C 560 -40.56 -34.22 -1.14
N THR C 561 -41.64 -33.45 -1.29
CA THR C 561 -41.87 -32.59 -2.45
C THR C 561 -41.85 -31.08 -2.15
N GLY C 562 -42.21 -30.68 -0.93
CA GLY C 562 -42.24 -29.25 -0.61
C GLY C 562 -43.58 -28.58 -0.81
N GLU C 563 -44.59 -29.35 -1.22
CA GLU C 563 -45.98 -28.92 -1.41
C GLU C 563 -46.54 -28.41 -0.07
N GLU C 564 -47.35 -27.37 -0.09
CA GLU C 564 -47.91 -26.81 1.14
C GLU C 564 -49.32 -27.35 1.42
N PHE C 565 -49.71 -27.41 2.71
CA PHE C 565 -51.04 -27.80 3.17
C PHE C 565 -51.44 -26.91 4.36
N THR C 566 -52.62 -26.28 4.26
CA THR C 566 -53.15 -25.38 5.27
C THR C 566 -54.38 -26.04 5.90
N PRO C 567 -54.25 -26.74 7.05
CA PRO C 567 -55.43 -27.43 7.63
C PRO C 567 -56.68 -26.53 7.84
N LEU C 568 -56.53 -25.25 8.31
CA LEU C 568 -57.68 -24.37 8.54
C LEU C 568 -58.47 -24.02 7.29
N GLN C 569 -57.84 -24.10 6.10
CA GLN C 569 -58.53 -23.80 4.85
C GLN C 569 -59.70 -24.77 4.60
N LEU C 570 -59.67 -25.99 5.21
CA LEU C 570 -60.72 -26.99 5.07
C LEU C 570 -62.02 -26.56 5.78
N LEU C 571 -61.89 -25.62 6.73
CA LEU C 571 -63.02 -25.11 7.48
C LEU C 571 -63.82 -24.11 6.65
N ALA C 572 -63.28 -23.68 5.47
CA ALA C 572 -63.97 -22.75 4.54
C ALA C 572 -65.07 -23.49 3.72
N THR C 573 -65.12 -24.83 3.83
CA THR C 573 -66.11 -25.69 3.19
C THR C 573 -66.91 -26.38 4.28
N ASN C 574 -68.25 -26.27 4.22
CA ASN C 574 -69.18 -26.95 5.14
C ASN C 574 -69.13 -28.49 4.94
N PRO C 575 -69.56 -29.34 5.92
CA PRO C 575 -69.55 -30.80 5.67
C PRO C 575 -70.33 -31.24 4.43
N ASP C 576 -71.41 -30.48 4.04
CA ASP C 576 -72.23 -30.78 2.85
C ASP C 576 -71.55 -30.37 1.53
N GLY C 577 -70.38 -29.72 1.61
CA GLY C 577 -69.59 -29.33 0.45
C GLY C 577 -69.74 -27.89 -0.01
N THR C 578 -70.72 -27.16 0.53
CA THR C 578 -70.95 -25.76 0.17
C THR C 578 -69.92 -24.83 0.86
N PRO C 579 -69.62 -23.64 0.26
CA PRO C 579 -68.66 -22.72 0.91
C PRO C 579 -69.27 -22.04 2.13
N THR C 580 -68.42 -21.68 3.11
CA THR C 580 -68.88 -20.96 4.30
C THR C 580 -68.84 -19.47 4.00
N GLY C 581 -67.98 -19.08 3.06
CA GLY C 581 -67.72 -17.69 2.70
C GLY C 581 -66.41 -17.24 3.35
N GLY C 582 -65.96 -18.02 4.33
CA GLY C 582 -64.71 -17.79 5.05
C GLY C 582 -63.49 -18.18 4.26
N LYS C 583 -62.32 -17.69 4.71
CA LYS C 583 -61.03 -17.95 4.05
C LYS C 583 -59.89 -17.72 5.03
N PHE C 584 -58.83 -18.51 4.90
CA PHE C 584 -57.64 -18.38 5.74
C PHE C 584 -56.48 -17.91 4.89
N LEU C 585 -56.08 -16.66 5.11
CA LEU C 585 -54.97 -16.07 4.40
C LEU C 585 -53.87 -15.89 5.41
N VAL C 586 -52.85 -16.77 5.33
CA VAL C 586 -51.72 -16.79 6.25
C VAL C 586 -50.42 -16.65 5.44
N TYR C 587 -49.57 -15.71 5.88
CA TYR C 587 -48.34 -15.43 5.17
C TYR C 587 -47.19 -15.19 6.08
N ASN C 588 -46.00 -15.44 5.54
CA ASN C 588 -44.74 -15.06 6.12
C ASN C 588 -44.48 -13.64 5.58
N SER C 589 -44.35 -12.66 6.44
CA SER C 589 -44.12 -11.30 5.94
C SER C 589 -42.65 -11.11 5.49
N ALA C 590 -42.35 -9.95 4.86
CA ALA C 590 -40.96 -9.54 4.58
C ALA C 590 -40.33 -9.11 5.91
N LEU C 591 -39.02 -8.89 5.95
CA LEU C 591 -38.42 -8.51 7.22
C LEU C 591 -38.62 -7.04 7.47
N SER C 592 -39.87 -6.64 7.73
CA SER C 592 -40.27 -5.25 8.03
C SER C 592 -41.28 -5.21 9.17
N GLU C 593 -41.31 -4.07 9.88
CA GLU C 593 -42.31 -3.85 10.92
C GLU C 593 -43.18 -2.69 10.51
N PHE C 594 -42.55 -1.54 10.12
CA PHE C 594 -43.24 -0.31 9.73
C PHE C 594 -44.21 -0.59 8.56
N ALA C 595 -43.70 -1.09 7.41
CA ALA C 595 -44.57 -1.38 6.27
C ALA C 595 -45.59 -2.51 6.57
N ALA C 596 -45.18 -3.62 7.21
CA ALA C 596 -46.05 -4.77 7.56
C ALA C 596 -47.17 -4.37 8.53
N VAL C 597 -46.87 -3.59 9.59
CA VAL C 597 -47.91 -3.13 10.55
C VAL C 597 -48.83 -2.11 9.87
N GLY C 598 -48.27 -1.22 9.06
CA GLY C 598 -49.06 -0.25 8.31
C GLY C 598 -50.04 -0.92 7.34
N PHE C 599 -49.52 -1.91 6.57
CA PHE C 599 -50.29 -2.70 5.63
C PHE C 599 -51.50 -3.40 6.31
N GLU C 600 -51.28 -4.05 7.47
CA GLU C 600 -52.35 -4.77 8.18
C GLU C 600 -53.32 -3.78 8.79
N TYR C 601 -52.82 -2.63 9.26
CA TYR C 601 -53.73 -1.56 9.72
C TYR C 601 -54.64 -1.16 8.54
N GLY C 602 -54.04 -0.91 7.36
CA GLY C 602 -54.77 -0.55 6.15
C GLY C 602 -55.77 -1.61 5.71
N TYR C 603 -55.36 -2.90 5.78
CA TYR C 603 -56.18 -4.06 5.40
C TYR C 603 -57.44 -4.07 6.24
N SER C 604 -57.29 -3.88 7.57
CA SER C 604 -58.45 -3.90 8.44
C SER C 604 -59.41 -2.71 8.13
N VAL C 605 -58.87 -1.55 7.76
CA VAL C 605 -59.70 -0.37 7.39
C VAL C 605 -60.46 -0.71 6.10
N GLY C 606 -59.74 -1.31 5.13
CA GLY C 606 -60.27 -1.71 3.83
C GLY C 606 -61.38 -2.74 3.87
N ASN C 607 -61.29 -3.69 4.82
CA ASN C 607 -62.33 -4.71 5.02
C ASN C 607 -62.64 -4.82 6.51
N PRO C 608 -63.63 -4.03 6.97
CA PRO C 608 -64.02 -4.09 8.41
C PRO C 608 -64.56 -5.47 8.89
N ASP C 609 -65.01 -6.31 7.93
CA ASP C 609 -65.56 -7.63 8.24
C ASP C 609 -64.48 -8.73 8.30
N ALA C 610 -63.22 -8.36 8.01
CA ALA C 610 -62.11 -9.31 8.07
C ALA C 610 -61.53 -9.36 9.48
N MET C 611 -60.96 -10.53 9.84
CA MET C 611 -60.21 -10.76 11.06
C MET C 611 -58.76 -10.59 10.61
N VAL C 612 -58.07 -9.52 11.04
CA VAL C 612 -56.72 -9.19 10.59
C VAL C 612 -55.75 -9.18 11.76
N LEU C 613 -54.80 -10.11 11.71
CA LEU C 613 -53.81 -10.26 12.77
C LEU C 613 -52.42 -10.15 12.21
N TRP C 614 -51.57 -9.34 12.90
CA TRP C 614 -50.18 -9.19 12.55
C TRP C 614 -49.40 -9.66 13.74
N GLU C 615 -48.41 -10.52 13.49
CA GLU C 615 -47.62 -11.05 14.59
C GLU C 615 -46.16 -10.59 14.52
N ALA C 616 -45.68 -10.01 15.64
CA ALA C 616 -44.27 -9.64 15.79
C ALA C 616 -43.48 -10.87 16.12
N GLN C 617 -42.24 -10.96 15.69
CA GLN C 617 -41.41 -12.14 16.01
C GLN C 617 -41.29 -12.22 17.55
N PHE C 618 -41.00 -11.06 18.15
CA PHE C 618 -40.93 -10.73 19.56
C PHE C 618 -41.51 -9.35 19.64
N GLY C 619 -42.23 -9.03 20.70
CA GLY C 619 -42.84 -7.70 20.83
C GLY C 619 -41.82 -6.57 20.87
N ASP C 620 -40.55 -6.89 21.14
CA ASP C 620 -39.46 -5.90 21.20
C ASP C 620 -39.21 -5.24 19.82
N PHE C 621 -39.70 -5.83 18.71
CA PHE C 621 -39.46 -5.27 17.38
C PHE C 621 -40.58 -4.36 16.90
N VAL C 622 -41.66 -4.22 17.66
CA VAL C 622 -42.80 -3.42 17.21
C VAL C 622 -42.45 -1.92 17.25
N ASN C 623 -41.42 -1.53 18.03
CA ASN C 623 -40.99 -0.12 18.05
C ASN C 623 -40.47 0.33 16.65
N GLY C 624 -40.22 -0.61 15.74
CA GLY C 624 -39.84 -0.32 14.37
C GLY C 624 -41.03 0.24 13.59
N ALA C 625 -42.24 0.00 14.11
CA ALA C 625 -43.50 0.46 13.57
C ALA C 625 -44.16 1.52 14.49
N GLN C 626 -43.36 2.23 15.33
CA GLN C 626 -43.89 3.22 16.27
C GLN C 626 -44.75 4.30 15.61
N SER C 627 -44.38 4.79 14.42
CA SER C 627 -45.16 5.79 13.69
C SER C 627 -46.55 5.26 13.37
N ILE C 628 -46.70 3.97 13.00
CA ILE C 628 -48.04 3.40 12.69
C ILE C 628 -48.86 3.30 13.98
N ILE C 629 -48.24 2.78 15.04
CA ILE C 629 -48.93 2.64 16.32
C ILE C 629 -49.40 4.04 16.81
N ASP C 630 -48.48 5.04 16.84
CA ASP C 630 -48.80 6.38 17.30
C ASP C 630 -49.72 7.14 16.38
N GLU C 631 -49.53 7.07 15.04
CA GLU C 631 -50.29 7.96 14.13
C GLU C 631 -51.56 7.37 13.53
N PHE C 632 -51.69 6.06 13.50
CA PHE C 632 -52.83 5.39 12.89
C PHE C 632 -53.61 4.54 13.86
N ILE C 633 -52.96 3.51 14.43
CA ILE C 633 -53.63 2.52 15.26
C ILE C 633 -54.26 3.12 16.51
N SER C 634 -53.48 3.84 17.33
CA SER C 634 -54.01 4.32 18.61
C SER C 634 -54.87 5.59 18.50
N SER C 635 -54.72 6.36 17.42
CA SER C 635 -55.35 7.68 17.30
C SER C 635 -56.18 7.93 16.06
N GLY C 636 -56.18 7.01 15.08
CA GLY C 636 -56.92 7.17 13.83
C GLY C 636 -58.42 7.45 13.96
N GLU C 637 -59.09 6.86 14.98
CA GLU C 637 -60.52 7.02 15.23
C GLU C 637 -60.82 8.46 15.72
N ALA C 638 -60.07 8.95 16.73
CA ALA C 638 -60.23 10.28 17.28
C ALA C 638 -59.92 11.37 16.24
N LYS C 639 -58.85 11.18 15.46
CA LYS C 639 -58.43 12.18 14.49
C LYS C 639 -59.28 12.23 13.22
N TRP C 640 -59.66 11.08 12.64
CA TRP C 640 -60.34 11.10 11.33
C TRP C 640 -61.67 10.36 11.27
N GLY C 641 -62.05 9.70 12.37
CA GLY C 641 -63.22 8.82 12.38
C GLY C 641 -62.92 7.54 11.60
N GLN C 642 -61.63 7.24 11.37
CA GLN C 642 -61.18 6.03 10.65
C GLN C 642 -61.08 4.86 11.63
N LEU C 643 -61.87 3.81 11.39
CA LEU C 643 -61.88 2.67 12.28
C LEU C 643 -61.07 1.51 11.69
N SER C 644 -60.40 0.78 12.59
CA SER C 644 -59.59 -0.36 12.29
C SER C 644 -59.76 -1.37 13.39
N ASP C 645 -59.84 -2.64 13.03
CA ASP C 645 -60.00 -3.75 13.96
C ASP C 645 -58.73 -4.60 13.98
N VAL C 646 -57.59 -4.04 13.57
CA VAL C 646 -56.32 -4.79 13.47
C VAL C 646 -55.91 -5.40 14.83
N VAL C 647 -55.39 -6.63 14.80
CA VAL C 647 -54.89 -7.33 15.96
C VAL C 647 -53.38 -7.36 15.89
N LEU C 648 -52.71 -6.90 16.95
CA LEU C 648 -51.25 -6.99 17.06
C LEU C 648 -50.94 -8.09 18.08
N LEU C 649 -50.22 -9.13 17.64
CA LEU C 649 -49.79 -10.24 18.50
C LEU C 649 -48.34 -9.99 18.87
N LEU C 650 -48.08 -9.71 20.16
CA LEU C 650 -46.73 -9.32 20.59
C LEU C 650 -46.12 -10.31 21.61
N PRO C 651 -45.26 -11.26 21.15
CA PRO C 651 -44.64 -12.24 22.08
C PRO C 651 -43.83 -11.49 23.15
N HIS C 652 -44.15 -11.80 24.41
CA HIS C 652 -43.70 -11.05 25.57
C HIS C 652 -43.42 -11.96 26.75
N GLY C 653 -42.41 -11.58 27.53
CA GLY C 653 -42.09 -12.30 28.75
C GLY C 653 -40.63 -12.39 29.06
N HIS C 654 -40.29 -12.29 30.38
CA HIS C 654 -38.93 -12.38 30.91
C HIS C 654 -38.55 -13.83 31.02
N GLU C 655 -37.63 -14.28 30.17
CA GLU C 655 -37.20 -15.68 30.13
C GLU C 655 -35.68 -15.85 30.07
N GLY C 656 -34.95 -14.74 30.13
CA GLY C 656 -33.51 -14.76 30.06
C GLY C 656 -32.92 -14.70 28.66
N GLN C 657 -33.71 -14.24 27.66
CA GLN C 657 -33.19 -14.16 26.29
C GLN C 657 -32.58 -12.76 25.94
N GLY C 658 -32.50 -11.86 26.91
CA GLY C 658 -31.89 -10.56 26.64
C GLY C 658 -32.88 -9.43 26.48
N PRO C 659 -32.35 -8.16 26.43
CA PRO C 659 -33.24 -6.99 26.38
C PRO C 659 -34.09 -6.84 25.12
N ASP C 660 -33.74 -7.49 23.99
CA ASP C 660 -34.52 -7.43 22.76
C ASP C 660 -35.38 -8.68 22.53
N HIS C 661 -35.48 -9.59 23.54
CA HIS C 661 -36.32 -10.77 23.39
C HIS C 661 -37.09 -10.96 24.67
N THR C 662 -37.52 -9.85 25.25
CA THR C 662 -38.19 -9.88 26.55
C THR C 662 -39.51 -9.09 26.57
N SER C 663 -39.55 -7.84 26.05
CA SER C 663 -40.71 -6.99 26.24
C SER C 663 -41.35 -6.47 24.99
N GLY C 664 -42.69 -6.46 25.00
CA GLY C 664 -43.52 -5.85 23.97
C GLY C 664 -43.90 -4.41 24.31
N ARG C 665 -43.24 -3.83 25.35
CA ARG C 665 -43.37 -2.47 25.88
C ARG C 665 -44.86 -2.15 26.21
N ILE C 666 -45.43 -2.95 27.13
CA ILE C 666 -46.80 -2.85 27.66
C ILE C 666 -47.10 -1.42 28.16
N GLU C 667 -46.12 -0.82 28.87
CA GLU C 667 -46.20 0.51 29.44
C GLU C 667 -46.41 1.57 28.35
N ARG C 668 -45.87 1.35 27.13
CA ARG C 668 -46.05 2.29 26.03
C ARG C 668 -47.48 2.23 25.48
N PHE C 669 -48.02 1.03 25.26
CA PHE C 669 -49.40 0.86 24.77
C PHE C 669 -50.43 1.34 25.78
N LEU C 670 -50.19 1.08 27.09
CA LEU C 670 -51.04 1.55 28.17
C LEU C 670 -51.07 3.07 28.25
N GLN C 671 -49.91 3.73 28.00
CA GLN C 671 -49.71 5.17 27.98
C GLN C 671 -50.48 5.79 26.83
N LEU C 672 -50.41 5.15 25.66
CA LEU C 672 -51.11 5.56 24.43
C LEU C 672 -52.64 5.42 24.56
N TRP C 673 -53.12 4.45 25.35
CA TRP C 673 -54.55 4.19 25.54
C TRP C 673 -55.26 5.41 26.14
N ALA C 674 -56.44 5.70 25.58
CA ALA C 674 -57.42 6.71 26.00
C ALA C 674 -58.67 6.55 25.18
N GLU C 675 -59.83 7.03 25.68
CA GLU C 675 -61.13 7.05 24.98
C GLU C 675 -61.55 5.67 24.42
N GLY C 676 -61.14 4.59 25.09
CA GLY C 676 -61.39 3.22 24.67
C GLY C 676 -60.98 2.95 23.24
N SER C 677 -59.87 3.55 22.80
CA SER C 677 -59.38 3.47 21.40
C SER C 677 -58.93 2.05 21.02
N MET C 678 -58.38 1.31 21.99
CA MET C 678 -57.88 -0.04 21.80
C MET C 678 -58.21 -0.94 22.98
N THR C 679 -58.18 -2.24 22.72
CA THR C 679 -58.28 -3.25 23.76
C THR C 679 -56.85 -3.73 23.94
N ILE C 680 -56.41 -3.86 25.18
CA ILE C 680 -55.07 -4.34 25.49
C ILE C 680 -55.23 -5.51 26.46
N ALA C 681 -54.72 -6.69 26.09
CA ALA C 681 -54.82 -7.87 26.92
C ALA C 681 -53.52 -8.63 27.01
N MET C 682 -53.38 -9.40 28.11
CA MET C 682 -52.28 -10.31 28.35
C MET C 682 -52.92 -11.59 28.92
N PRO C 683 -53.54 -12.44 28.05
CA PRO C 683 -54.24 -13.64 28.58
C PRO C 683 -53.27 -14.67 29.15
N SER C 684 -53.74 -15.44 30.18
CA SER C 684 -52.91 -16.43 30.87
C SER C 684 -53.32 -17.87 30.53
N THR C 685 -54.52 -18.08 29.94
CA THR C 685 -54.96 -19.42 29.59
C THR C 685 -55.33 -19.51 28.10
N PRO C 686 -55.12 -20.68 27.44
CA PRO C 686 -55.49 -20.84 26.02
C PRO C 686 -56.97 -20.48 25.73
N ALA C 687 -57.94 -20.95 26.58
CA ALA C 687 -59.37 -20.67 26.43
C ALA C 687 -59.67 -19.19 26.47
N ASN C 688 -59.01 -18.44 27.38
CA ASN C 688 -59.24 -17.01 27.49
C ASN C 688 -58.74 -16.30 26.25
N TYR C 689 -57.62 -16.79 25.67
CA TYR C 689 -57.10 -16.26 24.42
C TYR C 689 -58.10 -16.52 23.28
N PHE C 690 -58.62 -17.77 23.20
CA PHE C 690 -59.64 -18.19 22.23
C PHE C 690 -60.85 -17.25 22.25
N HIS C 691 -61.42 -17.00 23.45
CA HIS C 691 -62.60 -16.16 23.64
C HIS C 691 -62.32 -14.70 23.33
N LEU C 692 -61.09 -14.23 23.65
CA LEU C 692 -60.63 -12.87 23.35
C LEU C 692 -60.65 -12.63 21.83
N LEU C 693 -60.11 -13.58 21.06
CA LEU C 693 -60.07 -13.46 19.60
C LEU C 693 -61.45 -13.55 18.99
N ARG C 694 -62.31 -14.47 19.51
CA ARG C 694 -63.67 -14.60 18.98
C ARG C 694 -64.50 -13.37 19.32
N ARG C 695 -64.36 -12.81 20.55
CA ARG C 695 -65.06 -11.58 20.96
C ARG C 695 -64.66 -10.45 20.04
N HIS C 696 -63.35 -10.37 19.72
CA HIS C 696 -62.81 -9.34 18.84
C HIS C 696 -63.40 -9.42 17.43
N GLY C 697 -63.50 -10.61 16.87
CA GLY C 697 -64.04 -10.79 15.52
C GLY C 697 -65.55 -10.75 15.41
N LYS C 698 -66.27 -10.93 16.53
CA LYS C 698 -67.75 -11.02 16.49
C LYS C 698 -68.49 -9.84 17.16
N ASP C 699 -67.79 -8.93 17.86
CA ASP C 699 -68.43 -7.84 18.61
C ASP C 699 -69.04 -6.73 17.77
N GLY C 700 -68.67 -6.64 16.50
CA GLY C 700 -69.14 -5.57 15.62
C GLY C 700 -68.52 -4.20 15.85
N ILE C 701 -67.51 -4.11 16.73
CA ILE C 701 -66.76 -2.88 17.06
C ILE C 701 -65.49 -2.92 16.24
N GLN C 702 -65.11 -1.79 15.65
CA GLN C 702 -63.92 -1.71 14.85
C GLN C 702 -62.88 -0.97 15.64
N ARG C 703 -62.19 -1.70 16.55
CA ARG C 703 -61.15 -1.12 17.41
C ARG C 703 -59.99 -2.07 17.53
N PRO C 704 -58.75 -1.54 17.44
CA PRO C 704 -57.58 -2.43 17.46
C PRO C 704 -57.45 -3.19 18.78
N LEU C 705 -56.88 -4.39 18.68
CA LEU C 705 -56.64 -5.24 19.83
C LEU C 705 -55.15 -5.52 19.93
N ILE C 706 -54.58 -5.21 21.09
CA ILE C 706 -53.15 -5.44 21.35
C ILE C 706 -53.08 -6.63 22.30
N VAL C 707 -52.40 -7.72 21.89
CA VAL C 707 -52.29 -8.93 22.72
C VAL C 707 -50.83 -9.25 23.04
N PHE C 708 -50.51 -9.37 24.32
CA PHE C 708 -49.20 -9.76 24.78
C PHE C 708 -49.27 -11.27 24.94
N THR C 709 -48.57 -11.98 24.03
CA THR C 709 -48.65 -13.43 23.87
C THR C 709 -47.42 -14.16 24.46
N PRO C 710 -47.56 -15.46 24.82
CA PRO C 710 -46.45 -16.17 25.47
C PRO C 710 -45.40 -16.70 24.52
N LYS C 711 -44.32 -17.22 25.10
CA LYS C 711 -43.18 -17.83 24.43
C LYS C 711 -42.95 -19.21 25.09
N SER C 712 -42.37 -19.28 26.31
CA SER C 712 -42.14 -20.54 27.05
C SER C 712 -43.48 -21.12 27.55
N MET C 713 -44.43 -20.22 27.97
CA MET C 713 -45.77 -20.56 28.44
C MET C 713 -46.58 -21.30 27.36
N LEU C 714 -46.14 -21.23 26.08
CA LEU C 714 -46.76 -22.00 25.00
C LEU C 714 -46.64 -23.52 25.30
N ARG C 715 -45.56 -23.91 25.99
CA ARG C 715 -45.27 -25.31 26.33
C ARG C 715 -45.37 -25.59 27.82
N ASN C 716 -46.01 -24.69 28.57
CA ASN C 716 -46.23 -24.89 30.00
C ASN C 716 -47.44 -25.84 30.15
N LYS C 717 -47.23 -27.01 30.78
CA LYS C 717 -48.27 -28.03 30.94
C LYS C 717 -49.35 -27.57 31.92
N ALA C 718 -49.06 -26.55 32.74
CA ALA C 718 -50.07 -25.97 33.63
C ALA C 718 -50.97 -24.97 32.85
N ALA C 719 -50.45 -24.42 31.75
CA ALA C 719 -51.15 -23.44 30.93
C ALA C 719 -51.96 -24.12 29.83
N VAL C 720 -52.92 -24.98 30.21
CA VAL C 720 -53.76 -25.70 29.26
C VAL C 720 -55.24 -25.53 29.67
N SER C 721 -56.15 -25.75 28.72
CA SER C 721 -57.58 -25.57 29.00
C SER C 721 -58.43 -26.81 28.72
N ASP C 722 -59.56 -26.90 29.42
CA ASP C 722 -60.54 -27.97 29.24
C ASP C 722 -61.48 -27.62 28.10
N ILE C 723 -62.06 -28.63 27.43
CA ILE C 723 -63.02 -28.43 26.34
C ILE C 723 -64.23 -27.56 26.81
N ARG C 724 -64.72 -27.76 28.05
CA ARG C 724 -65.85 -26.99 28.60
C ARG C 724 -65.55 -25.45 28.66
N ASP C 725 -64.26 -25.06 28.77
CA ASP C 725 -63.87 -23.64 28.76
C ASP C 725 -64.10 -23.01 27.37
N PHE C 726 -64.12 -23.82 26.29
CA PHE C 726 -64.36 -23.36 24.91
C PHE C 726 -65.84 -23.45 24.54
N THR C 727 -66.55 -24.44 25.09
CA THR C 727 -67.94 -24.75 24.73
C THR C 727 -68.99 -24.16 25.67
N GLU C 728 -68.62 -23.89 26.94
CA GLU C 728 -69.58 -23.40 27.93
C GLU C 728 -69.10 -22.16 28.68
N SER C 729 -68.05 -21.49 28.21
CA SER C 729 -67.59 -20.30 28.90
C SER C 729 -67.53 -19.09 27.95
N LYS C 730 -66.93 -17.99 28.42
CA LYS C 730 -66.77 -16.73 27.70
C LYS C 730 -65.45 -16.08 28.16
N PHE C 731 -65.09 -14.92 27.57
CA PHE C 731 -63.86 -14.22 27.95
C PHE C 731 -63.97 -13.73 29.41
N ARG C 732 -62.93 -13.95 30.19
CA ARG C 732 -62.87 -13.53 31.59
C ARG C 732 -61.79 -12.47 31.70
N SER C 733 -62.20 -11.23 31.99
CA SER C 733 -61.27 -10.09 32.10
C SER C 733 -60.40 -10.19 33.37
N VAL C 734 -60.96 -10.82 34.41
CA VAL C 734 -60.28 -11.07 35.69
C VAL C 734 -60.38 -12.57 35.98
N LEU C 735 -59.28 -13.22 36.40
CA LEU C 735 -59.28 -14.64 36.73
C LEU C 735 -58.80 -14.92 38.15
N GLU C 736 -59.51 -15.83 38.83
CA GLU C 736 -59.16 -16.30 40.17
C GLU C 736 -58.41 -17.59 40.03
N GLU C 737 -57.77 -18.05 41.12
CA GLU C 737 -57.11 -19.36 41.13
C GLU C 737 -58.16 -20.48 41.08
N PRO C 738 -57.93 -21.53 40.26
CA PRO C 738 -58.89 -22.66 40.19
C PRO C 738 -59.26 -23.31 41.53
N MET C 739 -58.36 -23.30 42.55
CA MET C 739 -58.66 -23.88 43.88
C MET C 739 -59.85 -23.17 44.57
N TYR C 740 -60.20 -21.94 44.15
CA TYR C 740 -61.31 -21.22 44.78
C TYR C 740 -62.59 -21.35 43.98
N THR C 741 -62.50 -21.33 42.67
CA THR C 741 -63.68 -21.44 41.80
C THR C 741 -64.07 -22.90 41.55
N ASP C 742 -63.09 -23.82 41.51
CA ASP C 742 -63.33 -25.21 41.16
C ASP C 742 -62.70 -26.21 42.17
N GLY C 743 -62.17 -25.72 43.29
CA GLY C 743 -61.51 -26.60 44.26
C GLY C 743 -61.92 -26.53 45.71
N GLU C 744 -60.99 -26.95 46.58
CA GLU C 744 -61.17 -26.98 48.03
C GLU C 744 -60.30 -25.90 48.72
N GLY C 745 -60.30 -24.69 48.13
CA GLY C 745 -59.57 -23.54 48.65
C GLY C 745 -60.46 -22.61 49.44
N ASP C 746 -59.95 -22.06 50.57
CA ASP C 746 -60.68 -21.16 51.45
C ASP C 746 -60.20 -19.71 51.26
N ARG C 747 -61.07 -18.86 50.70
CA ARG C 747 -60.81 -17.45 50.43
C ARG C 747 -60.70 -16.61 51.71
N ASN C 748 -61.36 -17.04 52.78
CA ASN C 748 -61.38 -16.30 54.05
C ASN C 748 -60.02 -16.37 54.77
N LYS C 749 -59.18 -17.37 54.43
CA LYS C 749 -57.84 -17.53 55.00
C LYS C 749 -56.85 -16.51 54.39
N VAL C 750 -57.19 -15.90 53.25
CA VAL C 750 -56.32 -14.98 52.51
C VAL C 750 -56.18 -13.62 53.23
N THR C 751 -54.93 -13.22 53.50
CA THR C 751 -54.58 -11.94 54.13
C THR C 751 -53.78 -11.08 53.18
N ARG C 752 -53.05 -11.71 52.25
CA ARG C 752 -52.21 -11.04 51.28
C ARG C 752 -52.65 -11.40 49.86
N LEU C 753 -53.02 -10.38 49.08
CA LEU C 753 -53.48 -10.62 47.74
C LEU C 753 -52.48 -10.08 46.71
N LEU C 754 -52.06 -10.96 45.78
CA LEU C 754 -51.12 -10.61 44.72
C LEU C 754 -51.89 -10.44 43.42
N LEU C 755 -51.90 -9.22 42.91
CA LEU C 755 -52.51 -8.87 41.66
C LEU C 755 -51.46 -8.93 40.60
N THR C 756 -51.76 -9.60 39.49
CA THR C 756 -50.77 -9.81 38.45
C THR C 756 -51.44 -9.98 37.10
N SER C 757 -50.60 -10.19 36.09
CA SER C 757 -50.99 -10.45 34.71
C SER C 757 -49.93 -11.27 34.05
N GLY C 758 -50.36 -12.22 33.22
CA GLY C 758 -49.42 -13.01 32.43
C GLY C 758 -48.83 -14.25 33.07
N LYS C 759 -47.70 -14.71 32.52
CA LYS C 759 -47.04 -15.96 32.86
C LYS C 759 -46.48 -16.04 34.28
N ILE C 760 -46.21 -14.89 34.94
CA ILE C 760 -45.65 -14.88 36.31
C ILE C 760 -46.65 -15.56 37.26
N TYR C 761 -47.96 -15.59 36.89
CA TYR C 761 -49.00 -16.26 37.66
C TYR C 761 -48.62 -17.71 37.98
N TYR C 762 -48.15 -18.48 36.97
CA TYR C 762 -47.81 -19.90 37.16
C TYR C 762 -46.65 -20.09 38.13
N GLU C 763 -45.65 -19.21 38.09
CA GLU C 763 -44.49 -19.25 38.98
C GLU C 763 -44.92 -18.89 40.38
N LEU C 764 -45.83 -17.89 40.54
CA LEU C 764 -46.37 -17.55 41.86
C LEU C 764 -47.24 -18.68 42.41
N ALA C 765 -48.09 -19.28 41.54
CA ALA C 765 -48.98 -20.39 41.93
C ALA C 765 -48.15 -21.61 42.35
N ALA C 766 -47.04 -21.91 41.62
CA ALA C 766 -46.14 -23.03 41.93
C ALA C 766 -45.48 -22.83 43.30
N ARG C 767 -45.13 -21.58 43.63
CA ARG C 767 -44.52 -21.24 44.92
C ARG C 767 -45.54 -21.37 46.07
N LYS C 768 -46.77 -20.93 45.82
CA LYS C 768 -47.86 -21.01 46.80
C LYS C 768 -48.13 -22.48 47.16
N ALA C 769 -48.18 -23.36 46.15
CA ALA C 769 -48.44 -24.80 46.29
C ALA C 769 -47.31 -25.49 47.04
N LYS C 770 -46.06 -25.13 46.70
CA LYS C 770 -44.85 -25.66 47.30
C LYS C 770 -44.79 -25.34 48.80
N GLU C 771 -45.22 -24.12 49.19
CA GLU C 771 -45.19 -23.70 50.59
C GLU C 771 -46.55 -23.80 51.28
N ASN C 772 -47.60 -24.31 50.58
CA ASN C 772 -48.98 -24.44 51.09
C ASN C 772 -49.46 -23.11 51.76
N ARG C 773 -49.25 -21.99 51.05
CA ARG C 773 -49.60 -20.66 51.54
C ARG C 773 -51.08 -20.35 51.27
N GLU C 774 -51.95 -20.73 52.23
CA GLU C 774 -53.40 -20.48 52.13
C GLU C 774 -53.72 -19.00 52.45
N ASP C 775 -52.75 -18.26 53.00
CA ASP C 775 -52.84 -16.85 53.39
C ASP C 775 -52.65 -15.91 52.20
N VAL C 776 -52.19 -16.45 51.06
CA VAL C 776 -51.92 -15.71 49.83
C VAL C 776 -52.84 -16.14 48.68
N ALA C 777 -53.42 -15.16 47.96
CA ALA C 777 -54.22 -15.42 46.76
C ALA C 777 -53.66 -14.64 45.58
N ILE C 778 -53.77 -15.21 44.37
CA ILE C 778 -53.27 -14.58 43.18
C ILE C 778 -54.43 -14.32 42.22
N VAL C 779 -54.70 -13.04 41.94
CA VAL C 779 -55.75 -12.62 41.03
C VAL C 779 -55.12 -12.11 39.73
N ARG C 780 -55.60 -12.63 38.59
CA ARG C 780 -55.06 -12.20 37.30
C ARG C 780 -55.92 -11.18 36.61
N ILE C 781 -55.28 -10.13 36.07
CA ILE C 781 -55.94 -9.10 35.23
C ILE C 781 -55.57 -9.48 33.78
N GLU C 782 -56.53 -10.07 33.06
CA GLU C 782 -56.36 -10.56 31.70
C GLU C 782 -56.50 -9.43 30.68
N GLN C 783 -57.45 -8.51 30.93
CA GLN C 783 -57.69 -7.35 30.10
C GLN C 783 -57.09 -6.15 30.81
N LEU C 784 -55.99 -5.61 30.25
CA LEU C 784 -55.28 -4.49 30.88
C LEU C 784 -55.96 -3.15 30.56
N ALA C 785 -56.56 -3.02 29.38
CA ALA C 785 -57.27 -1.82 28.95
C ALA C 785 -58.43 -2.17 28.01
N PRO C 786 -59.65 -1.64 28.22
CA PRO C 786 -60.10 -0.81 29.37
C PRO C 786 -60.07 -1.64 30.67
N LEU C 787 -59.75 -1.01 31.82
CA LEU C 787 -59.68 -1.70 33.09
C LEU C 787 -61.04 -2.33 33.46
N PRO C 788 -61.07 -3.63 33.81
CA PRO C 788 -62.34 -4.26 34.18
C PRO C 788 -62.70 -3.90 35.63
N ARG C 789 -63.09 -2.65 35.83
CA ARG C 789 -63.38 -2.07 37.14
C ARG C 789 -64.40 -2.90 37.95
N ARG C 790 -65.59 -3.20 37.36
CA ARG C 790 -66.65 -3.95 38.02
C ARG C 790 -66.21 -5.38 38.39
N ARG C 791 -65.66 -6.16 37.42
CA ARG C 791 -65.24 -7.54 37.68
C ARG C 791 -64.13 -7.60 38.73
N LEU C 792 -63.17 -6.67 38.69
CA LEU C 792 -62.10 -6.59 39.67
C LEU C 792 -62.65 -6.28 41.09
N ALA C 793 -63.57 -5.31 41.21
CA ALA C 793 -64.20 -4.98 42.49
C ALA C 793 -64.97 -6.18 43.02
N GLU C 794 -65.73 -6.86 42.12
CA GLU C 794 -66.51 -8.06 42.46
C GLU C 794 -65.60 -9.22 42.89
N THR C 795 -64.44 -9.38 42.25
CA THR C 795 -63.48 -10.43 42.58
C THR C 795 -62.84 -10.18 43.95
N LEU C 796 -62.31 -8.96 44.19
CA LEU C 796 -61.64 -8.62 45.45
C LEU C 796 -62.56 -8.73 46.67
N ASP C 797 -63.87 -8.44 46.49
CA ASP C 797 -64.87 -8.50 47.56
C ASP C 797 -65.06 -9.91 48.10
N ARG C 798 -64.59 -10.95 47.36
CA ARG C 798 -64.68 -12.36 47.76
C ARG C 798 -63.55 -12.74 48.76
N TYR C 799 -62.59 -11.81 49.00
CA TYR C 799 -61.47 -11.99 49.94
C TYR C 799 -61.60 -10.95 51.08
N PRO C 800 -62.54 -11.14 52.05
CA PRO C 800 -62.76 -10.10 53.07
C PRO C 800 -61.64 -9.88 54.09
N ASN C 801 -60.71 -10.83 54.25
CA ASN C 801 -59.69 -10.70 55.28
C ASN C 801 -58.34 -10.21 54.77
N VAL C 802 -58.30 -9.66 53.55
CA VAL C 802 -57.10 -9.10 52.92
C VAL C 802 -56.65 -7.85 53.69
N LYS C 803 -55.38 -7.84 54.11
CA LYS C 803 -54.76 -6.77 54.89
C LYS C 803 -53.74 -6.01 54.05
N GLU C 804 -53.28 -6.60 52.93
CA GLU C 804 -52.31 -5.99 52.03
C GLU C 804 -52.47 -6.52 50.60
N LYS C 805 -52.39 -5.61 49.62
CA LYS C 805 -52.49 -5.90 48.20
C LYS C 805 -51.22 -5.47 47.50
N PHE C 806 -50.71 -6.34 46.63
CA PHE C 806 -49.51 -6.04 45.85
C PHE C 806 -49.72 -6.26 44.39
N TRP C 807 -49.23 -5.32 43.58
CA TRP C 807 -49.19 -5.50 42.14
C TRP C 807 -47.86 -6.20 41.88
N VAL C 808 -47.90 -7.39 41.34
CA VAL C 808 -46.67 -8.17 41.13
C VAL C 808 -46.42 -8.29 39.64
N GLN C 809 -45.19 -7.94 39.22
CA GLN C 809 -44.84 -8.04 37.79
C GLN C 809 -43.36 -8.39 37.59
N GLU C 810 -43.07 -9.01 36.47
CA GLU C 810 -41.76 -9.40 35.99
C GLU C 810 -40.96 -8.20 35.54
N GLU C 811 -41.65 -7.25 34.92
CA GLU C 811 -41.09 -6.10 34.26
C GLU C 811 -40.46 -5.11 35.22
N PRO C 812 -39.43 -4.38 34.75
CA PRO C 812 -38.82 -3.31 35.58
C PRO C 812 -39.89 -2.32 36.08
N ALA C 813 -39.65 -1.67 37.25
CA ALA C 813 -40.58 -0.74 37.92
C ALA C 813 -41.14 0.35 36.98
N ASN C 814 -40.32 0.87 36.06
CA ASN C 814 -40.70 1.89 35.10
C ASN C 814 -41.35 1.28 33.83
N GLN C 815 -41.61 -0.05 33.82
CA GLN C 815 -42.17 -0.74 32.65
C GLN C 815 -43.33 -1.65 33.08
N GLY C 816 -43.94 -2.38 32.13
CA GLY C 816 -45.08 -3.24 32.40
C GLY C 816 -46.34 -2.46 32.72
N ALA C 817 -47.22 -3.02 33.55
CA ALA C 817 -48.48 -2.35 33.89
C ALA C 817 -48.38 -1.41 35.09
N TRP C 818 -47.36 -1.53 35.95
CA TRP C 818 -47.26 -0.67 37.15
C TRP C 818 -47.35 0.86 36.86
N PRO C 819 -46.59 1.44 35.89
CA PRO C 819 -46.68 2.91 35.66
C PRO C 819 -48.10 3.44 35.49
N SER C 820 -48.99 2.65 34.89
CA SER C 820 -50.37 3.13 34.72
C SER C 820 -51.26 2.63 35.87
N PHE C 821 -51.16 1.34 36.24
CA PHE C 821 -51.96 0.72 37.31
C PHE C 821 -51.67 1.32 38.69
N GLY C 822 -50.40 1.65 38.96
CA GLY C 822 -50.00 2.25 40.23
C GLY C 822 -50.69 3.58 40.47
N LEU C 823 -51.08 4.24 39.38
CA LEU C 823 -51.73 5.52 39.41
C LEU C 823 -53.26 5.39 39.25
N THR C 824 -53.75 4.60 38.27
CA THR C 824 -55.18 4.47 37.99
C THR C 824 -55.95 3.60 39.01
N LEU C 825 -55.42 2.42 39.44
CA LEU C 825 -56.10 1.51 40.39
C LEU C 825 -56.49 2.21 41.70
N PRO C 826 -55.64 2.99 42.41
CA PRO C 826 -56.12 3.66 43.63
C PRO C 826 -57.13 4.79 43.34
N GLU C 827 -57.21 5.27 42.09
CA GLU C 827 -58.12 6.35 41.70
C GLU C 827 -59.52 5.83 41.34
N ILE C 828 -59.61 4.80 40.46
CA ILE C 828 -60.88 4.24 40.03
C ILE C 828 -61.51 3.38 41.16
N LEU C 829 -60.68 2.72 41.99
CA LEU C 829 -61.17 1.88 43.10
C LEU C 829 -60.43 2.25 44.41
N PRO C 830 -60.74 3.43 45.00
CA PRO C 830 -60.06 3.84 46.23
C PRO C 830 -60.30 2.91 47.42
N ASP C 831 -61.51 2.34 47.58
CA ASP C 831 -61.79 1.47 48.73
C ASP C 831 -61.09 0.12 48.64
N HIS C 832 -60.69 -0.27 47.43
CA HIS C 832 -59.99 -1.53 47.21
C HIS C 832 -58.48 -1.35 47.07
N PHE C 833 -58.01 -0.25 46.42
CA PHE C 833 -56.58 -0.14 46.13
C PHE C 833 -55.79 0.99 46.82
N THR C 834 -56.34 1.67 47.84
CA THR C 834 -55.54 2.66 48.56
C THR C 834 -54.49 1.84 49.35
N GLY C 835 -53.20 2.17 49.17
CA GLY C 835 -52.12 1.44 49.82
C GLY C 835 -51.54 0.31 49.00
N LEU C 836 -51.96 0.19 47.72
CA LEU C 836 -51.43 -0.81 46.79
C LEU C 836 -49.93 -0.59 46.60
N LYS C 837 -49.15 -1.65 46.81
CA LYS C 837 -47.71 -1.59 46.65
C LYS C 837 -47.26 -2.44 45.45
N ARG C 838 -46.04 -2.21 45.00
CA ARG C 838 -45.47 -2.85 43.81
C ARG C 838 -44.40 -3.89 44.16
N ILE C 839 -44.44 -5.03 43.46
CA ILE C 839 -43.40 -6.06 43.51
C ILE C 839 -42.96 -6.27 42.05
N SER C 840 -41.73 -5.87 41.75
CA SER C 840 -41.17 -5.93 40.42
C SER C 840 -39.68 -5.88 40.43
N ARG C 841 -39.10 -6.01 39.22
CA ARG C 841 -37.68 -5.75 38.99
C ARG C 841 -37.47 -4.26 39.25
N ARG C 842 -36.24 -3.86 39.55
CA ARG C 842 -35.90 -2.45 39.71
C ARG C 842 -36.14 -1.69 38.37
N ALA C 843 -36.23 -0.35 38.42
CA ALA C 843 -36.35 0.45 37.19
C ALA C 843 -35.07 0.26 36.37
N MET C 844 -35.22 0.01 35.08
CA MET C 844 -34.09 -0.30 34.22
C MET C 844 -34.18 0.45 32.93
N SER C 845 -33.01 0.85 32.41
CA SER C 845 -32.87 1.53 31.12
C SER C 845 -33.25 0.59 29.98
N ALA C 846 -32.85 -0.69 30.08
CA ALA C 846 -33.14 -1.73 29.09
C ALA C 846 -34.34 -2.56 29.59
N PRO C 847 -35.07 -3.31 28.75
CA PRO C 847 -36.23 -4.06 29.28
C PRO C 847 -35.87 -5.23 30.22
N SER C 848 -34.59 -5.71 30.22
CA SER C 848 -34.07 -6.80 31.06
C SER C 848 -32.57 -6.83 31.01
N SER C 849 -31.94 -7.76 31.75
CA SER C 849 -30.48 -7.93 31.67
C SER C 849 -30.15 -8.83 30.42
N GLY C 850 -28.86 -8.92 30.07
CA GLY C 850 -28.43 -9.74 28.94
C GLY C 850 -28.11 -11.18 29.26
N SER C 851 -27.91 -11.49 30.56
CA SER C 851 -27.57 -12.84 31.03
C SER C 851 -28.79 -13.58 31.56
N SER C 852 -29.01 -14.83 31.09
CA SER C 852 -30.11 -15.69 31.56
C SER C 852 -29.91 -16.08 33.06
N LYS C 853 -28.67 -16.15 33.53
CA LYS C 853 -28.34 -16.46 34.93
C LYS C 853 -28.77 -15.29 35.85
N VAL C 854 -28.53 -14.05 35.39
CA VAL C 854 -28.88 -12.82 36.11
C VAL C 854 -30.42 -12.69 36.11
N HIS C 855 -31.07 -13.06 34.99
CA HIS C 855 -32.52 -13.05 34.90
C HIS C 855 -33.09 -13.97 35.97
N ALA C 856 -32.54 -15.21 36.07
CA ALA C 856 -32.95 -16.24 37.03
C ALA C 856 -32.89 -15.75 38.49
N VAL C 857 -31.80 -15.06 38.87
CA VAL C 857 -31.62 -14.52 40.22
C VAL C 857 -32.66 -13.40 40.50
N GLU C 858 -32.91 -12.50 39.53
CA GLU C 858 -33.91 -11.43 39.64
C GLU C 858 -35.32 -12.00 39.74
N GLN C 859 -35.65 -13.01 38.88
CA GLN C 859 -36.95 -13.66 38.92
C GLN C 859 -37.24 -14.30 40.28
N GLN C 860 -36.22 -14.92 40.93
CA GLN C 860 -36.39 -15.59 42.21
C GLN C 860 -36.60 -14.55 43.33
N GLU C 861 -35.96 -13.37 43.23
CA GLU C 861 -36.12 -12.26 44.18
C GLU C 861 -37.56 -11.75 44.18
N ILE C 862 -38.23 -11.68 42.99
CA ILE C 862 -39.63 -11.27 42.90
C ILE C 862 -40.50 -12.28 43.65
N LEU C 863 -40.37 -13.58 43.35
CA LEU C 863 -41.12 -14.68 44.02
C LEU C 863 -40.88 -14.69 45.55
N ASP C 864 -39.61 -14.50 46.00
CA ASP C 864 -39.27 -14.43 47.42
C ASP C 864 -39.89 -13.21 48.10
N THR C 865 -39.99 -12.07 47.39
CA THR C 865 -40.56 -10.85 47.96
C THR C 865 -42.07 -11.00 48.13
N ALA C 866 -42.75 -11.57 47.11
CA ALA C 866 -44.20 -11.78 47.09
C ALA C 866 -44.65 -12.72 48.21
N PHE C 867 -43.80 -13.66 48.60
CA PHE C 867 -44.12 -14.63 49.64
C PHE C 867 -43.34 -14.39 50.94
N GLY C 868 -42.63 -13.26 51.03
CA GLY C 868 -41.85 -12.89 52.20
C GLY C 868 -42.73 -12.39 53.34
N ASP D 2 -26.08 -10.41 -41.75
CA ASP D 2 -26.04 -10.88 -43.13
C ASP D 2 -24.73 -10.45 -43.82
N SER D 3 -24.38 -9.15 -43.71
CA SER D 3 -23.18 -8.56 -44.30
C SER D 3 -22.11 -8.30 -43.21
N ILE D 4 -21.01 -7.58 -43.58
CA ILE D 4 -19.92 -7.21 -42.67
C ILE D 4 -20.40 -6.13 -41.67
N GLU D 5 -21.15 -5.11 -42.18
CA GLU D 5 -21.74 -4.03 -41.38
C GLU D 5 -22.84 -4.56 -40.47
N ASP D 6 -23.59 -5.60 -40.93
CA ASP D 6 -24.68 -6.24 -40.17
C ASP D 6 -24.12 -7.09 -39.00
N LYS D 7 -23.12 -7.97 -39.31
CA LYS D 7 -22.48 -8.87 -38.33
C LYS D 7 -21.80 -8.08 -37.21
N ASN D 8 -21.00 -7.05 -37.57
CA ASN D 8 -20.30 -6.22 -36.59
C ASN D 8 -21.27 -5.52 -35.61
N ALA D 9 -22.50 -5.20 -36.07
CA ALA D 9 -23.54 -4.57 -35.26
C ALA D 9 -24.14 -5.58 -34.27
N ARG D 10 -24.26 -6.86 -34.69
CA ARG D 10 -24.78 -7.94 -33.86
C ARG D 10 -23.79 -8.24 -32.70
N VAL D 11 -22.48 -8.11 -32.98
CA VAL D 11 -21.38 -8.32 -32.03
C VAL D 11 -21.42 -7.23 -30.93
N ILE D 12 -21.63 -5.96 -31.31
CA ILE D 12 -21.72 -4.84 -30.35
C ILE D 12 -22.92 -5.05 -29.40
N GLU D 13 -24.06 -5.56 -29.92
CA GLU D 13 -25.26 -5.87 -29.11
C GLU D 13 -24.96 -6.97 -28.11
N LEU D 14 -24.20 -8.00 -28.56
CA LEU D 14 -23.80 -9.14 -27.73
C LEU D 14 -22.87 -8.68 -26.61
N ILE D 15 -21.84 -7.85 -26.92
CA ILE D 15 -20.92 -7.27 -25.94
C ILE D 15 -21.72 -6.51 -24.85
N ALA D 16 -22.70 -5.68 -25.26
CA ALA D 16 -23.56 -4.91 -24.36
C ALA D 16 -24.44 -5.85 -23.52
N ALA D 17 -24.98 -6.92 -24.13
CA ALA D 17 -25.82 -7.91 -23.44
C ALA D 17 -25.07 -8.57 -22.28
N TYR D 18 -23.78 -8.89 -22.46
CA TYR D 18 -22.96 -9.52 -21.42
C TYR D 18 -22.67 -8.55 -20.29
N ARG D 19 -22.30 -7.33 -20.63
CA ARG D 19 -22.01 -6.26 -19.67
C ARG D 19 -23.26 -5.86 -18.87
N ASN D 20 -24.46 -5.88 -19.52
CA ASN D 20 -25.73 -5.52 -18.87
C ASN D 20 -26.41 -6.68 -18.15
N ARG D 21 -26.47 -7.88 -18.77
CA ARG D 21 -27.23 -9.01 -18.25
C ARG D 21 -26.47 -10.32 -18.01
N GLY D 22 -25.16 -10.33 -18.20
CA GLY D 22 -24.34 -11.52 -17.98
C GLY D 22 -24.45 -12.07 -16.57
N HIS D 23 -24.62 -11.14 -15.59
CA HIS D 23 -24.78 -11.46 -14.17
C HIS D 23 -25.97 -12.39 -13.90
N LEU D 24 -27.02 -12.37 -14.77
CA LEU D 24 -28.19 -13.24 -14.64
C LEU D 24 -27.88 -14.69 -15.04
N MET D 25 -26.73 -14.94 -15.68
CA MET D 25 -26.33 -16.29 -16.09
C MET D 25 -25.17 -16.83 -15.26
N ALA D 26 -24.46 -15.96 -14.52
CA ALA D 26 -23.28 -16.31 -13.74
C ALA D 26 -23.57 -17.39 -12.68
N ASP D 27 -22.63 -18.35 -12.53
CA ASP D 27 -22.69 -19.45 -11.59
C ASP D 27 -22.30 -18.94 -10.19
N ILE D 28 -23.22 -18.20 -9.56
CA ILE D 28 -23.03 -17.52 -8.28
C ILE D 28 -23.58 -18.33 -7.10
N ASP D 29 -24.62 -19.16 -7.32
CA ASP D 29 -25.27 -19.90 -6.26
C ASP D 29 -24.55 -21.25 -5.99
N PRO D 30 -23.87 -21.41 -4.83
CA PRO D 30 -23.18 -22.67 -4.55
C PRO D 30 -24.13 -23.85 -4.35
N LEU D 31 -25.45 -23.61 -4.27
CA LEU D 31 -26.42 -24.69 -4.08
C LEU D 31 -27.01 -25.15 -5.40
N ARG D 32 -27.07 -24.25 -6.40
CA ARG D 32 -27.63 -24.49 -7.74
C ARG D 32 -29.13 -24.90 -7.59
N LEU D 33 -29.86 -24.22 -6.68
CA LEU D 33 -31.25 -24.49 -6.35
C LEU D 33 -32.20 -24.28 -7.51
N ASP D 34 -32.04 -23.16 -8.26
CA ASP D 34 -32.86 -22.84 -9.41
C ASP D 34 -32.27 -23.50 -10.67
N ASN D 35 -33.06 -24.42 -11.26
CA ASN D 35 -32.69 -25.18 -12.47
C ASN D 35 -32.85 -24.36 -13.74
N THR D 36 -33.85 -23.45 -13.77
CA THR D 36 -34.17 -22.59 -14.93
C THR D 36 -33.19 -21.40 -15.13
N ARG D 37 -32.15 -21.28 -14.26
CA ARG D 37 -31.14 -20.21 -14.34
C ARG D 37 -30.41 -20.23 -15.70
N PHE D 38 -29.91 -21.40 -16.12
CA PHE D 38 -29.21 -21.53 -17.38
C PHE D 38 -30.22 -22.03 -18.45
N ARG D 39 -31.29 -21.20 -18.65
CA ARG D 39 -32.44 -21.42 -19.53
C ARG D 39 -32.04 -21.81 -20.96
N LEU D 51 -25.72 -14.44 -35.81
CA LEU D 51 -24.35 -14.84 -36.10
C LEU D 51 -24.23 -16.36 -36.23
N THR D 52 -23.35 -16.82 -37.15
CA THR D 52 -23.11 -18.24 -37.43
C THR D 52 -21.87 -18.76 -36.66
N LEU D 53 -21.66 -20.10 -36.68
CA LEU D 53 -20.52 -20.77 -36.04
C LEU D 53 -19.22 -20.47 -36.80
N TRP D 54 -19.35 -19.99 -38.05
CA TRP D 54 -18.24 -19.60 -38.91
C TRP D 54 -17.74 -18.22 -38.51
N ASP D 55 -18.63 -17.39 -37.91
CA ASP D 55 -18.30 -16.02 -37.50
C ASP D 55 -17.43 -15.93 -36.23
N LEU D 56 -17.30 -17.02 -35.46
CA LEU D 56 -16.47 -17.06 -34.24
C LEU D 56 -14.98 -16.82 -34.53
N ASP D 57 -14.49 -17.27 -35.69
CA ASP D 57 -13.09 -17.11 -36.11
C ASP D 57 -12.86 -15.79 -36.89
N ARG D 58 -13.94 -15.07 -37.25
CA ARG D 58 -13.85 -13.78 -37.95
C ARG D 58 -13.42 -12.66 -36.99
N GLU D 59 -12.62 -11.70 -37.50
CA GLU D 59 -12.10 -10.57 -36.74
C GLU D 59 -13.04 -9.36 -36.85
N PHE D 60 -13.42 -8.77 -35.70
CA PHE D 60 -14.35 -7.64 -35.64
C PHE D 60 -13.74 -6.41 -35.01
N LYS D 61 -14.34 -5.23 -35.29
CA LYS D 61 -13.92 -3.95 -34.75
C LYS D 61 -14.46 -3.77 -33.32
N VAL D 62 -13.54 -3.58 -32.36
CA VAL D 62 -13.86 -3.37 -30.94
C VAL D 62 -13.08 -2.15 -30.42
N ASP D 63 -13.77 -1.29 -29.65
CA ASP D 63 -13.18 -0.10 -29.04
C ASP D 63 -12.77 -0.43 -27.59
N GLY D 64 -11.47 -0.65 -27.38
CA GLY D 64 -10.90 -0.99 -26.09
C GLY D 64 -10.03 0.12 -25.50
N GLY D 67 -6.87 1.14 -27.44
CA GLY D 67 -7.65 1.83 -28.46
C GLY D 67 -8.49 0.92 -29.35
N VAL D 68 -8.83 1.41 -30.55
CA VAL D 68 -9.62 0.69 -31.56
C VAL D 68 -8.77 -0.45 -32.16
N GLN D 69 -9.05 -1.69 -31.71
CA GLN D 69 -8.34 -2.89 -32.15
C GLN D 69 -9.30 -3.94 -32.74
N ARG D 70 -8.74 -4.83 -33.58
CA ARG D 70 -9.47 -5.90 -34.25
C ARG D 70 -9.23 -7.22 -33.52
N LYS D 71 -10.30 -7.82 -33.01
CA LYS D 71 -10.21 -9.08 -32.27
C LYS D 71 -11.20 -10.11 -32.83
N LYS D 72 -10.86 -11.42 -32.71
CA LYS D 72 -11.72 -12.52 -33.14
C LYS D 72 -12.94 -12.62 -32.23
N LEU D 73 -14.11 -13.01 -32.78
CA LEU D 73 -15.36 -13.12 -32.01
C LEU D 73 -15.23 -14.11 -30.85
N ARG D 74 -14.56 -15.26 -31.08
CA ARG D 74 -14.34 -16.28 -30.05
C ARG D 74 -13.55 -15.71 -28.87
N ASP D 75 -12.59 -14.80 -29.13
CA ASP D 75 -11.72 -14.19 -28.12
C ASP D 75 -12.46 -13.11 -27.35
N ILE D 76 -13.45 -12.46 -28.00
CA ILE D 76 -14.28 -11.44 -27.36
C ILE D 76 -15.29 -12.14 -26.42
N LEU D 77 -15.91 -13.23 -26.89
CA LEU D 77 -16.90 -14.00 -26.13
C LEU D 77 -16.27 -14.67 -24.90
N SER D 78 -15.02 -15.15 -25.03
CA SER D 78 -14.30 -15.77 -23.91
C SER D 78 -13.98 -14.71 -22.82
N VAL D 79 -13.62 -13.47 -23.19
CA VAL D 79 -13.35 -12.40 -22.20
C VAL D 79 -14.65 -12.10 -21.42
N LEU D 80 -15.76 -11.98 -22.15
CA LEU D 80 -17.07 -11.68 -21.58
C LEU D 80 -17.58 -12.80 -20.65
N ARG D 81 -17.50 -14.08 -21.07
CA ARG D 81 -17.89 -15.23 -20.26
C ARG D 81 -17.06 -15.30 -18.95
N ASP D 82 -15.73 -15.14 -19.05
CA ASP D 82 -14.84 -15.15 -17.90
C ASP D 82 -15.11 -13.96 -16.96
N ALA D 83 -15.40 -12.79 -17.52
CA ALA D 83 -15.64 -11.63 -16.68
C ALA D 83 -17.02 -11.63 -16.05
N TYR D 84 -18.04 -12.03 -16.79
CA TYR D 84 -19.41 -11.86 -16.32
C TYR D 84 -20.26 -13.09 -16.07
N CYS D 85 -19.83 -14.28 -16.48
CA CYS D 85 -20.67 -15.46 -16.37
C CYS D 85 -20.00 -16.64 -15.61
N ARG D 86 -18.99 -16.38 -14.76
CA ARG D 86 -18.36 -17.44 -14.00
C ARG D 86 -18.86 -17.37 -12.53
N HIS D 87 -17.97 -17.15 -11.54
CA HIS D 87 -18.42 -17.11 -10.13
C HIS D 87 -18.68 -15.68 -9.66
N VAL D 88 -18.58 -14.68 -10.56
CA VAL D 88 -18.81 -13.28 -10.21
C VAL D 88 -19.83 -12.65 -11.17
N GLY D 89 -20.93 -12.18 -10.60
CA GLY D 89 -21.98 -11.45 -11.30
C GLY D 89 -21.75 -9.97 -11.07
N VAL D 90 -21.47 -9.23 -12.12
CA VAL D 90 -21.17 -7.80 -12.00
C VAL D 90 -22.33 -6.95 -12.51
N GLU D 91 -22.81 -6.04 -11.65
CA GLU D 91 -23.85 -5.06 -11.97
C GLU D 91 -23.22 -3.70 -11.84
N TYR D 92 -23.03 -3.03 -12.97
CA TYR D 92 -22.34 -1.75 -12.96
C TYR D 92 -22.81 -0.78 -14.09
N THR D 93 -23.60 -1.26 -15.08
CA THR D 93 -24.02 -0.43 -16.21
C THR D 93 -25.11 0.58 -15.84
N HIS D 94 -25.73 0.42 -14.66
CA HIS D 94 -26.73 1.36 -14.12
C HIS D 94 -26.05 2.68 -13.64
N ILE D 95 -24.73 2.62 -13.32
CA ILE D 95 -23.93 3.76 -12.83
C ILE D 95 -23.91 4.87 -13.90
N LEU D 96 -24.27 6.09 -13.48
CA LEU D 96 -24.37 7.24 -14.38
C LEU D 96 -23.02 7.82 -14.72
N GLU D 97 -22.01 7.74 -13.83
CA GLU D 97 -20.67 8.28 -14.14
C GLU D 97 -19.95 7.35 -15.15
N PRO D 98 -19.67 7.78 -16.41
CA PRO D 98 -18.99 6.89 -17.38
C PRO D 98 -17.59 6.43 -16.93
N GLU D 99 -16.83 7.29 -16.21
CA GLU D 99 -15.46 6.96 -15.75
C GLU D 99 -15.45 5.78 -14.74
N GLN D 100 -16.56 5.59 -14.00
CA GLN D 100 -16.71 4.51 -13.04
C GLN D 100 -17.03 3.23 -13.78
N GLN D 101 -17.89 3.31 -14.82
CA GLN D 101 -18.19 2.17 -15.69
C GLN D 101 -16.89 1.69 -16.37
N ARG D 102 -16.06 2.62 -16.91
CA ARG D 102 -14.80 2.27 -17.57
C ARG D 102 -13.84 1.62 -16.60
N TRP D 103 -13.74 2.16 -15.36
CA TRP D 103 -12.85 1.66 -14.31
C TRP D 103 -13.13 0.17 -14.00
N ILE D 104 -14.42 -0.18 -13.79
CA ILE D 104 -14.86 -1.55 -13.49
C ILE D 104 -14.57 -2.44 -14.68
N GLN D 105 -15.05 -2.03 -15.88
CA GLN D 105 -14.89 -2.72 -17.16
C GLN D 105 -13.43 -3.14 -17.40
N GLU D 106 -12.48 -2.20 -17.21
CA GLU D 106 -11.04 -2.44 -17.40
C GLU D 106 -10.47 -3.45 -16.40
N ARG D 107 -10.94 -3.44 -15.14
CA ARG D 107 -10.43 -4.34 -14.12
C ARG D 107 -11.11 -5.72 -14.12
N VAL D 108 -12.32 -5.79 -14.67
CA VAL D 108 -13.12 -7.01 -14.71
C VAL D 108 -12.92 -7.78 -16.04
N GLU D 109 -12.75 -7.06 -17.17
CA GLU D 109 -12.59 -7.69 -18.49
C GLU D 109 -11.11 -7.98 -18.86
N THR D 110 -10.27 -8.33 -17.90
CA THR D 110 -8.86 -8.64 -18.16
C THR D 110 -8.47 -9.92 -17.47
N LYS D 111 -7.32 -10.51 -17.88
CA LYS D 111 -6.77 -11.71 -17.25
C LYS D 111 -6.33 -11.36 -15.82
N HIS D 112 -6.80 -12.13 -14.84
CA HIS D 112 -6.50 -11.87 -13.44
C HIS D 112 -5.36 -12.74 -12.98
N ASP D 113 -4.35 -12.12 -12.33
CA ASP D 113 -3.17 -12.79 -11.79
C ASP D 113 -3.59 -13.70 -10.63
N LYS D 114 -3.23 -14.99 -10.76
CA LYS D 114 -3.54 -16.03 -9.77
C LYS D 114 -2.84 -15.72 -8.44
N PRO D 115 -3.46 -16.04 -7.27
CA PRO D 115 -2.77 -15.79 -5.99
C PRO D 115 -1.56 -16.72 -5.81
N THR D 116 -0.55 -16.27 -5.06
CA THR D 116 0.65 -17.07 -4.77
C THR D 116 0.26 -18.23 -3.85
N VAL D 117 1.07 -19.31 -3.82
CA VAL D 117 0.82 -20.48 -2.96
C VAL D 117 0.67 -20.02 -1.48
N ALA D 118 1.53 -19.08 -1.04
CA ALA D 118 1.51 -18.51 0.29
C ALA D 118 0.16 -17.85 0.59
N GLU D 119 -0.38 -17.06 -0.36
CA GLU D 119 -1.67 -16.37 -0.26
C GLU D 119 -2.81 -17.38 -0.21
N GLN D 120 -2.71 -18.47 -1.01
CA GLN D 120 -3.70 -19.56 -1.05
C GLN D 120 -3.73 -20.29 0.28
N LYS D 121 -2.55 -20.58 0.84
CA LYS D 121 -2.39 -21.22 2.14
C LYS D 121 -2.99 -20.35 3.23
N TYR D 122 -2.81 -19.01 3.09
CA TYR D 122 -3.32 -18.03 4.04
C TYR D 122 -4.86 -18.04 4.02
N ILE D 123 -5.47 -18.09 2.82
CA ILE D 123 -6.92 -18.18 2.65
C ILE D 123 -7.43 -19.46 3.37
N LEU D 124 -6.89 -20.65 3.03
CA LEU D 124 -7.27 -21.90 3.69
C LEU D 124 -7.18 -21.79 5.24
N SER D 125 -6.09 -21.15 5.78
CA SER D 125 -5.94 -20.92 7.23
C SER D 125 -7.15 -20.17 7.80
N LYS D 126 -7.65 -19.15 7.06
CA LYS D 126 -8.84 -18.37 7.46
C LYS D 126 -10.08 -19.25 7.45
N LEU D 127 -10.23 -20.13 6.42
CA LEU D 127 -11.35 -21.09 6.35
C LEU D 127 -11.25 -22.12 7.47
N ASN D 128 -10.01 -22.52 7.86
CA ASN D 128 -9.75 -23.49 8.92
C ASN D 128 -10.19 -22.93 10.24
N ALA D 129 -9.73 -21.70 10.60
CA ALA D 129 -10.10 -21.02 11.85
C ALA D 129 -11.62 -20.85 11.93
N ALA D 130 -12.27 -20.46 10.81
CA ALA D 130 -13.72 -20.20 10.69
C ALA D 130 -14.57 -21.44 11.00
N GLU D 131 -14.30 -22.55 10.32
CA GLU D 131 -15.06 -23.79 10.52
C GLU D 131 -14.69 -24.48 11.83
N ALA D 132 -13.42 -24.42 12.25
CA ALA D 132 -13.00 -25.13 13.46
C ALA D 132 -13.51 -24.46 14.71
N PHE D 133 -13.69 -23.14 14.68
CA PHE D 133 -14.28 -22.38 15.78
C PHE D 133 -15.76 -22.81 15.86
N GLU D 134 -16.47 -22.93 14.69
CA GLU D 134 -17.89 -23.28 14.73
C GLU D 134 -18.10 -24.73 15.21
N THR D 135 -17.21 -25.65 14.79
CA THR D 135 -17.30 -27.06 15.15
C THR D 135 -16.89 -27.28 16.60
N PHE D 136 -16.03 -26.43 17.16
CA PHE D 136 -15.61 -26.56 18.55
C PHE D 136 -16.75 -26.13 19.48
N LEU D 137 -17.45 -25.07 19.08
CA LEU D 137 -18.59 -24.57 19.82
C LEU D 137 -19.72 -25.57 19.78
N GLN D 138 -19.95 -26.21 18.61
CA GLN D 138 -20.97 -27.25 18.50
C GLN D 138 -20.67 -28.40 19.46
N THR D 139 -19.40 -28.74 19.67
CA THR D 139 -19.04 -29.86 20.54
C THR D 139 -19.15 -29.46 22.02
N LYS D 140 -18.55 -28.34 22.45
CA LYS D 140 -18.56 -27.97 23.87
C LYS D 140 -19.89 -27.38 24.40
N TYR D 141 -20.61 -26.61 23.58
CA TYR D 141 -21.87 -25.95 23.98
C TYR D 141 -22.99 -26.27 23.00
N VAL D 142 -23.30 -27.57 22.81
CA VAL D 142 -24.31 -28.06 21.85
C VAL D 142 -25.69 -27.36 22.00
N GLY D 143 -26.07 -27.01 23.23
CA GLY D 143 -27.34 -26.35 23.50
C GLY D 143 -27.31 -24.84 23.63
N GLN D 144 -26.25 -24.19 23.12
CA GLN D 144 -26.19 -22.73 23.23
C GLN D 144 -26.17 -22.08 21.85
N LYS D 145 -27.08 -21.12 21.65
CA LYS D 145 -27.28 -20.30 20.45
C LYS D 145 -25.99 -19.52 20.11
N ARG D 146 -25.47 -19.66 18.89
CA ARG D 146 -24.25 -18.96 18.48
C ARG D 146 -24.40 -18.31 17.09
N PHE D 147 -25.51 -18.61 16.38
CA PHE D 147 -25.78 -18.12 15.03
C PHE D 147 -24.55 -18.38 14.15
N SER D 148 -24.21 -19.66 14.03
CA SER D 148 -23.08 -20.20 13.28
C SER D 148 -23.00 -19.65 11.85
N LEU D 149 -21.75 -19.50 11.38
CA LEU D 149 -21.38 -19.06 10.02
C LEU D 149 -21.18 -20.27 9.06
N GLU D 150 -21.46 -21.52 9.51
CA GLU D 150 -21.30 -22.72 8.70
C GLU D 150 -22.15 -22.61 7.43
N GLY D 151 -21.48 -22.83 6.30
CA GLY D 151 -22.02 -22.65 4.96
C GLY D 151 -21.64 -21.31 4.34
N ALA D 152 -21.11 -20.38 5.18
CA ALA D 152 -20.70 -19.03 4.79
C ALA D 152 -19.25 -18.70 5.25
N GLU D 153 -18.40 -19.74 5.50
CA GLU D 153 -17.06 -19.53 6.04
C GLU D 153 -16.18 -18.57 5.19
N THR D 154 -16.45 -18.42 3.88
CA THR D 154 -15.70 -17.50 3.02
C THR D 154 -15.83 -16.01 3.46
N VAL D 155 -16.83 -15.68 4.31
CA VAL D 155 -17.00 -14.33 4.86
C VAL D 155 -15.70 -13.90 5.60
N ILE D 156 -15.08 -14.83 6.34
CA ILE D 156 -13.85 -14.58 7.09
C ILE D 156 -12.69 -14.22 6.13
N PRO D 157 -12.23 -15.09 5.17
CA PRO D 157 -11.14 -14.63 4.26
C PRO D 157 -11.51 -13.38 3.45
N MET D 158 -12.79 -13.22 3.09
CA MET D 158 -13.27 -12.03 2.36
C MET D 158 -13.05 -10.75 3.17
N MET D 159 -13.46 -10.74 4.48
CA MET D 159 -13.30 -9.58 5.36
C MET D 159 -11.83 -9.29 5.61
N ASP D 160 -11.03 -10.36 5.71
CA ASP D 160 -9.58 -10.27 5.89
C ASP D 160 -8.96 -9.57 4.65
N ALA D 161 -9.48 -9.86 3.43
CA ALA D 161 -8.98 -9.24 2.22
C ALA D 161 -9.38 -7.75 2.17
N VAL D 162 -10.62 -7.39 2.61
CA VAL D 162 -11.10 -5.99 2.69
C VAL D 162 -10.13 -5.18 3.58
N ILE D 163 -9.88 -5.67 4.79
CA ILE D 163 -9.04 -5.01 5.79
C ILE D 163 -7.58 -4.92 5.30
N ASP D 164 -7.06 -6.02 4.73
CA ASP D 164 -5.71 -6.07 4.19
C ASP D 164 -5.55 -5.08 3.05
N GLN D 165 -6.57 -4.95 2.19
CA GLN D 165 -6.54 -4.00 1.08
C GLN D 165 -6.56 -2.56 1.59
N CYS D 166 -7.27 -2.30 2.71
CA CYS D 166 -7.33 -0.97 3.34
C CYS D 166 -5.96 -0.60 3.92
N ALA D 167 -5.26 -1.61 4.50
CA ALA D 167 -3.92 -1.44 5.05
C ALA D 167 -2.92 -1.15 3.92
N GLU D 168 -3.15 -1.79 2.75
CA GLU D 168 -2.34 -1.63 1.55
C GLU D 168 -2.43 -0.18 1.03
N HIS D 169 -3.63 0.44 1.11
CA HIS D 169 -3.85 1.84 0.74
C HIS D 169 -3.36 2.81 1.85
N GLY D 170 -2.78 2.25 2.92
CA GLY D 170 -2.26 3.02 4.06
C GLY D 170 -3.31 3.73 4.88
N LEU D 171 -4.55 3.21 4.91
CA LEU D 171 -5.64 3.81 5.68
C LEU D 171 -5.45 3.59 7.18
N ASP D 172 -6.20 4.34 8.00
CA ASP D 172 -6.04 4.33 9.46
C ASP D 172 -6.89 3.31 10.20
N GLU D 173 -8.15 3.16 9.83
CA GLU D 173 -9.03 2.29 10.58
C GLU D 173 -10.13 1.73 9.71
N VAL D 174 -10.58 0.52 10.07
CA VAL D 174 -11.75 -0.13 9.50
C VAL D 174 -12.73 -0.26 10.69
N VAL D 175 -13.94 0.28 10.57
CA VAL D 175 -14.93 0.18 11.65
C VAL D 175 -16.04 -0.74 11.12
N ILE D 176 -16.28 -1.85 11.84
CA ILE D 176 -17.28 -2.84 11.44
C ILE D 176 -18.56 -2.73 12.23
N ALA D 177 -19.67 -2.97 11.52
CA ALA D 177 -21.00 -3.15 12.06
C ALA D 177 -21.58 -4.36 11.37
N MET D 178 -22.19 -5.25 12.16
CA MET D 178 -22.75 -6.47 11.60
C MET D 178 -23.88 -7.01 12.45
N PRO D 179 -24.72 -7.93 11.89
CA PRO D 179 -25.75 -8.58 12.70
C PRO D 179 -25.17 -9.82 13.42
N HIS D 180 -26.05 -10.82 13.67
CA HIS D 180 -25.75 -12.06 14.41
C HIS D 180 -24.92 -13.06 13.61
N ARG D 181 -25.17 -13.21 12.29
CA ARG D 181 -24.55 -14.25 11.45
C ARG D 181 -23.00 -14.25 11.48
N GLY D 182 -22.45 -15.22 12.21
CA GLY D 182 -21.01 -15.40 12.37
C GLY D 182 -20.31 -14.31 13.13
N ARG D 183 -21.04 -13.60 14.02
CA ARG D 183 -20.57 -12.48 14.83
C ARG D 183 -19.39 -12.90 15.74
N LEU D 184 -19.57 -14.00 16.46
CA LEU D 184 -18.52 -14.55 17.35
C LEU D 184 -17.28 -14.95 16.54
N ASN D 185 -17.50 -15.50 15.32
CA ASN D 185 -16.43 -15.91 14.41
C ASN D 185 -15.63 -14.70 13.99
N VAL D 186 -16.30 -13.60 13.60
CA VAL D 186 -15.67 -12.34 13.21
C VAL D 186 -14.85 -11.74 14.39
N LEU D 187 -15.48 -11.65 15.58
CA LEU D 187 -14.85 -11.13 16.80
C LEU D 187 -13.55 -11.87 17.12
N ALA D 188 -13.56 -13.22 17.00
CA ALA D 188 -12.40 -14.05 17.29
C ALA D 188 -11.36 -14.08 16.18
N ASN D 189 -11.79 -14.14 14.90
CA ASN D 189 -10.88 -14.38 13.77
C ASN D 189 -10.52 -13.18 12.91
N ILE D 190 -11.23 -12.04 13.06
CA ILE D 190 -10.97 -10.80 12.30
C ILE D 190 -10.55 -9.70 13.30
N VAL D 191 -11.40 -9.42 14.33
CA VAL D 191 -11.12 -8.31 15.25
C VAL D 191 -10.00 -8.69 16.24
N GLY D 192 -10.00 -9.91 16.78
CA GLY D 192 -8.99 -10.37 17.72
C GLY D 192 -9.44 -10.53 19.16
N LYS D 193 -10.77 -10.50 19.40
CA LYS D 193 -11.37 -10.71 20.71
C LYS D 193 -10.91 -12.07 21.26
N PRO D 194 -10.31 -12.13 22.46
CA PRO D 194 -9.80 -13.41 22.96
C PRO D 194 -10.87 -14.50 23.02
N TYR D 195 -10.44 -15.71 22.67
CA TYR D 195 -11.23 -16.91 22.70
C TYR D 195 -11.68 -17.14 24.11
N SER D 196 -10.77 -16.82 25.07
CA SER D 196 -11.00 -16.93 26.51
C SER D 196 -12.26 -16.14 26.87
N GLN D 197 -12.31 -14.88 26.44
CA GLN D 197 -13.45 -14.01 26.66
C GLN D 197 -14.75 -14.64 26.06
N ILE D 198 -14.73 -15.10 24.79
CA ILE D 198 -15.89 -15.73 24.16
C ILE D 198 -16.33 -16.99 24.93
N PHE D 199 -15.38 -17.89 25.28
CA PHE D 199 -15.72 -19.10 26.03
C PHE D 199 -16.25 -18.76 27.45
N SER D 200 -15.73 -17.68 28.05
CA SER D 200 -16.20 -17.27 29.39
C SER D 200 -17.68 -16.79 29.34
N GLU D 201 -18.16 -16.30 28.17
CA GLU D 201 -19.54 -15.83 27.95
C GLU D 201 -20.49 -17.02 27.82
N PHE D 202 -20.00 -18.10 27.23
CA PHE D 202 -20.71 -19.35 27.04
C PHE D 202 -20.82 -20.10 28.36
N GLU D 203 -19.75 -20.04 29.17
CA GLU D 203 -19.69 -20.67 30.49
C GLU D 203 -20.61 -19.98 31.48
N GLY D 204 -21.12 -18.80 31.13
CA GLY D 204 -22.02 -18.02 31.96
C GLY D 204 -21.39 -17.49 33.22
N ASN D 205 -20.04 -17.36 33.20
CA ASN D 205 -19.21 -16.86 34.29
C ASN D 205 -18.46 -15.60 33.83
N LEU D 206 -18.88 -14.44 34.36
CA LEU D 206 -18.30 -13.15 34.01
C LEU D 206 -17.64 -12.46 35.20
N ASN D 207 -16.42 -11.92 35.02
CA ASN D 207 -15.68 -11.15 36.04
C ASN D 207 -16.42 -9.81 36.34
N PRO D 208 -16.14 -9.04 37.44
CA PRO D 208 -16.91 -7.80 37.70
C PRO D 208 -16.98 -6.77 36.54
N SER D 209 -15.98 -6.72 35.66
CA SER D 209 -15.97 -5.79 34.51
C SER D 209 -16.99 -6.26 33.44
N GLN D 210 -17.04 -7.58 33.15
CA GLN D 210 -17.97 -8.17 32.18
C GLN D 210 -19.41 -8.18 32.70
N ALA D 211 -19.58 -8.23 34.05
CA ALA D 211 -20.88 -8.28 34.73
C ALA D 211 -21.56 -6.91 34.88
N HIS D 212 -20.79 -5.80 34.85
CA HIS D 212 -21.24 -4.40 35.03
C HIS D 212 -22.41 -3.99 34.10
N GLY D 213 -23.40 -3.32 34.68
CA GLY D 213 -24.62 -2.92 33.98
C GLY D 213 -25.53 -4.10 33.74
N SER D 214 -26.60 -3.91 32.98
CA SER D 214 -27.54 -4.99 32.71
C SER D 214 -27.04 -5.91 31.58
N GLY D 215 -26.20 -5.40 30.67
CA GLY D 215 -25.59 -6.21 29.63
C GLY D 215 -26.45 -6.61 28.45
N ASP D 216 -25.88 -7.46 27.62
CA ASP D 216 -26.53 -7.97 26.44
C ASP D 216 -25.92 -9.29 26.03
N VAL D 217 -26.60 -9.99 25.10
CA VAL D 217 -26.19 -11.27 24.54
C VAL D 217 -24.83 -11.12 23.81
N LYS D 218 -24.06 -12.20 23.82
CA LYS D 218 -22.69 -12.31 23.29
C LYS D 218 -22.57 -11.93 21.80
N TYR D 219 -23.62 -12.09 21.02
CA TYR D 219 -23.55 -11.77 19.60
C TYR D 219 -24.05 -10.31 19.31
N HIS D 220 -23.92 -9.39 20.31
CA HIS D 220 -24.24 -7.95 20.19
C HIS D 220 -23.07 -7.14 20.62
N LEU D 221 -22.05 -7.83 21.11
CA LEU D 221 -20.85 -7.24 21.64
C LEU D 221 -19.84 -6.84 20.56
N GLY D 222 -19.07 -5.80 20.88
CA GLY D 222 -18.02 -5.28 20.02
C GLY D 222 -16.62 -5.56 20.57
N ALA D 223 -15.62 -5.16 19.79
CA ALA D 223 -14.19 -5.31 20.16
C ALA D 223 -13.32 -4.38 19.32
N THR D 224 -12.07 -4.21 19.73
CA THR D 224 -11.11 -3.36 19.03
C THR D 224 -9.78 -4.07 18.97
N GLY D 225 -9.00 -3.81 17.93
CA GLY D 225 -7.69 -4.42 17.76
C GLY D 225 -6.87 -3.78 16.65
N THR D 226 -5.68 -4.32 16.43
CA THR D 226 -4.76 -3.89 15.37
C THR D 226 -4.51 -5.04 14.42
N TYR D 227 -4.86 -4.85 13.15
CA TYR D 227 -4.60 -5.85 12.11
C TYR D 227 -3.20 -5.62 11.59
N ILE D 228 -2.42 -6.69 11.50
CA ILE D 228 -1.07 -6.61 10.96
C ILE D 228 -1.06 -7.37 9.63
N GLN D 229 -0.61 -6.74 8.54
CA GLN D 229 -0.54 -7.41 7.23
C GLN D 229 0.36 -8.64 7.29
N MET D 230 -0.13 -9.73 6.70
CA MET D 230 0.58 -11.00 6.64
C MET D 230 1.76 -10.87 5.64
N PHE D 231 1.53 -10.28 4.45
CA PHE D 231 2.56 -10.13 3.40
C PHE D 231 2.94 -8.67 3.12
N GLY D 232 2.48 -7.76 3.97
CA GLY D 232 2.79 -6.35 3.85
C GLY D 232 3.46 -5.84 5.10
N ASP D 233 3.80 -4.56 5.10
CA ASP D 233 4.47 -3.91 6.23
C ASP D 233 3.56 -2.95 6.98
N ASN D 234 2.28 -2.86 6.59
CA ASN D 234 1.36 -1.94 7.22
C ASN D 234 0.45 -2.61 8.24
N ASP D 235 -0.07 -1.79 9.15
CA ASP D 235 -1.00 -2.18 10.18
C ASP D 235 -2.18 -1.22 10.10
N ILE D 236 -3.33 -1.65 10.63
CA ILE D 236 -4.55 -0.85 10.60
C ILE D 236 -5.39 -1.20 11.81
N GLU D 237 -6.08 -0.19 12.36
CA GLU D 237 -6.98 -0.41 13.49
C GLU D 237 -8.24 -1.08 12.98
N VAL D 238 -8.78 -2.05 13.75
CA VAL D 238 -10.01 -2.74 13.38
C VAL D 238 -10.94 -2.71 14.58
N SER D 239 -12.09 -2.09 14.42
CA SER D 239 -13.08 -1.98 15.48
C SER D 239 -14.39 -2.61 15.05
N LEU D 240 -15.12 -3.13 16.02
CA LEU D 240 -16.45 -3.66 15.78
C LEU D 240 -17.42 -2.98 16.76
N THR D 241 -18.46 -2.37 16.25
CA THR D 241 -19.37 -1.63 17.10
C THR D 241 -20.49 -2.54 17.68
N ALA D 242 -21.04 -2.12 18.83
CA ALA D 242 -22.12 -2.86 19.48
C ALA D 242 -23.45 -2.60 18.76
N ASN D 243 -24.46 -3.47 18.95
CA ASN D 243 -25.75 -3.26 18.31
C ASN D 243 -26.88 -4.00 19.02
N PRO D 244 -28.15 -3.58 18.84
CA PRO D 244 -29.26 -4.40 19.38
C PRO D 244 -29.61 -5.55 18.40
N SER D 245 -30.69 -6.28 18.71
CA SER D 245 -31.19 -7.38 17.88
C SER D 245 -31.81 -6.79 16.65
N HIS D 246 -32.39 -5.54 16.79
CA HIS D 246 -32.99 -4.79 15.68
C HIS D 246 -31.99 -4.71 14.52
N LEU D 247 -32.28 -5.53 13.50
CA LEU D 247 -31.45 -5.65 12.31
C LEU D 247 -31.43 -4.39 11.49
N GLU D 248 -30.18 -4.01 11.09
CA GLU D 248 -29.83 -2.86 10.28
C GLU D 248 -29.92 -1.56 11.09
N ALA D 249 -30.40 -1.57 12.37
CA ALA D 249 -30.50 -0.31 13.11
C ALA D 249 -29.12 0.39 13.32
N VAL D 250 -28.05 -0.40 13.42
CA VAL D 250 -26.65 0.02 13.61
C VAL D 250 -26.08 0.75 12.33
N ASP D 251 -26.67 0.53 11.15
CA ASP D 251 -26.14 1.11 9.89
C ASP D 251 -25.86 2.65 9.96
N PRO D 252 -26.79 3.55 10.38
CA PRO D 252 -26.44 4.97 10.44
C PRO D 252 -25.52 5.30 11.59
N VAL D 253 -25.58 4.49 12.65
CA VAL D 253 -24.74 4.63 13.85
C VAL D 253 -23.29 4.43 13.45
N LEU D 254 -23.01 3.39 12.62
CA LEU D 254 -21.67 3.10 12.10
C LEU D 254 -21.16 4.31 11.31
N GLU D 255 -22.01 4.80 10.39
CA GLU D 255 -21.69 5.98 9.55
C GLU D 255 -21.32 7.20 10.42
N GLY D 256 -22.14 7.51 11.44
CA GLY D 256 -21.87 8.61 12.37
C GLY D 256 -20.56 8.44 13.11
N LEU D 257 -20.32 7.21 13.59
CA LEU D 257 -19.11 6.80 14.31
C LEU D 257 -17.88 7.06 13.42
N VAL D 258 -17.94 6.58 12.13
CA VAL D 258 -16.87 6.75 11.17
C VAL D 258 -16.70 8.24 10.85
N ARG D 259 -17.80 8.97 10.55
CA ARG D 259 -17.72 10.42 10.26
C ARG D 259 -17.01 11.19 11.44
N ALA D 260 -17.37 10.90 12.74
CA ALA D 260 -16.72 11.56 13.89
C ALA D 260 -15.22 11.27 13.92
N LYS D 261 -14.81 10.02 13.65
CA LYS D 261 -13.40 9.61 13.63
C LYS D 261 -12.68 10.29 12.48
N GLN D 262 -13.33 10.34 11.29
CA GLN D 262 -12.72 11.02 10.15
C GLN D 262 -12.53 12.53 10.44
N ASP D 263 -13.52 13.18 11.06
CA ASP D 263 -13.42 14.60 11.41
C ASP D 263 -12.25 14.85 12.40
N LEU D 264 -11.99 13.92 13.36
CA LEU D 264 -10.89 14.02 14.32
C LEU D 264 -9.52 13.90 13.65
N LEU D 265 -9.42 13.04 12.63
CA LEU D 265 -8.17 12.81 11.91
C LEU D 265 -7.92 13.86 10.82
N ASP D 266 -8.85 14.83 10.64
CA ASP D 266 -8.70 15.88 9.61
C ASP D 266 -8.65 15.20 8.23
N THR D 267 -9.39 14.09 8.10
CA THR D 267 -9.53 13.35 6.86
C THR D 267 -10.99 13.45 6.50
N GLY D 268 -11.30 13.20 5.24
CA GLY D 268 -12.68 13.32 4.80
C GLY D 268 -13.18 14.72 4.48
N GLU D 269 -14.52 14.84 4.47
CA GLU D 269 -15.31 16.01 4.08
C GLU D 269 -14.91 17.33 4.76
N GLU D 270 -14.83 17.36 6.11
CA GLU D 270 -14.42 18.58 6.81
C GLU D 270 -12.89 18.71 6.89
N GLY D 271 -12.19 17.59 6.64
CA GLY D 271 -10.75 17.49 6.68
C GLY D 271 -9.97 18.07 5.51
N SER D 272 -8.69 18.41 5.77
CA SER D 272 -7.75 18.98 4.81
C SER D 272 -7.46 17.98 3.67
N ASP D 273 -7.16 16.71 4.01
CA ASP D 273 -6.91 15.68 3.01
C ASP D 273 -8.22 14.92 2.72
N ASN D 274 -8.41 14.50 1.45
CA ASN D 274 -9.61 13.78 1.02
C ASN D 274 -9.36 12.27 1.00
N ARG D 275 -8.78 11.75 2.10
CA ARG D 275 -8.46 10.32 2.19
C ARG D 275 -9.60 9.51 2.80
N PHE D 276 -10.45 10.13 3.70
CA PHE D 276 -11.53 9.39 4.38
C PHE D 276 -10.89 8.07 4.89
N SER D 277 -9.76 8.23 5.58
CA SER D 277 -8.87 7.19 6.05
C SER D 277 -9.48 6.25 7.14
N VAL D 278 -10.79 6.39 7.42
CA VAL D 278 -11.56 5.53 8.31
C VAL D 278 -12.65 4.88 7.43
N VAL D 279 -12.64 3.52 7.33
CA VAL D 279 -13.52 2.75 6.45
C VAL D 279 -14.68 2.06 7.17
N PRO D 280 -15.93 2.43 6.80
CA PRO D 280 -17.08 1.67 7.32
C PRO D 280 -17.21 0.35 6.53
N LEU D 281 -17.19 -0.77 7.26
CA LEU D 281 -17.37 -2.10 6.71
C LEU D 281 -18.67 -2.63 7.34
N MET D 282 -19.71 -2.66 6.54
CA MET D 282 -21.06 -3.00 7.01
C MET D 282 -21.50 -4.34 6.48
N LEU D 283 -21.83 -5.27 7.40
CA LEU D 283 -22.31 -6.61 7.03
C LEU D 283 -23.80 -6.66 7.20
N HIS D 284 -24.47 -7.45 6.38
CA HIS D 284 -25.91 -7.61 6.37
C HIS D 284 -26.34 -9.04 6.04
N GLY D 285 -27.54 -9.40 6.48
CA GLY D 285 -28.19 -10.65 6.13
C GLY D 285 -29.06 -10.34 4.92
N ASP D 286 -29.32 -11.33 4.06
CA ASP D 286 -30.13 -11.09 2.83
C ASP D 286 -31.58 -10.66 3.10
N ALA D 287 -32.23 -11.22 4.11
CA ALA D 287 -33.63 -10.79 4.31
C ALA D 287 -33.70 -9.39 4.91
N ALA D 288 -32.81 -9.11 5.87
CA ALA D 288 -32.74 -7.84 6.56
C ALA D 288 -32.37 -6.73 5.61
N PHE D 289 -31.42 -6.97 4.66
CA PHE D 289 -31.00 -5.96 3.68
C PHE D 289 -32.11 -5.50 2.73
N ALA D 290 -33.00 -6.41 2.35
CA ALA D 290 -34.09 -6.08 1.43
C ALA D 290 -35.30 -5.46 2.15
N GLY D 291 -35.63 -5.95 3.35
CA GLY D 291 -36.82 -5.52 4.09
C GLY D 291 -36.73 -4.32 5.02
N GLN D 292 -35.55 -3.94 5.47
CA GLN D 292 -35.51 -2.83 6.43
C GLN D 292 -35.28 -1.47 5.73
N GLY D 293 -36.18 -0.50 6.02
CA GLY D 293 -36.15 0.86 5.48
C GLY D 293 -34.89 1.66 5.83
N VAL D 294 -34.33 1.42 7.02
CA VAL D 294 -33.15 2.16 7.49
C VAL D 294 -31.93 1.93 6.53
N VAL D 295 -31.93 0.84 5.75
CA VAL D 295 -30.88 0.55 4.77
C VAL D 295 -30.92 1.65 3.70
N ALA D 296 -32.11 1.90 3.08
CA ALA D 296 -32.30 2.96 2.08
C ALA D 296 -31.93 4.31 2.67
N GLU D 297 -32.43 4.61 3.89
CA GLU D 297 -32.17 5.88 4.59
C GLU D 297 -30.68 6.16 4.77
N THR D 298 -29.89 5.10 5.04
CA THR D 298 -28.45 5.19 5.29
C THR D 298 -27.71 5.30 3.97
N LEU D 299 -28.10 4.55 2.90
CA LEU D 299 -27.47 4.70 1.59
C LEU D 299 -27.68 6.13 1.06
N ASN D 300 -28.87 6.69 1.36
CA ASN D 300 -29.24 8.04 0.95
C ASN D 300 -28.30 9.12 1.55
N LEU D 301 -27.57 8.81 2.61
CA LEU D 301 -26.60 9.71 3.26
C LEU D 301 -25.21 9.66 2.64
N ALA D 302 -24.88 8.52 1.96
CA ALA D 302 -23.55 8.19 1.44
C ALA D 302 -22.79 9.33 0.73
N LEU D 303 -23.48 10.28 0.05
CA LEU D 303 -22.76 11.35 -0.65
C LEU D 303 -23.11 12.74 -0.16
N LEU D 304 -23.95 12.86 0.87
CA LEU D 304 -24.31 14.13 1.46
C LEU D 304 -23.11 14.78 2.18
N ARG D 305 -22.93 16.08 2.00
CA ARG D 305 -21.83 16.83 2.63
C ARG D 305 -21.79 16.59 4.14
N GLY D 306 -22.94 16.65 4.80
CA GLY D 306 -23.01 16.49 6.25
C GLY D 306 -23.00 15.09 6.78
N TYR D 307 -22.88 14.05 5.91
CA TYR D 307 -22.98 12.64 6.34
C TYR D 307 -22.01 11.67 5.67
N ARG D 308 -21.48 12.01 4.48
CA ARG D 308 -20.57 11.13 3.73
C ARG D 308 -19.32 10.76 4.54
N THR D 309 -18.91 9.52 4.34
CA THR D 309 -17.76 8.88 4.98
C THR D 309 -16.81 8.33 3.90
N GLY D 310 -16.99 8.82 2.68
CA GLY D 310 -16.17 8.42 1.53
C GLY D 310 -16.39 7.01 1.03
N GLY D 311 -17.59 6.50 1.19
CA GLY D 311 -17.93 5.17 0.74
C GLY D 311 -17.87 4.06 1.76
N THR D 312 -18.93 3.28 1.82
CA THR D 312 -18.99 2.13 2.71
C THR D 312 -18.74 0.84 1.91
N ILE D 313 -18.06 -0.14 2.52
CA ILE D 313 -17.91 -1.46 1.91
C ILE D 313 -19.03 -2.28 2.53
N HIS D 314 -20.00 -2.70 1.71
CA HIS D 314 -21.11 -3.53 2.17
C HIS D 314 -20.89 -4.97 1.81
N ILE D 315 -21.10 -5.86 2.79
CA ILE D 315 -21.02 -7.30 2.56
C ILE D 315 -22.35 -7.90 2.96
N VAL D 316 -23.07 -8.50 2.01
CA VAL D 316 -24.32 -9.21 2.28
C VAL D 316 -24.01 -10.71 2.36
N VAL D 317 -24.28 -11.32 3.56
CA VAL D 317 -24.14 -12.76 3.81
C VAL D 317 -25.47 -13.35 3.34
N ASN D 318 -25.53 -13.66 2.05
CA ASN D 318 -26.73 -14.13 1.39
C ASN D 318 -26.80 -15.67 1.39
N ASN D 319 -27.30 -16.20 2.51
CA ASN D 319 -27.52 -17.61 2.73
C ASN D 319 -28.89 -18.04 2.14
N GLN D 320 -29.50 -17.16 1.31
CA GLN D 320 -30.73 -17.41 0.57
C GLN D 320 -31.88 -17.89 1.48
N ILE D 321 -31.91 -17.36 2.71
CA ILE D 321 -32.89 -17.71 3.71
C ILE D 321 -32.89 -16.62 4.79
N GLY D 322 -34.04 -16.45 5.42
CA GLY D 322 -34.23 -15.56 6.58
C GLY D 322 -35.07 -16.31 7.56
N PHE D 323 -34.41 -17.07 8.47
CA PHE D 323 -35.06 -17.96 9.47
C PHE D 323 -35.89 -19.05 8.70
N THR D 324 -37.23 -18.96 8.64
CA THR D 324 -37.99 -19.98 7.89
C THR D 324 -38.51 -19.40 6.61
N THR D 325 -38.21 -18.11 6.35
CA THR D 325 -38.77 -17.40 5.22
C THR D 325 -37.89 -17.49 3.98
N ALA D 326 -38.52 -17.90 2.84
CA ALA D 326 -37.85 -17.99 1.54
C ALA D 326 -37.67 -16.59 0.95
N PRO D 327 -36.61 -16.34 0.12
CA PRO D 327 -36.42 -15.01 -0.51
C PRO D 327 -37.63 -14.51 -1.30
N THR D 328 -38.44 -15.42 -1.87
CA THR D 328 -39.67 -15.11 -2.62
C THR D 328 -40.66 -14.33 -1.76
N ASP D 329 -40.65 -14.56 -0.43
CA ASP D 329 -41.52 -13.86 0.52
C ASP D 329 -40.78 -12.73 1.20
N SER D 330 -39.48 -12.60 0.95
CA SER D 330 -38.66 -11.56 1.58
C SER D 330 -38.48 -10.30 0.73
N ARG D 331 -38.51 -10.44 -0.61
CA ARG D 331 -38.26 -9.31 -1.50
C ARG D 331 -39.00 -9.45 -2.84
N SER D 332 -39.28 -8.30 -3.45
CA SER D 332 -39.95 -8.14 -4.74
C SER D 332 -38.93 -7.89 -5.89
N SER D 333 -37.65 -8.22 -5.66
CA SER D 333 -36.59 -8.00 -6.64
C SER D 333 -35.69 -9.21 -6.76
N GLU D 334 -34.95 -9.28 -7.87
CA GLU D 334 -34.03 -10.36 -8.22
C GLU D 334 -33.01 -10.59 -7.13
N TYR D 335 -32.37 -9.51 -6.69
CA TYR D 335 -31.32 -9.53 -5.70
C TYR D 335 -31.68 -8.80 -4.47
N CYS D 336 -31.16 -9.31 -3.35
CA CYS D 336 -31.32 -8.72 -2.02
C CYS D 336 -30.62 -7.36 -1.95
N THR D 337 -29.69 -7.12 -2.86
CA THR D 337 -28.86 -5.91 -2.94
C THR D 337 -29.37 -4.76 -3.84
N ASP D 338 -30.48 -4.94 -4.57
CA ASP D 338 -31.00 -3.95 -5.55
C ASP D 338 -31.33 -2.56 -4.97
N VAL D 339 -31.59 -2.45 -3.65
CA VAL D 339 -31.80 -1.16 -3.00
C VAL D 339 -30.54 -0.27 -3.22
N ALA D 340 -29.32 -0.86 -3.21
CA ALA D 340 -28.07 -0.13 -3.40
C ALA D 340 -27.90 0.53 -4.82
N LYS D 341 -28.80 0.25 -5.75
CA LYS D 341 -28.76 0.88 -7.08
C LYS D 341 -29.29 2.35 -7.04
N MET D 342 -30.00 2.72 -5.95
CA MET D 342 -30.50 4.07 -5.74
C MET D 342 -29.34 5.09 -5.65
N ILE D 343 -28.13 4.69 -5.21
CA ILE D 343 -27.00 5.62 -5.12
C ILE D 343 -25.92 5.26 -6.17
N GLY D 344 -26.29 4.40 -7.12
CA GLY D 344 -25.39 3.98 -8.19
C GLY D 344 -24.18 3.21 -7.72
N ALA D 345 -24.37 2.37 -6.72
CA ALA D 345 -23.27 1.56 -6.20
C ALA D 345 -23.04 0.36 -7.10
N PRO D 346 -21.78 0.02 -7.42
CA PRO D 346 -21.55 -1.23 -8.17
C PRO D 346 -21.86 -2.42 -7.23
N ILE D 347 -22.49 -3.48 -7.77
CA ILE D 347 -22.84 -4.68 -7.02
C ILE D 347 -22.16 -5.89 -7.65
N PHE D 348 -21.42 -6.63 -6.81
CA PHE D 348 -20.72 -7.86 -7.17
C PHE D 348 -21.39 -9.03 -6.45
N HIS D 349 -22.04 -9.91 -7.22
CA HIS D 349 -22.66 -11.12 -6.72
C HIS D 349 -21.58 -12.17 -6.83
N VAL D 350 -21.11 -12.72 -5.68
CA VAL D 350 -20.00 -13.69 -5.76
C VAL D 350 -20.36 -15.04 -5.09
N ASN D 351 -19.89 -16.13 -5.73
CA ASN D 351 -20.08 -17.49 -5.25
C ASN D 351 -19.25 -17.73 -4.00
N GLY D 352 -19.94 -17.95 -2.89
CA GLY D 352 -19.32 -18.18 -1.60
C GLY D 352 -18.47 -19.44 -1.53
N ASP D 353 -18.55 -20.35 -2.53
CA ASP D 353 -17.73 -21.57 -2.55
C ASP D 353 -16.38 -21.33 -3.23
N ASP D 354 -16.19 -20.13 -3.83
CA ASP D 354 -14.95 -19.78 -4.50
C ASP D 354 -14.28 -18.71 -3.62
N PRO D 355 -13.47 -19.10 -2.60
CA PRO D 355 -12.89 -18.09 -1.70
C PRO D 355 -11.90 -17.16 -2.38
N GLU D 356 -11.28 -17.59 -3.51
CA GLU D 356 -10.33 -16.77 -4.26
C GLU D 356 -11.05 -15.65 -4.98
N ALA D 357 -12.25 -15.95 -5.54
CA ALA D 357 -13.06 -14.96 -6.22
C ALA D 357 -13.61 -13.97 -5.17
N CYS D 358 -13.94 -14.46 -3.96
CA CYS D 358 -14.44 -13.64 -2.86
C CYS D 358 -13.36 -12.66 -2.39
N ALA D 359 -12.12 -13.16 -2.18
CA ALA D 359 -11.00 -12.32 -1.76
C ALA D 359 -10.68 -11.26 -2.82
N TRP D 360 -10.73 -11.62 -4.12
CA TRP D 360 -10.45 -10.73 -5.24
C TRP D 360 -11.47 -9.59 -5.34
N VAL D 361 -12.78 -9.93 -5.25
CA VAL D 361 -13.89 -8.99 -5.30
C VAL D 361 -13.78 -8.02 -4.12
N ALA D 362 -13.39 -8.53 -2.94
CA ALA D 362 -13.22 -7.73 -1.71
C ALA D 362 -12.14 -6.67 -1.91
N ARG D 363 -11.04 -7.04 -2.61
CA ARG D 363 -9.93 -6.13 -2.89
C ARG D 363 -10.35 -5.09 -3.95
N LEU D 364 -11.09 -5.52 -4.99
CA LEU D 364 -11.59 -4.63 -6.05
C LEU D 364 -12.54 -3.57 -5.45
N ALA D 365 -13.42 -3.97 -4.54
CA ALA D 365 -14.37 -3.09 -3.83
C ALA D 365 -13.64 -1.98 -3.08
N VAL D 366 -12.55 -2.35 -2.35
CA VAL D 366 -11.70 -1.40 -1.60
C VAL D 366 -11.09 -0.42 -2.57
N ASP D 367 -10.56 -0.92 -3.72
CA ASP D 367 -9.95 -0.10 -4.75
C ASP D 367 -10.96 0.88 -5.36
N PHE D 368 -12.22 0.43 -5.60
CA PHE D 368 -13.28 1.29 -6.14
C PHE D 368 -13.65 2.38 -5.13
N ARG D 369 -13.74 2.04 -3.84
CA ARG D 369 -14.05 2.95 -2.74
C ARG D 369 -12.99 4.04 -2.69
N GLN D 370 -11.70 3.65 -2.75
CA GLN D 370 -10.58 4.60 -2.73
C GLN D 370 -10.51 5.50 -3.98
N ALA D 371 -10.93 4.98 -5.15
CA ALA D 371 -10.88 5.76 -6.38
C ALA D 371 -12.06 6.72 -6.50
N PHE D 372 -13.26 6.35 -6.03
CA PHE D 372 -14.41 7.22 -6.28
C PHE D 372 -15.16 7.74 -5.03
N LYS D 373 -14.74 7.33 -3.81
CA LYS D 373 -15.32 7.72 -2.52
C LYS D 373 -16.84 7.42 -2.46
N LYS D 374 -17.24 6.33 -3.14
CA LYS D 374 -18.63 5.90 -3.20
C LYS D 374 -18.73 4.46 -2.60
N ASP D 375 -19.95 4.05 -2.17
CA ASP D 375 -20.24 2.72 -1.62
C ASP D 375 -20.09 1.62 -2.64
N VAL D 376 -19.81 0.39 -2.15
CA VAL D 376 -19.67 -0.83 -2.94
C VAL D 376 -20.36 -1.95 -2.21
N VAL D 377 -21.10 -2.75 -2.96
CA VAL D 377 -21.86 -3.86 -2.40
C VAL D 377 -21.34 -5.18 -2.92
N ILE D 378 -21.00 -6.07 -1.98
CA ILE D 378 -20.60 -7.44 -2.26
C ILE D 378 -21.73 -8.34 -1.79
N ASP D 379 -22.37 -9.04 -2.73
CA ASP D 379 -23.45 -9.96 -2.42
C ASP D 379 -22.82 -11.37 -2.40
N MET D 380 -22.44 -11.89 -1.21
CA MET D 380 -21.80 -13.21 -1.14
C MET D 380 -22.86 -14.32 -1.06
N LEU D 381 -23.05 -15.02 -2.16
CA LEU D 381 -24.01 -16.13 -2.17
C LEU D 381 -23.44 -17.38 -1.48
N CYS D 382 -24.16 -17.85 -0.49
CA CYS D 382 -23.79 -18.99 0.33
C CYS D 382 -25.05 -19.71 0.81
N TYR D 383 -24.94 -20.41 1.94
CA TYR D 383 -26.03 -21.15 2.54
C TYR D 383 -25.84 -21.20 4.04
N ARG D 384 -26.87 -21.65 4.76
CA ARG D 384 -26.84 -21.74 6.22
C ARG D 384 -26.89 -23.20 6.53
N ARG D 385 -25.72 -23.80 6.86
CA ARG D 385 -25.56 -25.25 7.06
C ARG D 385 -26.57 -25.80 8.06
N ARG D 386 -26.71 -25.19 9.25
CA ARG D 386 -27.65 -25.64 10.28
C ARG D 386 -28.92 -24.81 10.21
N GLY D 387 -29.75 -24.96 11.21
CA GLY D 387 -31.00 -24.19 11.33
C GLY D 387 -30.68 -22.74 11.60
N HIS D 388 -31.74 -21.90 11.66
CA HIS D 388 -31.57 -20.46 11.89
C HIS D 388 -30.68 -20.19 13.10
N ASN D 389 -31.02 -20.85 14.20
CA ASN D 389 -30.28 -20.93 15.44
C ASN D 389 -29.82 -22.40 15.50
N GLU D 390 -29.01 -22.75 16.48
CA GLU D 390 -28.44 -24.10 16.51
C GLU D 390 -29.43 -25.16 16.97
N GLY D 391 -30.52 -24.76 17.61
CA GLY D 391 -31.55 -25.68 18.06
C GLY D 391 -32.75 -25.86 17.14
N ASP D 392 -32.80 -25.10 16.03
CA ASP D 392 -33.90 -25.12 15.06
C ASP D 392 -33.75 -26.24 14.00
N ASP D 393 -34.88 -26.90 13.59
CA ASP D 393 -34.90 -27.93 12.54
C ASP D 393 -35.41 -27.26 11.23
N PRO D 394 -34.52 -26.95 10.25
CA PRO D 394 -34.97 -26.18 9.08
C PRO D 394 -35.72 -27.00 8.01
N SER D 395 -35.60 -28.36 8.04
CA SER D 395 -36.26 -29.24 7.06
C SER D 395 -37.80 -29.25 7.21
N MET D 396 -38.32 -28.67 8.32
CA MET D 396 -39.75 -28.60 8.53
C MET D 396 -40.36 -27.69 7.46
N THR D 397 -39.65 -26.60 7.15
CA THR D 397 -40.13 -25.58 6.24
C THR D 397 -39.33 -25.56 4.94
N GLN D 398 -38.05 -25.95 4.96
CA GLN D 398 -37.21 -25.94 3.74
C GLN D 398 -36.61 -27.34 3.51
N PRO D 399 -37.44 -28.37 3.21
CA PRO D 399 -36.87 -29.71 3.06
C PRO D 399 -36.02 -29.85 1.78
N TYR D 400 -36.41 -29.17 0.68
CA TYR D 400 -35.63 -29.28 -0.56
C TYR D 400 -34.21 -28.67 -0.36
N MET D 401 -34.16 -27.43 0.16
CA MET D 401 -32.90 -26.75 0.44
C MET D 401 -31.98 -27.59 1.36
N TYR D 402 -32.51 -28.22 2.41
CA TYR D 402 -31.70 -28.97 3.34
C TYR D 402 -31.36 -30.34 2.83
N ASP D 403 -32.10 -30.83 1.84
CA ASP D 403 -31.72 -32.08 1.20
C ASP D 403 -30.46 -31.83 0.31
N VAL D 404 -30.37 -30.64 -0.29
CA VAL D 404 -29.26 -30.24 -1.15
C VAL D 404 -28.04 -29.94 -0.28
N ILE D 405 -28.19 -29.13 0.79
CA ILE D 405 -27.10 -28.78 1.73
C ILE D 405 -26.45 -30.06 2.33
N ASP D 406 -27.25 -31.12 2.56
CA ASP D 406 -26.75 -32.37 3.14
C ASP D 406 -25.86 -33.17 2.16
N THR D 407 -25.89 -32.85 0.86
CA THR D 407 -25.03 -33.48 -0.14
C THR D 407 -23.76 -32.65 -0.31
N LYS D 408 -23.82 -31.37 0.07
CA LYS D 408 -22.75 -30.42 -0.13
C LYS D 408 -21.56 -30.59 0.81
N ARG D 409 -20.37 -30.71 0.21
CA ARG D 409 -19.11 -30.68 0.94
C ARG D 409 -18.88 -29.21 1.28
N GLY D 410 -18.44 -28.90 2.49
CA GLY D 410 -18.21 -27.50 2.85
C GLY D 410 -17.15 -26.80 2.02
N SER D 411 -17.07 -25.46 2.13
CA SER D 411 -16.06 -24.69 1.40
C SER D 411 -14.62 -25.07 1.85
N ARG D 412 -14.42 -25.31 3.18
CA ARG D 412 -13.13 -25.66 3.77
C ARG D 412 -12.58 -26.94 3.15
N LYS D 413 -13.41 -28.02 3.07
CA LYS D 413 -12.96 -29.30 2.53
C LYS D 413 -12.71 -29.19 1.01
N ALA D 414 -13.55 -28.43 0.32
CA ALA D 414 -13.42 -28.19 -1.12
C ALA D 414 -12.11 -27.43 -1.41
N TYR D 415 -11.86 -26.33 -0.69
CA TYR D 415 -10.65 -25.55 -0.91
C TYR D 415 -9.41 -26.36 -0.55
N THR D 416 -9.44 -27.12 0.57
CA THR D 416 -8.35 -28.00 0.99
C THR D 416 -8.02 -29.01 -0.14
N GLU D 417 -9.04 -29.65 -0.74
CA GLU D 417 -8.88 -30.65 -1.80
C GLU D 417 -8.24 -30.04 -3.05
N ALA D 418 -8.57 -28.75 -3.35
CA ALA D 418 -8.01 -28.00 -4.49
C ALA D 418 -6.53 -27.75 -4.28
N LEU D 419 -6.16 -27.25 -3.07
CA LEU D 419 -4.77 -26.96 -2.70
C LEU D 419 -3.90 -28.23 -2.68
N ILE D 420 -4.45 -29.39 -2.26
CA ILE D 420 -3.71 -30.68 -2.27
C ILE D 420 -3.54 -31.14 -3.73
N GLY D 421 -4.59 -30.95 -4.56
CA GLY D 421 -4.60 -31.29 -5.99
C GLY D 421 -3.58 -30.51 -6.81
N ARG D 422 -3.47 -29.19 -6.54
CA ARG D 422 -2.50 -28.25 -7.17
C ARG D 422 -1.05 -28.57 -6.76
N GLY D 423 -0.88 -29.38 -5.70
CA GLY D 423 0.39 -29.80 -5.13
C GLY D 423 0.98 -28.86 -4.09
N ASP D 424 0.22 -27.80 -3.73
CA ASP D 424 0.59 -26.74 -2.76
C ASP D 424 0.88 -27.27 -1.35
N ILE D 425 -0.05 -28.08 -0.80
CA ILE D 425 0.07 -28.71 0.51
C ILE D 425 -0.13 -30.22 0.35
N SER D 426 0.03 -30.97 1.45
CA SER D 426 -0.20 -32.42 1.49
C SER D 426 -1.45 -32.70 2.35
N MET D 427 -1.85 -33.97 2.42
CA MET D 427 -2.98 -34.39 3.25
C MET D 427 -2.59 -34.29 4.72
N LYS D 428 -1.33 -34.70 5.02
CA LYS D 428 -0.74 -34.68 6.37
C LYS D 428 -0.64 -33.25 6.90
N GLU D 429 -0.15 -32.30 6.05
CA GLU D 429 -0.04 -30.87 6.37
C GLU D 429 -1.40 -30.26 6.71
N ALA D 430 -2.45 -30.65 5.96
CA ALA D 430 -3.83 -30.19 6.14
C ALA D 430 -4.42 -30.72 7.45
N GLU D 431 -4.26 -32.02 7.73
CA GLU D 431 -4.72 -32.68 8.95
C GLU D 431 -4.03 -32.07 10.17
N ASP D 432 -2.69 -31.92 10.13
CA ASP D 432 -1.87 -31.37 11.20
C ASP D 432 -2.31 -29.95 11.57
N ALA D 433 -2.59 -29.08 10.58
CA ALA D 433 -3.01 -27.70 10.80
C ALA D 433 -4.34 -27.66 11.52
N LEU D 434 -5.26 -28.62 11.24
CA LEU D 434 -6.57 -28.70 11.89
C LEU D 434 -6.43 -29.28 13.31
N ARG D 435 -5.56 -30.28 13.49
CA ARG D 435 -5.22 -30.85 14.80
C ARG D 435 -4.59 -29.79 15.71
N ASP D 436 -3.73 -28.92 15.13
CA ASP D 436 -3.04 -27.83 15.83
C ASP D 436 -4.01 -26.83 16.37
N TYR D 437 -4.93 -26.42 15.51
CA TYR D 437 -5.92 -25.42 15.83
C TYR D 437 -6.96 -25.96 16.84
N GLN D 438 -7.33 -27.26 16.74
CA GLN D 438 -8.30 -27.87 17.65
C GLN D 438 -7.69 -28.08 19.06
N GLY D 439 -6.38 -28.34 19.12
CA GLY D 439 -5.65 -28.49 20.38
C GLY D 439 -5.54 -27.15 21.08
N GLN D 440 -5.39 -26.06 20.27
CA GLN D 440 -5.24 -24.71 20.78
C GLN D 440 -6.53 -24.25 21.48
N LEU D 441 -7.69 -24.56 20.84
CA LEU D 441 -9.03 -24.27 21.34
C LEU D 441 -9.31 -25.01 22.67
N GLU D 442 -8.93 -26.30 22.75
CA GLU D 442 -9.10 -27.11 23.97
C GLU D 442 -8.30 -26.55 25.17
N ARG D 443 -7.05 -26.10 24.92
CA ARG D 443 -6.20 -25.56 25.99
C ARG D 443 -6.82 -24.30 26.58
N VAL D 444 -7.38 -23.42 25.73
CA VAL D 444 -8.05 -22.18 26.16
C VAL D 444 -9.35 -22.54 26.92
N PHE D 445 -10.18 -23.47 26.36
CA PHE D 445 -11.46 -23.92 26.96
C PHE D 445 -11.22 -24.53 28.36
N ASN D 446 -10.15 -25.33 28.50
CA ASN D 446 -9.81 -25.95 29.77
C ASN D 446 -9.35 -24.90 30.79
N GLU D 447 -8.50 -23.93 30.37
CA GLU D 447 -8.01 -22.85 31.24
C GLU D 447 -9.17 -21.99 31.76
N VAL D 448 -10.19 -21.73 30.93
CA VAL D 448 -11.38 -20.94 31.29
C VAL D 448 -12.27 -21.76 32.26
N ARG D 449 -12.59 -23.04 31.92
CA ARG D 449 -13.41 -23.93 32.77
C ARG D 449 -12.76 -24.15 34.15
N GLU D 450 -11.42 -24.04 34.25
CA GLU D 450 -10.64 -24.17 35.48
C GLU D 450 -10.82 -22.98 36.43
N LEU D 451 -11.25 -21.80 35.90
CA LEU D 451 -11.44 -20.59 36.71
C LEU D 451 -12.63 -20.74 37.69
N GLU D 452 -12.39 -20.26 38.94
CA GLU D 452 -13.35 -20.27 40.04
C GLU D 452 -14.54 -19.36 39.72
N LYS D 453 -15.74 -19.96 39.72
CA LYS D 453 -17.00 -19.33 39.40
C LYS D 453 -17.38 -18.26 40.42
N HIS D 454 -18.05 -17.22 39.95
CA HIS D 454 -18.51 -16.09 40.76
C HIS D 454 -20.01 -16.24 41.01
N GLU D 455 -20.47 -15.80 42.21
CA GLU D 455 -21.88 -15.82 42.61
C GLU D 455 -22.66 -14.88 41.69
N ILE D 456 -23.76 -15.37 41.10
CA ILE D 456 -24.58 -14.56 40.20
C ILE D 456 -25.49 -13.66 41.06
N GLU D 457 -25.41 -12.35 40.82
CA GLU D 457 -26.16 -11.33 41.53
C GLU D 457 -27.05 -10.55 40.56
N PRO D 458 -28.20 -9.98 41.02
CA PRO D 458 -29.01 -9.14 40.11
C PRO D 458 -28.20 -7.96 39.55
N SER D 459 -28.51 -7.55 38.30
CA SER D 459 -27.81 -6.45 37.66
C SER D 459 -28.00 -5.14 38.43
N GLU D 460 -26.96 -4.30 38.44
CA GLU D 460 -27.01 -3.02 39.15
C GLU D 460 -27.15 -1.88 38.17
N SER D 461 -27.78 -0.79 38.64
CA SER D 461 -28.01 0.45 37.90
C SER D 461 -26.65 1.13 37.64
N VAL D 462 -26.45 1.64 36.40
CA VAL D 462 -25.22 2.33 35.96
C VAL D 462 -25.20 3.82 36.41
N GLU D 463 -26.20 4.30 37.19
CA GLU D 463 -26.33 5.71 37.62
C GLU D 463 -25.04 6.31 38.19
N ALA D 464 -24.46 5.66 39.21
CA ALA D 464 -23.27 6.10 39.93
C ALA D 464 -21.99 6.04 39.08
N ASP D 465 -22.01 5.33 37.93
CA ASP D 465 -20.85 5.19 37.04
C ASP D 465 -20.32 6.55 36.51
N GLN D 466 -21.22 7.56 36.34
CA GLN D 466 -20.89 8.91 35.87
C GLN D 466 -21.51 9.95 36.80
N GLN D 467 -20.66 10.61 37.62
CA GLN D 467 -21.09 11.60 38.61
C GLN D 467 -20.66 13.01 38.20
N ILE D 468 -21.60 13.98 38.33
CA ILE D 468 -21.45 15.39 38.00
C ILE D 468 -20.45 16.07 38.94
N PRO D 469 -19.53 16.91 38.40
CA PRO D 469 -18.56 17.62 39.28
C PRO D 469 -19.24 18.48 40.34
N LEU D 472 -20.05 23.27 39.03
CA LEU D 472 -19.56 23.53 37.67
C LEU D 472 -20.03 24.92 37.17
N ALA D 473 -19.06 25.76 36.82
CA ALA D 473 -19.28 27.12 36.33
C ALA D 473 -19.53 27.13 34.82
N THR D 474 -20.66 27.69 34.42
CA THR D 474 -21.09 27.78 33.01
C THR D 474 -21.24 29.25 32.58
N ALA D 475 -21.16 30.18 33.55
CA ALA D 475 -21.26 31.60 33.28
C ALA D 475 -20.09 32.05 32.39
N VAL D 476 -20.34 33.02 31.51
CA VAL D 476 -19.30 33.55 30.62
C VAL D 476 -19.14 35.04 30.91
N ASP D 477 -18.05 35.65 30.44
CA ASP D 477 -17.88 37.06 30.66
C ASP D 477 -18.66 37.86 29.60
N LYS D 478 -19.05 39.09 29.92
CA LYS D 478 -19.75 40.05 29.06
C LYS D 478 -19.10 40.10 27.66
N ALA D 479 -17.74 40.13 27.61
CA ALA D 479 -16.91 40.20 26.41
C ALA D 479 -17.19 39.06 25.45
N MET D 480 -17.47 37.86 25.98
CA MET D 480 -17.82 36.67 25.18
C MET D 480 -19.16 36.88 24.49
N LEU D 481 -20.17 37.37 25.22
CA LEU D 481 -21.50 37.64 24.64
C LEU D 481 -21.38 38.66 23.51
N GLN D 482 -20.60 39.72 23.75
CA GLN D 482 -20.36 40.82 22.81
C GLN D 482 -19.65 40.33 21.56
N ARG D 483 -18.68 39.43 21.71
CA ARG D 483 -17.95 38.85 20.58
C ARG D 483 -18.89 38.05 19.66
N ILE D 484 -19.82 37.25 20.24
CA ILE D 484 -20.79 36.41 19.50
C ILE D 484 -21.81 37.35 18.82
N GLY D 485 -22.19 38.44 19.50
CA GLY D 485 -23.06 39.48 18.94
C GLY D 485 -22.41 40.18 17.76
N ASP D 486 -21.13 40.59 17.91
CA ASP D 486 -20.34 41.26 16.87
C ASP D 486 -20.09 40.37 15.66
N ALA D 487 -19.93 39.05 15.87
CA ALA D 487 -19.70 38.05 14.82
C ALA D 487 -20.85 38.05 13.79
N HIS D 488 -22.09 38.39 14.22
CA HIS D 488 -23.28 38.46 13.37
C HIS D 488 -23.25 39.64 12.40
N LEU D 489 -22.42 40.66 12.68
CA LEU D 489 -22.27 41.82 11.80
C LEU D 489 -20.89 41.84 11.12
N ALA D 490 -20.01 40.85 11.40
CA ALA D 490 -18.68 40.79 10.79
C ALA D 490 -18.76 40.05 9.45
N LEU D 491 -19.59 40.59 8.55
CA LEU D 491 -19.85 40.01 7.24
C LEU D 491 -18.68 40.13 6.28
N PRO D 492 -18.45 39.14 5.39
CA PRO D 492 -17.40 39.30 4.36
C PRO D 492 -17.68 40.50 3.46
N GLU D 493 -16.63 41.09 2.86
CA GLU D 493 -16.75 42.28 2.00
C GLU D 493 -17.64 42.02 0.78
N GLY D 494 -18.60 42.91 0.55
CA GLY D 494 -19.53 42.83 -0.57
C GLY D 494 -20.75 41.95 -0.37
N PHE D 495 -20.77 41.15 0.73
CA PHE D 495 -21.88 40.27 1.11
C PHE D 495 -23.21 41.06 1.18
N THR D 496 -24.29 40.50 0.58
CA THR D 496 -25.61 41.13 0.59
C THR D 496 -26.58 40.32 1.46
N VAL D 497 -26.93 40.88 2.61
CA VAL D 497 -27.84 40.23 3.54
C VAL D 497 -29.26 40.43 3.06
N HIS D 498 -30.08 39.35 3.12
CA HIS D 498 -31.50 39.44 2.83
C HIS D 498 -32.11 40.53 3.73
N PRO D 499 -32.93 41.46 3.21
CA PRO D 499 -33.44 42.55 4.06
C PRO D 499 -34.24 42.10 5.30
N ARG D 500 -34.78 40.87 5.28
CA ARG D 500 -35.54 40.35 6.41
C ARG D 500 -34.64 39.54 7.37
N VAL D 501 -33.36 39.33 7.00
CA VAL D 501 -32.38 38.61 7.82
C VAL D 501 -31.49 39.64 8.55
N ARG D 502 -31.20 40.77 7.88
CA ARG D 502 -30.45 41.89 8.43
C ARG D 502 -30.95 42.31 9.86
N PRO D 503 -32.28 42.48 10.16
CA PRO D 503 -32.65 42.90 11.54
C PRO D 503 -32.31 41.86 12.60
N VAL D 504 -32.26 40.57 12.24
CA VAL D 504 -31.88 39.49 13.17
C VAL D 504 -30.41 39.69 13.59
N LEU D 505 -29.52 39.94 12.61
CA LEU D 505 -28.10 40.16 12.83
C LEU D 505 -27.86 41.39 13.68
N GLU D 506 -28.59 42.50 13.41
CA GLU D 506 -28.48 43.74 14.15
C GLU D 506 -29.08 43.61 15.54
N LYS D 507 -30.23 42.91 15.67
CA LYS D 507 -30.90 42.74 16.97
C LYS D 507 -30.04 41.86 17.90
N ARG D 508 -29.25 40.92 17.32
CA ARG D 508 -28.38 40.05 18.10
C ARG D 508 -27.19 40.82 18.65
N ARG D 509 -26.62 41.76 17.86
CA ARG D 509 -25.52 42.59 18.37
C ARG D 509 -26.05 43.45 19.51
N GLU D 510 -27.28 43.99 19.36
CA GLU D 510 -27.93 44.80 20.38
C GLU D 510 -28.18 43.97 21.64
N MET D 511 -28.77 42.76 21.50
CA MET D 511 -29.04 41.84 22.62
C MET D 511 -27.77 41.53 23.45
N ALA D 512 -26.64 41.30 22.76
CA ALA D 512 -25.33 40.97 23.36
C ALA D 512 -24.81 42.09 24.26
N TYR D 513 -25.12 43.35 23.93
CA TYR D 513 -24.65 44.53 24.66
C TYR D 513 -25.71 45.10 25.60
N GLU D 514 -26.99 44.87 25.31
CA GLU D 514 -28.08 45.51 26.05
C GLU D 514 -29.04 44.55 26.78
N GLY D 515 -28.96 43.26 26.51
CA GLY D 515 -29.86 42.33 27.18
C GLY D 515 -31.11 42.04 26.38
N ARG D 516 -32.16 41.53 27.08
CA ARG D 516 -33.44 41.04 26.52
C ARG D 516 -33.12 40.00 25.43
N ILE D 517 -32.21 39.06 25.77
CA ILE D 517 -31.76 37.97 24.91
C ILE D 517 -32.90 36.96 24.75
N ASP D 518 -33.28 36.68 23.48
CA ASP D 518 -34.32 35.73 23.18
C ASP D 518 -33.72 34.29 23.19
N TRP D 519 -34.60 33.28 23.06
CA TRP D 519 -34.23 31.87 23.07
C TRP D 519 -33.24 31.50 21.95
N ALA D 520 -33.50 31.92 20.69
CA ALA D 520 -32.66 31.53 19.54
C ALA D 520 -31.24 32.09 19.66
N PHE D 521 -31.09 33.31 20.20
CA PHE D 521 -29.77 33.90 20.39
C PHE D 521 -29.04 33.20 21.56
N ALA D 522 -29.76 32.82 22.63
CA ALA D 522 -29.20 32.13 23.81
C ALA D 522 -28.54 30.82 23.40
N GLU D 523 -29.21 30.10 22.46
CA GLU D 523 -28.72 28.87 21.91
C GLU D 523 -27.35 29.09 21.25
N LEU D 524 -27.25 30.10 20.35
CA LEU D 524 -26.04 30.44 19.60
C LEU D 524 -24.93 30.99 20.50
N LEU D 525 -25.32 31.65 21.63
CA LEU D 525 -24.37 32.15 22.63
C LEU D 525 -23.72 30.96 23.33
N ALA D 526 -24.50 29.88 23.59
CA ALA D 526 -23.99 28.68 24.25
C ALA D 526 -23.05 27.94 23.30
N LEU D 527 -23.48 27.70 22.05
CA LEU D 527 -22.68 27.00 21.04
C LEU D 527 -21.41 27.80 20.66
N GLY D 528 -21.53 29.11 20.48
CA GLY D 528 -20.41 29.99 20.14
C GLY D 528 -19.35 30.09 21.24
N SER D 529 -19.80 30.12 22.52
CA SER D 529 -18.91 30.18 23.69
C SER D 529 -18.14 28.86 23.81
N LEU D 530 -18.82 27.73 23.48
CA LEU D 530 -18.17 26.42 23.50
C LEU D 530 -17.12 26.32 22.36
N ILE D 531 -17.45 26.81 21.15
CA ILE D 531 -16.52 26.85 20.01
C ILE D 531 -15.28 27.68 20.38
N ALA D 532 -15.49 28.86 20.99
CA ALA D 532 -14.45 29.80 21.44
C ALA D 532 -13.51 29.14 22.45
N GLU D 533 -14.03 28.18 23.24
CA GLU D 533 -13.30 27.44 24.25
C GLU D 533 -12.64 26.17 23.67
N GLY D 534 -12.69 26.02 22.34
CA GLY D 534 -12.07 24.93 21.61
C GLY D 534 -12.91 23.70 21.32
N LYS D 535 -14.21 23.74 21.63
CA LYS D 535 -15.07 22.57 21.41
C LYS D 535 -15.62 22.47 19.98
N LEU D 536 -15.63 21.25 19.46
CA LEU D 536 -16.24 20.91 18.17
C LEU D 536 -17.77 20.86 18.38
N VAL D 537 -18.54 21.68 17.63
CA VAL D 537 -20.00 21.70 17.75
C VAL D 537 -20.62 21.21 16.45
N ARG D 538 -21.40 20.14 16.52
CA ARG D 538 -22.10 19.59 15.36
C ARG D 538 -23.56 19.72 15.62
N LEU D 539 -24.24 20.48 14.74
CA LEU D 539 -25.66 20.76 14.83
C LEU D 539 -26.31 20.46 13.52
N SER D 540 -27.33 19.61 13.53
CA SER D 540 -28.02 19.25 12.28
C SER D 540 -29.45 18.91 12.56
N GLY D 541 -30.21 18.76 11.49
CA GLY D 541 -31.63 18.46 11.54
C GLY D 541 -32.35 19.06 10.35
N GLN D 542 -33.68 18.91 10.31
CA GLN D 542 -34.45 19.40 9.17
C GLN D 542 -34.62 20.91 9.19
N ASP D 543 -34.04 21.58 8.17
CA ASP D 543 -34.02 23.03 7.97
C ASP D 543 -33.33 23.74 9.18
N THR D 544 -32.34 23.07 9.80
CA THR D 544 -31.67 23.51 11.01
C THR D 544 -30.76 24.70 10.78
N GLN D 545 -30.24 24.90 9.56
CA GLN D 545 -29.38 26.05 9.28
C GLN D 545 -30.15 27.36 9.50
N ARG D 546 -31.37 27.45 8.94
CA ARG D 546 -32.19 28.67 9.09
C ARG D 546 -33.01 28.59 10.38
N GLY D 547 -33.55 27.42 10.64
CA GLY D 547 -34.50 27.14 11.70
C GLY D 547 -35.89 27.01 11.11
N THR D 548 -36.61 25.94 11.50
CA THR D 548 -38.01 25.69 11.08
C THR D 548 -38.84 26.99 11.30
N PHE D 549 -38.61 27.68 12.42
CA PHE D 549 -39.38 28.88 12.82
C PHE D 549 -38.63 30.16 12.47
N THR D 550 -37.73 30.14 11.45
CA THR D 550 -36.95 31.29 10.93
C THR D 550 -36.22 32.03 12.06
N GLN D 551 -35.77 31.30 13.07
CA GLN D 551 -35.23 31.91 14.28
C GLN D 551 -33.74 31.78 14.40
N ARG D 552 -33.16 30.68 13.85
CA ARG D 552 -31.75 30.40 14.08
C ARG D 552 -30.79 31.25 13.23
N HIS D 553 -30.87 31.12 11.88
CA HIS D 553 -29.97 31.80 10.95
C HIS D 553 -28.51 31.50 11.35
N ALA D 554 -28.18 30.19 11.51
CA ALA D 554 -26.82 29.73 11.81
C ALA D 554 -25.97 29.95 10.57
N VAL D 555 -26.61 29.86 9.40
CA VAL D 555 -26.04 30.11 8.06
C VAL D 555 -26.91 31.17 7.45
N ILE D 556 -26.29 32.21 6.83
CA ILE D 556 -27.01 33.30 6.14
C ILE D 556 -26.61 33.22 4.64
N VAL D 557 -27.54 33.48 3.74
CA VAL D 557 -27.31 33.32 2.30
C VAL D 557 -27.28 34.69 1.60
N ASP D 558 -26.21 34.93 0.82
CA ASP D 558 -26.05 36.17 0.07
C ASP D 558 -27.23 36.32 -0.93
N ARG D 559 -28.03 37.40 -0.75
CA ARG D 559 -29.22 37.67 -1.55
C ARG D 559 -28.96 37.75 -3.06
N LYS D 560 -27.76 38.22 -3.45
CA LYS D 560 -27.39 38.43 -4.85
C LYS D 560 -26.67 37.26 -5.49
N THR D 561 -25.81 36.56 -4.72
CA THR D 561 -24.95 35.49 -5.24
C THR D 561 -25.28 34.10 -4.69
N GLY D 562 -25.81 34.01 -3.47
CA GLY D 562 -26.13 32.71 -2.89
C GLY D 562 -25.03 32.08 -2.05
N GLU D 563 -23.90 32.77 -1.87
CA GLU D 563 -22.79 32.33 -1.05
C GLU D 563 -23.21 32.27 0.40
N GLU D 564 -22.66 31.33 1.15
CA GLU D 564 -23.03 31.15 2.55
C GLU D 564 -22.06 31.83 3.52
N PHE D 565 -22.57 32.22 4.71
CA PHE D 565 -21.80 32.81 5.80
C PHE D 565 -22.33 32.26 7.14
N THR D 566 -21.41 31.71 7.94
CA THR D 566 -21.69 31.12 9.24
C THR D 566 -21.05 32.00 10.33
N PRO D 567 -21.81 32.95 10.94
CA PRO D 567 -21.20 33.84 11.95
C PRO D 567 -20.44 33.12 13.10
N LEU D 568 -20.97 31.98 13.64
CA LEU D 568 -20.30 31.28 14.75
C LEU D 568 -18.93 30.71 14.37
N GLN D 569 -18.67 30.46 13.08
CA GLN D 569 -17.38 29.94 12.64
C GLN D 569 -16.23 30.91 12.98
N LEU D 570 -16.53 32.23 13.15
CA LEU D 570 -15.53 33.26 13.50
C LEU D 570 -15.02 33.09 14.93
N LEU D 571 -15.78 32.35 15.74
CA LEU D 571 -15.44 32.09 17.13
C LEU D 571 -14.36 31.01 17.23
N ALA D 572 -14.08 30.29 16.11
CA ALA D 572 -13.06 29.23 16.03
C ALA D 572 -11.65 29.85 15.93
N THR D 573 -11.56 31.18 15.79
CA THR D 573 -10.31 31.94 15.72
C THR D 573 -10.28 32.90 16.89
N ASN D 574 -9.21 32.86 17.70
CA ASN D 574 -9.01 33.74 18.86
C ASN D 574 -8.77 35.18 18.38
N PRO D 575 -8.94 36.23 19.24
CA PRO D 575 -8.64 37.61 18.80
C PRO D 575 -7.21 37.80 18.28
N ASP D 576 -6.21 37.02 18.78
CA ASP D 576 -4.81 37.09 18.34
C ASP D 576 -4.57 36.39 16.97
N GLY D 577 -5.60 35.72 16.43
CA GLY D 577 -5.53 35.06 15.14
C GLY D 577 -5.28 33.57 15.14
N THR D 578 -4.93 33.01 16.31
CA THR D 578 -4.65 31.57 16.45
C THR D 578 -5.97 30.75 16.51
N PRO D 579 -5.97 29.47 16.10
CA PRO D 579 -7.21 28.67 16.18
C PRO D 579 -7.54 28.29 17.62
N THR D 580 -8.84 28.16 17.93
CA THR D 580 -9.25 27.77 19.29
C THR D 580 -9.24 26.25 19.40
N GLY D 581 -9.36 25.60 18.25
CA GLY D 581 -9.45 24.15 18.16
C GLY D 581 -10.90 23.77 17.93
N GLY D 582 -11.81 24.73 18.18
CA GLY D 582 -13.24 24.58 18.00
C GLY D 582 -13.65 24.71 16.56
N LYS D 583 -14.88 24.28 16.26
CA LYS D 583 -15.45 24.29 14.92
C LYS D 583 -16.97 24.21 14.98
N PHE D 584 -17.65 24.89 14.06
CA PHE D 584 -19.10 24.86 13.97
C PHE D 584 -19.51 24.13 12.72
N LEU D 585 -20.07 22.94 12.89
CA LEU D 585 -20.55 22.11 11.80
C LEU D 585 -22.03 22.07 11.89
N VAL D 586 -22.69 22.82 11.00
CA VAL D 586 -24.13 22.94 10.97
C VAL D 586 -24.66 22.51 9.59
N TYR D 587 -25.65 21.63 9.59
CA TYR D 587 -26.18 21.10 8.36
C TYR D 587 -27.66 20.97 8.38
N ASN D 588 -28.23 21.00 7.19
CA ASN D 588 -29.61 20.65 6.92
C ASN D 588 -29.59 19.15 6.67
N SER D 589 -30.30 18.38 7.45
CA SER D 589 -30.30 16.93 7.24
C SER D 589 -31.20 16.53 6.06
N ALA D 590 -31.12 15.25 5.64
CA ALA D 590 -32.05 14.68 4.65
C ALA D 590 -33.39 14.50 5.36
N LEU D 591 -34.47 14.20 4.62
CA LEU D 591 -35.75 14.06 5.27
C LEU D 591 -35.86 12.67 5.90
N SER D 592 -35.09 12.46 6.98
CA SER D 592 -35.05 11.22 7.77
C SER D 592 -34.98 11.53 9.26
N GLU D 593 -35.49 10.60 10.07
CA GLU D 593 -35.37 10.69 11.52
C GLU D 593 -34.51 9.52 12.01
N PHE D 594 -34.85 8.29 11.60
CA PHE D 594 -34.18 7.07 11.98
C PHE D 594 -32.67 7.15 11.64
N ALA D 595 -32.31 7.32 10.36
CA ALA D 595 -30.89 7.42 9.98
C ALA D 595 -30.19 8.67 10.59
N ALA D 596 -30.84 9.87 10.56
CA ALA D 596 -30.29 11.12 11.11
C ALA D 596 -30.05 11.03 12.62
N VAL D 597 -30.98 10.46 13.40
CA VAL D 597 -30.82 10.31 14.87
C VAL D 597 -29.74 9.24 15.15
N GLY D 598 -29.73 8.14 14.35
CA GLY D 598 -28.73 7.08 14.42
C GLY D 598 -27.33 7.60 14.20
N PHE D 599 -27.17 8.42 13.14
CA PHE D 599 -25.92 9.04 12.77
C PHE D 599 -25.36 9.97 13.88
N GLU D 600 -26.21 10.82 14.46
CA GLU D 600 -25.77 11.76 15.51
C GLU D 600 -25.46 11.02 16.78
N TYR D 601 -26.23 9.95 17.07
CA TYR D 601 -25.91 9.09 18.21
C TYR D 601 -24.50 8.54 18.01
N GLY D 602 -24.24 7.98 16.82
CA GLY D 602 -22.95 7.41 16.44
C GLY D 602 -21.82 8.42 16.50
N TYR D 603 -22.08 9.65 16.00
CA TYR D 603 -21.11 10.75 15.98
C TYR D 603 -20.67 11.05 17.39
N SER D 604 -21.63 11.16 18.34
CA SER D 604 -21.27 11.46 19.72
C SER D 604 -20.43 10.34 20.36
N VAL D 605 -20.71 9.07 20.00
CA VAL D 605 -19.93 7.92 20.49
C VAL D 605 -18.50 8.00 19.92
N GLY D 606 -18.41 8.30 18.62
CA GLY D 606 -17.14 8.43 17.88
C GLY D 606 -16.23 9.54 18.38
N ASN D 607 -16.81 10.65 18.84
CA ASN D 607 -16.06 11.78 19.39
C ASN D 607 -16.74 12.25 20.69
N PRO D 608 -16.32 11.67 21.84
CA PRO D 608 -16.90 12.07 23.14
C PRO D 608 -16.68 13.55 23.51
N ASP D 609 -15.69 14.21 22.89
CA ASP D 609 -15.35 15.61 23.18
C ASP D 609 -16.16 16.58 22.30
N ALA D 610 -16.96 16.07 21.36
CA ALA D 610 -17.80 16.91 20.52
C ALA D 610 -19.13 17.21 21.20
N MET D 611 -19.70 18.39 20.88
CA MET D 611 -21.04 18.82 21.26
C MET D 611 -21.89 18.45 20.05
N VAL D 612 -22.78 17.45 20.19
CA VAL D 612 -23.58 16.92 19.06
C VAL D 612 -25.06 17.12 19.34
N LEU D 613 -25.69 17.93 18.52
CA LEU D 613 -27.10 18.24 18.64
C LEU D 613 -27.85 17.88 17.38
N TRP D 614 -28.97 17.16 17.54
CA TRP D 614 -29.87 16.83 16.45
C TRP D 614 -31.17 17.50 16.74
N GLU D 615 -31.73 18.18 15.74
CA GLU D 615 -32.98 18.89 15.96
C GLU D 615 -34.11 18.32 15.09
N ALA D 616 -35.23 17.95 15.75
CA ALA D 616 -36.44 17.50 15.06
C ALA D 616 -37.14 18.73 14.54
N GLN D 617 -37.86 18.63 13.43
CA GLN D 617 -38.61 19.78 12.91
C GLN D 617 -39.64 20.20 13.96
N PHE D 618 -40.35 19.19 14.46
CA PHE D 618 -41.30 19.20 15.56
C PHE D 618 -41.02 17.92 16.29
N GLY D 619 -41.14 17.90 17.61
CA GLY D 619 -40.87 16.70 18.39
C GLY D 619 -41.76 15.52 18.04
N ASP D 620 -42.90 15.80 17.36
CA ASP D 620 -43.87 14.79 16.96
C ASP D 620 -43.27 13.79 15.94
N PHE D 621 -42.12 14.13 15.28
CA PHE D 621 -41.53 13.27 14.26
C PHE D 621 -40.44 12.37 14.80
N VAL D 622 -40.08 12.50 16.09
CA VAL D 622 -38.99 11.71 16.64
C VAL D 622 -39.42 10.24 16.79
N ASN D 623 -40.73 9.94 16.80
CA ASN D 623 -41.19 8.56 16.87
C ASN D 623 -40.75 7.77 15.59
N GLY D 624 -40.31 8.47 14.54
CA GLY D 624 -39.76 7.83 13.32
C GLY D 624 -38.39 7.26 13.62
N ALA D 625 -37.80 7.69 14.76
CA ALA D 625 -36.49 7.24 15.21
C ALA D 625 -36.63 6.43 16.53
N GLN D 626 -37.84 5.88 16.83
CA GLN D 626 -38.10 5.15 18.07
C GLN D 626 -37.10 4.02 18.37
N SER D 627 -36.70 3.25 17.34
CA SER D 627 -35.69 2.20 17.49
C SER D 627 -34.37 2.76 18.01
N ILE D 628 -33.94 3.94 17.54
CA ILE D 628 -32.67 4.51 18.00
C ILE D 628 -32.80 4.94 19.44
N ILE D 629 -33.88 5.67 19.77
CA ILE D 629 -34.13 6.15 21.14
C ILE D 629 -34.16 4.94 22.12
N ASP D 630 -35.00 3.93 21.81
CA ASP D 630 -35.13 2.73 22.61
C ASP D 630 -33.86 1.90 22.69
N GLU D 631 -33.19 1.62 21.54
CA GLU D 631 -32.12 0.63 21.52
C GLU D 631 -30.73 1.15 21.72
N PHE D 632 -30.50 2.44 21.50
CA PHE D 632 -29.17 3.03 21.59
C PHE D 632 -29.09 4.13 22.63
N ILE D 633 -29.86 5.22 22.43
CA ILE D 633 -29.80 6.41 23.23
C ILE D 633 -30.12 6.17 24.70
N SER D 634 -31.29 5.59 25.00
CA SER D 634 -31.70 5.43 26.40
C SER D 634 -31.07 4.25 27.11
N SER D 635 -30.59 3.25 26.38
CA SER D 635 -30.14 1.99 26.96
C SER D 635 -28.72 1.54 26.63
N GLY D 636 -28.05 2.19 25.68
CA GLY D 636 -26.69 1.83 25.24
C GLY D 636 -25.64 1.71 26.34
N GLU D 637 -25.70 2.58 27.38
CA GLU D 637 -24.76 2.58 28.51
C GLU D 637 -24.97 1.32 29.38
N ALA D 638 -26.21 1.03 29.76
CA ALA D 638 -26.55 -0.14 30.59
C ALA D 638 -26.25 -1.46 29.86
N LYS D 639 -26.56 -1.53 28.56
CA LYS D 639 -26.37 -2.76 27.81
C LYS D 639 -24.92 -3.05 27.41
N TRP D 640 -24.17 -2.03 26.94
CA TRP D 640 -22.82 -2.29 26.40
C TRP D 640 -21.71 -1.48 27.03
N GLY D 641 -22.03 -0.56 27.92
CA GLY D 641 -21.04 0.37 28.48
C GLY D 641 -20.67 1.42 27.43
N GLN D 642 -21.50 1.56 26.37
CA GLN D 642 -21.30 2.52 25.28
C GLN D 642 -21.86 3.88 25.68
N LEU D 643 -21.01 4.91 25.74
CA LEU D 643 -21.49 6.22 26.18
C LEU D 643 -21.69 7.16 24.99
N SER D 644 -22.73 7.99 25.10
CA SER D 644 -23.09 8.98 24.10
C SER D 644 -23.56 10.23 24.82
N ASP D 645 -23.18 11.39 24.32
CA ASP D 645 -23.55 12.67 24.88
C ASP D 645 -24.50 13.41 23.91
N VAL D 646 -25.15 12.67 22.97
CA VAL D 646 -26.02 13.28 21.95
C VAL D 646 -27.14 14.14 22.57
N VAL D 647 -27.43 15.30 21.94
CA VAL D 647 -28.48 16.20 22.36
C VAL D 647 -29.63 16.09 21.37
N LEU D 648 -30.84 15.82 21.85
CA LEU D 648 -32.03 15.82 21.00
C LEU D 648 -32.82 17.09 21.32
N LEU D 649 -33.02 17.95 20.30
CA LEU D 649 -33.79 19.19 20.42
C LEU D 649 -35.18 18.90 19.85
N LEU D 650 -36.21 18.92 20.70
CA LEU D 650 -37.55 18.52 20.27
C LEU D 650 -38.57 19.65 20.45
N PRO D 651 -38.89 20.39 19.35
CA PRO D 651 -39.87 21.50 19.44
C PRO D 651 -41.22 20.96 19.90
N HIS D 652 -41.73 21.56 20.98
CA HIS D 652 -42.87 21.06 21.74
C HIS D 652 -43.75 22.18 22.25
N GLY D 653 -45.04 21.92 22.30
CA GLY D 653 -45.98 22.87 22.87
C GLY D 653 -47.33 22.93 22.18
N HIS D 654 -48.38 23.12 23.00
CA HIS D 654 -49.77 23.21 22.54
C HIS D 654 -50.02 24.60 22.04
N GLU D 655 -50.17 24.76 20.72
CA GLU D 655 -50.37 26.08 20.10
C GLU D 655 -51.50 26.10 19.07
N GLY D 656 -52.20 24.98 18.92
CA GLY D 656 -53.29 24.89 17.97
C GLY D 656 -52.88 24.49 16.57
N GLN D 657 -51.66 23.89 16.39
CA GLN D 657 -51.24 23.47 15.04
C GLN D 657 -51.61 22.00 14.70
N GLY D 658 -52.32 21.32 15.59
CA GLY D 658 -52.75 19.94 15.35
C GLY D 658 -51.96 18.89 16.09
N PRO D 659 -52.44 17.61 16.03
CA PRO D 659 -51.82 16.51 16.79
C PRO D 659 -50.39 16.14 16.38
N ASP D 660 -49.92 16.50 15.17
CA ASP D 660 -48.55 16.23 14.74
C ASP D 660 -47.63 17.44 14.82
N HIS D 661 -48.09 18.54 15.44
CA HIS D 661 -47.28 19.74 15.59
C HIS D 661 -47.43 20.26 17.00
N THR D 662 -47.58 19.33 17.93
CA THR D 662 -47.83 19.68 19.31
C THR D 662 -46.89 19.02 20.33
N SER D 663 -46.68 17.71 20.25
CA SER D 663 -45.95 17.02 21.31
C SER D 663 -44.71 16.28 20.87
N GLY D 664 -43.68 16.40 21.72
CA GLY D 664 -42.44 15.64 21.58
C GLY D 664 -42.47 14.36 22.41
N ARG D 665 -43.67 13.98 22.92
CA ARG D 665 -44.01 12.78 23.70
C ARG D 665 -43.07 12.67 24.96
N ILE D 666 -43.15 13.71 25.83
CA ILE D 666 -42.39 13.85 27.09
C ILE D 666 -42.59 12.62 27.96
N GLU D 667 -43.83 12.13 28.04
CA GLU D 667 -44.24 10.96 28.83
C GLU D 667 -43.47 9.71 28.39
N ARG D 668 -43.15 9.57 27.09
CA ARG D 668 -42.42 8.41 26.60
C ARG D 668 -40.96 8.46 27.04
N PHE D 669 -40.29 9.62 26.95
CA PHE D 669 -38.90 9.77 27.39
C PHE D 669 -38.76 9.62 28.90
N LEU D 670 -39.74 10.15 29.67
CA LEU D 670 -39.78 10.02 31.13
C LEU D 670 -39.95 8.55 31.53
N GLN D 671 -40.75 7.77 30.76
CA GLN D 671 -41.00 6.34 30.97
C GLN D 671 -39.74 5.55 30.70
N LEU D 672 -39.01 5.91 29.63
CA LEU D 672 -37.74 5.28 29.23
C LEU D 672 -36.62 5.56 30.24
N TRP D 673 -36.66 6.73 30.92
CA TRP D 673 -35.65 7.13 31.91
C TRP D 673 -35.56 6.14 33.06
N ALA D 674 -34.33 5.83 33.44
CA ALA D 674 -33.91 4.98 34.57
C ALA D 674 -32.42 5.08 34.71
N GLU D 675 -31.87 4.81 35.92
CA GLU D 675 -30.43 4.74 36.21
C GLU D 675 -29.65 6.00 35.76
N GLY D 676 -30.30 7.16 35.77
CA GLY D 676 -29.72 8.42 35.31
C GLY D 676 -29.13 8.33 33.92
N SER D 677 -29.74 7.54 33.01
CA SER D 677 -29.25 7.27 31.65
C SER D 677 -29.25 8.53 30.77
N MET D 678 -30.22 9.41 30.99
CA MET D 678 -30.37 10.65 30.23
C MET D 678 -30.78 11.82 31.12
N THR D 679 -30.56 13.02 30.62
CA THR D 679 -31.04 14.23 31.23
C THR D 679 -32.23 14.63 30.37
N ILE D 680 -33.34 14.97 31.00
CA ILE D 680 -34.53 15.41 30.29
C ILE D 680 -34.92 16.78 30.85
N ALA D 681 -34.96 17.80 29.98
CA ALA D 681 -35.32 19.15 30.40
C ALA D 681 -36.34 19.80 29.48
N MET D 682 -37.07 20.77 30.05
CA MET D 682 -38.00 21.63 29.35
C MET D 682 -37.76 23.06 29.90
N PRO D 683 -36.69 23.75 29.44
CA PRO D 683 -36.36 25.07 30.01
C PRO D 683 -37.38 26.13 29.61
N SER D 684 -37.61 27.13 30.51
CA SER D 684 -38.59 28.19 30.30
C SER D 684 -37.97 29.55 29.95
N THR D 685 -36.66 29.72 30.19
CA THR D 685 -35.98 30.99 29.89
C THR D 685 -34.77 30.77 28.98
N PRO D 686 -34.45 31.74 28.09
CA PRO D 686 -33.26 31.61 27.23
C PRO D 686 -31.96 31.30 28.02
N ALA D 687 -31.70 32.03 29.13
CA ALA D 687 -30.52 31.85 30.00
C ALA D 687 -30.44 30.44 30.56
N ASN D 688 -31.58 29.87 31.00
CA ASN D 688 -31.56 28.52 31.56
C ASN D 688 -31.24 27.50 30.47
N TYR D 689 -31.71 27.74 29.23
CA TYR D 689 -31.36 26.91 28.08
C TYR D 689 -29.85 27.00 27.79
N PHE D 690 -29.30 28.24 27.80
CA PHE D 690 -27.88 28.51 27.60
C PHE D 690 -27.00 27.71 28.59
N HIS D 691 -27.34 27.79 29.89
CA HIS D 691 -26.60 27.12 30.97
C HIS D 691 -26.75 25.60 30.88
N LEU D 692 -27.93 25.11 30.44
CA LEU D 692 -28.21 23.69 30.25
C LEU D 692 -27.26 23.11 29.20
N LEU D 693 -27.12 23.83 28.05
CA LEU D 693 -26.26 23.39 26.95
C LEU D 693 -24.79 23.45 27.36
N ARG D 694 -24.39 24.52 28.09
CA ARG D 694 -23.00 24.64 28.52
C ARG D 694 -22.65 23.59 29.56
N ARG D 695 -23.58 23.31 30.53
CA ARG D 695 -23.38 22.28 31.54
C ARG D 695 -23.22 20.93 30.85
N HIS D 696 -24.02 20.67 29.80
CA HIS D 696 -23.96 19.44 29.04
C HIS D 696 -22.61 19.25 28.34
N GLY D 697 -22.09 20.29 27.73
CA GLY D 697 -20.82 20.22 27.02
C GLY D 697 -19.59 20.28 27.89
N LYS D 698 -19.71 20.77 29.14
CA LYS D 698 -18.55 20.96 30.03
C LYS D 698 -18.48 20.05 31.25
N ASP D 699 -19.53 19.26 31.54
CA ASP D 699 -19.60 18.41 32.74
C ASP D 699 -18.68 17.19 32.71
N GLY D 700 -18.18 16.79 31.54
CA GLY D 700 -17.35 15.60 31.40
C GLY D 700 -18.08 14.27 31.49
N ILE D 701 -19.42 14.30 31.53
CA ILE D 701 -20.30 13.12 31.59
C ILE D 701 -20.76 12.85 30.19
N GLN D 702 -20.77 11.58 29.76
CA GLN D 702 -21.21 11.22 28.42
C GLN D 702 -22.57 10.59 28.53
N ARG D 703 -23.62 11.44 28.63
CA ARG D 703 -25.01 10.98 28.75
C ARG D 703 -25.91 11.84 27.90
N PRO D 704 -26.85 11.21 27.18
CA PRO D 704 -27.71 11.99 26.27
C PRO D 704 -28.57 13.01 27.00
N LEU D 705 -28.87 14.09 26.30
CA LEU D 705 -29.70 15.16 26.83
C LEU D 705 -30.91 15.34 25.91
N ILE D 706 -32.11 15.24 26.48
CA ILE D 706 -33.35 15.41 25.74
C ILE D 706 -33.92 16.77 26.13
N VAL D 707 -34.07 17.69 25.15
CA VAL D 707 -34.59 19.04 25.43
C VAL D 707 -35.89 19.31 24.67
N PHE D 708 -36.94 19.68 25.42
CA PHE D 708 -38.23 20.07 24.87
C PHE D 708 -38.16 21.58 24.70
N THR D 709 -38.08 22.02 23.43
CA THR D 709 -37.80 23.39 23.04
C THR D 709 -39.06 24.13 22.53
N PRO D 710 -39.07 25.48 22.62
CA PRO D 710 -40.28 26.23 22.24
C PRO D 710 -40.45 26.44 20.75
N LYS D 711 -41.62 26.99 20.40
CA LYS D 711 -42.03 27.33 19.05
C LYS D 711 -42.49 28.81 19.10
N SER D 712 -43.71 29.10 19.60
CA SER D 712 -44.22 30.47 19.75
C SER D 712 -43.46 31.24 20.84
N MET D 713 -43.05 30.55 21.94
CA MET D 713 -42.29 31.10 23.06
C MET D 713 -40.92 31.66 22.58
N LEU D 714 -40.47 31.26 21.37
CA LEU D 714 -39.27 31.82 20.76
C LEU D 714 -39.44 33.34 20.57
N ARG D 715 -40.67 33.79 20.32
CA ARG D 715 -41.01 35.20 20.07
C ARG D 715 -41.85 35.81 21.20
N ASN D 716 -41.91 35.16 22.36
CA ASN D 716 -42.61 35.69 23.52
C ASN D 716 -41.71 36.74 24.16
N LYS D 717 -42.19 37.99 24.22
CA LYS D 717 -41.40 39.13 24.76
C LYS D 717 -41.17 39.00 26.25
N ALA D 718 -41.96 38.15 26.94
CA ALA D 718 -41.77 37.88 28.36
C ALA D 718 -40.67 36.82 28.55
N ALA D 719 -40.41 35.97 27.51
CA ALA D 719 -39.43 34.89 27.53
C ALA D 719 -38.08 35.37 27.09
N VAL D 720 -37.53 36.35 27.78
CA VAL D 720 -36.23 36.95 27.45
C VAL D 720 -35.36 36.99 28.70
N SER D 721 -34.05 37.03 28.55
CA SER D 721 -33.15 37.03 29.71
C SER D 721 -32.22 38.22 29.69
N ASP D 722 -31.77 38.62 30.89
CA ASP D 722 -30.81 39.70 31.12
C ASP D 722 -29.40 39.16 30.95
N ILE D 723 -28.43 40.02 30.59
CA ILE D 723 -27.03 39.65 30.43
C ILE D 723 -26.46 39.02 31.73
N ARG D 724 -26.85 39.55 32.91
CA ARG D 724 -26.39 39.03 34.19
C ARG D 724 -26.79 37.55 34.41
N ASP D 725 -27.88 37.06 33.78
CA ASP D 725 -28.30 35.65 33.87
C ASP D 725 -27.30 34.73 33.13
N PHE D 726 -26.55 35.27 32.15
CA PHE D 726 -25.53 34.53 31.39
C PHE D 726 -24.15 34.67 32.04
N THR D 727 -23.89 35.84 32.65
CA THR D 727 -22.57 36.16 33.21
C THR D 727 -22.42 35.83 34.70
N GLU D 728 -23.49 35.92 35.49
CA GLU D 728 -23.44 35.76 36.94
C GLU D 728 -24.40 34.67 37.48
N SER D 729 -24.93 33.81 36.62
CA SER D 729 -25.82 32.76 37.09
C SER D 729 -25.33 31.36 36.63
N LYS D 730 -26.16 30.33 36.85
CA LYS D 730 -25.91 28.92 36.49
C LYS D 730 -27.26 28.26 36.15
N PHE D 731 -27.25 26.99 35.72
CA PHE D 731 -28.48 26.25 35.39
C PHE D 731 -29.33 26.05 36.67
N ARG D 732 -30.61 26.35 36.56
CA ARG D 732 -31.54 26.24 37.67
C ARG D 732 -32.54 25.17 37.31
N SER D 733 -32.50 24.07 38.05
CA SER D 733 -33.38 22.92 37.82
C SER D 733 -34.82 23.22 38.23
N VAL D 734 -34.99 24.08 39.23
CA VAL D 734 -36.27 24.55 39.74
C VAL D 734 -36.25 26.10 39.69
N LEU D 735 -37.31 26.72 39.16
CA LEU D 735 -37.38 28.18 39.10
C LEU D 735 -38.62 28.72 39.81
N GLU D 736 -38.41 29.76 40.62
CA GLU D 736 -39.45 30.49 41.31
C GLU D 736 -39.82 31.68 40.46
N GLU D 737 -40.93 32.35 40.79
CA GLU D 737 -41.31 33.58 40.09
C GLU D 737 -40.33 34.70 40.47
N PRO D 738 -39.88 35.52 39.48
CA PRO D 738 -38.95 36.64 39.78
C PRO D 738 -39.39 37.59 40.90
N MET D 739 -40.70 37.73 41.14
CA MET D 739 -41.27 38.60 42.17
C MET D 739 -40.87 38.17 43.61
N TYR D 740 -40.49 36.89 43.81
CA TYR D 740 -40.12 36.41 45.14
C TYR D 740 -38.61 36.40 45.34
N THR D 741 -37.86 36.15 44.26
CA THR D 741 -36.40 36.10 44.29
C THR D 741 -35.76 37.47 44.05
N ASP D 742 -36.32 38.27 43.13
CA ASP D 742 -35.76 39.56 42.72
C ASP D 742 -36.74 40.74 42.85
N GLY D 743 -37.91 40.50 43.45
CA GLY D 743 -38.92 41.54 43.61
C GLY D 743 -39.51 41.68 45.00
N GLU D 744 -40.64 42.40 45.07
CA GLU D 744 -41.37 42.66 46.32
C GLU D 744 -42.63 41.77 46.39
N GLY D 745 -42.39 40.47 46.41
CA GLY D 745 -43.43 39.46 46.53
C GLY D 745 -43.38 38.78 47.87
N ASP D 746 -44.55 38.55 48.47
CA ASP D 746 -44.65 37.89 49.78
C ASP D 746 -45.06 36.41 49.61
N ARG D 747 -44.11 35.50 49.89
CA ARG D 747 -44.26 34.05 49.82
C ARG D 747 -45.22 33.51 50.88
N ASN D 748 -45.35 34.23 52.01
CA ASN D 748 -46.20 33.80 53.13
C ASN D 748 -47.69 33.96 52.81
N LYS D 749 -48.03 34.80 51.81
CA LYS D 749 -49.41 35.00 51.36
C LYS D 749 -49.92 33.82 50.51
N VAL D 750 -49.00 32.99 49.99
CA VAL D 750 -49.32 31.87 49.10
C VAL D 750 -50.00 30.70 49.84
N THR D 751 -51.21 30.34 49.35
CA THR D 751 -52.02 29.24 49.88
C THR D 751 -52.16 28.14 48.81
N ARG D 752 -52.14 28.52 47.50
CA ARG D 752 -52.21 27.58 46.37
C ARG D 752 -50.89 27.60 45.58
N LEU D 753 -50.30 26.44 45.37
CA LEU D 753 -49.05 26.35 44.64
C LEU D 753 -49.25 25.61 43.33
N LEU D 754 -48.90 26.23 42.22
CA LEU D 754 -49.02 25.62 40.89
C LEU D 754 -47.64 25.20 40.43
N LEU D 755 -47.46 23.90 40.19
CA LEU D 755 -46.21 23.28 39.74
C LEU D 755 -46.33 22.98 38.28
N THR D 756 -45.34 23.40 37.54
CA THR D 756 -45.43 23.34 36.10
C THR D 756 -44.08 23.21 35.46
N SER D 757 -44.10 23.14 34.13
CA SER D 757 -42.93 23.09 33.29
C SER D 757 -43.26 23.69 31.94
N GLY D 758 -42.34 24.45 31.37
CA GLY D 758 -42.53 24.97 30.01
C GLY D 758 -43.27 26.29 29.86
N LYS D 759 -43.76 26.54 28.64
CA LYS D 759 -44.39 27.79 28.25
C LYS D 759 -45.69 28.14 28.98
N ILE D 760 -46.42 27.15 29.55
CA ILE D 760 -47.69 27.42 30.24
C ILE D 760 -47.43 28.37 31.45
N TYR D 761 -46.18 28.40 31.96
CA TYR D 761 -45.78 29.30 33.04
C TYR D 761 -46.16 30.75 32.74
N TYR D 762 -45.84 31.25 31.53
CA TYR D 762 -46.11 32.65 31.15
C TYR D 762 -47.59 32.96 31.14
N GLU D 763 -48.43 32.02 30.66
CA GLU D 763 -49.88 32.17 30.61
C GLU D 763 -50.43 32.19 32.03
N LEU D 764 -49.90 31.32 32.93
CA LEU D 764 -50.32 31.30 34.33
C LEU D 764 -49.87 32.59 35.04
N ALA D 765 -48.62 33.04 34.79
CA ALA D 765 -48.07 34.27 35.40
C ALA D 765 -48.86 35.50 34.94
N ALA D 766 -49.26 35.54 33.63
CA ALA D 766 -50.05 36.65 33.07
C ALA D 766 -51.42 36.72 33.74
N ARG D 767 -52.02 35.56 34.04
CA ARG D 767 -53.32 35.47 34.70
C ARG D 767 -53.21 35.92 36.17
N LYS D 768 -52.13 35.50 36.86
CA LYS D 768 -51.88 35.88 38.25
C LYS D 768 -51.77 37.41 38.37
N ALA D 769 -51.02 38.05 37.44
CA ALA D 769 -50.79 39.50 37.42
C ALA D 769 -52.08 40.25 37.13
N LYS D 770 -52.86 39.75 36.16
CA LYS D 770 -54.14 40.31 35.73
C LYS D 770 -55.14 40.33 36.91
N GLU D 771 -55.16 39.27 37.74
CA GLU D 771 -56.09 39.16 38.86
C GLU D 771 -55.44 39.50 40.20
N ASN D 772 -54.15 39.93 40.22
CA ASN D 772 -53.38 40.26 41.43
C ASN D 772 -53.51 39.16 42.52
N ARG D 773 -53.34 37.90 42.11
CA ARG D 773 -53.48 36.74 42.99
C ARG D 773 -52.20 36.48 43.77
N GLU D 774 -52.05 37.12 44.92
CA GLU D 774 -50.88 36.95 45.80
C GLU D 774 -50.95 35.61 46.58
N ASP D 775 -52.12 34.94 46.55
CA ASP D 775 -52.42 33.67 47.21
C ASP D 775 -51.92 32.47 46.38
N VAL D 776 -51.52 32.72 45.12
CA VAL D 776 -51.05 31.71 44.19
C VAL D 776 -49.57 31.94 43.80
N ALA D 777 -48.76 30.87 43.81
CA ALA D 777 -47.37 30.89 43.36
C ALA D 777 -47.17 29.81 42.28
N ILE D 778 -46.30 30.08 41.33
CA ILE D 778 -46.03 29.17 40.22
C ILE D 778 -44.57 28.77 40.27
N VAL D 779 -44.31 27.49 40.50
CA VAL D 779 -42.96 26.94 40.57
C VAL D 779 -42.69 26.11 39.31
N ARG D 780 -41.56 26.38 38.64
CA ARG D 780 -41.23 25.65 37.40
C ARG D 780 -40.22 24.57 37.63
N ILE D 781 -40.49 23.39 37.06
CA ILE D 781 -39.54 22.26 37.07
C ILE D 781 -38.89 22.27 35.67
N GLU D 782 -37.66 22.77 35.60
CA GLU D 782 -36.90 22.93 34.35
C GLU D 782 -36.25 21.60 33.93
N GLN D 783 -35.74 20.84 34.91
CA GLN D 783 -35.11 19.54 34.70
C GLN D 783 -36.12 18.49 35.13
N LEU D 784 -36.67 17.76 34.15
CA LEU D 784 -37.70 16.76 34.43
C LEU D 784 -37.09 15.45 34.91
N ALA D 785 -35.88 15.10 34.41
CA ALA D 785 -35.17 13.89 34.80
C ALA D 785 -33.66 14.12 34.75
N PRO D 786 -32.87 13.76 35.80
CA PRO D 786 -33.31 13.23 37.10
C PRO D 786 -34.08 14.30 37.87
N LEU D 787 -35.09 13.91 38.66
CA LEU D 787 -35.91 14.85 39.41
C LEU D 787 -35.03 15.63 40.40
N PRO D 788 -35.13 16.98 40.39
CA PRO D 788 -34.29 17.76 41.32
C PRO D 788 -34.93 17.74 42.71
N ARG D 789 -34.83 16.57 43.38
CA ARG D 789 -35.45 16.29 44.66
C ARG D 789 -35.07 17.35 45.73
N ARG D 790 -33.75 17.58 45.94
CA ARG D 790 -33.25 18.54 46.93
C ARG D 790 -33.70 19.98 46.66
N ARG D 791 -33.51 20.50 45.40
CA ARG D 791 -33.89 21.87 45.05
C ARG D 791 -35.42 22.06 45.15
N LEU D 792 -36.21 21.05 44.75
CA LEU D 792 -37.68 21.08 44.84
C LEU D 792 -38.15 21.12 46.31
N ALA D 793 -37.51 20.33 47.20
CA ALA D 793 -37.84 20.34 48.63
C ALA D 793 -37.45 21.67 49.26
N GLU D 794 -36.24 22.19 48.95
CA GLU D 794 -35.75 23.47 49.47
C GLU D 794 -36.68 24.62 49.06
N THR D 795 -37.11 24.63 47.79
CA THR D 795 -37.99 25.65 47.20
C THR D 795 -39.38 25.66 47.84
N LEU D 796 -40.01 24.47 47.95
CA LEU D 796 -41.35 24.38 48.52
C LEU D 796 -41.39 24.80 49.99
N ASP D 797 -40.28 24.56 50.74
CA ASP D 797 -40.17 24.90 52.17
C ASP D 797 -40.27 26.41 52.39
N ARG D 798 -40.03 27.21 51.32
CA ARG D 798 -40.10 28.67 51.28
C ARG D 798 -41.57 29.18 51.22
N TYR D 799 -42.57 28.28 51.10
CA TYR D 799 -44.00 28.61 51.06
C TYR D 799 -44.70 27.87 52.23
N PRO D 800 -44.59 28.37 53.48
CA PRO D 800 -45.15 27.62 54.62
C PRO D 800 -46.67 27.57 54.73
N ASN D 801 -47.40 28.49 54.07
CA ASN D 801 -48.86 28.54 54.21
C ASN D 801 -49.64 27.85 53.07
N VAL D 802 -48.95 27.03 52.26
CA VAL D 802 -49.55 26.28 51.14
C VAL D 802 -50.48 25.19 51.70
N LYS D 803 -51.74 25.21 51.25
CA LYS D 803 -52.81 24.30 51.66
C LYS D 803 -53.15 23.31 50.54
N GLU D 804 -52.75 23.62 49.30
CA GLU D 804 -53.00 22.76 48.14
C GLU D 804 -51.93 22.96 47.05
N LYS D 805 -51.47 21.85 46.47
CA LYS D 805 -50.47 21.83 45.39
C LYS D 805 -51.06 21.18 44.17
N PHE D 806 -50.85 21.80 43.00
CA PHE D 806 -51.33 21.26 41.75
C PHE D 806 -50.25 21.15 40.72
N TRP D 807 -50.21 20.01 40.02
CA TRP D 807 -49.34 19.86 38.87
C TRP D 807 -50.16 20.38 37.70
N VAL D 808 -49.69 21.43 37.05
CA VAL D 808 -50.45 22.03 35.95
C VAL D 808 -49.70 21.77 34.65
N GLN D 809 -50.44 21.26 33.64
CA GLN D 809 -49.82 21.01 32.33
C GLN D 809 -50.82 21.19 31.18
N GLU D 810 -50.27 21.53 30.03
CA GLU D 810 -50.97 21.68 28.76
C GLU D 810 -51.41 20.34 28.19
N GLU D 811 -50.57 19.35 28.37
CA GLU D 811 -50.69 18.04 27.78
C GLU D 811 -51.86 17.25 28.34
N PRO D 812 -52.48 16.38 27.49
CA PRO D 812 -53.54 15.48 27.99
C PRO D 812 -53.06 14.69 29.24
N ALA D 813 -54.01 14.29 30.12
CA ALA D 813 -53.76 13.60 31.40
C ALA D 813 -52.89 12.36 31.29
N ASN D 814 -52.97 11.60 30.18
CA ASN D 814 -52.17 10.39 29.95
C ASN D 814 -50.82 10.70 29.31
N GLN D 815 -50.50 12.02 29.12
CA GLN D 815 -49.30 12.53 28.44
C GLN D 815 -48.61 13.57 29.30
N GLY D 816 -47.52 14.14 28.81
CA GLY D 816 -46.76 15.11 29.56
C GLY D 816 -46.06 14.50 30.76
N ALA D 817 -45.76 15.32 31.76
CA ALA D 817 -45.05 14.85 32.93
C ALA D 817 -45.93 14.18 33.97
N TRP D 818 -47.27 14.43 33.96
CA TRP D 818 -48.16 13.87 35.00
C TRP D 818 -48.03 12.31 35.16
N PRO D 819 -48.09 11.48 34.09
CA PRO D 819 -47.99 10.01 34.31
C PRO D 819 -46.80 9.58 35.17
N SER D 820 -45.66 10.27 35.08
CA SER D 820 -44.54 9.86 35.92
C SER D 820 -44.53 10.66 37.23
N PHE D 821 -44.72 12.00 37.17
CA PHE D 821 -44.71 12.90 38.34
C PHE D 821 -45.84 12.59 39.33
N GLY D 822 -47.04 12.26 38.80
CA GLY D 822 -48.20 11.94 39.64
C GLY D 822 -47.94 10.74 40.54
N LEU D 823 -47.03 9.87 40.08
CA LEU D 823 -46.64 8.67 40.79
C LEU D 823 -45.34 8.87 41.61
N THR D 824 -44.29 9.45 41.01
CA THR D 824 -42.99 9.61 41.67
C THR D 824 -42.95 10.72 42.74
N LEU D 825 -43.52 11.94 42.46
CA LEU D 825 -43.47 13.08 43.41
C LEU D 825 -44.04 12.72 44.79
N PRO D 826 -45.24 12.08 44.95
CA PRO D 826 -45.68 11.72 46.31
C PRO D 826 -44.83 10.63 46.97
N GLU D 827 -44.05 9.87 46.19
CA GLU D 827 -43.20 8.79 46.69
C GLU D 827 -41.84 9.32 47.19
N ILE D 828 -41.15 10.13 46.37
CA ILE D 828 -39.80 10.68 46.65
C ILE D 828 -39.87 11.80 47.70
N LEU D 829 -41.01 12.52 47.77
CA LEU D 829 -41.23 13.62 48.69
C LEU D 829 -42.66 13.52 49.28
N PRO D 830 -42.90 12.53 50.18
CA PRO D 830 -44.25 12.38 50.76
C PRO D 830 -44.72 13.56 51.60
N ASP D 831 -43.81 14.23 52.33
CA ASP D 831 -44.20 15.36 53.19
C ASP D 831 -44.56 16.61 52.39
N HIS D 832 -44.09 16.68 51.14
CA HIS D 832 -44.38 17.82 50.27
C HIS D 832 -45.49 17.52 49.27
N PHE D 833 -45.57 16.29 48.72
CA PHE D 833 -46.51 16.01 47.63
C PHE D 833 -47.65 15.03 47.90
N THR D 834 -47.92 14.63 49.16
CA THR D 834 -49.09 13.78 49.40
C THR D 834 -50.32 14.67 49.16
N GLY D 835 -51.22 14.21 48.29
CA GLY D 835 -52.42 14.94 47.93
C GLY D 835 -52.26 15.85 46.72
N LEU D 836 -51.13 15.72 46.00
CA LEU D 836 -50.87 16.49 44.78
C LEU D 836 -51.93 16.15 43.74
N LYS D 837 -52.57 17.18 43.20
CA LYS D 837 -53.61 16.98 42.20
C LYS D 837 -53.15 17.51 40.83
N ARG D 838 -53.85 17.08 39.78
CA ARG D 838 -53.51 17.38 38.40
C ARG D 838 -54.48 18.36 37.75
N ILE D 839 -53.92 19.32 37.00
CA ILE D 839 -54.66 20.26 36.16
C ILE D 839 -54.08 20.10 34.76
N SER D 840 -54.88 19.54 33.86
CA SER D 840 -54.48 19.27 32.51
C SER D 840 -55.64 19.11 31.60
N ARG D 841 -55.32 18.89 30.30
CA ARG D 841 -56.32 18.49 29.31
C ARG D 841 -56.76 17.09 29.70
N ARG D 842 -57.92 16.68 29.22
CA ARG D 842 -58.42 15.32 29.46
C ARG D 842 -57.45 14.30 28.79
N ALA D 843 -57.51 13.01 29.18
CA ALA D 843 -56.71 11.98 28.50
C ALA D 843 -57.20 11.89 27.05
N MET D 844 -56.26 11.83 26.12
CA MET D 844 -56.57 11.83 24.70
C MET D 844 -55.77 10.82 23.97
N SER D 845 -56.37 10.21 22.95
CA SER D 845 -55.72 9.24 22.06
C SER D 845 -54.66 9.93 21.21
N ALA D 846 -54.93 11.15 20.74
CA ALA D 846 -54.04 11.99 19.94
C ALA D 846 -53.36 13.01 20.84
N PRO D 847 -52.19 13.61 20.49
CA PRO D 847 -51.56 14.53 21.45
C PRO D 847 -52.30 15.85 21.68
N SER D 848 -53.20 16.25 20.76
CA SER D 848 -54.02 17.48 20.85
C SER D 848 -55.17 17.43 19.84
N SER D 849 -56.07 18.42 19.87
CA SER D 849 -57.16 18.49 18.90
C SER D 849 -56.64 19.08 17.57
N GLY D 850 -57.37 18.86 16.48
CA GLY D 850 -56.98 19.35 15.16
C GLY D 850 -57.31 20.82 14.89
N SER D 851 -58.25 21.38 15.65
CA SER D 851 -58.69 22.77 15.48
C SER D 851 -57.99 23.72 16.47
N SER D 852 -57.43 24.84 15.95
CA SER D 852 -56.78 25.86 16.79
C SER D 852 -57.81 26.56 17.71
N LYS D 853 -59.06 26.65 17.28
CA LYS D 853 -60.15 27.27 18.08
C LYS D 853 -60.47 26.38 19.29
N VAL D 854 -60.51 25.05 19.08
CA VAL D 854 -60.79 24.05 20.12
C VAL D 854 -59.59 24.02 21.09
N HIS D 855 -58.35 24.14 20.56
CA HIS D 855 -57.16 24.23 21.40
C HIS D 855 -57.30 25.43 22.36
N ALA D 856 -57.69 26.60 21.82
CA ALA D 856 -57.87 27.86 22.55
C ALA D 856 -58.85 27.73 23.71
N VAL D 857 -60.00 27.04 23.47
CA VAL D 857 -61.03 26.84 24.49
C VAL D 857 -60.50 25.91 25.62
N GLU D 858 -59.80 24.83 25.25
CA GLU D 858 -59.18 23.90 26.22
C GLU D 858 -58.09 24.60 27.03
N GLN D 859 -57.22 25.39 26.38
CA GLN D 859 -56.17 26.14 27.06
C GLN D 859 -56.73 27.10 28.12
N GLN D 860 -57.86 27.77 27.81
CA GLN D 860 -58.48 28.73 28.74
C GLN D 860 -59.08 27.98 29.97
N GLU D 861 -59.64 26.76 29.74
CA GLU D 861 -60.19 25.92 30.79
C GLU D 861 -59.11 25.53 31.82
N ILE D 862 -57.86 25.25 31.36
CA ILE D 862 -56.75 24.92 32.25
C ILE D 862 -56.46 26.16 33.13
N LEU D 863 -56.26 27.33 32.55
CA LEU D 863 -56.00 28.60 33.27
C LEU D 863 -57.12 28.94 34.28
N ASP D 864 -58.39 28.78 33.85
CA ASP D 864 -59.55 29.01 34.72
C ASP D 864 -59.60 28.02 35.90
N THR D 865 -59.20 26.77 35.68
CA THR D 865 -59.22 25.76 36.73
C THR D 865 -58.12 26.06 37.77
N ALA D 866 -56.90 26.41 37.29
CA ALA D 866 -55.74 26.71 38.14
C ALA D 866 -55.99 27.90 39.05
N PHE D 867 -56.82 28.85 38.61
CA PHE D 867 -57.12 30.04 39.38
C PHE D 867 -58.56 30.06 39.94
N GLY D 868 -59.27 28.96 39.81
CA GLY D 868 -60.63 28.80 40.30
C GLY D 868 -60.70 28.62 41.81
#